data_8DHE
#
_entry.id   8DHE
#
_cell.length_a   100.442
_cell.length_b   139.647
_cell.length_c   109.821
_cell.angle_alpha   90.000
_cell.angle_beta   94.500
_cell.angle_gamma   90.000
#
_symmetry.space_group_name_H-M   'P 1 21 1'
#
loop_
_entity.id
_entity.type
_entity.pdbx_description
1 polymer 'Glycosyl hydrolase family 2, sugar bindingdomain protein'
2 non-polymer 1,2-ETHANEDIOL
3 non-polymer GLYCEROL
4 non-polymer 'CHLORIDE ION'
5 water water
#
_entity_poly.entity_id   1
_entity_poly.type   'polypeptide(L)'
_entity_poly.pdbx_seq_one_letter_code
;MHHHHHHSSGVDLGTENLYFQSNAQQRQDILLNDHWNFRFSHQVQKNTEVRVDLPHTWNAQDALSGKPDYKRGIGNYEKK
LFIRSEWQGKRLFLRFEGVNSVADVFINNLHIGEHRGGYGAFIFEITGKVEYGKENSILVRVNNGEQLDVMPLVGDFNFY
GGIYRDVHLLITDEVCISPLDHASPGVRLTQDSVSHKYARIEVLVEVSNGSDKAQEIELGICVRDGKRTVTERNEKFSLS
GNSDMQRRLVCEIKDPHLWNGRQDPFLYRAEVTLTRDGHVIDQVTQPLGLRFYRIDPNLGFILNGKHLPLRGVCRHQDRS
EIGNALHLQHHEEDAALMAEMGVNAVRLAHYPQATCFYDLMDRYGIIVWTEIPFVGPGGYMDKGFVNLPAFRSNGKEQLR
ELIRQHCNHPSICVWGLFNELTQAGDDPTEYIEELNRVAKQEDMTRPTTAASNRPATEPMNFITDAIAWNRYDGWYGGTP
SDLGKWLDDTHKKYPELRIAVSEYGAGASIYHQQDSLKKPEPAGWWHPENWQTYYHAENWKTIASRPYLWGSFVWNMFDF
GAAHRTEGDRPGINDKGLVTFDRKVRKDAFYFYKANWNKEEPVLYLAGRRHTVRRQRMQTIVAFTNQPEAELFVNGRSYG
KANPDEYAVLKWQNVTLQEGENEIQVVSKNKELTLSDSFRCRVESLY
;
_entity_poly.pdbx_strand_id   A,B,C,D
#
loop_
_chem_comp.id
_chem_comp.type
_chem_comp.name
_chem_comp.formula
CL non-polymer 'CHLORIDE ION' 'Cl -1'
EDO non-polymer 1,2-ETHANEDIOL 'C2 H6 O2'
GOL non-polymer GLYCEROL 'C3 H8 O3'
#
# COMPACT_ATOMS: atom_id res chain seq x y z
N GLN A 26 9.84 40.87 29.99
CA GLN A 26 11.15 40.49 30.50
C GLN A 26 11.48 39.07 30.06
N ARG A 27 10.62 38.14 30.46
CA ARG A 27 10.78 36.74 30.13
C ARG A 27 10.32 36.47 28.71
N GLN A 28 11.07 35.61 27.99
CA GLN A 28 10.95 35.48 26.54
C GLN A 28 10.35 34.13 26.15
N ASP A 29 9.48 34.16 25.14
CA ASP A 29 8.78 32.99 24.62
C ASP A 29 8.87 33.01 23.10
N ILE A 30 9.66 32.10 22.55
CA ILE A 30 10.06 32.12 21.14
C ILE A 30 9.50 30.89 20.49
N LEU A 31 8.73 31.09 19.41
CA LEU A 31 8.13 29.98 18.66
C LEU A 31 9.21 29.29 17.84
N LEU A 32 9.23 27.96 17.91
CA LEU A 32 10.27 27.13 17.29
C LEU A 32 9.71 26.23 16.17
N ASN A 33 8.55 26.59 15.62
CA ASN A 33 7.88 25.69 14.69
C ASN A 33 8.56 25.66 13.32
N ASP A 34 9.18 26.75 12.91
CA ASP A 34 9.63 26.87 11.52
C ASP A 34 10.80 25.95 11.23
N HIS A 35 10.73 25.30 10.07
CA HIS A 35 11.85 24.64 9.39
C HIS A 35 12.59 23.58 10.19
N TRP A 36 11.96 22.44 10.33
CA TRP A 36 12.54 21.25 10.92
C TRP A 36 12.90 20.27 9.80
N ASN A 37 13.74 19.29 10.10
CA ASN A 37 13.94 18.20 9.16
C ASN A 37 13.33 16.92 9.72
N PHE A 38 12.77 16.12 8.83
CA PHE A 38 12.03 14.96 9.28
C PHE A 38 12.38 13.75 8.43
N ARG A 39 12.37 12.58 9.06
CA ARG A 39 12.36 11.34 8.32
C ARG A 39 11.80 10.25 9.22
N PHE A 40 11.27 9.21 8.59
CA PHE A 40 10.84 8.03 9.31
C PHE A 40 12.04 7.16 9.63
N SER A 41 12.09 6.60 10.85
CA SER A 41 13.16 5.65 11.11
C SER A 41 13.13 4.48 10.13
N HIS A 42 12.00 4.25 9.44
CA HIS A 42 12.00 3.19 8.44
C HIS A 42 12.70 3.60 7.15
N GLN A 43 12.92 4.89 6.93
CA GLN A 43 13.84 5.40 5.92
C GLN A 43 15.27 5.33 6.49
N VAL A 44 15.89 4.15 6.34
CA VAL A 44 17.14 3.89 7.05
C VAL A 44 18.38 4.51 6.38
N GLN A 45 18.27 4.92 5.11
CA GLN A 45 19.38 5.51 4.37
C GLN A 45 19.53 6.98 4.74
N LYS A 46 20.72 7.53 4.46
CA LYS A 46 20.99 8.92 4.74
C LYS A 46 20.34 9.83 3.68
N ASN A 47 20.38 11.14 3.94
CA ASN A 47 19.89 12.18 3.02
C ASN A 47 18.42 11.97 2.67
N THR A 48 17.68 11.34 3.55
CA THR A 48 16.27 11.08 3.30
C THR A 48 15.38 12.09 4.02
N GLU A 49 15.96 13.03 4.77
CA GLU A 49 15.18 14.03 5.51
C GLU A 49 14.50 14.99 4.55
N VAL A 50 13.35 15.53 4.97
CA VAL A 50 12.54 16.43 4.18
C VAL A 50 12.10 17.57 5.09
N ARG A 51 11.92 18.75 4.51
CA ARG A 51 11.50 19.88 5.34
C ARG A 51 10.06 19.72 5.77
N VAL A 52 9.81 19.93 7.07
CA VAL A 52 8.47 20.10 7.59
C VAL A 52 8.42 21.40 8.37
N ASP A 53 7.21 21.83 8.66
CA ASP A 53 7.01 23.05 9.43
C ASP A 53 5.91 22.78 10.44
N LEU A 54 6.26 22.93 11.71
CA LEU A 54 5.34 22.61 12.78
C LEU A 54 4.15 23.58 12.77
N PRO A 55 2.96 23.15 13.22
CA PRO A 55 2.56 21.81 13.66
C PRO A 55 2.50 20.79 12.53
N HIS A 56 2.59 19.52 12.85
CA HIS A 56 2.87 18.50 11.85
C HIS A 56 2.43 17.15 12.36
N THR A 57 1.66 16.43 11.55
CA THR A 57 1.49 15.00 11.71
C THR A 57 1.83 14.34 10.39
N TRP A 58 2.36 13.11 10.47
CA TRP A 58 2.69 12.35 9.29
C TRP A 58 1.59 11.38 8.90
N ASN A 59 0.39 11.55 9.46
CA ASN A 59 -0.76 10.70 9.16
C ASN A 59 -1.92 11.49 8.58
N ALA A 60 -1.64 12.67 8.05
CA ALA A 60 -2.70 13.49 7.52
C ALA A 60 -3.16 12.99 6.16
N GLN A 61 -2.35 12.16 5.50
CA GLN A 61 -2.68 11.58 4.21
C GLN A 61 -3.09 10.11 4.31
N ASP A 62 -2.29 9.27 4.97
CA ASP A 62 -2.62 7.84 4.98
C ASP A 62 -3.87 7.58 5.83
N ALA A 63 -3.92 8.13 7.04
CA ALA A 63 -5.09 7.90 7.90
C ALA A 63 -6.35 8.52 7.33
N LEU A 64 -6.27 9.77 6.86
CA LEU A 64 -7.48 10.41 6.35
C LEU A 64 -8.03 9.72 5.11
N SER A 65 -7.16 9.04 4.34
CA SER A 65 -7.64 8.31 3.17
C SER A 65 -8.40 7.04 3.50
N GLY A 66 -8.51 6.64 4.77
CA GLY A 66 -9.29 5.45 5.11
C GLY A 66 -8.49 4.18 5.26
N LYS A 67 -7.15 4.26 5.30
CA LYS A 67 -6.23 3.16 5.55
C LYS A 67 -6.18 2.79 7.04
N PRO A 68 -6.70 1.62 7.44
CA PRO A 68 -6.80 1.31 8.88
C PRO A 68 -5.47 1.00 9.48
N ASP A 69 -4.53 0.56 8.66
CA ASP A 69 -3.17 0.30 9.08
C ASP A 69 -2.27 1.45 8.67
N TYR A 70 -2.63 2.66 9.09
CA TYR A 70 -1.79 3.80 8.76
C TYR A 70 -0.48 3.73 9.55
N LYS A 71 0.42 4.68 9.29
CA LYS A 71 1.79 4.61 9.80
C LYS A 71 1.82 4.93 11.29
N ARG A 72 2.14 3.91 12.10
CA ARG A 72 2.27 4.04 13.55
C ARG A 72 3.67 3.56 13.93
N GLY A 73 4.56 4.51 14.21
CA GLY A 73 5.93 4.21 14.62
C GLY A 73 6.72 5.50 14.76
N ILE A 74 8.05 5.41 14.53
CA ILE A 74 8.97 6.48 14.92
C ILE A 74 9.18 7.47 13.78
N GLY A 75 9.07 8.76 14.11
CA GLY A 75 9.47 9.83 13.19
C GLY A 75 10.46 10.73 13.89
N ASN A 76 11.38 11.29 13.10
CA ASN A 76 12.56 11.97 13.62
C ASN A 76 12.59 13.42 13.15
N TYR A 77 12.37 14.34 14.08
CA TYR A 77 12.43 15.78 13.83
C TYR A 77 13.76 16.35 14.31
N GLU A 78 14.47 17.06 13.44
CA GLU A 78 15.68 17.74 13.89
C GLU A 78 15.63 19.23 13.57
N LYS A 79 16.00 20.06 14.56
CA LYS A 79 16.07 21.51 14.42
C LYS A 79 17.47 21.98 14.79
N LYS A 80 18.00 22.93 14.03
CA LYS A 80 19.22 23.64 14.38
C LYS A 80 18.84 24.94 15.06
N LEU A 81 19.37 25.17 16.25
CA LEU A 81 19.00 26.33 17.07
C LEU A 81 20.28 27.00 17.56
N PHE A 82 20.48 28.25 17.20
CA PHE A 82 21.65 28.99 17.67
C PHE A 82 21.38 29.47 19.08
N ILE A 83 22.25 29.07 20.00
CA ILE A 83 22.21 29.50 21.40
C ILE A 83 23.08 30.75 21.52
N ARG A 84 22.44 31.88 21.77
CA ARG A 84 23.12 33.17 21.84
C ARG A 84 24.02 33.22 23.09
N SER A 85 25.09 34.02 22.99
CA SER A 85 25.97 34.17 24.13
C SER A 85 25.25 34.86 25.28
N GLU A 86 24.53 35.94 24.98
CA GLU A 86 23.83 36.70 26.03
C GLU A 86 22.82 35.84 26.78
N TRP A 87 22.41 34.72 26.21
CA TRP A 87 21.50 33.81 26.89
C TRP A 87 22.19 33.01 27.98
N GLN A 88 23.51 32.93 27.98
CA GLN A 88 24.20 32.25 29.07
C GLN A 88 24.07 33.05 30.35
N GLY A 89 23.60 32.39 31.42
CA GLY A 89 23.27 33.06 32.65
C GLY A 89 21.79 33.19 32.86
N LYS A 90 20.99 32.84 31.86
CA LYS A 90 19.55 32.71 31.91
C LYS A 90 19.22 31.22 31.98
N ARG A 91 17.94 30.89 32.04
CA ARG A 91 17.49 29.52 32.02
C ARG A 91 16.65 29.30 30.78
N LEU A 92 16.88 28.16 30.09
CA LEU A 92 16.32 27.85 28.77
C LEU A 92 15.50 26.57 28.85
N PHE A 93 14.24 26.62 28.40
CA PHE A 93 13.39 25.44 28.41
C PHE A 93 12.75 25.24 27.04
N LEU A 94 12.59 23.96 26.66
CA LEU A 94 11.84 23.55 25.47
C LEU A 94 10.50 23.00 25.94
N ARG A 95 9.43 23.76 25.71
CA ARG A 95 8.08 23.33 26.05
C ARG A 95 7.39 22.81 24.81
N PHE A 96 6.82 21.61 24.92
CA PHE A 96 6.04 20.99 23.86
C PHE A 96 4.58 20.91 24.31
N GLU A 97 3.66 21.44 23.49
CA GLU A 97 2.26 21.45 23.87
C GLU A 97 1.54 20.16 23.48
N GLY A 98 2.17 19.33 22.65
CA GLY A 98 1.61 18.06 22.25
C GLY A 98 2.49 17.30 21.28
N VAL A 99 2.67 16.01 21.55
CA VAL A 99 3.50 15.13 20.74
C VAL A 99 2.93 13.74 20.93
N ASN A 100 2.37 13.16 19.87
CA ASN A 100 1.69 11.87 19.93
C ASN A 100 2.60 10.80 19.32
N SER A 101 2.94 9.78 20.10
CA SER A 101 2.47 9.52 21.45
C SER A 101 3.59 9.61 22.46
N VAL A 102 4.74 9.08 22.07
CA VAL A 102 5.89 8.97 22.97
C VAL A 102 7.03 9.78 22.36
N ALA A 103 7.68 10.59 23.17
CA ALA A 103 8.73 11.48 22.68
C ALA A 103 10.02 11.31 23.48
N ASP A 104 11.13 11.22 22.75
CA ASP A 104 12.46 11.23 23.34
C ASP A 104 13.22 12.42 22.77
N VAL A 105 13.78 13.25 23.64
CA VAL A 105 14.35 14.53 23.24
C VAL A 105 15.85 14.48 23.41
N PHE A 106 16.58 14.96 22.41
CA PHE A 106 18.04 14.96 22.40
C PHE A 106 18.52 16.37 22.11
N ILE A 107 19.56 16.79 22.83
CA ILE A 107 20.26 18.03 22.55
C ILE A 107 21.65 17.62 22.10
N ASN A 108 22.04 18.05 20.90
CA ASN A 108 23.29 17.63 20.30
C ASN A 108 23.43 16.10 20.43
N ASN A 109 22.31 15.40 20.24
CA ASN A 109 22.26 13.94 20.14
C ASN A 109 22.55 13.23 21.45
N LEU A 110 22.46 13.92 22.58
CA LEU A 110 22.47 13.29 23.90
C LEU A 110 21.07 13.32 24.46
N HIS A 111 20.58 12.15 24.89
CA HIS A 111 19.22 12.05 25.39
C HIS A 111 19.04 12.95 26.61
N ILE A 112 17.99 13.76 26.59
CA ILE A 112 17.66 14.55 27.78
C ILE A 112 16.36 14.14 28.43
N GLY A 113 15.45 13.46 27.73
CA GLY A 113 14.22 13.06 28.40
C GLY A 113 13.29 12.28 27.49
N GLU A 114 12.34 11.60 28.15
CA GLU A 114 11.29 10.84 27.48
C GLU A 114 9.94 11.25 28.03
N HIS A 115 8.95 11.42 27.14
CA HIS A 115 7.58 11.69 27.59
C HIS A 115 6.60 10.74 26.92
N ARG A 116 5.79 10.05 27.71
CA ARG A 116 4.83 9.06 27.22
C ARG A 116 3.43 9.64 27.40
N GLY A 117 2.76 9.96 26.30
CA GLY A 117 1.40 10.47 26.35
C GLY A 117 1.16 11.51 25.27
N GLY A 118 0.09 11.33 24.49
CA GLY A 118 -0.04 12.12 23.30
C GLY A 118 -0.71 13.46 23.46
N TYR A 119 -1.09 13.86 24.67
CA TYR A 119 -2.00 15.00 24.75
C TYR A 119 -1.73 16.01 25.85
N GLY A 120 -0.95 15.70 26.87
CA GLY A 120 -0.50 16.72 27.79
C GLY A 120 0.71 17.44 27.24
N ALA A 121 0.87 18.71 27.62
CA ALA A 121 2.13 19.39 27.37
C ALA A 121 3.22 18.79 28.26
N PHE A 122 4.50 18.98 27.87
CA PHE A 122 5.63 18.50 28.64
C PHE A 122 6.84 19.40 28.37
N ILE A 123 7.81 19.39 29.29
CA ILE A 123 8.91 20.37 29.24
C ILE A 123 10.23 19.74 29.70
N PHE A 124 11.35 20.34 29.25
CA PHE A 124 12.70 19.99 29.66
C PHE A 124 13.58 21.23 29.70
N GLU A 125 14.41 21.34 30.75
CA GLU A 125 15.35 22.43 30.88
C GLU A 125 16.64 22.07 30.13
N ILE A 126 17.06 22.94 29.23
CA ILE A 126 18.26 22.76 28.42
C ILE A 126 19.32 23.82 28.76
N THR A 127 19.25 24.39 29.97
CA THR A 127 20.24 25.35 30.44
C THR A 127 21.64 24.72 30.57
N GLY A 128 21.73 23.54 31.17
CA GLY A 128 23.01 22.89 31.29
C GLY A 128 23.43 22.06 30.10
N LYS A 129 22.64 22.03 29.01
CA LYS A 129 22.85 21.04 27.96
C LYS A 129 23.29 21.61 26.64
N VAL A 130 23.46 22.93 26.53
CA VAL A 130 23.76 23.58 25.28
C VAL A 130 25.13 24.25 25.35
N GLU A 131 25.63 24.62 24.18
CA GLU A 131 26.92 25.28 23.97
C GLU A 131 26.61 26.73 23.64
N TYR A 132 26.89 27.65 24.54
CA TYR A 132 26.49 29.03 24.29
C TYR A 132 27.33 29.68 23.19
N GLY A 133 26.68 30.50 22.36
CA GLY A 133 27.35 31.11 21.23
C GLY A 133 27.48 30.23 20.01
N LYS A 134 26.67 29.19 19.88
CA LYS A 134 26.87 28.18 18.86
C LYS A 134 25.52 27.66 18.37
N GLU A 135 25.51 27.10 17.15
CA GLU A 135 24.40 26.23 16.76
C GLU A 135 24.34 25.03 17.67
N ASN A 136 23.12 24.56 17.92
CA ASN A 136 22.92 23.34 18.68
C ASN A 136 21.87 22.53 17.94
N SER A 137 21.75 21.26 18.29
CA SER A 137 20.87 20.31 17.61
C SER A 137 19.74 19.90 18.55
N ILE A 138 18.49 20.18 18.17
CA ILE A 138 17.31 19.64 18.87
C ILE A 138 16.85 18.42 18.07
N LEU A 139 16.78 17.26 18.70
CA LEU A 139 16.31 16.06 18.02
C LEU A 139 15.15 15.48 18.81
N VAL A 140 14.00 15.33 18.15
CA VAL A 140 12.83 14.77 18.82
C VAL A 140 12.43 13.50 18.09
N ARG A 141 12.65 12.37 18.74
CA ARG A 141 12.23 11.09 18.20
C ARG A 141 10.86 10.78 18.78
N VAL A 142 9.87 10.83 17.92
CA VAL A 142 8.47 10.66 18.30
C VAL A 142 8.03 9.27 17.84
N ASN A 143 7.32 8.57 18.71
CA ASN A 143 6.68 7.31 18.35
C ASN A 143 5.15 7.41 18.56
N ASN A 144 4.38 7.11 17.53
CA ASN A 144 2.94 6.88 17.72
C ASN A 144 2.56 5.42 17.50
N GLY A 145 3.53 4.50 17.50
CA GLY A 145 3.20 3.10 17.37
C GLY A 145 2.42 2.60 18.57
N GLU A 146 1.84 1.41 18.39
CA GLU A 146 0.96 0.88 19.41
C GLU A 146 1.74 0.56 20.67
N GLN A 147 1.11 0.75 21.82
CA GLN A 147 1.62 0.29 23.09
C GLN A 147 0.43 -0.25 23.86
N LEU A 148 0.71 -1.11 24.85
CA LEU A 148 -0.34 -1.52 25.79
C LEU A 148 -0.23 -0.79 27.11
N ASP A 149 0.72 0.13 27.24
CA ASP A 149 0.98 0.81 28.51
C ASP A 149 0.87 2.32 28.42
N VAL A 150 0.32 2.86 27.33
CA VAL A 150 0.09 4.31 27.21
C VAL A 150 -1.33 4.52 26.69
N MET A 151 -2.21 5.03 27.55
CA MET A 151 -3.55 5.31 27.08
C MET A 151 -3.51 6.46 26.07
N PRO A 152 -4.43 6.48 25.10
CA PRO A 152 -5.50 5.51 24.84
C PRO A 152 -4.99 4.31 24.08
N LEU A 153 -5.55 3.14 24.34
CA LEU A 153 -5.13 1.88 23.72
C LEU A 153 -5.96 1.55 22.51
N VAL A 154 -7.20 2.00 22.51
CA VAL A 154 -8.17 1.79 21.46
C VAL A 154 -8.92 3.11 21.37
N GLY A 155 -9.73 3.24 20.34
CA GLY A 155 -10.56 4.44 20.25
C GLY A 155 -11.12 4.58 18.87
N ASP A 156 -12.29 5.20 18.73
CA ASP A 156 -12.91 5.42 17.42
C ASP A 156 -12.45 6.77 16.86
N PHE A 157 -11.14 6.90 16.69
CA PHE A 157 -10.56 8.11 16.13
C PHE A 157 -9.13 7.79 15.73
N ASN A 158 -8.42 8.80 15.25
CA ASN A 158 -7.09 8.62 14.71
C ASN A 158 -6.06 9.01 15.74
N PHE A 159 -5.01 8.21 15.83
CA PHE A 159 -3.88 8.50 16.71
C PHE A 159 -2.78 9.14 15.87
N TYR A 160 -3.10 10.31 15.34
CA TYR A 160 -2.15 11.03 14.50
C TYR A 160 -0.81 11.15 15.21
N GLY A 161 0.25 10.61 14.62
CA GLY A 161 1.60 10.77 15.16
C GLY A 161 2.30 12.05 14.73
N GLY A 162 2.97 12.68 15.68
CA GLY A 162 3.87 13.79 15.36
C GLY A 162 3.91 14.91 16.39
N ILE A 163 4.76 15.91 16.14
CA ILE A 163 4.69 17.15 16.90
C ILE A 163 3.56 17.97 16.31
N TYR A 164 2.35 17.74 16.78
CA TYR A 164 1.17 18.32 16.16
C TYR A 164 0.69 19.60 16.83
N ARG A 165 1.38 20.07 17.89
CA ARG A 165 1.13 21.36 18.53
C ARG A 165 2.43 22.14 18.62
N ASP A 166 2.35 23.36 19.15
CA ASP A 166 3.47 24.29 19.06
C ASP A 166 4.64 23.85 19.93
N VAL A 167 5.80 24.44 19.63
CA VAL A 167 7.02 24.18 20.35
C VAL A 167 7.70 25.51 20.60
N HIS A 168 8.10 25.74 21.86
CA HIS A 168 8.57 27.04 22.36
C HIS A 168 9.89 26.90 23.10
N LEU A 169 10.76 27.90 22.92
CA LEU A 169 11.93 28.10 23.75
C LEU A 169 11.58 29.12 24.83
N LEU A 170 11.63 28.70 26.09
CA LEU A 170 11.47 29.63 27.21
C LEU A 170 12.82 30.07 27.74
N ILE A 171 12.95 31.38 27.92
CA ILE A 171 14.12 31.98 28.53
C ILE A 171 13.62 32.79 29.72
N THR A 172 14.15 32.47 30.90
CA THR A 172 13.76 33.14 32.12
C THR A 172 14.99 33.55 32.89
N ASP A 173 14.75 34.30 33.96
CA ASP A 173 15.81 34.60 34.93
C ASP A 173 16.20 33.31 35.66
N GLU A 174 17.45 33.27 36.16
CA GLU A 174 17.87 32.11 36.94
C GLU A 174 16.97 31.87 38.13
N VAL A 175 16.40 32.92 38.71
CA VAL A 175 15.28 32.82 39.63
C VAL A 175 14.02 33.10 38.83
N CYS A 176 13.07 32.16 38.85
CA CYS A 176 11.88 32.32 38.05
C CYS A 176 10.69 31.64 38.73
N ILE A 177 9.50 31.98 38.24
CA ILE A 177 8.29 31.21 38.47
C ILE A 177 8.35 29.97 37.59
N SER A 178 8.47 28.80 38.21
CA SER A 178 8.96 27.62 37.51
C SER A 178 7.94 27.08 36.51
N PRO A 179 8.37 26.74 35.30
CA PRO A 179 7.49 26.06 34.34
C PRO A 179 7.65 24.55 34.36
N LEU A 180 8.40 24.01 35.32
CA LEU A 180 8.84 22.64 35.23
C LEU A 180 7.85 21.65 35.81
N ASP A 181 6.91 22.10 36.64
CA ASP A 181 6.04 21.20 37.38
C ASP A 181 4.92 20.75 36.45
N HIS A 182 5.16 19.61 35.81
CA HIS A 182 4.18 18.97 34.95
C HIS A 182 3.85 19.83 33.73
N ALA A 183 4.78 20.69 33.35
CA ALA A 183 4.58 21.70 32.32
C ALA A 183 3.37 22.57 32.62
N SER A 184 3.11 22.84 33.90
CA SER A 184 2.05 23.77 34.26
C SER A 184 2.57 25.19 34.09
N PRO A 185 1.73 26.21 34.28
CA PRO A 185 2.25 27.58 34.23
C PRO A 185 3.12 27.94 35.42
N GLY A 186 3.07 27.16 36.49
CA GLY A 186 3.74 27.52 37.71
C GLY A 186 2.89 28.36 38.63
N VAL A 187 1.71 28.74 38.17
CA VAL A 187 0.73 29.46 38.98
C VAL A 187 -0.58 28.68 38.92
N ARG A 188 -1.15 28.37 40.08
CA ARG A 188 -2.37 27.59 40.18
C ARG A 188 -3.36 28.32 41.08
N LEU A 189 -4.52 28.68 40.51
CA LEU A 189 -5.49 29.57 41.15
C LEU A 189 -6.70 28.76 41.62
N THR A 190 -6.86 28.63 42.94
CA THR A 190 -7.94 27.81 43.48
C THR A 190 -8.99 28.69 44.14
N GLN A 191 -10.26 28.37 43.87
CA GLN A 191 -11.43 29.15 44.27
C GLN A 191 -12.21 28.43 45.36
N ASP A 192 -12.45 29.11 46.48
CA ASP A 192 -13.47 28.63 47.42
C ASP A 192 -14.35 29.79 47.90
N SER A 193 -15.46 29.41 48.52
CA SER A 193 -16.35 30.35 49.18
C SER A 193 -16.92 31.36 48.20
N VAL A 194 -17.14 30.93 46.97
CA VAL A 194 -17.60 31.83 45.93
C VAL A 194 -19.09 32.07 46.08
N SER A 195 -19.46 33.34 46.12
CA SER A 195 -20.83 33.81 46.25
C SER A 195 -20.92 35.10 45.47
N HIS A 196 -22.14 35.66 45.39
CA HIS A 196 -22.28 36.96 44.75
C HIS A 196 -21.65 38.09 45.55
N LYS A 197 -21.23 37.83 46.81
CA LYS A 197 -20.75 38.85 47.71
C LYS A 197 -19.26 38.75 47.99
N TYR A 198 -18.69 37.56 47.93
CA TYR A 198 -17.32 37.36 48.35
C TYR A 198 -16.72 36.19 47.58
N ALA A 199 -15.40 36.24 47.38
CA ALA A 199 -14.68 35.09 46.85
C ALA A 199 -13.26 35.06 47.39
N ARG A 200 -12.77 33.87 47.68
CA ARG A 200 -11.39 33.67 48.12
C ARG A 200 -10.64 32.91 47.05
N ILE A 201 -9.46 33.42 46.72
CA ILE A 201 -8.58 32.83 45.73
C ILE A 201 -7.25 32.52 46.41
N GLU A 202 -6.82 31.27 46.30
CA GLU A 202 -5.51 30.84 46.78
C GLU A 202 -4.60 30.60 45.59
N VAL A 203 -3.36 31.07 45.68
CA VAL A 203 -2.46 31.17 44.54
C VAL A 203 -1.20 30.36 44.86
N LEU A 204 -1.06 29.19 44.24
CA LEU A 204 0.10 28.34 44.44
C LEU A 204 1.15 28.64 43.37
N VAL A 205 2.34 29.05 43.79
CA VAL A 205 3.41 29.48 42.90
C VAL A 205 4.62 28.58 43.11
N GLU A 206 5.13 28.00 42.03
CA GLU A 206 6.41 27.32 42.04
C GLU A 206 7.49 28.35 41.75
N VAL A 207 8.40 28.55 42.69
CA VAL A 207 9.52 29.46 42.51
C VAL A 207 10.81 28.66 42.55
N SER A 208 11.70 28.93 41.60
CA SER A 208 12.91 28.15 41.38
C SER A 208 14.10 29.10 41.37
N ASN A 209 15.06 28.84 42.24
CA ASN A 209 16.33 29.57 42.24
C ASN A 209 17.36 28.69 41.54
N GLY A 210 17.71 29.06 40.31
CA GLY A 210 18.75 28.31 39.63
C GLY A 210 20.14 28.92 39.79
N SER A 211 20.26 30.02 40.54
CA SER A 211 21.57 30.60 40.83
CA SER A 211 21.58 30.58 40.81
C SER A 211 22.24 29.82 41.96
N ASP A 212 23.56 29.91 42.03
CA ASP A 212 24.31 29.32 43.13
C ASP A 212 24.25 30.16 44.41
N LYS A 213 23.55 31.29 44.38
CA LYS A 213 23.45 32.24 45.49
C LYS A 213 22.05 32.25 46.08
N ALA A 214 21.98 32.35 47.41
CA ALA A 214 20.70 32.59 48.05
C ALA A 214 20.18 33.98 47.68
N GLN A 215 18.87 34.09 47.47
CA GLN A 215 18.25 35.28 46.91
C GLN A 215 17.13 35.75 47.83
N GLU A 216 17.06 37.07 48.04
CA GLU A 216 15.90 37.69 48.67
C GLU A 216 15.07 38.32 47.56
N ILE A 217 13.91 37.73 47.29
CA ILE A 217 13.04 38.17 46.20
C ILE A 217 11.72 38.65 46.79
N GLU A 218 10.99 39.44 45.99
CA GLU A 218 9.64 39.86 46.30
C GLU A 218 8.71 39.10 45.36
N LEU A 219 7.74 38.40 45.94
CA LEU A 219 6.70 37.69 45.19
C LEU A 219 5.40 38.46 45.34
N GLY A 220 4.72 38.70 44.22
CA GLY A 220 3.49 39.48 44.24
C GLY A 220 2.43 38.91 43.32
N ILE A 221 1.17 39.09 43.73
CA ILE A 221 -0.01 38.77 42.95
C ILE A 221 -0.85 40.03 42.82
N CYS A 222 -1.21 40.36 41.60
CA CYS A 222 -2.11 41.47 41.29
C CYS A 222 -3.22 40.94 40.41
N VAL A 223 -4.45 40.99 40.90
CA VAL A 223 -5.62 40.57 40.14
C VAL A 223 -6.28 41.80 39.53
N ARG A 224 -6.50 41.80 38.22
CA ARG A 224 -6.87 43.00 37.50
C ARG A 224 -8.15 42.83 36.71
N ASP A 225 -8.85 43.94 36.55
CA ASP A 225 -9.95 44.09 35.62
C ASP A 225 -9.46 45.08 34.57
N GLY A 226 -8.95 44.56 33.47
CA GLY A 226 -8.29 45.42 32.51
C GLY A 226 -6.98 45.96 33.06
N LYS A 227 -6.95 47.24 33.40
CA LYS A 227 -5.78 47.81 34.07
C LYS A 227 -6.13 48.33 35.46
N ARG A 228 -7.31 47.98 35.99
CA ARG A 228 -7.69 48.36 37.35
C ARG A 228 -7.36 47.22 38.30
N THR A 229 -6.45 47.50 39.23
CA THR A 229 -6.15 46.54 40.30
C THR A 229 -7.39 46.29 41.14
N VAL A 230 -7.73 45.03 41.33
CA VAL A 230 -8.86 44.67 42.17
C VAL A 230 -8.39 44.23 43.55
N THR A 231 -7.37 43.37 43.60
CA THR A 231 -6.69 43.02 44.84
C THR A 231 -5.21 42.89 44.53
N GLU A 232 -4.40 42.84 45.59
CA GLU A 232 -2.95 42.83 45.46
C GLU A 232 -2.34 42.36 46.77
N ARG A 233 -1.47 41.35 46.71
CA ARG A 233 -0.59 41.02 47.83
C ARG A 233 0.79 40.62 47.33
N ASN A 234 1.82 41.16 47.97
CA ASN A 234 3.18 40.74 47.69
C ASN A 234 3.90 40.40 48.99
N GLU A 235 4.99 39.64 48.85
CA GLU A 235 5.68 39.01 49.97
C GLU A 235 7.16 38.90 49.70
N LYS A 236 7.98 39.26 50.68
CA LYS A 236 9.44 39.15 50.56
C LYS A 236 9.91 37.93 51.34
N PHE A 237 10.77 37.12 50.72
CA PHE A 237 11.27 35.93 51.39
C PHE A 237 12.61 35.53 50.80
N SER A 238 13.31 34.68 51.54
CA SER A 238 14.62 34.21 51.12
C SER A 238 14.54 32.77 50.64
N LEU A 239 15.36 32.46 49.65
CA LEU A 239 15.39 31.18 48.96
C LEU A 239 16.85 30.87 48.71
N SER A 240 17.30 29.69 49.13
CA SER A 240 18.71 29.40 48.95
C SER A 240 19.01 29.06 47.49
N GLY A 241 20.29 29.06 47.15
CA GLY A 241 20.70 28.72 45.80
C GLY A 241 20.41 27.27 45.46
N ASN A 242 20.28 27.02 44.16
CA ASN A 242 19.91 25.72 43.61
C ASN A 242 18.84 25.04 44.47
N SER A 243 17.79 25.81 44.75
CA SER A 243 16.66 25.28 45.50
C SER A 243 15.38 25.90 44.95
N ASP A 244 14.29 25.17 45.05
CA ASP A 244 12.97 25.65 44.73
C ASP A 244 12.02 25.33 45.87
N MET A 245 11.05 26.22 46.12
CA MET A 245 9.96 25.91 47.03
C MET A 245 8.66 26.48 46.50
N GLN A 246 7.57 26.04 47.09
CA GLN A 246 6.23 26.50 46.73
C GLN A 246 5.77 27.58 47.69
N ARG A 247 5.05 28.57 47.16
CA ARG A 247 4.42 29.62 47.95
C ARG A 247 2.93 29.66 47.64
N ARG A 248 2.11 29.84 48.68
CA ARG A 248 0.64 29.89 48.53
C ARG A 248 0.17 31.21 49.11
N LEU A 249 -0.08 32.18 48.24
CA LEU A 249 -0.66 33.44 48.70
C LEU A 249 -2.17 33.36 48.69
N VAL A 250 -2.78 34.30 49.41
CA VAL A 250 -4.22 34.40 49.55
C VAL A 250 -4.62 35.84 49.34
N CYS A 251 -5.76 36.05 48.67
CA CYS A 251 -6.38 37.35 48.53
C CYS A 251 -7.90 37.15 48.45
N GLU A 252 -8.65 38.24 48.58
CA GLU A 252 -10.10 38.18 48.55
C GLU A 252 -10.66 39.26 47.62
N ILE A 253 -11.89 39.02 47.16
CA ILE A 253 -12.64 40.00 46.38
C ILE A 253 -14.06 40.06 46.92
N LYS A 254 -14.51 41.27 47.25
CA LYS A 254 -15.85 41.49 47.75
C LYS A 254 -16.71 41.97 46.59
N ASP A 255 -17.93 41.45 46.52
CA ASP A 255 -18.79 41.65 45.36
C ASP A 255 -18.02 41.36 44.04
N PRO A 256 -17.57 40.09 43.89
CA PRO A 256 -16.82 39.76 42.67
C PRO A 256 -17.72 39.71 41.43
N HIS A 257 -17.15 40.13 40.32
CA HIS A 257 -17.81 40.00 39.02
C HIS A 257 -17.70 38.54 38.58
N LEU A 258 -18.79 37.80 38.68
CA LEU A 258 -18.77 36.37 38.41
C LEU A 258 -18.69 36.07 36.92
N TRP A 259 -18.05 34.96 36.60
CA TRP A 259 -18.10 34.38 35.27
C TRP A 259 -19.38 33.58 35.18
N ASN A 260 -20.30 34.00 34.30
CA ASN A 260 -21.65 33.45 34.32
C ASN A 260 -22.02 32.84 32.97
N GLY A 261 -21.19 31.92 32.49
CA GLY A 261 -21.52 31.29 31.25
C GLY A 261 -21.59 32.30 30.13
N ARG A 262 -22.49 32.04 29.19
CA ARG A 262 -22.57 32.92 28.05
C ARG A 262 -23.34 34.19 28.36
N GLN A 263 -24.07 34.22 29.47
CA GLN A 263 -24.76 35.43 29.86
C GLN A 263 -23.77 36.56 30.14
N ASP A 264 -22.59 36.23 30.60
CA ASP A 264 -21.60 37.21 31.00
C ASP A 264 -20.32 36.46 31.37
N PRO A 265 -19.48 36.10 30.38
CA PRO A 265 -18.24 35.35 30.67
C PRO A 265 -17.12 36.27 31.14
N PHE A 266 -17.28 36.88 32.31
CA PHE A 266 -16.32 37.88 32.76
C PHE A 266 -15.05 37.22 33.28
N LEU A 267 -13.92 37.86 33.03
CA LEU A 267 -12.61 37.27 33.25
C LEU A 267 -11.68 38.30 33.87
N TYR A 268 -11.23 38.02 35.09
CA TYR A 268 -10.07 38.71 35.60
C TYR A 268 -8.80 38.13 34.96
N ARG A 269 -7.76 38.96 34.87
CA ARG A 269 -6.39 38.52 34.60
C ARG A 269 -5.60 38.60 35.90
N ALA A 270 -4.91 37.51 36.26
CA ALA A 270 -4.10 37.45 37.48
C ALA A 270 -2.62 37.41 37.12
N GLU A 271 -1.85 38.39 37.60
CA GLU A 271 -0.44 38.50 37.28
C GLU A 271 0.40 38.25 38.52
N VAL A 272 1.28 37.25 38.45
CA VAL A 272 2.20 36.95 39.53
C VAL A 272 3.60 37.37 39.11
N THR A 273 4.28 38.14 39.94
CA THR A 273 5.59 38.65 39.57
C THR A 273 6.61 38.34 40.65
N LEU A 274 7.84 38.12 40.19
CA LEU A 274 9.04 38.06 41.01
C LEU A 274 9.80 39.37 40.85
N THR A 275 10.22 39.96 41.96
CA THR A 275 10.93 41.24 41.94
C THR A 275 12.21 41.09 42.73
N ARG A 276 13.22 41.87 42.35
CA ARG A 276 14.52 41.81 43.03
C ARG A 276 15.21 43.15 42.88
N ASP A 277 15.40 43.85 44.02
CA ASP A 277 15.94 45.21 44.06
C ASP A 277 15.08 46.17 43.22
N GLY A 278 13.76 46.11 43.42
CA GLY A 278 12.84 46.67 42.46
C GLY A 278 13.05 46.07 41.08
N HIS A 279 12.24 46.54 40.11
CA HIS A 279 12.22 45.97 38.77
C HIS A 279 11.80 44.51 38.73
N VAL A 280 10.95 44.17 37.80
CA VAL A 280 10.47 42.80 37.65
C VAL A 280 11.54 41.94 37.00
N ILE A 281 11.71 40.72 37.48
CA ILE A 281 12.65 39.78 36.87
C ILE A 281 11.95 38.64 36.14
N ASP A 282 10.66 38.42 36.41
CA ASP A 282 9.89 37.35 35.79
C ASP A 282 8.42 37.59 36.08
N GLN A 283 7.57 37.12 35.19
CA GLN A 283 6.16 37.44 35.23
C GLN A 283 5.40 36.29 34.58
N VAL A 284 4.25 35.96 35.15
CA VAL A 284 3.34 34.98 34.57
C VAL A 284 1.93 35.52 34.78
N THR A 285 1.13 35.50 33.72
CA THR A 285 -0.27 35.94 33.79
C THR A 285 -1.18 34.77 33.45
N GLN A 286 -2.37 34.77 34.04
CA GLN A 286 -3.31 33.66 33.92
C GLN A 286 -4.72 34.20 34.03
N PRO A 287 -5.71 33.50 33.49
CA PRO A 287 -7.09 33.94 33.65
C PRO A 287 -7.63 33.58 35.02
N LEU A 288 -8.57 34.38 35.49
CA LEU A 288 -9.30 34.08 36.70
C LEU A 288 -10.77 34.33 36.38
N GLY A 289 -11.57 33.28 36.38
CA GLY A 289 -12.99 33.44 36.26
C GLY A 289 -13.64 32.85 37.49
N LEU A 290 -14.40 33.66 38.23
CA LEU A 290 -14.96 33.22 39.49
C LEU A 290 -16.37 32.70 39.25
N ARG A 291 -16.63 31.47 39.67
CA ARG A 291 -17.99 30.96 39.57
C ARG A 291 -18.18 29.89 40.62
N PHE A 292 -19.42 29.74 41.05
CA PHE A 292 -19.82 28.61 41.86
C PHE A 292 -20.96 27.90 41.15
N TYR A 293 -21.07 26.60 41.40
CA TYR A 293 -22.06 25.77 40.75
C TYR A 293 -22.14 24.44 41.48
N ARG A 294 -23.26 23.75 41.30
CA ARG A 294 -23.43 22.38 41.77
C ARG A 294 -24.29 21.59 40.77
N ILE A 295 -24.11 20.27 40.80
CA ILE A 295 -24.84 19.34 39.93
C ILE A 295 -25.88 18.65 40.81
N ASP A 296 -27.14 18.85 40.50
CA ASP A 296 -28.22 18.42 41.40
C ASP A 296 -28.90 17.18 40.84
N PRO A 297 -29.07 16.12 41.61
CA PRO A 297 -29.60 14.87 41.04
C PRO A 297 -30.98 15.02 40.42
N ASN A 298 -31.78 16.01 40.82
CA ASN A 298 -33.09 16.18 40.23
C ASN A 298 -33.29 17.47 39.44
N LEU A 299 -32.45 18.49 39.67
CA LEU A 299 -32.60 19.79 39.03
C LEU A 299 -31.58 20.03 37.92
N GLY A 300 -30.60 19.15 37.77
CA GLY A 300 -29.57 19.38 36.79
C GLY A 300 -28.49 20.32 37.27
N PHE A 301 -27.98 21.13 36.35
CA PHE A 301 -26.80 21.95 36.58
C PHE A 301 -27.22 23.35 37.02
N ILE A 302 -26.74 23.79 38.19
CA ILE A 302 -27.10 25.09 38.73
C ILE A 302 -25.84 25.98 38.70
N LEU A 303 -25.85 27.02 37.86
CA LEU A 303 -24.68 27.86 37.65
C LEU A 303 -24.88 29.23 38.31
N ASN A 304 -24.13 29.45 39.41
CA ASN A 304 -24.17 30.67 40.23
C ASN A 304 -25.53 30.87 40.89
N GLY A 305 -26.20 29.78 41.23
CA GLY A 305 -27.47 29.86 41.91
C GLY A 305 -28.68 29.71 41.02
N LYS A 306 -28.50 29.74 39.70
CA LYS A 306 -29.58 29.66 38.74
C LYS A 306 -29.40 28.41 37.88
N HIS A 307 -30.49 27.68 37.66
CA HIS A 307 -30.49 26.53 36.76
C HIS A 307 -30.00 26.93 35.37
N LEU A 308 -29.29 26.00 34.72
CA LEU A 308 -28.73 26.20 33.40
C LEU A 308 -28.71 24.88 32.65
N PRO A 309 -29.57 24.69 31.65
CA PRO A 309 -29.42 23.55 30.76
C PRO A 309 -28.04 23.56 30.12
N LEU A 310 -27.37 22.43 30.13
CA LEU A 310 -26.13 22.34 29.37
C LEU A 310 -26.51 21.86 27.98
N ARG A 311 -26.61 22.80 27.05
CA ARG A 311 -26.84 22.49 25.65
CA ARG A 311 -26.84 22.49 25.65
C ARG A 311 -25.47 22.22 25.04
N GLY A 312 -25.09 20.94 25.03
CA GLY A 312 -23.73 20.57 24.70
C GLY A 312 -23.49 19.87 23.37
N VAL A 313 -22.29 20.01 22.83
CA VAL A 313 -21.81 19.19 21.74
C VAL A 313 -20.46 18.63 22.15
N CYS A 314 -20.02 17.58 21.43
CA CYS A 314 -18.67 17.04 21.54
C CYS A 314 -17.80 17.58 20.41
N ARG A 315 -16.48 17.64 20.64
CA ARG A 315 -15.54 18.16 19.66
C ARG A 315 -14.22 17.39 19.73
N HIS A 316 -13.78 16.89 18.57
CA HIS A 316 -12.45 16.30 18.36
C HIS A 316 -11.50 17.34 17.79
N GLN A 317 -10.20 17.13 17.98
CA GLN A 317 -9.23 18.15 17.58
C GLN A 317 -8.61 17.89 16.21
N ASP A 318 -9.39 17.53 15.19
CA ASP A 318 -8.82 17.35 13.85
C ASP A 318 -9.64 18.15 12.84
N ARG A 319 -9.23 18.06 11.58
CA ARG A 319 -9.81 18.80 10.47
C ARG A 319 -9.45 18.10 9.16
N SER A 320 -10.27 18.35 8.15
CA SER A 320 -9.99 17.81 6.83
C SER A 320 -8.62 18.27 6.30
N GLU A 321 -7.88 17.34 5.69
N GLU A 321 -7.88 17.34 5.70
CA GLU A 321 -6.67 17.61 4.91
CA GLU A 321 -6.67 17.58 4.92
C GLU A 321 -5.44 17.79 5.79
C GLU A 321 -5.43 17.77 5.79
N ILE A 322 -5.62 18.25 7.02
CA ILE A 322 -4.50 18.47 7.92
C ILE A 322 -4.58 17.61 9.19
N GLY A 323 -5.61 16.81 9.37
CA GLY A 323 -5.62 15.99 10.59
C GLY A 323 -5.67 16.86 11.83
N ASN A 324 -4.84 16.55 12.83
CA ASN A 324 -4.80 17.28 14.11
C ASN A 324 -3.70 18.33 14.19
N ALA A 325 -3.01 18.61 13.09
CA ALA A 325 -2.01 19.68 13.03
C ALA A 325 -2.72 21.03 12.86
N LEU A 326 -3.45 21.43 13.90
CA LEU A 326 -4.36 22.57 13.78
C LEU A 326 -3.66 23.89 14.04
N HIS A 327 -4.08 24.93 13.33
CA HIS A 327 -3.57 26.27 13.61
C HIS A 327 -4.60 27.03 14.45
N LEU A 328 -4.15 28.14 15.06
CA LEU A 328 -5.05 28.93 15.90
C LEU A 328 -6.39 29.21 15.20
N GLN A 329 -6.36 29.72 13.96
CA GLN A 329 -7.61 30.08 13.30
C GLN A 329 -8.59 28.92 13.21
N HIS A 330 -8.10 27.68 13.20
CA HIS A 330 -9.00 26.54 13.14
C HIS A 330 -9.74 26.35 14.46
N HIS A 331 -9.03 26.44 15.59
CA HIS A 331 -9.70 26.43 16.89
C HIS A 331 -10.73 27.55 16.96
N GLU A 332 -10.32 28.78 16.66
CA GLU A 332 -11.27 29.90 16.66
C GLU A 332 -12.51 29.62 15.81
N GLU A 333 -12.33 29.05 14.60
CA GLU A 333 -13.49 28.78 13.75
C GLU A 333 -14.42 27.73 14.36
N ASP A 334 -13.86 26.62 14.89
CA ASP A 334 -14.70 25.64 15.58
C ASP A 334 -15.45 26.29 16.74
N ALA A 335 -14.81 27.19 17.46
CA ALA A 335 -15.51 27.84 18.56
C ALA A 335 -16.65 28.70 18.03
N ALA A 336 -16.40 29.47 16.96
CA ALA A 336 -17.42 30.34 16.41
C ALA A 336 -18.65 29.57 15.94
N LEU A 337 -18.43 28.40 15.33
CA LEU A 337 -19.56 27.61 14.83
C LEU A 337 -20.42 27.08 15.96
N MET A 338 -19.80 26.69 17.09
CA MET A 338 -20.60 26.23 18.21
C MET A 338 -21.36 27.39 18.85
N ALA A 339 -20.66 28.51 19.07
CA ALA A 339 -21.30 29.73 19.54
C ALA A 339 -22.49 30.11 18.66
N GLU A 340 -22.31 30.03 17.34
CA GLU A 340 -23.40 30.32 16.41
C GLU A 340 -24.60 29.41 16.66
N MET A 341 -24.35 28.10 16.83
CA MET A 341 -25.46 27.17 17.00
C MET A 341 -26.15 27.30 18.36
N GLY A 342 -25.63 28.10 19.29
CA GLY A 342 -26.22 28.22 20.61
C GLY A 342 -25.69 27.24 21.63
N VAL A 343 -24.65 26.48 21.30
CA VAL A 343 -23.96 25.64 22.28
C VAL A 343 -23.58 26.48 23.49
N ASN A 344 -23.78 25.91 24.69
CA ASN A 344 -23.19 26.52 25.88
C ASN A 344 -22.44 25.50 26.74
N ALA A 345 -22.27 24.29 26.24
CA ALA A 345 -21.42 23.32 26.91
C ALA A 345 -20.71 22.50 25.84
N VAL A 346 -19.53 22.01 26.18
CA VAL A 346 -18.77 21.18 25.26
C VAL A 346 -18.09 20.07 26.04
N ARG A 347 -18.11 18.87 25.47
CA ARG A 347 -17.28 17.77 25.90
C ARG A 347 -16.14 17.61 24.91
N LEU A 348 -14.89 17.73 25.38
CA LEU A 348 -13.73 17.71 24.47
C LEU A 348 -13.21 16.28 24.43
N ALA A 349 -13.73 15.50 23.49
CA ALA A 349 -13.40 14.09 23.46
C ALA A 349 -12.13 13.86 22.67
N HIS A 350 -11.40 12.80 23.01
CA HIS A 350 -11.49 12.09 24.28
C HIS A 350 -10.19 12.27 25.04
N TYR A 351 -9.67 13.49 25.09
CA TYR A 351 -8.29 13.69 25.49
C TYR A 351 -8.11 15.16 25.89
N PRO A 352 -7.07 15.45 26.67
CA PRO A 352 -6.66 16.85 26.85
C PRO A 352 -6.41 17.53 25.52
N GLN A 353 -6.94 18.75 25.41
CA GLN A 353 -6.88 19.52 24.18
C GLN A 353 -6.05 20.78 24.41
N ALA A 354 -6.09 21.70 23.46
CA ALA A 354 -5.13 22.78 23.45
C ALA A 354 -5.53 23.94 24.33
N THR A 355 -4.52 24.56 24.94
CA THR A 355 -4.75 25.72 25.80
C THR A 355 -5.57 26.77 25.09
N CYS A 356 -5.40 26.92 23.78
CA CYS A 356 -6.08 28.06 23.20
C CYS A 356 -7.52 27.71 22.89
N PHE A 357 -7.87 26.42 22.92
CA PHE A 357 -9.28 26.11 22.83
C PHE A 357 -9.97 26.33 24.16
N TYR A 358 -9.33 25.91 25.27
CA TYR A 358 -9.87 26.22 26.58
C TYR A 358 -10.01 27.71 26.75
N ASP A 359 -9.05 28.48 26.20
CA ASP A 359 -9.13 29.94 26.22
C ASP A 359 -10.41 30.45 25.57
N LEU A 360 -10.73 29.92 24.39
CA LEU A 360 -11.89 30.39 23.65
C LEU A 360 -13.18 30.04 24.38
N MET A 361 -13.17 28.91 25.08
CA MET A 361 -14.33 28.52 25.87
C MET A 361 -14.46 29.40 27.08
N ASP A 362 -13.33 29.78 27.65
CA ASP A 362 -13.35 30.81 28.68
C ASP A 362 -14.03 32.05 28.15
N ARG A 363 -13.59 32.52 26.98
CA ARG A 363 -13.98 33.86 26.55
C ARG A 363 -15.40 33.89 26.00
N TYR A 364 -15.86 32.76 25.49
CA TYR A 364 -17.23 32.65 25.04
C TYR A 364 -18.20 32.32 26.18
N GLY A 365 -17.72 31.73 27.27
CA GLY A 365 -18.62 31.32 28.35
C GLY A 365 -19.18 29.93 28.21
N ILE A 366 -18.51 29.06 27.46
CA ILE A 366 -18.95 27.70 27.17
C ILE A 366 -18.40 26.78 28.25
N ILE A 367 -19.26 25.95 28.84
CA ILE A 367 -18.81 25.07 29.92
C ILE A 367 -18.16 23.83 29.31
N VAL A 368 -17.04 23.40 29.90
CA VAL A 368 -16.14 22.40 29.34
C VAL A 368 -16.16 21.14 30.20
N TRP A 369 -16.33 20.01 29.54
CA TRP A 369 -16.06 18.69 30.09
C TRP A 369 -14.79 18.23 29.36
N THR A 370 -13.71 18.03 30.12
CA THR A 370 -12.48 17.55 29.54
C THR A 370 -12.00 16.34 30.32
N GLU A 371 -11.39 15.39 29.62
CA GLU A 371 -11.16 14.08 30.18
C GLU A 371 -9.76 13.57 29.79
N ILE A 372 -9.30 12.57 30.53
CA ILE A 372 -8.07 11.88 30.18
C ILE A 372 -8.40 10.81 29.16
N PRO A 373 -7.42 10.33 28.38
CA PRO A 373 -7.66 9.38 27.29
C PRO A 373 -7.79 7.92 27.71
N PHE A 374 -8.65 7.68 28.70
CA PHE A 374 -8.88 6.33 29.20
C PHE A 374 -10.10 5.78 28.47
N VAL A 375 -9.90 5.42 27.19
CA VAL A 375 -10.97 5.15 26.23
C VAL A 375 -11.11 3.65 26.04
N GLY A 376 -12.33 3.14 26.15
CA GLY A 376 -12.58 1.74 25.96
C GLY A 376 -12.94 1.45 24.52
N PRO A 377 -13.34 0.19 24.24
CA PRO A 377 -13.44 -0.25 22.84
C PRO A 377 -14.78 0.06 22.20
N GLY A 378 -15.79 0.32 23.01
CA GLY A 378 -17.14 0.47 22.48
C GLY A 378 -17.56 -0.82 21.81
N GLY A 379 -18.03 -0.72 20.57
CA GLY A 379 -18.38 -1.90 19.82
C GLY A 379 -17.23 -2.58 19.08
N TYR A 380 -16.00 -2.12 19.27
CA TYR A 380 -14.86 -2.67 18.55
C TYR A 380 -14.17 -3.71 19.42
N MET A 381 -12.92 -4.07 19.07
CA MET A 381 -12.16 -5.15 19.66
C MET A 381 -11.22 -4.66 20.77
N ASP A 382 -10.59 -5.60 21.47
CA ASP A 382 -9.59 -5.34 22.52
C ASP A 382 -10.16 -4.46 23.63
N LYS A 383 -9.27 -3.78 24.37
CA LYS A 383 -9.61 -3.20 25.67
C LYS A 383 -8.98 -1.82 25.85
N GLY A 384 -9.62 -1.00 26.66
CA GLY A 384 -9.02 0.28 27.00
C GLY A 384 -8.17 0.26 28.24
N PHE A 385 -8.19 -0.87 28.96
CA PHE A 385 -7.44 -1.06 30.19
C PHE A 385 -6.69 -2.37 30.08
N VAL A 386 -5.38 -2.32 30.29
CA VAL A 386 -4.54 -3.49 30.41
C VAL A 386 -3.80 -3.37 31.74
N ASN A 387 -3.92 -4.40 32.57
CA ASN A 387 -3.38 -4.41 33.93
C ASN A 387 -1.87 -4.58 33.87
N LEU A 388 -1.19 -3.49 33.52
CA LEU A 388 0.25 -3.35 33.50
C LEU A 388 0.62 -2.27 34.49
N PRO A 389 1.69 -2.44 35.27
CA PRO A 389 2.11 -1.35 36.15
C PRO A 389 2.40 -0.07 35.40
N ALA A 390 3.10 -0.18 34.27
CA ALA A 390 3.40 0.99 33.47
C ALA A 390 2.13 1.69 33.03
N PHE A 391 1.10 0.93 32.61
CA PHE A 391 -0.12 1.56 32.13
C PHE A 391 -0.81 2.34 33.23
N ARG A 392 -1.02 1.70 34.39
CA ARG A 392 -1.65 2.34 35.53
C ARG A 392 -0.88 3.58 35.96
N SER A 393 0.43 3.44 36.15
CA SER A 393 1.27 4.57 36.52
C SER A 393 1.17 5.71 35.50
N ASN A 394 1.36 5.41 34.22
CA ASN A 394 1.29 6.45 33.20
C ASN A 394 -0.06 7.15 33.22
N GLY A 395 -1.13 6.39 33.42
CA GLY A 395 -2.45 6.98 33.49
C GLY A 395 -2.56 8.05 34.57
N LYS A 396 -1.99 7.76 35.77
CA LYS A 396 -2.03 8.75 36.83
C LYS A 396 -1.25 10.00 36.48
N GLU A 397 -0.10 9.83 35.81
CA GLU A 397 0.64 11.01 35.34
C GLU A 397 -0.14 11.78 34.28
N GLN A 398 -0.92 11.08 33.46
CA GLN A 398 -1.69 11.82 32.45
C GLN A 398 -2.81 12.63 33.10
N LEU A 399 -3.50 12.06 34.09
CA LEU A 399 -4.52 12.82 34.82
C LEU A 399 -3.90 13.97 35.59
N ARG A 400 -2.68 13.79 36.12
CA ARG A 400 -2.02 14.88 36.82
C ARG A 400 -1.61 15.99 35.86
N GLU A 401 -1.10 15.65 34.67
CA GLU A 401 -0.88 16.65 33.62
C GLU A 401 -2.15 17.44 33.30
N LEU A 402 -3.26 16.73 33.06
CA LEU A 402 -4.51 17.39 32.69
C LEU A 402 -4.89 18.46 33.71
N ILE A 403 -4.88 18.11 34.99
CA ILE A 403 -5.42 19.09 35.93
C ILE A 403 -4.42 20.20 36.21
N ARG A 404 -3.13 19.88 36.35
CA ARG A 404 -2.19 20.93 36.69
C ARG A 404 -1.98 21.92 35.57
N GLN A 405 -2.12 21.48 34.31
CA GLN A 405 -1.91 22.36 33.14
C GLN A 405 -3.13 23.22 32.84
N HIS A 406 -4.34 22.74 33.11
CA HIS A 406 -5.52 23.47 32.68
C HIS A 406 -6.45 23.90 33.83
N CYS A 407 -6.08 23.69 35.10
CA CYS A 407 -7.05 23.94 36.17
C CYS A 407 -7.46 25.40 36.27
N ASN A 408 -6.65 26.33 35.74
CA ASN A 408 -6.95 27.76 35.84
C ASN A 408 -8.07 28.22 34.94
N HIS A 409 -8.54 27.39 34.01
CA HIS A 409 -9.57 27.83 33.07
C HIS A 409 -10.94 27.84 33.74
N PRO A 410 -11.62 28.98 33.80
CA PRO A 410 -13.00 28.99 34.32
C PRO A 410 -13.96 28.08 33.58
N SER A 411 -13.76 27.85 32.29
CA SER A 411 -14.75 27.06 31.57
C SER A 411 -14.74 25.60 32.01
N ILE A 412 -13.59 25.06 32.41
CA ILE A 412 -13.58 23.66 32.87
C ILE A 412 -14.39 23.58 34.16
N CYS A 413 -15.30 22.60 34.20
CA CYS A 413 -16.26 22.43 35.28
C CYS A 413 -16.44 20.98 35.70
N VAL A 414 -15.98 20.01 34.92
CA VAL A 414 -15.86 18.63 35.39
C VAL A 414 -14.57 18.02 34.84
N TRP A 415 -14.05 17.02 35.56
CA TRP A 415 -12.89 16.26 35.12
C TRP A 415 -13.35 14.84 34.82
N GLY A 416 -13.20 14.40 33.55
CA GLY A 416 -13.67 13.10 33.11
C GLY A 416 -12.57 12.06 33.14
N LEU A 417 -12.93 10.82 33.49
CA LEU A 417 -11.93 9.81 33.83
C LEU A 417 -11.89 8.60 32.92
N PHE A 418 -12.95 8.35 32.13
CA PHE A 418 -12.93 7.27 31.15
C PHE A 418 -14.07 7.46 30.19
N ASN A 419 -13.92 6.84 29.01
CA ASN A 419 -14.98 6.71 28.03
C ASN A 419 -15.10 5.23 27.65
N GLU A 420 -16.14 4.57 28.15
CA GLU A 420 -16.65 3.31 27.58
C GLU A 420 -15.74 2.13 27.87
N LEU A 421 -15.26 2.05 29.11
CA LEU A 421 -14.56 0.87 29.58
C LEU A 421 -15.54 -0.29 29.82
N THR A 422 -14.99 -1.51 29.80
CA THR A 422 -15.71 -2.70 30.18
C THR A 422 -15.10 -3.29 31.45
N GLN A 423 -15.94 -3.97 32.22
CA GLN A 423 -15.48 -4.73 33.38
C GLN A 423 -15.05 -6.14 32.98
N ALA A 424 -15.23 -6.53 31.73
CA ALA A 424 -14.84 -7.86 31.28
C ALA A 424 -13.35 -7.88 30.97
N GLY A 425 -12.76 -9.07 31.12
CA GLY A 425 -11.30 -9.13 31.08
C GLY A 425 -10.69 -8.38 32.24
N ASP A 426 -9.55 -7.72 31.99
CA ASP A 426 -8.94 -6.87 33.00
C ASP A 426 -9.95 -5.83 33.48
N ASP A 427 -10.24 -5.85 34.78
CA ASP A 427 -11.31 -5.00 35.31
C ASP A 427 -10.72 -3.69 35.81
N PRO A 428 -11.09 -2.55 35.23
CA PRO A 428 -10.51 -1.26 35.66
C PRO A 428 -11.21 -0.58 36.83
N THR A 429 -12.20 -1.22 37.46
CA THR A 429 -12.95 -0.53 38.50
C THR A 429 -12.05 -0.09 39.66
N GLU A 430 -11.21 -1.01 40.16
CA GLU A 430 -10.22 -0.63 41.16
C GLU A 430 -9.37 0.55 40.72
N TYR A 431 -8.83 0.48 39.50
CA TYR A 431 -7.94 1.52 39.04
C TYR A 431 -8.67 2.85 38.89
N ILE A 432 -9.92 2.81 38.42
CA ILE A 432 -10.70 4.02 38.26
C ILE A 432 -10.87 4.70 39.61
N GLU A 433 -11.26 3.93 40.62
CA GLU A 433 -11.31 4.47 41.97
C GLU A 433 -9.99 5.13 42.35
N GLU A 434 -8.85 4.52 41.99
CA GLU A 434 -7.54 5.16 42.23
C GLU A 434 -7.43 6.50 41.49
N LEU A 435 -7.78 6.50 40.20
CA LEU A 435 -7.74 7.76 39.46
C LEU A 435 -8.64 8.81 40.11
N ASN A 436 -9.88 8.42 40.47
CA ASN A 436 -10.77 9.36 41.13
C ASN A 436 -10.10 10.00 42.34
N ARG A 437 -9.40 9.21 43.15
CA ARG A 437 -8.71 9.80 44.30
C ARG A 437 -7.58 10.72 43.86
N VAL A 438 -6.89 10.39 42.76
CA VAL A 438 -5.82 11.27 42.28
C VAL A 438 -6.39 12.62 41.88
N ALA A 439 -7.54 12.62 41.18
CA ALA A 439 -8.22 13.86 40.82
C ALA A 439 -8.53 14.74 42.04
N LYS A 440 -9.08 14.14 43.12
CA LYS A 440 -9.39 14.89 44.33
C LYS A 440 -8.15 15.46 45.01
N GLN A 441 -7.04 14.71 45.01
CA GLN A 441 -5.78 15.28 45.50
C GLN A 441 -5.42 16.55 44.74
N GLU A 442 -5.66 16.56 43.42
CA GLU A 442 -5.26 17.68 42.58
C GLU A 442 -6.30 18.80 42.55
N ASP A 443 -7.59 18.49 42.73
CA ASP A 443 -8.63 19.52 42.56
C ASP A 443 -9.91 19.11 43.26
N MET A 444 -10.17 19.73 44.41
CA MET A 444 -11.41 19.45 45.13
C MET A 444 -12.60 20.23 44.59
N THR A 445 -12.35 21.32 43.84
CA THR A 445 -13.39 22.30 43.49
C THR A 445 -14.29 21.90 42.31
N ARG A 446 -13.93 20.89 41.50
CA ARG A 446 -14.73 20.49 40.32
C ARG A 446 -15.11 19.02 40.45
N PRO A 447 -16.35 18.64 40.12
CA PRO A 447 -16.71 17.22 40.17
C PRO A 447 -15.94 16.42 39.13
N THR A 448 -15.82 15.13 39.41
CA THR A 448 -15.39 14.19 38.39
C THR A 448 -16.61 13.61 37.72
N THR A 449 -16.39 13.14 36.50
CA THR A 449 -17.44 12.54 35.71
C THR A 449 -16.80 11.44 34.90
N ALA A 450 -17.61 10.81 34.06
CA ALA A 450 -17.14 9.76 33.18
C ALA A 450 -18.24 9.51 32.15
N ALA A 451 -17.85 8.89 31.06
CA ALA A 451 -18.74 8.59 29.94
C ALA A 451 -18.79 7.08 29.78
N SER A 452 -19.90 6.46 30.16
CA SER A 452 -20.01 5.02 30.30
C SER A 452 -20.93 4.42 29.24
N ASN A 453 -20.72 3.13 28.93
CA ASN A 453 -21.73 2.39 28.17
C ASN A 453 -22.07 1.08 28.86
N ARG A 454 -21.86 1.00 30.18
CA ARG A 454 -22.13 -0.12 31.07
C ARG A 454 -23.60 -0.15 31.47
N PRO A 455 -24.16 -1.35 31.68
CA PRO A 455 -25.40 -1.44 32.44
C PRO A 455 -25.27 -0.70 33.76
N ALA A 456 -26.37 -0.12 34.20
CA ALA A 456 -26.36 0.78 35.36
C ALA A 456 -25.84 0.08 36.61
N THR A 457 -25.96 -1.25 36.69
CA THR A 457 -25.53 -1.98 37.87
C THR A 457 -24.01 -2.05 38.05
N GLU A 458 -23.21 -1.74 37.02
CA GLU A 458 -21.75 -1.92 37.17
C GLU A 458 -21.15 -0.89 38.13
N PRO A 459 -20.33 -1.34 39.10
CA PRO A 459 -19.69 -0.43 40.09
C PRO A 459 -19.00 0.80 39.51
N MET A 460 -18.41 0.72 38.31
CA MET A 460 -17.65 1.86 37.81
C MET A 460 -18.53 3.07 37.52
N ASN A 461 -19.84 2.90 37.50
CA ASN A 461 -20.72 4.04 37.30
C ASN A 461 -20.93 4.84 38.56
N PHE A 462 -20.45 4.34 39.72
CA PHE A 462 -20.77 4.90 41.02
C PHE A 462 -19.57 5.55 41.70
N ILE A 463 -18.45 5.70 41.00
CA ILE A 463 -17.23 6.21 41.61
C ILE A 463 -17.19 7.73 41.50
N THR A 464 -17.30 8.25 40.28
CA THR A 464 -17.15 9.68 40.04
C THR A 464 -18.35 10.48 40.62
N ASP A 465 -18.11 11.78 40.83
CA ASP A 465 -19.14 12.64 41.39
C ASP A 465 -20.36 12.71 40.49
N ALA A 466 -20.15 12.78 39.18
CA ALA A 466 -21.19 12.69 38.18
C ALA A 466 -20.94 11.50 37.27
N ILE A 467 -22.00 11.13 36.55
CA ILE A 467 -21.96 10.01 35.65
C ILE A 467 -22.83 10.34 34.44
N ALA A 468 -22.57 9.66 33.33
CA ALA A 468 -23.27 9.92 32.10
C ALA A 468 -23.15 8.67 31.24
N TRP A 469 -24.08 8.51 30.29
CA TRP A 469 -24.06 7.35 29.39
C TRP A 469 -24.05 7.83 27.95
N ASN A 470 -23.42 7.01 27.08
CA ASN A 470 -23.48 7.21 25.64
C ASN A 470 -24.68 6.44 25.09
N ARG A 471 -25.57 7.10 24.36
CA ARG A 471 -26.80 6.43 23.94
C ARG A 471 -27.15 6.77 22.50
N TYR A 472 -27.44 5.75 21.69
CA TYR A 472 -27.68 5.94 20.26
C TYR A 472 -28.99 5.30 19.84
N ASP A 473 -30.00 5.38 20.72
CA ASP A 473 -31.31 4.81 20.46
C ASP A 473 -31.91 5.41 19.21
N GLY A 474 -32.06 4.61 18.17
CA GLY A 474 -32.48 5.12 16.89
C GLY A 474 -31.37 5.22 15.88
N TRP A 475 -30.11 5.03 16.29
CA TRP A 475 -29.00 4.85 15.36
C TRP A 475 -28.48 3.43 15.45
N TYR A 476 -27.74 3.09 16.49
CA TYR A 476 -27.33 1.72 16.69
C TYR A 476 -28.50 0.96 17.31
N GLY A 477 -29.55 0.79 16.51
CA GLY A 477 -30.70 0.01 16.95
C GLY A 477 -31.70 0.79 17.79
N GLY A 478 -32.87 0.19 17.96
CA GLY A 478 -33.98 0.76 18.69
C GLY A 478 -34.59 1.96 17.99
N THR A 479 -35.35 2.72 18.77
CA THR A 479 -36.02 3.94 18.37
C THR A 479 -35.74 4.99 19.43
N PRO A 480 -35.87 6.28 19.11
CA PRO A 480 -35.52 7.32 20.10
C PRO A 480 -36.27 7.18 21.42
N SER A 481 -37.54 6.73 21.41
CA SER A 481 -38.27 6.58 22.66
C SER A 481 -37.56 5.66 23.66
N ASP A 482 -36.73 4.73 23.17
CA ASP A 482 -35.99 3.88 24.09
C ASP A 482 -35.16 4.71 25.07
N LEU A 483 -34.71 5.89 24.65
CA LEU A 483 -33.80 6.68 25.45
C LEU A 483 -34.46 7.20 26.72
N GLY A 484 -35.58 7.93 26.58
CA GLY A 484 -36.26 8.48 27.74
C GLY A 484 -36.69 7.42 28.72
N LYS A 485 -37.19 6.28 28.23
CA LYS A 485 -37.50 5.19 29.15
C LYS A 485 -36.25 4.76 29.92
N TRP A 486 -35.15 4.50 29.19
CA TRP A 486 -33.94 4.04 29.88
C TRP A 486 -33.49 5.04 30.95
N LEU A 487 -33.42 6.32 30.58
CA LEU A 487 -32.98 7.33 31.52
C LEU A 487 -33.95 7.45 32.70
N ASP A 488 -35.25 7.49 32.42
CA ASP A 488 -36.24 7.50 33.49
C ASP A 488 -36.01 6.34 34.45
N ASP A 489 -35.91 5.11 33.91
CA ASP A 489 -35.73 3.95 34.79
C ASP A 489 -34.48 4.09 35.64
N THR A 490 -33.37 4.47 35.02
CA THR A 490 -32.12 4.57 35.76
C THR A 490 -32.21 5.62 36.86
N HIS A 491 -32.74 6.79 36.51
CA HIS A 491 -32.91 7.85 37.49
C HIS A 491 -33.77 7.39 38.67
N LYS A 492 -34.72 6.49 38.41
CA LYS A 492 -35.56 5.96 39.48
C LYS A 492 -34.80 4.97 40.37
N LYS A 493 -34.03 4.07 39.77
CA LYS A 493 -33.40 3.00 40.55
C LYS A 493 -32.20 3.50 41.37
N TYR A 494 -31.56 4.58 40.92
CA TYR A 494 -30.43 5.18 41.64
C TYR A 494 -30.69 6.67 41.80
N PRO A 495 -31.65 7.06 42.67
CA PRO A 495 -32.09 8.45 42.72
C PRO A 495 -30.98 9.46 43.02
N GLU A 496 -29.80 8.99 43.44
CA GLU A 496 -28.75 9.89 43.84
C GLU A 496 -27.71 10.10 42.76
N LEU A 497 -27.83 9.39 41.65
CA LEU A 497 -26.91 9.61 40.55
C LEU A 497 -27.22 10.95 39.88
N ARG A 498 -26.16 11.63 39.46
CA ARG A 498 -26.24 12.83 38.63
C ARG A 498 -26.04 12.35 37.20
N ILE A 499 -27.14 12.24 36.43
CA ILE A 499 -27.15 11.60 35.12
C ILE A 499 -27.10 12.65 34.01
N ALA A 500 -26.31 12.35 32.97
CA ALA A 500 -26.22 13.18 31.79
C ALA A 500 -26.04 12.27 30.59
N VAL A 501 -26.18 12.83 29.41
CA VAL A 501 -25.97 12.05 28.20
C VAL A 501 -24.62 12.47 27.67
N SER A 502 -23.62 11.58 27.82
CA SER A 502 -22.27 11.84 27.34
C SER A 502 -22.23 11.99 25.83
N GLU A 503 -23.05 11.22 25.12
CA GLU A 503 -23.03 11.12 23.67
C GLU A 503 -24.40 10.68 23.19
N TYR A 504 -24.89 11.34 22.13
CA TYR A 504 -26.03 10.87 21.34
C TYR A 504 -25.94 11.49 19.94
N GLY A 505 -26.18 10.70 18.90
CA GLY A 505 -26.01 11.23 17.55
C GLY A 505 -26.30 10.21 16.47
N ALA A 506 -26.15 10.66 15.21
CA ALA A 506 -26.55 9.85 14.06
C ALA A 506 -25.76 10.26 12.82
N GLY A 507 -25.41 9.26 12.01
CA GLY A 507 -24.64 9.53 10.82
C GLY A 507 -25.44 10.20 9.73
N ALA A 508 -24.74 10.98 8.90
CA ALA A 508 -25.37 11.76 7.85
C ALA A 508 -24.32 12.23 6.87
N SER A 509 -24.49 11.85 5.60
CA SER A 509 -23.76 12.42 4.47
C SER A 509 -24.63 13.47 3.83
N ILE A 510 -24.04 14.64 3.56
CA ILE A 510 -24.76 15.70 2.88
C ILE A 510 -25.05 15.37 1.41
N TYR A 511 -24.47 14.29 0.87
CA TYR A 511 -24.77 13.79 -0.47
C TYR A 511 -25.62 12.54 -0.45
N HIS A 512 -26.23 12.18 0.68
CA HIS A 512 -27.17 11.06 0.69
C HIS A 512 -28.58 11.59 0.95
N GLN A 513 -29.43 11.61 -0.09
CA GLN A 513 -30.80 12.13 0.02
C GLN A 513 -31.86 11.15 -0.48
N GLN A 514 -33.05 11.21 0.11
CA GLN A 514 -34.20 10.39 -0.29
C GLN A 514 -35.47 10.96 0.32
N ASP A 515 -36.61 10.60 -0.29
CA ASP A 515 -37.88 11.24 0.01
C ASP A 515 -38.37 10.89 1.41
N SER A 516 -38.23 9.63 1.81
CA SER A 516 -38.92 9.07 2.96
C SER A 516 -37.95 8.82 4.12
N LEU A 517 -38.47 8.92 5.34
CA LEU A 517 -37.69 8.58 6.52
C LEU A 517 -37.68 7.06 6.68
N LYS A 518 -36.51 6.45 6.47
CA LYS A 518 -36.38 5.03 6.77
C LYS A 518 -34.98 4.83 7.32
N LYS A 519 -34.91 4.11 8.44
CA LYS A 519 -33.66 3.94 9.19
C LYS A 519 -32.57 3.25 8.39
N PRO A 520 -31.52 3.97 8.02
CA PRO A 520 -30.41 3.34 7.32
C PRO A 520 -29.69 2.30 8.18
N GLU A 521 -28.97 1.43 7.50
CA GLU A 521 -28.07 0.55 8.24
C GLU A 521 -26.87 1.36 8.73
N PRO A 522 -26.58 1.39 10.04
CA PRO A 522 -25.45 2.22 10.50
C PRO A 522 -24.12 1.86 9.87
N ALA A 523 -23.83 0.58 9.62
CA ALA A 523 -22.51 0.18 9.12
C ALA A 523 -22.37 0.26 7.60
N GLY A 524 -23.34 0.83 6.88
CA GLY A 524 -23.32 0.79 5.44
C GLY A 524 -22.92 2.10 4.77
N TRP A 525 -22.89 2.06 3.44
CA TRP A 525 -22.53 3.19 2.60
C TRP A 525 -23.72 4.08 2.25
N TRP A 526 -24.65 4.32 3.18
CA TRP A 526 -25.81 5.16 2.88
C TRP A 526 -26.30 5.74 4.20
N HIS A 527 -25.94 7.00 4.49
CA HIS A 527 -26.47 7.74 5.64
C HIS A 527 -27.26 8.95 5.15
N PRO A 528 -28.53 8.75 4.82
CA PRO A 528 -29.30 9.88 4.27
C PRO A 528 -29.49 10.96 5.32
N GLU A 529 -29.31 12.21 4.90
CA GLU A 529 -29.31 13.34 5.82
C GLU A 529 -30.63 13.46 6.59
N ASN A 530 -31.76 13.17 5.95
CA ASN A 530 -33.01 13.36 6.67
C ASN A 530 -33.10 12.49 7.94
N TRP A 531 -32.39 11.38 8.03
CA TRP A 531 -32.53 10.59 9.24
C TRP A 531 -31.75 11.22 10.39
N GLN A 532 -30.63 11.88 10.09
CA GLN A 532 -29.94 12.58 11.17
C GLN A 532 -30.83 13.67 11.72
N THR A 533 -31.52 14.38 10.83
CA THR A 533 -32.42 15.43 11.25
C THR A 533 -33.48 14.86 12.19
N TYR A 534 -34.23 13.86 11.70
CA TYR A 534 -35.23 13.18 12.51
C TYR A 534 -34.66 12.75 13.84
N TYR A 535 -33.46 12.16 13.82
CA TYR A 535 -32.90 11.61 15.06
C TYR A 535 -32.72 12.68 16.12
N HIS A 536 -32.16 13.83 15.73
CA HIS A 536 -31.90 14.88 16.70
C HIS A 536 -33.16 15.59 17.13
N ALA A 537 -34.12 15.73 16.22
CA ALA A 537 -35.41 16.28 16.61
C ALA A 537 -35.98 15.49 17.78
N GLU A 538 -36.24 14.20 17.56
CA GLU A 538 -36.85 13.38 18.62
C GLU A 538 -35.97 13.30 19.87
N ASN A 539 -34.65 13.21 19.68
CA ASN A 539 -33.78 13.04 20.84
C ASN A 539 -33.71 14.30 21.70
N TRP A 540 -33.58 15.47 21.06
CA TRP A 540 -33.64 16.71 21.83
C TRP A 540 -34.98 16.86 22.56
N LYS A 541 -36.10 16.47 21.92
CA LYS A 541 -37.36 16.40 22.65
C LYS A 541 -37.25 15.53 23.91
N THR A 542 -36.63 14.36 23.79
CA THR A 542 -36.49 13.46 24.92
C THR A 542 -35.65 14.08 26.04
N ILE A 543 -34.55 14.74 25.68
CA ILE A 543 -33.68 15.36 26.66
C ILE A 543 -34.34 16.57 27.32
N ALA A 544 -35.09 17.36 26.54
CA ALA A 544 -35.62 18.64 27.01
C ALA A 544 -36.77 18.47 27.99
N SER A 545 -37.37 17.29 28.03
CA SER A 545 -38.43 16.94 28.97
C SER A 545 -37.91 16.41 30.30
N ARG A 546 -36.59 16.31 30.47
CA ARG A 546 -36.02 15.66 31.64
C ARG A 546 -35.03 16.60 32.32
N PRO A 547 -35.51 17.41 33.28
CA PRO A 547 -34.60 18.31 34.02
C PRO A 547 -33.58 17.61 34.88
N TYR A 548 -33.79 16.35 35.24
CA TYR A 548 -32.81 15.69 36.10
C TYR A 548 -31.49 15.42 35.39
N LEU A 549 -31.44 15.59 34.06
CA LEU A 549 -30.20 15.41 33.32
C LEU A 549 -29.40 16.69 33.44
N TRP A 550 -28.18 16.60 33.99
CA TRP A 550 -27.39 17.81 34.16
C TRP A 550 -26.74 18.29 32.86
N GLY A 551 -26.78 17.50 31.79
CA GLY A 551 -26.39 18.00 30.48
C GLY A 551 -26.55 16.91 29.44
N SER A 552 -26.57 17.33 28.17
CA SER A 552 -26.51 16.39 27.05
C SER A 552 -25.42 16.83 26.09
N PHE A 553 -24.74 15.86 25.47
CA PHE A 553 -23.62 16.18 24.58
C PHE A 553 -23.77 15.46 23.25
N VAL A 554 -23.99 16.22 22.17
CA VAL A 554 -24.15 15.65 20.84
C VAL A 554 -22.84 15.06 20.35
N TRP A 555 -22.87 13.80 19.97
CA TRP A 555 -21.82 13.22 19.14
C TRP A 555 -22.28 13.37 17.69
N ASN A 556 -21.61 14.26 16.91
CA ASN A 556 -20.50 15.15 17.33
C ASN A 556 -20.77 16.55 16.73
N MET A 557 -20.00 17.58 17.09
CA MET A 557 -20.18 18.88 16.42
C MET A 557 -19.69 18.81 14.99
N PHE A 558 -18.58 18.10 14.75
CA PHE A 558 -17.98 17.99 13.43
C PHE A 558 -17.75 16.53 13.09
N ASP A 559 -17.90 16.21 11.79
CA ASP A 559 -17.32 14.96 11.31
C ASP A 559 -15.85 14.95 11.65
N PHE A 560 -15.33 13.77 11.96
CA PHE A 560 -13.95 13.66 12.42
C PHE A 560 -13.33 12.38 11.86
N GLY A 561 -12.00 12.40 11.75
CA GLY A 561 -11.28 11.28 11.17
C GLY A 561 -11.30 10.05 12.06
N ALA A 562 -11.73 8.92 11.49
CA ALA A 562 -11.57 7.61 12.11
C ALA A 562 -11.25 6.61 11.00
N ALA A 563 -9.95 6.30 10.83
CA ALA A 563 -9.46 5.67 9.60
C ALA A 563 -10.06 4.31 9.35
N HIS A 564 -10.54 3.63 10.40
CA HIS A 564 -11.13 2.31 10.28
C HIS A 564 -12.62 2.30 9.91
N ARG A 565 -13.31 3.45 9.91
CA ARG A 565 -14.70 3.46 9.49
C ARG A 565 -14.84 3.16 7.99
N THR A 566 -15.91 2.45 7.62
CA THR A 566 -16.22 2.08 6.24
C THR A 566 -17.72 2.29 6.01
N GLU A 567 -18.16 3.55 6.02
CA GLU A 567 -19.59 3.82 6.02
C GLU A 567 -19.82 5.25 5.56
N GLY A 568 -21.08 5.55 5.26
CA GLY A 568 -21.40 6.88 4.74
C GLY A 568 -20.92 7.04 3.31
N ASP A 569 -20.48 8.25 2.99
CA ASP A 569 -20.12 8.59 1.63
C ASP A 569 -18.63 8.41 1.33
N ARG A 570 -17.83 8.03 2.33
CA ARG A 570 -16.43 7.68 2.09
C ARG A 570 -15.88 6.97 3.31
N PRO A 571 -14.83 6.14 3.15
CA PRO A 571 -14.28 5.42 4.32
C PRO A 571 -13.49 6.39 5.20
N GLY A 572 -13.18 5.96 6.41
CA GLY A 572 -12.29 6.74 7.24
C GLY A 572 -12.90 7.91 7.97
N ILE A 573 -14.23 8.02 7.99
CA ILE A 573 -14.89 9.19 8.57
C ILE A 573 -16.02 8.72 9.49
N ASN A 574 -16.05 9.27 10.71
CA ASN A 574 -17.24 9.22 11.55
C ASN A 574 -18.11 10.43 11.15
N ASP A 575 -19.25 10.17 10.54
CA ASP A 575 -20.02 11.25 9.91
C ASP A 575 -21.20 11.72 10.75
N LYS A 576 -21.10 11.60 12.09
CA LYS A 576 -22.17 12.06 12.97
C LYS A 576 -22.03 13.50 13.35
N GLY A 577 -21.20 14.25 12.63
CA GLY A 577 -21.05 15.66 12.90
C GLY A 577 -22.28 16.45 12.47
N LEU A 578 -22.50 17.57 13.13
CA LEU A 578 -23.52 18.52 12.70
C LEU A 578 -23.03 19.42 11.59
N VAL A 579 -21.71 19.50 11.43
CA VAL A 579 -21.02 20.25 10.39
C VAL A 579 -20.01 19.31 9.73
N THR A 580 -19.68 19.57 8.47
CA THR A 580 -18.80 18.65 7.75
C THR A 580 -17.36 18.80 8.22
N PHE A 581 -16.57 17.76 7.92
CA PHE A 581 -15.18 17.63 8.35
C PHE A 581 -14.31 18.82 7.94
N ASP A 582 -14.69 19.55 6.89
CA ASP A 582 -13.94 20.72 6.48
C ASP A 582 -14.50 22.02 7.04
N ARG A 583 -15.56 21.93 7.87
CA ARG A 583 -16.17 23.06 8.54
C ARG A 583 -16.89 24.00 7.55
N LYS A 584 -17.12 23.51 6.34
CA LYS A 584 -17.76 24.24 5.27
C LYS A 584 -19.28 24.18 5.30
N VAL A 585 -19.88 23.03 5.64
CA VAL A 585 -21.30 22.80 5.39
C VAL A 585 -21.99 22.41 6.68
N ARG A 586 -22.92 23.24 7.11
CA ARG A 586 -23.78 22.94 8.24
C ARG A 586 -24.90 22.01 7.78
N LYS A 587 -24.99 20.82 8.36
CA LYS A 587 -26.09 19.95 8.01
C LYS A 587 -27.41 20.51 8.58
N ASP A 588 -28.53 19.93 8.14
CA ASP A 588 -29.84 20.45 8.57
C ASP A 588 -29.93 20.51 10.08
N ALA A 589 -29.48 19.44 10.75
CA ALA A 589 -29.62 19.32 12.19
C ALA A 589 -28.95 20.46 12.94
N PHE A 590 -27.87 20.99 12.39
CA PHE A 590 -27.25 22.18 12.99
C PHE A 590 -28.27 23.31 13.13
N TYR A 591 -29.06 23.55 12.10
CA TYR A 591 -30.03 24.63 12.13
C TYR A 591 -31.21 24.31 13.02
N PHE A 592 -31.48 23.03 13.23
CA PHE A 592 -32.47 22.66 14.23
C PHE A 592 -31.98 23.09 15.61
N TYR A 593 -30.73 22.76 15.95
CA TYR A 593 -30.19 23.19 17.23
C TYR A 593 -30.04 24.71 17.27
N LYS A 594 -29.75 25.34 16.13
CA LYS A 594 -29.62 26.81 16.16
C LYS A 594 -30.98 27.47 16.40
N ALA A 595 -32.05 26.92 15.82
CA ALA A 595 -33.38 27.45 16.09
C ALA A 595 -33.70 27.35 17.57
N ASN A 596 -33.36 26.21 18.20
CA ASN A 596 -33.75 26.01 19.57
C ASN A 596 -32.87 26.79 20.54
N TRP A 597 -31.54 26.80 20.32
CA TRP A 597 -30.58 27.23 21.34
C TRP A 597 -30.15 28.68 21.22
N ASN A 598 -30.22 29.26 20.04
CA ASN A 598 -29.73 30.60 19.78
C ASN A 598 -30.99 31.45 19.55
N LYS A 599 -31.49 32.06 20.61
CA LYS A 599 -32.66 32.93 20.55
C LYS A 599 -32.31 34.38 20.22
N GLU A 600 -31.06 34.65 19.82
CA GLU A 600 -30.58 36.00 19.54
C GLU A 600 -30.50 36.30 18.04
N GLU A 601 -29.93 35.41 17.31
CA GLU A 601 -29.90 35.62 15.86
C GLU A 601 -31.17 35.06 15.24
N PRO A 602 -31.86 35.82 14.37
CA PRO A 602 -33.01 35.26 13.64
C PRO A 602 -32.62 34.06 12.78
N VAL A 603 -33.46 33.03 12.82
CA VAL A 603 -33.25 31.77 12.10
C VAL A 603 -34.56 31.40 11.39
N LEU A 604 -34.46 31.13 10.09
CA LEU A 604 -35.57 30.57 9.31
C LEU A 604 -34.96 29.72 8.20
N TYR A 605 -35.05 28.40 8.34
CA TYR A 605 -34.24 27.48 7.55
C TYR A 605 -35.05 26.27 7.11
N LEU A 606 -35.26 26.14 5.81
CA LEU A 606 -35.86 24.94 5.28
C LEU A 606 -34.91 23.76 5.40
N ALA A 607 -35.45 22.62 5.80
CA ALA A 607 -34.75 21.35 5.76
C ALA A 607 -34.84 20.71 4.37
N GLY A 608 -33.90 19.79 4.11
CA GLY A 608 -33.90 19.05 2.87
C GLY A 608 -33.57 19.83 1.60
N ARG A 609 -32.83 20.94 1.71
CA ARG A 609 -32.49 21.69 0.51
C ARG A 609 -31.59 20.89 -0.40
N ARG A 610 -30.83 19.95 0.15
CA ARG A 610 -29.93 19.15 -0.64
C ARG A 610 -30.59 17.92 -1.25
N HIS A 611 -31.86 17.68 -0.95
CA HIS A 611 -32.66 16.68 -1.68
C HIS A 611 -33.23 17.36 -2.91
N THR A 612 -32.50 17.31 -4.00
CA THR A 612 -32.86 18.15 -5.12
C THR A 612 -33.50 17.40 -6.26
N VAL A 613 -33.55 16.07 -6.19
CA VAL A 613 -34.23 15.24 -7.18
C VAL A 613 -35.14 14.28 -6.43
N ARG A 614 -36.44 14.52 -6.53
CA ARG A 614 -37.42 13.80 -5.75
C ARG A 614 -38.26 12.94 -6.68
N ARG A 615 -38.81 11.85 -6.11
CA ARG A 615 -39.62 10.89 -6.82
C ARG A 615 -41.11 10.97 -6.50
N GLN A 616 -41.48 11.61 -5.40
CA GLN A 616 -42.86 11.86 -5.01
C GLN A 616 -43.30 13.22 -5.50
N ARG A 617 -44.61 13.38 -5.70
CA ARG A 617 -45.18 14.69 -5.91
C ARG A 617 -45.66 15.33 -4.62
N MET A 618 -46.11 14.53 -3.67
CA MET A 618 -46.60 15.08 -2.42
C MET A 618 -45.56 14.81 -1.33
N GLN A 619 -45.20 15.85 -0.58
CA GLN A 619 -44.09 15.82 0.37
C GLN A 619 -44.55 16.36 1.73
N THR A 620 -43.75 16.11 2.76
CA THR A 620 -43.84 16.84 4.01
C THR A 620 -42.69 17.84 4.01
N ILE A 621 -43.00 19.13 4.15
CA ILE A 621 -41.97 20.16 4.19
C ILE A 621 -41.73 20.58 5.64
N VAL A 622 -40.49 20.89 5.98
CA VAL A 622 -40.09 21.14 7.35
C VAL A 622 -39.13 22.32 7.35
N ALA A 623 -39.30 23.23 8.30
CA ALA A 623 -38.36 24.29 8.51
C ALA A 623 -38.08 24.42 10.01
N PHE A 624 -37.07 25.21 10.33
CA PHE A 624 -36.71 25.47 11.71
C PHE A 624 -36.68 26.98 11.86
N THR A 625 -37.23 27.47 12.97
CA THR A 625 -37.23 28.91 13.22
C THR A 625 -37.31 29.20 14.71
N ASN A 626 -36.80 30.37 15.08
CA ASN A 626 -37.09 31.01 16.35
C ASN A 626 -38.00 32.22 16.18
N GLN A 627 -38.66 32.36 15.02
CA GLN A 627 -39.68 33.38 14.83
C GLN A 627 -41.04 32.85 15.24
N PRO A 628 -41.98 33.72 15.60
CA PRO A 628 -43.30 33.24 16.02
C PRO A 628 -44.09 32.60 14.90
N GLU A 629 -43.86 32.98 13.66
CA GLU A 629 -44.75 32.55 12.59
C GLU A 629 -44.02 32.55 11.26
N ALA A 630 -44.27 31.53 10.44
CA ALA A 630 -43.78 31.53 9.07
C ALA A 630 -44.87 30.99 8.15
N GLU A 631 -44.78 31.35 6.88
CA GLU A 631 -45.72 30.90 5.86
C GLU A 631 -44.98 30.27 4.69
N LEU A 632 -45.45 29.10 4.26
CA LEU A 632 -44.81 28.37 3.17
C LEU A 632 -45.41 28.74 1.81
N PHE A 633 -44.54 28.82 0.80
CA PHE A 633 -44.91 29.09 -0.59
C PHE A 633 -44.26 28.06 -1.51
N VAL A 634 -45.08 27.43 -2.35
CA VAL A 634 -44.66 26.38 -3.27
C VAL A 634 -45.08 26.80 -4.68
N ASN A 635 -44.11 27.18 -5.50
CA ASN A 635 -44.36 27.78 -6.82
C ASN A 635 -45.25 29.01 -6.68
N GLY A 636 -44.95 29.83 -5.66
CA GLY A 636 -45.71 31.01 -5.34
C GLY A 636 -47.03 30.75 -4.67
N ARG A 637 -47.47 29.50 -4.57
CA ARG A 637 -48.78 29.18 -4.03
C ARG A 637 -48.68 28.93 -2.54
N SER A 638 -49.39 29.75 -1.76
CA SER A 638 -49.29 29.67 -0.31
C SER A 638 -49.88 28.39 0.22
N TYR A 639 -49.25 27.87 1.28
CA TYR A 639 -49.73 26.68 1.98
C TYR A 639 -50.07 27.00 3.42
N GLY A 640 -50.10 28.27 3.78
CA GLY A 640 -50.58 28.68 5.07
C GLY A 640 -49.46 29.12 6.00
N LYS A 641 -49.84 29.95 6.95
CA LYS A 641 -48.98 30.28 8.05
C LYS A 641 -49.02 29.15 9.07
N ALA A 642 -47.94 29.05 9.84
CA ALA A 642 -47.84 28.03 10.87
C ALA A 642 -46.89 28.54 11.92
N ASN A 643 -47.05 28.02 13.11
CA ASN A 643 -46.13 28.36 14.18
C ASN A 643 -45.27 27.15 14.51
N PRO A 644 -44.00 27.38 14.85
CA PRO A 644 -43.17 26.26 15.31
C PRO A 644 -43.79 25.59 16.52
N ASP A 645 -43.45 24.32 16.71
CA ASP A 645 -43.90 23.61 17.89
C ASP A 645 -42.97 24.01 19.04
N GLU A 646 -42.99 23.25 20.13
CA GLU A 646 -42.15 23.57 21.29
C GLU A 646 -40.65 23.56 20.95
N TYR A 647 -40.25 22.78 19.95
CA TYR A 647 -38.86 22.57 19.59
C TYR A 647 -38.51 23.15 18.20
N ALA A 648 -39.16 24.26 17.87
CA ALA A 648 -38.81 25.15 16.76
C ALA A 648 -39.12 24.56 15.38
N VAL A 649 -40.00 23.57 15.29
CA VAL A 649 -40.23 22.83 14.05
C VAL A 649 -41.51 23.32 13.38
N LEU A 650 -41.37 23.73 12.12
CA LEU A 650 -42.49 24.06 11.26
C LEU A 650 -42.72 22.91 10.31
N LYS A 651 -43.98 22.53 10.11
CA LYS A 651 -44.27 21.34 9.34
C LYS A 651 -45.58 21.53 8.59
N TRP A 652 -45.54 21.22 7.30
CA TRP A 652 -46.68 21.20 6.42
C TRP A 652 -46.72 19.82 5.79
N GLN A 653 -47.71 19.03 6.12
CA GLN A 653 -47.89 17.75 5.46
C GLN A 653 -48.60 17.95 4.11
N ASN A 654 -48.60 16.89 3.29
CA ASN A 654 -49.40 16.82 2.05
C ASN A 654 -49.24 18.09 1.18
N VAL A 655 -47.99 18.41 0.86
CA VAL A 655 -47.67 19.53 -0.01
C VAL A 655 -47.48 18.95 -1.41
N THR A 656 -48.38 19.28 -2.32
CA THR A 656 -48.28 18.74 -3.69
C THR A 656 -47.29 19.57 -4.50
N LEU A 657 -46.20 18.95 -4.92
CA LEU A 657 -45.27 19.53 -5.88
C LEU A 657 -45.80 19.23 -7.29
N GLN A 658 -45.18 19.83 -8.31
CA GLN A 658 -45.50 19.54 -9.71
C GLN A 658 -44.31 18.89 -10.40
N GLU A 659 -44.61 18.04 -11.40
CA GLU A 659 -43.56 17.38 -12.18
C GLU A 659 -42.52 18.41 -12.64
N GLY A 660 -41.26 17.98 -12.67
CA GLY A 660 -40.21 18.89 -13.06
C GLY A 660 -39.86 19.88 -11.98
N GLU A 661 -39.57 21.12 -12.38
CA GLU A 661 -38.98 22.09 -11.46
C GLU A 661 -39.99 22.63 -10.43
N ASN A 662 -39.49 22.85 -9.20
CA ASN A 662 -40.27 23.49 -8.17
C ASN A 662 -39.41 24.50 -7.43
N GLU A 663 -40.05 25.52 -6.87
CA GLU A 663 -39.39 26.43 -5.96
C GLU A 663 -40.17 26.47 -4.66
N ILE A 664 -39.44 26.34 -3.56
CA ILE A 664 -40.03 26.22 -2.23
C ILE A 664 -39.44 27.32 -1.36
N GLN A 665 -40.30 28.23 -0.89
CA GLN A 665 -39.85 29.39 -0.14
C GLN A 665 -40.64 29.50 1.16
N VAL A 666 -39.95 29.83 2.25
CA VAL A 666 -40.61 30.07 3.53
C VAL A 666 -40.29 31.50 3.99
N VAL A 667 -41.32 32.19 4.48
CA VAL A 667 -41.24 33.62 4.78
C VAL A 667 -41.86 33.90 6.15
N SER A 668 -41.29 34.89 6.85
CA SER A 668 -41.70 35.25 8.20
C SER A 668 -41.58 36.74 8.39
N LYS A 669 -42.60 37.38 8.92
CA LYS A 669 -42.53 38.80 9.24
C LYS A 669 -42.78 39.01 10.72
N ASN A 670 -41.98 39.89 11.34
CA ASN A 670 -42.14 40.19 12.76
C ASN A 670 -41.73 41.65 13.01
N LYS A 671 -42.67 42.56 12.77
CA LYS A 671 -42.43 43.99 12.76
C LYS A 671 -41.49 44.30 11.61
N GLU A 672 -40.36 44.96 11.90
CA GLU A 672 -39.42 45.30 10.85
C GLU A 672 -38.68 44.08 10.32
N LEU A 673 -38.65 42.97 11.08
CA LEU A 673 -37.87 41.79 10.69
C LEU A 673 -38.66 40.94 9.70
N THR A 674 -38.25 40.94 8.45
CA THR A 674 -38.79 40.04 7.44
C THR A 674 -37.68 39.08 7.02
N LEU A 675 -37.92 37.78 7.19
CA LEU A 675 -36.95 36.74 6.87
C LEU A 675 -37.42 35.90 5.70
N SER A 676 -36.47 35.26 5.02
CA SER A 676 -36.84 34.42 3.91
C SER A 676 -35.80 33.32 3.73
N ASP A 677 -36.28 32.12 3.39
CA ASP A 677 -35.38 31.07 2.92
C ASP A 677 -36.07 30.33 1.77
N SER A 678 -35.29 29.90 0.78
CA SER A 678 -35.88 29.16 -0.34
C SER A 678 -34.86 28.24 -0.99
N PHE A 679 -35.35 27.16 -1.58
CA PHE A 679 -34.54 26.33 -2.46
C PHE A 679 -35.40 25.81 -3.62
N ARG A 680 -34.72 25.32 -4.65
CA ARG A 680 -35.33 24.72 -5.83
C ARG A 680 -35.09 23.22 -5.81
N CYS A 681 -35.94 22.48 -6.52
CA CYS A 681 -35.83 21.04 -6.67
C CYS A 681 -36.68 20.59 -7.86
N ARG A 682 -36.50 19.33 -8.25
CA ARG A 682 -37.18 18.75 -9.39
C ARG A 682 -37.86 17.44 -8.98
N VAL A 683 -39.03 17.16 -9.54
CA VAL A 683 -39.73 15.91 -9.27
C VAL A 683 -39.75 15.10 -10.55
N GLU A 684 -39.25 13.86 -10.47
CA GLU A 684 -39.24 12.91 -11.57
C GLU A 684 -40.11 11.72 -11.17
N SER A 685 -41.28 11.63 -11.78
CA SER A 685 -42.29 10.59 -11.52
C SER A 685 -43.06 10.92 -10.26
N GLN B 26 -43.74 16.12 -24.29
CA GLN B 26 -44.05 14.87 -23.60
C GLN B 26 -42.82 13.96 -23.40
N ARG B 27 -41.62 14.52 -23.54
CA ARG B 27 -40.41 13.69 -23.46
C ARG B 27 -39.99 13.51 -22.00
N GLN B 28 -39.44 12.34 -21.69
CA GLN B 28 -39.13 11.94 -20.32
C GLN B 28 -37.62 11.77 -20.11
N ASP B 29 -37.13 12.30 -18.99
CA ASP B 29 -35.71 12.27 -18.64
C ASP B 29 -35.56 11.92 -17.16
N ILE B 30 -34.98 10.75 -16.89
CA ILE B 30 -35.01 10.13 -15.56
C ILE B 30 -33.60 9.86 -15.08
N LEU B 31 -33.23 10.48 -13.95
CA LEU B 31 -31.91 10.27 -13.37
C LEU B 31 -31.76 8.86 -12.82
N LEU B 32 -30.61 8.24 -13.13
CA LEU B 32 -30.29 6.87 -12.73
C LEU B 32 -29.13 6.82 -11.75
N ASN B 33 -28.87 7.93 -11.05
CA ASN B 33 -27.72 7.97 -10.15
C ASN B 33 -27.91 7.14 -8.88
N ASP B 34 -29.14 6.80 -8.51
CA ASP B 34 -29.37 6.19 -7.20
C ASP B 34 -28.90 4.73 -7.17
N HIS B 35 -28.25 4.36 -6.06
CA HIS B 35 -27.95 2.98 -5.65
C HIS B 35 -27.55 2.02 -6.79
N TRP B 36 -26.30 2.11 -7.20
CA TRP B 36 -25.67 1.12 -8.08
C TRP B 36 -24.83 0.16 -7.24
N ASN B 37 -24.60 -1.03 -7.74
CA ASN B 37 -23.66 -1.94 -7.12
C ASN B 37 -22.30 -1.87 -7.81
N PHE B 38 -21.23 -1.84 -7.00
CA PHE B 38 -19.90 -1.61 -7.53
C PHE B 38 -18.90 -2.60 -6.96
N ARG B 39 -17.97 -3.04 -7.82
CA ARG B 39 -16.87 -3.91 -7.43
C ARG B 39 -15.73 -3.77 -8.46
N PHE B 40 -14.48 -3.88 -8.01
CA PHE B 40 -13.36 -3.94 -8.95
C PHE B 40 -13.23 -5.35 -9.49
N SER B 41 -12.68 -5.47 -10.71
CA SER B 41 -12.43 -6.81 -11.26
C SER B 41 -11.28 -7.51 -10.55
N HIS B 42 -10.39 -6.79 -9.87
CA HIS B 42 -9.39 -7.50 -9.07
C HIS B 42 -10.00 -8.15 -7.82
N GLN B 43 -11.19 -7.70 -7.40
CA GLN B 43 -11.98 -8.45 -6.41
C GLN B 43 -12.65 -9.58 -7.17
N VAL B 44 -12.12 -10.80 -7.03
CA VAL B 44 -12.59 -11.90 -7.85
C VAL B 44 -13.79 -12.65 -7.28
N GLN B 45 -14.11 -12.45 -5.99
CA GLN B 45 -15.04 -13.29 -5.25
C GLN B 45 -16.48 -12.86 -5.50
N LYS B 46 -17.41 -13.74 -5.10
CA LYS B 46 -18.78 -13.72 -5.59
C LYS B 46 -19.61 -12.57 -5.01
N ASN B 47 -19.39 -12.22 -3.74
CA ASN B 47 -20.27 -11.20 -3.19
C ASN B 47 -19.47 -10.04 -2.64
N THR B 48 -18.64 -9.42 -3.48
CA THR B 48 -17.79 -8.32 -3.07
C THR B 48 -18.35 -6.95 -3.48
N GLU B 49 -19.57 -6.92 -4.03
CA GLU B 49 -20.21 -5.67 -4.44
C GLU B 49 -20.61 -4.79 -3.26
N VAL B 50 -20.35 -3.48 -3.37
CA VAL B 50 -20.83 -2.52 -2.39
C VAL B 50 -21.67 -1.47 -3.11
N ARG B 51 -22.47 -0.75 -2.33
CA ARG B 51 -23.31 0.28 -2.88
C ARG B 51 -22.50 1.53 -3.17
N VAL B 52 -22.78 2.15 -4.31
CA VAL B 52 -22.33 3.50 -4.63
C VAL B 52 -23.54 4.31 -5.10
N ASP B 53 -23.35 5.63 -5.17
CA ASP B 53 -24.34 6.52 -5.74
C ASP B 53 -23.64 7.50 -6.67
N LEU B 54 -24.02 7.50 -7.94
CA LEU B 54 -23.39 8.40 -8.89
C LEU B 54 -23.68 9.84 -8.49
N PRO B 55 -22.80 10.79 -8.84
CA PRO B 55 -21.50 10.62 -9.50
C PRO B 55 -20.47 9.92 -8.60
N HIS B 56 -19.61 9.14 -9.23
CA HIS B 56 -18.72 8.26 -8.49
C HIS B 56 -17.36 8.24 -9.17
N THR B 57 -16.30 8.39 -8.38
CA THR B 57 -15.00 7.88 -8.74
C THR B 57 -14.46 7.03 -7.62
N TRP B 58 -13.63 6.06 -7.99
CA TRP B 58 -12.96 5.21 -7.02
C TRP B 58 -11.57 5.71 -6.71
N ASN B 59 -11.20 6.88 -7.20
CA ASN B 59 -9.89 7.46 -6.92
C ASN B 59 -10.00 8.68 -6.02
N ALA B 60 -11.18 8.92 -5.42
CA ALA B 60 -11.34 9.98 -4.45
C ALA B 60 -10.35 9.89 -3.29
N GLN B 61 -9.99 8.68 -2.85
CA GLN B 61 -9.17 8.57 -1.65
C GLN B 61 -7.70 8.30 -1.98
N ASP B 62 -7.41 7.38 -2.92
CA ASP B 62 -6.02 6.99 -3.12
C ASP B 62 -5.24 8.07 -3.88
N ALA B 63 -5.84 8.64 -4.92
CA ALA B 63 -5.11 9.60 -5.72
C ALA B 63 -4.92 10.90 -4.96
N LEU B 64 -5.95 11.36 -4.27
CA LEU B 64 -5.85 12.64 -3.58
C LEU B 64 -4.96 12.53 -2.34
N SER B 65 -4.72 11.32 -1.83
CA SER B 65 -3.75 11.07 -0.77
C SER B 65 -2.30 11.24 -1.23
N GLY B 66 -2.07 11.48 -2.52
CA GLY B 66 -0.72 11.58 -3.07
C GLY B 66 -0.03 10.25 -3.39
N LYS B 67 -0.79 9.17 -3.62
CA LYS B 67 -0.28 7.90 -4.13
C LYS B 67 -0.13 7.99 -5.64
N PRO B 68 1.10 7.95 -6.18
CA PRO B 68 1.25 8.12 -7.65
C PRO B 68 0.78 6.91 -8.43
N ASP B 69 0.78 5.73 -7.83
CA ASP B 69 0.26 4.52 -8.45
C ASP B 69 -1.14 4.18 -7.97
N TYR B 70 -2.05 5.16 -8.04
CA TYR B 70 -3.44 4.92 -7.65
C TYR B 70 -4.10 3.93 -8.60
N LYS B 71 -5.16 3.29 -8.11
CA LYS B 71 -5.86 2.28 -8.90
C LYS B 71 -6.23 2.77 -10.30
N ARG B 72 -5.53 2.26 -11.32
CA ARG B 72 -5.89 2.46 -12.71
C ARG B 72 -6.18 1.10 -13.34
N GLY B 73 -7.47 0.82 -13.53
CA GLY B 73 -7.95 -0.46 -14.02
C GLY B 73 -9.46 -0.51 -14.10
N ILE B 74 -10.08 -1.70 -14.02
CA ILE B 74 -11.51 -1.86 -14.31
C ILE B 74 -12.34 -1.94 -13.04
N GLY B 75 -13.40 -1.12 -12.96
CA GLY B 75 -14.46 -1.33 -11.99
C GLY B 75 -15.79 -1.53 -12.69
N ASN B 76 -16.75 -2.12 -11.97
CA ASN B 76 -17.99 -2.60 -12.56
C ASN B 76 -19.16 -2.07 -11.76
N TYR B 77 -20.07 -1.41 -12.46
CA TYR B 77 -21.30 -0.87 -11.91
C TYR B 77 -22.47 -1.65 -12.50
N GLU B 78 -23.40 -2.03 -11.63
CA GLU B 78 -24.56 -2.84 -12.02
C GLU B 78 -25.81 -2.21 -11.40
N LYS B 79 -26.78 -1.88 -12.24
CA LYS B 79 -28.01 -1.25 -11.81
C LYS B 79 -29.18 -2.08 -12.28
N LYS B 80 -30.14 -2.28 -11.40
CA LYS B 80 -31.36 -2.97 -11.76
C LYS B 80 -32.43 -1.92 -12.03
N LEU B 81 -33.04 -2.01 -13.22
CA LEU B 81 -34.02 -1.03 -13.68
C LEU B 81 -35.27 -1.76 -14.14
N PHE B 82 -36.41 -1.41 -13.55
CA PHE B 82 -37.68 -1.95 -14.02
C PHE B 82 -38.09 -1.21 -15.28
N ILE B 83 -38.21 -1.95 -16.38
CA ILE B 83 -38.62 -1.37 -17.65
C ILE B 83 -40.14 -1.47 -17.71
N ARG B 84 -40.80 -0.33 -17.60
CA ARG B 84 -42.25 -0.29 -17.52
C ARG B 84 -42.88 -0.91 -18.77
N SER B 85 -43.96 -1.66 -18.56
CA SER B 85 -44.73 -2.20 -19.69
C SER B 85 -45.19 -1.08 -20.62
N GLU B 86 -45.61 0.05 -20.04
CA GLU B 86 -46.07 1.24 -20.75
C GLU B 86 -44.99 1.93 -21.55
N TRP B 87 -43.75 1.43 -21.54
CA TRP B 87 -42.69 2.06 -22.32
C TRP B 87 -42.47 1.39 -23.67
N GLN B 88 -42.98 0.17 -23.85
CA GLN B 88 -42.98 -0.46 -25.16
C GLN B 88 -43.80 0.40 -26.11
N GLY B 89 -43.34 0.52 -27.35
CA GLY B 89 -43.86 1.54 -28.25
C GLY B 89 -43.21 2.90 -28.12
N LYS B 90 -42.41 3.13 -27.10
CA LYS B 90 -41.55 4.30 -27.01
C LYS B 90 -40.11 3.86 -27.23
N ARG B 91 -39.21 4.85 -27.37
CA ARG B 91 -37.78 4.59 -27.50
C ARG B 91 -37.07 5.00 -26.22
N LEU B 92 -36.01 4.25 -25.87
CA LEU B 92 -35.34 4.34 -24.57
C LEU B 92 -33.84 4.51 -24.77
N PHE B 93 -33.27 5.56 -24.20
CA PHE B 93 -31.84 5.82 -24.33
C PHE B 93 -31.19 5.91 -22.95
N LEU B 94 -29.97 5.37 -22.84
CA LEU B 94 -29.11 5.64 -21.69
C LEU B 94 -28.04 6.62 -22.13
N ARG B 95 -28.02 7.80 -21.52
CA ARG B 95 -27.02 8.82 -21.84
C ARG B 95 -26.06 8.99 -20.66
N PHE B 96 -24.77 8.75 -20.89
CA PHE B 96 -23.74 8.99 -19.88
C PHE B 96 -23.03 10.30 -20.17
N GLU B 97 -23.06 11.25 -19.21
CA GLU B 97 -22.40 12.52 -19.47
C GLU B 97 -20.88 12.45 -19.33
N GLY B 98 -20.33 11.37 -18.78
CA GLY B 98 -18.90 11.28 -18.57
C GLY B 98 -18.48 10.07 -17.76
N VAL B 99 -17.74 9.16 -18.39
CA VAL B 99 -17.22 7.96 -17.75
C VAL B 99 -15.73 7.84 -18.11
N ASN B 100 -14.86 7.85 -17.10
CA ASN B 100 -13.43 7.87 -17.32
C ASN B 100 -12.88 6.47 -17.03
N SER B 101 -12.23 5.82 -18.02
CA SER B 101 -11.84 6.34 -19.34
C SER B 101 -12.55 5.67 -20.54
N VAL B 102 -12.68 4.34 -20.44
CA VAL B 102 -13.21 3.50 -21.49
C VAL B 102 -14.34 2.66 -20.89
N ALA B 103 -15.54 2.77 -21.45
CA ALA B 103 -16.72 2.11 -20.90
C ALA B 103 -17.19 0.98 -21.79
N ASP B 104 -17.75 -0.06 -21.17
CA ASP B 104 -18.41 -1.13 -21.92
C ASP B 104 -19.78 -1.34 -21.28
N VAL B 105 -20.87 -1.01 -22.03
CA VAL B 105 -22.22 -1.10 -21.46
C VAL B 105 -22.84 -2.43 -21.84
N PHE B 106 -23.57 -3.01 -20.88
CA PHE B 106 -24.23 -4.29 -21.03
C PHE B 106 -25.66 -4.15 -20.55
N ILE B 107 -26.58 -4.78 -21.27
CA ILE B 107 -27.96 -4.92 -20.85
C ILE B 107 -28.21 -6.41 -20.71
N ASN B 108 -28.76 -6.80 -19.56
CA ASN B 108 -29.02 -8.20 -19.26
C ASN B 108 -27.81 -9.08 -19.59
N ASN B 109 -26.62 -8.52 -19.34
CA ASN B 109 -25.31 -9.15 -19.47
C ASN B 109 -24.91 -9.46 -20.90
N LEU B 110 -25.60 -8.87 -21.86
CA LEU B 110 -25.20 -8.91 -23.26
C LEU B 110 -24.58 -7.56 -23.61
N HIS B 111 -23.49 -7.60 -24.38
CA HIS B 111 -22.74 -6.39 -24.71
C HIS B 111 -23.49 -5.57 -25.76
N ILE B 112 -23.57 -4.26 -25.52
CA ILE B 112 -24.31 -3.36 -26.39
C ILE B 112 -23.45 -2.20 -26.90
N GLY B 113 -22.22 -2.04 -26.42
CA GLY B 113 -21.36 -1.04 -27.01
C GLY B 113 -20.24 -0.62 -26.09
N GLU B 114 -19.27 0.08 -26.69
CA GLU B 114 -18.07 0.57 -26.01
C GLU B 114 -17.86 2.04 -26.31
N HIS B 115 -17.38 2.79 -25.34
CA HIS B 115 -16.96 4.17 -25.56
C HIS B 115 -15.53 4.33 -25.09
N ARG B 116 -14.69 4.90 -25.93
CA ARG B 116 -13.32 5.21 -25.56
C ARG B 116 -13.20 6.72 -25.46
N GLY B 117 -13.00 7.22 -24.23
CA GLY B 117 -12.86 8.63 -23.96
C GLY B 117 -13.48 8.99 -22.63
N GLY B 118 -12.77 9.69 -21.77
CA GLY B 118 -13.31 9.89 -20.44
C GLY B 118 -14.09 11.15 -20.20
N TYR B 119 -14.21 12.04 -21.19
CA TYR B 119 -14.69 13.40 -20.95
C TYR B 119 -15.84 13.85 -21.86
N GLY B 120 -16.26 13.04 -22.82
CA GLY B 120 -17.39 13.37 -23.67
C GLY B 120 -18.58 12.50 -23.31
N ALA B 121 -19.76 13.08 -23.35
CA ALA B 121 -20.97 12.27 -23.24
C ALA B 121 -21.01 11.19 -24.34
N PHE B 122 -21.79 10.15 -24.08
CA PHE B 122 -22.08 9.16 -25.09
C PHE B 122 -23.42 8.53 -24.73
N ILE B 123 -24.06 7.95 -25.75
CA ILE B 123 -25.40 7.43 -25.61
C ILE B 123 -25.55 6.11 -26.35
N PHE B 124 -26.43 5.25 -25.82
CA PHE B 124 -26.81 3.98 -26.43
C PHE B 124 -28.31 3.81 -26.30
N GLU B 125 -28.96 3.56 -27.44
CA GLU B 125 -30.36 3.19 -27.45
C GLU B 125 -30.53 1.77 -26.95
N ILE B 126 -31.49 1.57 -26.04
CA ILE B 126 -31.72 0.22 -25.54
C ILE B 126 -33.14 -0.27 -25.84
N THR B 127 -33.89 0.48 -26.66
CA THR B 127 -35.25 0.18 -27.07
C THR B 127 -35.48 -1.29 -27.38
N GLY B 128 -34.56 -1.89 -28.13
CA GLY B 128 -34.68 -3.28 -28.50
C GLY B 128 -33.85 -4.25 -27.68
N LYS B 129 -33.20 -3.80 -26.61
CA LYS B 129 -32.37 -4.69 -25.81
C LYS B 129 -33.02 -5.13 -24.51
N VAL B 130 -34.16 -4.56 -24.15
CA VAL B 130 -34.74 -4.73 -22.82
C VAL B 130 -35.98 -5.61 -22.90
N GLU B 131 -36.30 -6.26 -21.78
CA GLU B 131 -37.51 -7.07 -21.65
C GLU B 131 -38.55 -6.20 -20.98
N TYR B 132 -39.57 -5.81 -21.72
CA TYR B 132 -40.57 -4.88 -21.20
C TYR B 132 -41.39 -5.51 -20.07
N GLY B 133 -41.78 -4.66 -19.13
CA GLY B 133 -42.60 -5.09 -18.02
C GLY B 133 -41.87 -5.90 -16.97
N LYS B 134 -40.55 -5.91 -17.01
CA LYS B 134 -39.78 -6.76 -16.12
C LYS B 134 -38.55 -5.99 -15.67
N GLU B 135 -37.88 -6.55 -14.67
CA GLU B 135 -36.69 -5.91 -14.15
C GLU B 135 -35.52 -6.23 -15.07
N ASN B 136 -34.76 -5.20 -15.46
CA ASN B 136 -33.64 -5.38 -16.36
C ASN B 136 -32.37 -4.90 -15.65
N SER B 137 -31.22 -5.37 -16.10
CA SER B 137 -29.95 -5.02 -15.47
C SER B 137 -29.00 -4.34 -16.46
N ILE B 138 -28.63 -3.10 -16.13
CA ILE B 138 -27.52 -2.37 -16.75
C ILE B 138 -26.24 -2.72 -16.00
N LEU B 139 -25.21 -3.14 -16.74
CA LEU B 139 -23.87 -3.29 -16.18
C LEU B 139 -22.96 -2.36 -16.95
N VAL B 140 -22.13 -1.60 -16.25
CA VAL B 140 -21.15 -0.74 -16.92
C VAL B 140 -19.78 -1.16 -16.43
N ARG B 141 -18.97 -1.70 -17.33
CA ARG B 141 -17.60 -2.01 -17.01
C ARG B 141 -16.76 -0.82 -17.41
N VAL B 142 -16.07 -0.22 -16.44
CA VAL B 142 -15.31 1.00 -16.66
C VAL B 142 -13.86 0.70 -16.43
N ASN B 143 -13.01 1.26 -17.31
CA ASN B 143 -11.57 1.10 -17.29
C ASN B 143 -10.93 2.47 -17.33
N ASN B 144 -10.10 2.79 -16.35
CA ASN B 144 -9.22 3.95 -16.48
C ASN B 144 -7.76 3.53 -16.47
N GLY B 145 -7.48 2.23 -16.62
CA GLY B 145 -6.11 1.77 -16.79
C GLY B 145 -5.43 2.46 -17.95
N GLU B 146 -4.10 2.53 -17.87
CA GLU B 146 -3.36 3.26 -18.90
C GLU B 146 -3.61 2.66 -20.26
N GLN B 147 -3.67 3.52 -21.27
CA GLN B 147 -3.74 3.12 -22.69
C GLN B 147 -2.80 4.03 -23.47
N LEU B 148 -2.33 3.56 -24.63
CA LEU B 148 -1.54 4.45 -25.46
C LEU B 148 -2.34 5.02 -26.65
N ASP B 149 -3.64 4.73 -26.72
CA ASP B 149 -4.42 5.05 -27.92
C ASP B 149 -5.69 5.84 -27.61
N VAL B 150 -5.85 6.31 -26.38
CA VAL B 150 -6.98 7.11 -25.92
C VAL B 150 -6.40 8.30 -25.19
N MET B 151 -6.35 9.45 -25.87
CA MET B 151 -5.91 10.66 -25.20
C MET B 151 -6.84 10.96 -24.02
N PRO B 152 -6.33 11.52 -22.91
CA PRO B 152 -4.96 12.00 -22.67
C PRO B 152 -4.01 10.94 -22.12
N LEU B 153 -2.81 10.83 -22.70
CA LEU B 153 -1.85 9.80 -22.27
C LEU B 153 -1.03 10.24 -21.07
N VAL B 154 -0.83 11.55 -20.92
CA VAL B 154 -0.03 12.10 -19.82
C VAL B 154 -0.71 13.37 -19.35
N GLY B 155 -0.31 13.84 -18.17
CA GLY B 155 -0.84 15.10 -17.70
C GLY B 155 -0.62 15.40 -16.23
N ASP B 156 -0.40 16.68 -15.92
CA ASP B 156 -0.24 17.12 -14.56
C ASP B 156 -1.59 17.15 -13.83
N PHE B 157 -2.24 15.98 -13.73
CA PHE B 157 -3.55 15.90 -13.09
C PHE B 157 -3.95 14.44 -12.96
N ASN B 158 -5.16 14.22 -12.45
CA ASN B 158 -5.62 12.89 -12.05
C ASN B 158 -6.60 12.30 -13.03
N PHE B 159 -6.41 11.02 -13.33
CA PHE B 159 -7.28 10.30 -14.24
C PHE B 159 -8.27 9.48 -13.44
N TYR B 160 -9.11 10.21 -12.70
CA TYR B 160 -10.07 9.55 -11.80
C TYR B 160 -10.98 8.65 -12.62
N GLY B 161 -10.93 7.35 -12.36
CA GLY B 161 -11.84 6.46 -13.04
C GLY B 161 -13.24 6.49 -12.47
N GLY B 162 -14.22 6.28 -13.35
CA GLY B 162 -15.56 5.92 -12.96
C GLY B 162 -16.63 6.72 -13.68
N ILE B 163 -17.87 6.44 -13.30
CA ILE B 163 -19.00 7.23 -13.77
C ILE B 163 -19.11 8.44 -12.87
N TYR B 164 -18.26 9.43 -13.15
CA TYR B 164 -18.14 10.63 -12.33
C TYR B 164 -19.11 11.75 -12.74
N ARG B 165 -19.98 11.51 -13.74
CA ARG B 165 -21.02 12.44 -14.13
C ARG B 165 -22.33 11.68 -14.23
N ASP B 166 -23.44 12.43 -14.33
CA ASP B 166 -24.78 11.87 -14.29
C ASP B 166 -25.03 10.85 -15.39
N VAL B 167 -26.03 9.99 -15.15
CA VAL B 167 -26.53 9.02 -16.12
C VAL B 167 -28.04 9.19 -16.25
N HIS B 168 -28.53 9.41 -17.47
CA HIS B 168 -29.94 9.66 -17.71
C HIS B 168 -30.55 8.58 -18.58
N LEU B 169 -31.77 8.17 -18.22
CA LEU B 169 -32.62 7.35 -19.08
C LEU B 169 -33.58 8.29 -19.80
N LEU B 170 -33.49 8.33 -21.13
CA LEU B 170 -34.32 9.19 -21.96
C LEU B 170 -35.45 8.36 -22.55
N ILE B 171 -36.66 8.88 -22.52
CA ILE B 171 -37.80 8.17 -23.06
C ILE B 171 -38.50 9.09 -24.04
N THR B 172 -38.56 8.68 -25.30
CA THR B 172 -39.13 9.52 -26.32
C THR B 172 -40.13 8.74 -27.16
N ASP B 173 -40.93 9.51 -27.89
CA ASP B 173 -41.76 8.96 -28.93
C ASP B 173 -40.91 8.19 -29.95
N GLU B 174 -41.54 7.19 -30.59
CA GLU B 174 -40.84 6.41 -31.62
C GLU B 174 -40.31 7.30 -32.71
N VAL B 175 -40.93 8.44 -32.93
CA VAL B 175 -40.43 9.46 -33.85
C VAL B 175 -39.98 10.61 -32.98
N CYS B 176 -38.71 10.98 -33.09
CA CYS B 176 -38.16 11.86 -32.08
C CYS B 176 -37.07 12.71 -32.69
N ILE B 177 -36.70 13.75 -31.95
CA ILE B 177 -35.49 14.54 -32.22
C ILE B 177 -34.29 13.74 -31.70
N SER B 178 -33.52 13.16 -32.62
CA SER B 178 -32.58 12.09 -32.25
C SER B 178 -31.52 12.59 -31.27
N PRO B 179 -31.25 11.84 -30.20
CA PRO B 179 -30.14 12.17 -29.32
C PRO B 179 -28.95 11.26 -29.59
N LEU B 180 -28.91 10.69 -30.81
CA LEU B 180 -27.95 9.62 -31.07
C LEU B 180 -26.63 10.08 -31.69
N ASP B 181 -26.58 11.27 -32.29
CA ASP B 181 -25.43 11.64 -33.13
C ASP B 181 -24.34 12.26 -32.25
N HIS B 182 -23.41 11.40 -31.81
CA HIS B 182 -22.33 11.82 -30.91
C HIS B 182 -22.84 12.32 -29.56
N ALA B 183 -23.98 11.81 -29.09
CA ALA B 183 -24.66 12.28 -27.88
C ALA B 183 -24.99 13.77 -27.94
N SER B 184 -25.11 14.33 -29.13
CA SER B 184 -25.49 15.73 -29.26
C SER B 184 -26.91 15.95 -28.76
N PRO B 185 -27.32 17.21 -28.58
CA PRO B 185 -28.74 17.48 -28.27
C PRO B 185 -29.70 17.15 -29.43
N GLY B 186 -29.18 16.96 -30.64
CA GLY B 186 -30.02 16.79 -31.82
C GLY B 186 -30.51 18.08 -32.43
N VAL B 187 -30.01 19.22 -31.93
CA VAL B 187 -30.36 20.56 -32.41
C VAL B 187 -29.07 21.35 -32.38
N ARG B 188 -28.66 21.85 -33.55
CA ARG B 188 -27.44 22.64 -33.69
C ARG B 188 -27.83 24.03 -34.13
N LEU B 189 -27.52 25.03 -33.33
CA LEU B 189 -27.84 26.43 -33.67
C LEU B 189 -26.57 27.10 -34.16
N THR B 190 -26.46 27.24 -35.49
CA THR B 190 -25.30 27.86 -36.11
C THR B 190 -25.61 29.33 -36.36
N GLN B 191 -24.78 30.20 -35.81
CA GLN B 191 -24.91 31.65 -36.05
C GLN B 191 -24.07 31.97 -37.28
N ASP B 192 -24.73 32.02 -38.44
CA ASP B 192 -24.05 32.20 -39.71
C ASP B 192 -23.86 33.66 -40.11
N SER B 193 -24.56 34.58 -39.46
CA SER B 193 -24.35 36.00 -39.70
C SER B 193 -25.01 36.75 -38.55
N VAL B 194 -24.21 37.50 -37.79
CA VAL B 194 -24.70 38.22 -36.60
C VAL B 194 -24.20 39.66 -36.63
N SER B 195 -25.11 40.61 -36.39
CA SER B 195 -24.77 42.03 -36.33
C SER B 195 -25.65 42.70 -35.27
N HIS B 196 -25.45 44.00 -35.08
CA HIS B 196 -26.38 44.76 -34.26
C HIS B 196 -27.74 44.97 -34.91
N LYS B 197 -27.83 44.89 -36.23
CA LYS B 197 -29.11 45.10 -36.89
C LYS B 197 -29.83 43.80 -37.23
N TYR B 198 -29.08 42.73 -37.44
CA TYR B 198 -29.64 41.56 -38.09
C TYR B 198 -28.85 40.33 -37.69
N ALA B 199 -29.55 39.19 -37.64
CA ALA B 199 -28.94 37.93 -37.26
C ALA B 199 -29.62 36.81 -38.03
N ARG B 200 -28.82 35.95 -38.65
CA ARG B 200 -29.34 34.75 -39.28
C ARG B 200 -28.80 33.54 -38.56
N ILE B 201 -29.69 32.62 -38.21
CA ILE B 201 -29.34 31.41 -37.47
C ILE B 201 -29.84 30.22 -38.28
N GLU B 202 -28.95 29.30 -38.60
CA GLU B 202 -29.31 28.08 -39.31
C GLU B 202 -29.44 26.95 -38.29
N VAL B 203 -30.63 26.34 -38.24
CA VAL B 203 -30.95 25.29 -37.28
C VAL B 203 -30.92 23.95 -38.02
N LEU B 204 -30.10 23.02 -37.53
CA LEU B 204 -30.10 21.64 -38.01
C LEU B 204 -30.73 20.73 -36.96
N VAL B 205 -31.73 19.97 -37.36
CA VAL B 205 -32.44 19.11 -36.43
C VAL B 205 -32.33 17.68 -36.92
N GLU B 206 -31.81 16.81 -36.06
CA GLU B 206 -31.78 15.39 -36.37
C GLU B 206 -33.13 14.79 -36.03
N VAL B 207 -33.83 14.29 -37.04
CA VAL B 207 -35.07 13.58 -36.80
C VAL B 207 -34.86 12.09 -37.10
N SER B 208 -35.61 11.25 -36.38
CA SER B 208 -35.52 9.80 -36.50
C SER B 208 -36.90 9.19 -36.39
N ASN B 209 -37.24 8.33 -37.34
CA ASN B 209 -38.48 7.57 -37.31
C ASN B 209 -38.11 6.15 -36.94
N GLY B 210 -38.42 5.78 -35.70
CA GLY B 210 -38.06 4.47 -35.18
C GLY B 210 -39.13 3.44 -35.47
N SER B 211 -40.34 3.90 -35.80
CA SER B 211 -41.41 3.00 -36.17
C SER B 211 -41.15 2.40 -37.56
N ASP B 212 -41.95 1.40 -37.92
CA ASP B 212 -41.81 0.72 -39.21
C ASP B 212 -42.82 1.21 -40.24
N LYS B 213 -43.67 2.18 -39.90
CA LYS B 213 -44.52 2.91 -40.82
C LYS B 213 -43.95 4.30 -41.07
N ALA B 214 -44.06 4.78 -42.31
CA ALA B 214 -43.76 6.17 -42.60
C ALA B 214 -44.75 7.07 -41.87
N GLN B 215 -44.36 8.33 -41.68
CA GLN B 215 -45.04 9.19 -40.73
C GLN B 215 -45.04 10.61 -41.25
N GLU B 216 -46.19 11.28 -41.17
CA GLU B 216 -46.26 12.70 -41.51
C GLU B 216 -46.12 13.50 -40.22
N ILE B 217 -45.02 14.25 -40.09
CA ILE B 217 -44.78 15.07 -38.93
C ILE B 217 -44.59 16.52 -39.36
N GLU B 218 -44.71 17.40 -38.39
CA GLU B 218 -44.51 18.82 -38.56
C GLU B 218 -43.35 19.21 -37.65
N LEU B 219 -42.42 19.98 -38.19
CA LEU B 219 -41.25 20.42 -37.45
C LEU B 219 -41.40 21.89 -37.08
N GLY B 220 -41.17 22.21 -35.81
CA GLY B 220 -41.29 23.58 -35.34
C GLY B 220 -40.06 24.02 -34.57
N ILE B 221 -39.65 25.26 -34.81
CA ILE B 221 -38.65 25.95 -34.01
C ILE B 221 -39.24 27.27 -33.57
N CYS B 222 -39.15 27.57 -32.28
CA CYS B 222 -39.74 28.77 -31.70
C CYS B 222 -38.71 29.44 -30.81
N VAL B 223 -38.20 30.59 -31.26
CA VAL B 223 -37.18 31.33 -30.53
C VAL B 223 -37.86 32.36 -29.64
N ARG B 224 -37.63 32.28 -28.33
CA ARG B 224 -38.37 33.06 -27.34
C ARG B 224 -37.45 33.93 -26.50
N ASP B 225 -37.95 35.11 -26.16
CA ASP B 225 -37.35 36.00 -25.18
C ASP B 225 -38.36 36.01 -24.04
N GLY B 226 -38.04 35.25 -22.99
CA GLY B 226 -39.03 35.00 -21.96
C GLY B 226 -40.20 34.27 -22.57
N LYS B 227 -41.40 34.80 -22.35
CA LYS B 227 -42.60 34.20 -22.92
C LYS B 227 -42.92 34.72 -24.31
N ARG B 228 -42.17 35.70 -24.81
CA ARG B 228 -42.47 36.35 -26.08
C ARG B 228 -41.84 35.60 -27.24
N THR B 229 -42.63 35.32 -28.29
CA THR B 229 -42.10 34.67 -29.49
C THR B 229 -41.38 35.71 -30.34
N VAL B 230 -40.06 35.58 -30.47
CA VAL B 230 -39.29 36.47 -31.34
C VAL B 230 -39.43 36.05 -32.79
N THR B 231 -39.12 34.79 -33.08
CA THR B 231 -39.33 34.23 -34.42
C THR B 231 -39.88 32.83 -34.24
N GLU B 232 -40.55 32.36 -35.27
CA GLU B 232 -40.94 30.96 -35.39
C GLU B 232 -40.76 30.54 -36.84
N ARG B 233 -40.50 29.25 -37.02
CA ARG B 233 -40.31 28.67 -38.33
C ARG B 233 -40.85 27.25 -38.26
N ASN B 234 -41.55 26.83 -39.30
CA ASN B 234 -42.15 25.52 -39.25
C ASN B 234 -42.25 24.94 -40.65
N GLU B 235 -42.32 23.61 -40.71
CA GLU B 235 -42.33 22.90 -41.96
C GLU B 235 -42.94 21.54 -41.72
N LYS B 236 -43.54 21.00 -42.76
CA LYS B 236 -44.16 19.69 -42.75
C LYS B 236 -43.41 18.81 -43.73
N PHE B 237 -43.39 17.52 -43.45
CA PHE B 237 -42.84 16.58 -44.40
C PHE B 237 -43.30 15.18 -44.00
N SER B 238 -43.03 14.23 -44.89
CA SER B 238 -43.18 12.83 -44.58
C SER B 238 -41.79 12.24 -44.36
N LEU B 239 -41.69 11.35 -43.38
CA LEU B 239 -40.49 10.60 -43.15
C LEU B 239 -40.86 9.13 -43.18
N SER B 240 -40.01 8.32 -43.80
CA SER B 240 -40.27 6.90 -43.94
C SER B 240 -39.90 6.15 -42.66
N GLY B 241 -40.43 4.94 -42.53
CA GLY B 241 -40.12 4.13 -41.37
C GLY B 241 -38.64 3.78 -41.32
N ASN B 242 -38.15 3.50 -40.10
CA ASN B 242 -36.76 3.12 -39.82
C ASN B 242 -35.78 4.00 -40.58
N SER B 243 -35.91 5.31 -40.39
CA SER B 243 -35.32 6.28 -41.28
C SER B 243 -34.98 7.54 -40.49
N ASP B 244 -33.86 8.16 -40.86
CA ASP B 244 -33.42 9.43 -40.31
C ASP B 244 -33.24 10.42 -41.45
N MET B 245 -33.48 11.70 -41.13
CA MET B 245 -33.08 12.75 -42.06
C MET B 245 -32.83 14.00 -41.23
N GLN B 246 -31.98 14.87 -41.77
CA GLN B 246 -31.55 16.08 -41.10
C GLN B 246 -32.22 17.30 -41.76
N ARG B 247 -33.15 17.91 -41.03
CA ARG B 247 -33.84 19.10 -41.51
C ARG B 247 -33.08 20.37 -41.15
N ARG B 248 -33.15 21.35 -42.03
CA ARG B 248 -32.52 22.65 -41.84
C ARG B 248 -33.59 23.72 -41.93
N LEU B 249 -33.73 24.52 -40.89
CA LEU B 249 -34.58 25.69 -40.93
C LEU B 249 -33.72 26.91 -40.70
N VAL B 250 -33.95 27.95 -41.49
CA VAL B 250 -33.23 29.20 -41.35
C VAL B 250 -34.16 30.23 -40.70
N CYS B 251 -33.66 30.92 -39.68
CA CYS B 251 -34.37 31.94 -38.92
C CYS B 251 -33.63 33.27 -39.02
N GLU B 252 -34.39 34.37 -38.99
CA GLU B 252 -33.84 35.71 -38.87
C GLU B 252 -34.37 36.37 -37.61
N ILE B 253 -33.59 37.31 -37.09
CA ILE B 253 -34.01 38.18 -36.00
C ILE B 253 -33.55 39.59 -36.32
N LYS B 254 -34.51 40.49 -36.58
CA LYS B 254 -34.20 41.91 -36.68
C LYS B 254 -33.85 42.48 -35.31
N ASP B 255 -32.86 43.37 -35.29
CA ASP B 255 -32.38 44.04 -34.09
C ASP B 255 -32.30 43.07 -32.93
N PRO B 256 -31.40 42.10 -33.02
CA PRO B 256 -31.32 41.07 -31.98
C PRO B 256 -30.69 41.62 -30.71
N HIS B 257 -31.05 40.99 -29.59
CA HIS B 257 -30.50 41.32 -28.28
C HIS B 257 -29.25 40.48 -28.06
N LEU B 258 -28.08 41.09 -28.21
CA LEU B 258 -26.85 40.31 -28.27
C LEU B 258 -26.36 39.89 -26.89
N TRP B 259 -26.02 38.61 -26.76
CA TRP B 259 -25.19 38.15 -25.65
C TRP B 259 -23.89 38.95 -25.64
N ASN B 260 -23.74 39.86 -24.68
CA ASN B 260 -22.54 40.69 -24.70
C ASN B 260 -21.67 40.50 -23.47
N GLY B 261 -21.31 39.25 -23.16
CA GLY B 261 -20.38 38.99 -22.07
C GLY B 261 -21.00 39.32 -20.73
N ARG B 262 -20.19 39.86 -19.82
CA ARG B 262 -20.70 40.10 -18.48
C ARG B 262 -21.47 41.41 -18.36
N GLN B 263 -21.34 42.30 -19.35
CA GLN B 263 -22.15 43.52 -19.38
C GLN B 263 -23.63 43.21 -19.58
N ASP B 264 -23.93 42.16 -20.33
CA ASP B 264 -25.29 41.80 -20.67
C ASP B 264 -25.33 40.42 -21.30
N PRO B 265 -25.35 39.36 -20.49
CA PRO B 265 -25.29 38.00 -21.04
C PRO B 265 -26.67 37.50 -21.48
N PHE B 266 -27.30 38.25 -22.36
CA PHE B 266 -28.66 37.92 -22.75
C PHE B 266 -28.72 36.60 -23.51
N LEU B 267 -29.76 35.82 -23.22
CA LEU B 267 -29.93 34.49 -23.78
C LEU B 267 -31.37 34.34 -24.27
N TYR B 268 -31.53 34.09 -25.57
CA TYR B 268 -32.82 33.62 -26.07
C TYR B 268 -32.95 32.12 -25.79
N ARG B 269 -34.19 31.68 -25.66
CA ARG B 269 -34.54 30.26 -25.63
C ARG B 269 -35.03 29.84 -27.01
N ALA B 270 -34.56 28.67 -27.45
CA ALA B 270 -34.92 28.14 -28.76
C ALA B 270 -35.49 26.73 -28.58
N GLU B 271 -36.81 26.58 -28.74
CA GLU B 271 -37.46 25.29 -28.50
C GLU B 271 -37.85 24.66 -29.82
N VAL B 272 -37.50 23.40 -29.99
CA VAL B 272 -37.74 22.62 -31.20
C VAL B 272 -38.78 21.56 -30.87
N THR B 273 -39.85 21.50 -31.64
CA THR B 273 -40.93 20.58 -31.37
C THR B 273 -41.16 19.69 -32.59
N LEU B 274 -41.60 18.46 -32.32
CA LEU B 274 -42.19 17.59 -33.32
C LEU B 274 -43.69 17.50 -33.04
N THR B 275 -44.48 17.52 -34.11
CA THR B 275 -45.93 17.52 -34.00
C THR B 275 -46.51 16.49 -34.97
N ARG B 276 -47.54 15.78 -34.53
CA ARG B 276 -48.22 14.77 -35.33
C ARG B 276 -49.71 14.84 -35.02
N ASP B 277 -50.52 15.13 -36.04
CA ASP B 277 -51.97 15.33 -35.87
C ASP B 277 -52.26 16.36 -34.77
N GLY B 278 -51.64 17.53 -34.90
CA GLY B 278 -51.90 18.65 -34.04
C GLY B 278 -51.34 18.57 -32.63
N HIS B 279 -50.75 17.45 -32.23
CA HIS B 279 -50.26 17.29 -30.88
C HIS B 279 -48.74 17.23 -30.85
N VAL B 280 -48.15 17.89 -29.84
CA VAL B 280 -46.71 17.83 -29.66
C VAL B 280 -46.32 16.47 -29.11
N ILE B 281 -45.37 15.82 -29.78
CA ILE B 281 -44.91 14.48 -29.39
C ILE B 281 -43.48 14.49 -28.87
N ASP B 282 -42.72 15.56 -29.06
CA ASP B 282 -41.33 15.60 -28.64
C ASP B 282 -40.82 17.03 -28.74
N GLN B 283 -39.90 17.37 -27.85
CA GLN B 283 -39.41 18.73 -27.77
C GLN B 283 -38.00 18.69 -27.20
N VAL B 284 -37.15 19.56 -27.70
CA VAL B 284 -35.85 19.80 -27.11
C VAL B 284 -35.58 21.28 -27.17
N THR B 285 -35.15 21.86 -26.05
CA THR B 285 -34.92 23.27 -25.99
C THR B 285 -33.44 23.54 -25.77
N GLN B 286 -32.92 24.57 -26.43
CA GLN B 286 -31.49 24.82 -26.38
C GLN B 286 -31.25 26.31 -26.22
N PRO B 287 -30.11 26.70 -25.64
CA PRO B 287 -29.83 28.14 -25.45
C PRO B 287 -29.33 28.80 -26.71
N LEU B 288 -29.72 30.05 -26.93
CA LEU B 288 -29.25 30.79 -28.08
C LEU B 288 -28.83 32.19 -27.65
N GLY B 289 -27.52 32.45 -27.72
CA GLY B 289 -27.00 33.76 -27.45
C GLY B 289 -26.29 34.25 -28.69
N LEU B 290 -26.68 35.41 -29.19
CA LEU B 290 -26.19 35.89 -30.46
C LEU B 290 -25.04 36.84 -30.21
N ARG B 291 -23.91 36.60 -30.86
CA ARG B 291 -22.78 37.51 -30.71
C ARG B 291 -21.85 37.27 -31.89
N PHE B 292 -21.09 38.30 -32.22
CA PHE B 292 -20.00 38.22 -33.18
C PHE B 292 -18.76 38.80 -32.54
N TYR B 293 -17.61 38.30 -32.95
CA TYR B 293 -16.36 38.68 -32.31
C TYR B 293 -15.23 38.42 -33.30
N ARG B 294 -14.05 38.96 -33.00
CA ARG B 294 -12.87 38.65 -33.78
C ARG B 294 -11.65 38.72 -32.86
N ILE B 295 -10.56 38.09 -33.28
CA ILE B 295 -9.31 38.11 -32.54
C ILE B 295 -8.29 38.86 -33.40
N ASP B 296 -7.95 40.08 -32.98
CA ASP B 296 -7.03 40.92 -33.74
C ASP B 296 -5.60 40.67 -33.29
N PRO B 297 -4.65 40.49 -34.21
CA PRO B 297 -3.25 40.25 -33.80
C PRO B 297 -2.66 41.38 -32.99
N ASN B 298 -3.04 42.63 -33.28
CA ASN B 298 -2.48 43.75 -32.55
C ASN B 298 -3.41 44.32 -31.49
N LEU B 299 -4.73 44.15 -31.64
CA LEU B 299 -5.72 44.79 -30.79
C LEU B 299 -6.29 43.89 -29.73
N GLY B 300 -6.03 42.59 -29.77
CA GLY B 300 -6.62 41.67 -28.82
C GLY B 300 -8.00 41.21 -29.24
N PHE B 301 -8.88 40.97 -28.27
CA PHE B 301 -10.19 40.37 -28.49
C PHE B 301 -11.27 41.44 -28.59
N ILE B 302 -12.09 41.38 -29.63
CA ILE B 302 -13.14 42.38 -29.82
C ILE B 302 -14.50 41.68 -29.85
N LEU B 303 -15.34 41.99 -28.88
CA LEU B 303 -16.65 41.35 -28.70
C LEU B 303 -17.74 42.31 -29.14
N ASN B 304 -18.57 41.86 -30.11
CA ASN B 304 -19.64 42.66 -30.70
C ASN B 304 -19.24 44.08 -31.04
N GLY B 305 -17.99 44.29 -31.46
CA GLY B 305 -17.52 45.59 -31.87
C GLY B 305 -16.65 46.31 -30.87
N LYS B 306 -16.83 46.02 -29.58
CA LYS B 306 -15.99 46.64 -28.57
C LYS B 306 -14.82 45.75 -28.20
N HIS B 307 -13.67 46.37 -28.00
CA HIS B 307 -12.52 45.65 -27.48
C HIS B 307 -12.83 45.18 -26.08
N LEU B 308 -12.57 43.89 -25.83
CA LEU B 308 -12.74 43.32 -24.51
C LEU B 308 -11.43 42.67 -24.10
N PRO B 309 -10.80 43.12 -23.02
CA PRO B 309 -9.71 42.33 -22.45
C PRO B 309 -10.30 41.09 -21.82
N LEU B 310 -9.68 39.94 -22.09
CA LEU B 310 -10.10 38.68 -21.48
C LEU B 310 -9.31 38.50 -20.20
N ARG B 311 -9.97 38.73 -19.07
CA ARG B 311 -9.37 38.61 -17.74
C ARG B 311 -9.63 37.18 -17.26
N GLY B 312 -8.69 36.27 -17.52
CA GLY B 312 -9.08 34.87 -17.43
C GLY B 312 -8.37 33.97 -16.45
N VAL B 313 -8.97 32.83 -16.15
CA VAL B 313 -8.36 31.79 -15.33
C VAL B 313 -8.63 30.43 -15.96
N CYS B 314 -7.93 29.41 -15.48
CA CYS B 314 -8.25 28.04 -15.83
C CYS B 314 -8.99 27.37 -14.68
N ARG B 315 -9.57 26.20 -14.97
CA ARG B 315 -10.35 25.48 -13.98
C ARG B 315 -10.37 24.02 -14.36
N HIS B 316 -9.91 23.17 -13.44
CA HIS B 316 -10.08 21.72 -13.51
C HIS B 316 -11.40 21.36 -12.84
N GLN B 317 -11.90 20.16 -13.15
CA GLN B 317 -13.21 19.74 -12.65
C GLN B 317 -13.13 18.87 -11.39
N ASP B 318 -12.23 19.16 -10.47
CA ASP B 318 -12.19 18.36 -9.25
C ASP B 318 -12.30 19.27 -8.04
N ARG B 319 -12.16 18.64 -6.89
CA ARG B 319 -12.40 19.30 -5.61
C ARG B 319 -11.94 18.33 -4.53
N SER B 320 -11.58 18.88 -3.36
CA SER B 320 -11.11 18.09 -2.23
C SER B 320 -12.15 17.04 -1.85
N GLU B 321 -11.67 15.84 -1.54
CA GLU B 321 -12.44 14.78 -0.88
C GLU B 321 -13.34 13.99 -1.80
N ILE B 322 -13.91 14.65 -2.80
CA ILE B 322 -14.72 13.97 -3.80
C ILE B 322 -14.00 13.72 -5.12
N GLY B 323 -12.85 14.35 -5.38
CA GLY B 323 -12.25 14.16 -6.69
C GLY B 323 -13.08 14.81 -7.81
N ASN B 324 -13.32 14.10 -8.91
CA ASN B 324 -14.08 14.68 -10.02
C ASN B 324 -15.56 14.29 -9.99
N ALA B 325 -16.02 13.66 -8.91
CA ALA B 325 -17.42 13.26 -8.79
C ALA B 325 -18.22 14.45 -8.26
N LEU B 326 -18.36 15.45 -9.12
CA LEU B 326 -18.90 16.74 -8.72
C LEU B 326 -20.41 16.74 -8.79
N HIS B 327 -21.03 17.48 -7.84
CA HIS B 327 -22.44 17.82 -7.91
C HIS B 327 -22.63 19.24 -8.43
N LEU B 328 -23.90 19.55 -8.76
CA LEU B 328 -24.26 20.86 -9.30
C LEU B 328 -23.77 22.02 -8.44
N GLN B 329 -24.00 21.94 -7.11
CA GLN B 329 -23.58 23.05 -6.24
C GLN B 329 -22.08 23.28 -6.31
N HIS B 330 -21.29 22.23 -6.54
CA HIS B 330 -19.86 22.43 -6.69
C HIS B 330 -19.54 23.25 -7.93
N HIS B 331 -20.18 22.91 -9.05
CA HIS B 331 -20.09 23.73 -10.24
C HIS B 331 -20.50 25.17 -9.97
N GLU B 332 -21.63 25.35 -9.27
CA GLU B 332 -22.15 26.70 -9.04
C GLU B 332 -21.20 27.53 -8.19
N GLU B 333 -20.67 26.95 -7.10
CA GLU B 333 -19.74 27.69 -6.26
C GLU B 333 -18.48 28.06 -7.04
N ASP B 334 -17.88 27.08 -7.72
CA ASP B 334 -16.73 27.40 -8.58
C ASP B 334 -17.04 28.62 -9.45
N ALA B 335 -18.22 28.65 -10.08
CA ALA B 335 -18.53 29.77 -10.98
C ALA B 335 -18.79 31.06 -10.21
N ALA B 336 -19.47 30.99 -9.05
CA ALA B 336 -19.64 32.20 -8.25
C ALA B 336 -18.29 32.78 -7.82
N LEU B 337 -17.31 31.92 -7.53
CA LEU B 337 -16.00 32.42 -7.09
C LEU B 337 -15.31 33.20 -8.19
N MET B 338 -15.28 32.66 -9.42
CA MET B 338 -14.72 33.42 -10.54
C MET B 338 -15.47 34.72 -10.74
N ALA B 339 -16.82 34.65 -10.74
CA ALA B 339 -17.62 35.87 -10.90
C ALA B 339 -17.26 36.91 -9.85
N GLU B 340 -17.15 36.49 -8.58
CA GLU B 340 -16.78 37.44 -7.52
C GLU B 340 -15.44 38.09 -7.83
N MET B 341 -14.47 37.31 -8.33
CA MET B 341 -13.15 37.82 -8.60
C MET B 341 -13.09 38.75 -9.81
N GLY B 342 -14.15 38.82 -10.62
CA GLY B 342 -14.12 39.61 -11.82
C GLY B 342 -13.66 38.87 -13.06
N VAL B 343 -13.55 37.55 -12.99
CA VAL B 343 -13.25 36.77 -14.17
C VAL B 343 -14.28 37.09 -15.24
N ASN B 344 -13.83 37.24 -16.48
CA ASN B 344 -14.76 37.28 -17.61
C ASN B 344 -14.44 36.23 -18.66
N ALA B 345 -13.36 35.48 -18.50
CA ALA B 345 -13.01 34.41 -19.42
C ALA B 345 -12.42 33.25 -18.61
N VAL B 346 -12.51 32.05 -19.17
CA VAL B 346 -12.04 30.83 -18.49
C VAL B 346 -11.60 29.82 -19.52
N ARG B 347 -10.43 29.22 -19.29
CA ARG B 347 -9.94 28.09 -20.07
C ARG B 347 -10.21 26.83 -19.25
N LEU B 348 -11.12 25.99 -19.73
CA LEU B 348 -11.47 24.75 -19.03
C LEU B 348 -10.44 23.72 -19.42
N ALA B 349 -9.49 23.45 -18.52
CA ALA B 349 -8.36 22.57 -18.78
C ALA B 349 -8.58 21.24 -18.09
N HIS B 350 -8.20 20.15 -18.76
CA HIS B 350 -7.61 20.13 -20.11
C HIS B 350 -8.49 19.26 -21.02
N TYR B 351 -9.81 19.36 -20.89
CA TYR B 351 -10.69 18.32 -21.40
C TYR B 351 -12.10 18.89 -21.47
N PRO B 352 -12.99 18.25 -22.23
CA PRO B 352 -14.39 18.67 -22.23
C PRO B 352 -15.00 18.51 -20.83
N GLN B 353 -15.75 19.52 -20.43
CA GLN B 353 -16.29 19.64 -19.10
C GLN B 353 -17.80 19.51 -19.14
N ALA B 354 -18.46 19.75 -18.01
CA ALA B 354 -19.87 19.43 -17.87
C ALA B 354 -20.78 20.46 -18.51
N THR B 355 -21.84 19.96 -19.15
CA THR B 355 -22.89 20.83 -19.67
C THR B 355 -23.33 21.84 -18.61
N CYS B 356 -23.54 21.36 -17.40
CA CYS B 356 -23.93 22.24 -16.30
C CYS B 356 -23.00 23.44 -16.19
N PHE B 357 -21.69 23.22 -16.24
CA PHE B 357 -20.76 24.33 -16.07
C PHE B 357 -20.78 25.26 -17.27
N TYR B 358 -20.82 24.71 -18.50
CA TYR B 358 -21.00 25.56 -19.68
C TYR B 358 -22.24 26.44 -19.56
N ASP B 359 -23.35 25.89 -19.03
CA ASP B 359 -24.56 26.71 -18.82
C ASP B 359 -24.32 27.86 -17.86
N LEU B 360 -23.48 27.65 -16.84
CA LEU B 360 -23.17 28.73 -15.91
C LEU B 360 -22.41 29.85 -16.61
N MET B 361 -21.40 29.50 -17.41
CA MET B 361 -20.66 30.53 -18.14
C MET B 361 -21.55 31.22 -19.15
N ASP B 362 -22.47 30.48 -19.77
CA ASP B 362 -23.48 31.15 -20.60
C ASP B 362 -24.18 32.22 -19.80
N ARG B 363 -24.68 31.86 -18.61
CA ARG B 363 -25.52 32.81 -17.86
C ARG B 363 -24.70 33.92 -17.24
N TYR B 364 -23.46 33.62 -16.81
CA TYR B 364 -22.63 34.66 -16.21
C TYR B 364 -22.03 35.60 -17.24
N GLY B 365 -21.96 35.18 -18.50
CA GLY B 365 -21.29 35.97 -19.51
C GLY B 365 -19.81 35.76 -19.58
N ILE B 366 -19.33 34.57 -19.28
CA ILE B 366 -17.90 34.32 -19.16
C ILE B 366 -17.42 33.55 -20.38
N ILE B 367 -16.54 34.19 -21.17
CA ILE B 367 -16.08 33.57 -22.41
C ILE B 367 -15.21 32.36 -22.11
N VAL B 368 -15.43 31.29 -22.87
CA VAL B 368 -14.96 29.95 -22.55
C VAL B 368 -14.01 29.46 -23.64
N TRP B 369 -12.80 29.11 -23.25
CA TRP B 369 -11.93 28.29 -24.07
C TRP B 369 -12.06 26.88 -23.52
N THR B 370 -12.39 25.95 -24.39
CA THR B 370 -12.51 24.55 -23.99
C THR B 370 -11.77 23.71 -25.02
N GLU B 371 -11.10 22.65 -24.57
CA GLU B 371 -10.19 21.91 -25.44
C GLU B 371 -10.43 20.41 -25.33
N ILE B 372 -10.01 19.69 -26.38
CA ILE B 372 -9.88 18.24 -26.31
C ILE B 372 -8.68 17.91 -25.43
N PRO B 373 -8.55 16.69 -24.92
CA PRO B 373 -7.47 16.40 -23.94
C PRO B 373 -6.23 15.81 -24.62
N PHE B 374 -5.70 16.54 -25.59
CA PHE B 374 -4.48 16.18 -26.30
C PHE B 374 -3.36 16.88 -25.55
N VAL B 375 -2.91 16.24 -24.47
CA VAL B 375 -2.06 16.89 -23.47
C VAL B 375 -0.66 16.28 -23.48
N GLY B 376 0.36 17.13 -23.44
CA GLY B 376 1.71 16.66 -23.47
C GLY B 376 2.38 16.62 -22.10
N PRO B 377 3.65 16.22 -22.09
CA PRO B 377 4.31 15.90 -20.83
C PRO B 377 4.79 17.11 -20.04
N GLY B 378 4.84 18.30 -20.63
CA GLY B 378 5.46 19.41 -19.91
C GLY B 378 6.85 19.04 -19.40
N GLY B 379 7.10 19.29 -18.13
CA GLY B 379 8.38 18.95 -17.56
C GLY B 379 8.56 17.49 -17.17
N TYR B 380 7.56 16.66 -17.43
CA TYR B 380 7.57 15.26 -17.06
C TYR B 380 7.99 14.38 -18.25
N MET B 381 7.76 13.06 -18.13
CA MET B 381 8.28 12.03 -19.04
C MET B 381 7.23 11.61 -20.08
N ASP B 382 7.57 10.62 -20.91
CA ASP B 382 6.63 10.08 -21.91
C ASP B 382 6.02 11.14 -22.83
N LYS B 383 4.90 10.82 -23.47
CA LYS B 383 4.45 11.61 -24.62
C LYS B 383 2.94 11.81 -24.63
N GLY B 384 2.56 13.01 -25.05
CA GLY B 384 1.18 13.31 -25.38
C GLY B 384 0.68 12.61 -26.63
N PHE B 385 1.58 12.27 -27.55
CA PHE B 385 1.21 11.74 -28.86
C PHE B 385 1.99 10.47 -29.16
N VAL B 386 1.27 9.36 -29.35
CA VAL B 386 1.83 8.13 -29.90
C VAL B 386 1.20 7.88 -31.25
N ASN B 387 2.04 7.66 -32.26
CA ASN B 387 1.61 7.48 -33.64
C ASN B 387 0.96 6.11 -33.87
N LEU B 388 -0.15 5.88 -33.16
CA LEU B 388 -0.96 4.70 -33.40
C LEU B 388 -2.21 5.07 -34.18
N PRO B 389 -2.65 4.23 -35.13
CA PRO B 389 -3.87 4.60 -35.87
C PRO B 389 -5.11 4.74 -34.98
N ALA B 390 -5.24 3.93 -33.92
CA ALA B 390 -6.42 4.03 -33.07
C ALA B 390 -6.36 5.29 -32.22
N PHE B 391 -5.16 5.69 -31.83
CA PHE B 391 -5.00 6.95 -31.12
C PHE B 391 -5.52 8.10 -31.97
N ARG B 392 -5.23 8.06 -33.26
CA ARG B 392 -5.54 9.17 -34.14
C ARG B 392 -7.03 9.23 -34.43
N SER B 393 -7.63 8.09 -34.77
CA SER B 393 -9.05 8.10 -35.05
C SER B 393 -9.83 8.46 -33.79
N ASN B 394 -9.39 7.95 -32.64
CA ASN B 394 -10.08 8.26 -31.39
C ASN B 394 -10.03 9.75 -31.07
N GLY B 395 -8.87 10.37 -31.26
CA GLY B 395 -8.78 11.81 -31.10
C GLY B 395 -9.75 12.59 -31.97
N LYS B 396 -9.93 12.17 -33.22
CA LYS B 396 -10.88 12.88 -34.08
C LYS B 396 -12.30 12.76 -33.56
N GLU B 397 -12.68 11.56 -33.10
CA GLU B 397 -13.98 11.37 -32.47
C GLU B 397 -14.11 12.19 -31.17
N GLN B 398 -13.04 12.34 -30.39
CA GLN B 398 -13.17 13.17 -29.18
C GLN B 398 -13.41 14.62 -29.56
N LEU B 399 -12.68 15.12 -30.56
CA LEU B 399 -12.93 16.49 -31.01
C LEU B 399 -14.33 16.65 -31.64
N ARG B 400 -14.85 15.65 -32.35
CA ARG B 400 -16.22 15.80 -32.87
C ARG B 400 -17.24 15.83 -31.73
N GLU B 401 -17.02 14.99 -30.71
CA GLU B 401 -17.86 14.99 -29.51
C GLU B 401 -17.85 16.35 -28.84
N LEU B 402 -16.68 16.96 -28.71
CA LEU B 402 -16.61 18.29 -28.11
C LEU B 402 -17.50 19.27 -28.86
N ILE B 403 -17.28 19.41 -30.17
CA ILE B 403 -17.96 20.45 -30.93
C ILE B 403 -19.45 20.17 -31.02
N ARG B 404 -19.83 18.92 -31.30
CA ARG B 404 -21.23 18.58 -31.53
C ARG B 404 -22.06 18.62 -30.26
N GLN B 405 -21.46 18.31 -29.12
CA GLN B 405 -22.18 18.32 -27.86
C GLN B 405 -22.33 19.73 -27.30
N HIS B 406 -21.27 20.54 -27.38
CA HIS B 406 -21.25 21.82 -26.72
C HIS B 406 -21.35 23.02 -27.65
N CYS B 407 -21.59 22.83 -28.97
CA CYS B 407 -21.52 23.96 -29.90
C CYS B 407 -22.54 25.04 -29.56
N ASN B 408 -23.68 24.65 -29.00
CA ASN B 408 -24.75 25.61 -28.77
C ASN B 408 -24.45 26.63 -27.67
N HIS B 409 -23.41 26.44 -26.87
CA HIS B 409 -23.17 27.32 -25.75
C HIS B 409 -22.57 28.63 -26.24
N PRO B 410 -23.19 29.76 -25.96
CA PRO B 410 -22.63 31.03 -26.45
C PRO B 410 -21.31 31.38 -25.84
N SER B 411 -21.03 30.94 -24.60
CA SER B 411 -19.83 31.37 -23.89
C SER B 411 -18.56 30.85 -24.56
N ILE B 412 -18.56 29.58 -24.97
CA ILE B 412 -17.48 29.00 -25.79
C ILE B 412 -17.19 29.89 -26.99
N CYS B 413 -15.92 30.23 -27.18
CA CYS B 413 -15.54 31.09 -28.27
C CYS B 413 -14.34 30.60 -29.05
N VAL B 414 -13.45 29.81 -28.44
CA VAL B 414 -12.40 29.13 -29.18
C VAL B 414 -12.41 27.66 -28.80
N TRP B 415 -11.87 26.85 -29.70
CA TRP B 415 -11.68 25.41 -29.47
C TRP B 415 -10.18 25.17 -29.40
N GLY B 416 -9.75 24.45 -28.37
CA GLY B 416 -8.33 24.13 -28.19
C GLY B 416 -8.03 22.74 -28.69
N LEU B 417 -6.90 22.59 -29.37
CA LEU B 417 -6.50 21.33 -29.95
C LEU B 417 -5.40 20.58 -29.20
N PHE B 418 -4.57 21.25 -28.41
CA PHE B 418 -3.56 20.52 -27.64
C PHE B 418 -3.01 21.42 -26.55
N ASN B 419 -2.29 20.79 -25.62
CA ASN B 419 -1.61 21.49 -24.52
C ASN B 419 -0.24 20.86 -24.29
N GLU B 420 0.81 21.55 -24.74
CA GLU B 420 2.20 21.21 -24.41
C GLU B 420 2.62 19.87 -25.02
N LEU B 421 2.28 19.69 -26.30
CA LEU B 421 2.86 18.61 -27.10
C LEU B 421 4.29 18.96 -27.50
N THR B 422 5.07 17.93 -27.78
CA THR B 422 6.44 18.15 -28.23
C THR B 422 6.63 17.52 -29.59
N GLN B 423 7.43 18.17 -30.42
CA GLN B 423 7.72 17.62 -31.75
C GLN B 423 8.77 16.54 -31.73
N ALA B 424 9.40 16.30 -30.57
CA ALA B 424 10.41 15.27 -30.42
C ALA B 424 9.76 13.90 -30.35
N GLY B 425 10.47 12.89 -30.88
CA GLY B 425 9.85 11.58 -31.03
C GLY B 425 8.80 11.64 -32.12
N ASP B 426 7.71 10.89 -31.93
CA ASP B 426 6.54 11.02 -32.81
C ASP B 426 6.10 12.47 -32.92
N ASP B 427 6.22 13.06 -34.11
CA ASP B 427 5.85 14.45 -34.33
C ASP B 427 4.35 14.55 -34.54
N PRO B 428 3.61 15.30 -33.71
CA PRO B 428 2.17 15.39 -33.90
C PRO B 428 1.73 16.44 -34.92
N THR B 429 2.67 17.14 -35.59
CA THR B 429 2.32 18.37 -36.31
C THR B 429 1.34 18.10 -37.46
N GLU B 430 1.61 17.08 -38.28
CA GLU B 430 0.63 16.69 -39.30
C GLU B 430 -0.71 16.38 -38.68
N TYR B 431 -0.72 15.52 -37.65
CA TYR B 431 -1.99 15.13 -37.05
C TYR B 431 -2.73 16.34 -36.48
N ILE B 432 -1.99 17.33 -35.98
CA ILE B 432 -2.64 18.56 -35.54
C ILE B 432 -3.31 19.25 -36.72
N GLU B 433 -2.64 19.25 -37.88
CA GLU B 433 -3.27 19.80 -39.09
C GLU B 433 -4.57 19.07 -39.39
N GLU B 434 -4.57 17.73 -39.27
CA GLU B 434 -5.81 16.97 -39.44
C GLU B 434 -6.87 17.42 -38.46
N LEU B 435 -6.50 17.54 -37.18
CA LEU B 435 -7.46 17.96 -36.17
C LEU B 435 -8.05 19.32 -36.50
N ASN B 436 -7.19 20.29 -36.82
CA ASN B 436 -7.69 21.61 -37.25
C ASN B 436 -8.68 21.47 -38.40
N ARG B 437 -8.40 20.60 -39.36
CA ARG B 437 -9.34 20.40 -40.47
C ARG B 437 -10.66 19.90 -39.93
N VAL B 438 -10.61 18.98 -38.98
CA VAL B 438 -11.84 18.39 -38.46
C VAL B 438 -12.67 19.46 -37.76
N ALA B 439 -12.01 20.24 -36.87
CA ALA B 439 -12.70 21.36 -36.22
C ALA B 439 -13.45 22.23 -37.22
N LYS B 440 -12.81 22.55 -38.35
CA LYS B 440 -13.45 23.45 -39.31
C LYS B 440 -14.60 22.75 -40.03
N GLN B 441 -14.49 21.44 -40.25
CA GLN B 441 -15.64 20.69 -40.74
C GLN B 441 -16.83 20.84 -39.84
N GLU B 442 -16.63 20.98 -38.54
CA GLU B 442 -17.73 20.98 -37.60
C GLU B 442 -18.19 22.39 -37.24
N ASP B 443 -17.32 23.39 -37.36
CA ASP B 443 -17.65 24.72 -36.86
C ASP B 443 -16.78 25.76 -37.57
N MET B 444 -17.39 26.52 -38.48
CA MET B 444 -16.74 27.62 -39.16
C MET B 444 -16.93 28.95 -38.44
N THR B 445 -17.74 28.97 -37.39
CA THR B 445 -18.11 30.16 -36.68
C THR B 445 -17.17 30.48 -35.52
N ARG B 446 -16.27 29.56 -35.15
CA ARG B 446 -15.40 29.67 -33.98
C ARG B 446 -13.94 29.40 -34.36
N PRO B 447 -13.02 30.22 -33.89
CA PRO B 447 -11.61 29.99 -34.21
C PRO B 447 -11.01 28.88 -33.37
N THR B 448 -9.95 28.27 -33.90
CA THR B 448 -9.20 27.25 -33.17
C THR B 448 -7.95 27.86 -32.53
N THR B 449 -7.55 27.28 -31.39
CA THR B 449 -6.39 27.71 -30.62
C THR B 449 -5.69 26.49 -30.01
N ALA B 450 -4.60 26.74 -29.29
CA ALA B 450 -3.81 25.67 -28.67
C ALA B 450 -2.87 26.27 -27.64
N ALA B 451 -2.40 25.43 -26.72
CA ALA B 451 -1.58 25.88 -25.60
C ALA B 451 -0.20 25.24 -25.72
N SER B 452 0.81 26.03 -26.10
CA SER B 452 2.12 25.52 -26.44
C SER B 452 3.14 25.82 -25.35
N ASN B 453 4.10 24.91 -25.19
CA ASN B 453 5.36 25.19 -24.53
C ASN B 453 6.53 25.04 -25.49
N ARG B 454 6.25 25.10 -26.82
CA ARG B 454 7.24 25.00 -27.89
C ARG B 454 7.87 26.36 -28.17
N PRO B 455 9.18 26.39 -28.46
CA PRO B 455 9.77 27.63 -28.99
C PRO B 455 9.00 28.05 -30.22
N ALA B 456 8.89 29.38 -30.42
CA ALA B 456 7.93 29.86 -31.41
C ALA B 456 8.21 29.35 -32.81
N THR B 457 9.44 28.93 -33.11
CA THR B 457 9.80 28.47 -34.45
C THR B 457 9.12 27.17 -34.87
N GLU B 458 8.56 26.40 -33.94
CA GLU B 458 7.92 25.11 -34.27
C GLU B 458 6.67 25.30 -35.13
N PRO B 459 6.50 24.52 -36.20
CA PRO B 459 5.32 24.72 -37.07
C PRO B 459 4.00 24.49 -36.36
N MET B 460 4.00 23.69 -35.29
CA MET B 460 2.74 23.39 -34.62
C MET B 460 2.12 24.60 -33.93
N ASN B 461 2.85 25.71 -33.82
CA ASN B 461 2.34 26.99 -33.34
C ASN B 461 1.58 27.77 -34.41
N PHE B 462 1.58 27.30 -35.65
CA PHE B 462 1.04 28.07 -36.76
C PHE B 462 -0.17 27.44 -37.42
N ILE B 463 -0.66 26.32 -36.91
CA ILE B 463 -1.80 25.61 -37.49
C ILE B 463 -3.10 26.28 -37.09
N THR B 464 -3.31 26.45 -35.79
CA THR B 464 -4.56 27.02 -35.30
C THR B 464 -4.58 28.52 -35.55
N ASP B 465 -5.80 29.09 -35.55
CA ASP B 465 -5.96 30.50 -35.86
C ASP B 465 -5.36 31.38 -34.78
N ALA B 466 -5.58 31.04 -33.53
CA ALA B 466 -4.94 31.74 -32.43
C ALA B 466 -3.98 30.79 -31.74
N ILE B 467 -2.93 31.35 -31.11
CA ILE B 467 -1.95 30.56 -30.40
C ILE B 467 -1.75 31.15 -29.01
N ALA B 468 -1.21 30.34 -28.12
CA ALA B 468 -0.95 30.81 -26.77
C ALA B 468 0.16 29.95 -26.18
N TRP B 469 0.95 30.55 -25.31
CA TRP B 469 2.01 29.83 -24.64
C TRP B 469 1.75 29.79 -23.16
N ASN B 470 2.22 28.70 -22.53
CA ASN B 470 2.27 28.57 -21.09
C ASN B 470 3.65 29.04 -20.62
N ARG B 471 3.67 30.12 -19.84
CA ARG B 471 4.89 30.75 -19.37
C ARG B 471 4.82 30.91 -17.86
N TYR B 472 5.94 30.59 -17.20
CA TYR B 472 6.09 30.61 -15.75
C TYR B 472 7.37 31.36 -15.37
N ASP B 473 7.59 32.51 -16.01
CA ASP B 473 8.76 33.34 -15.73
C ASP B 473 8.67 33.92 -14.33
N GLY B 474 9.64 33.59 -13.47
CA GLY B 474 9.56 33.98 -12.09
C GLY B 474 8.97 32.92 -11.20
N TRP B 475 8.68 31.73 -11.73
CA TRP B 475 8.42 30.55 -10.91
C TRP B 475 9.35 29.42 -11.28
N TYR B 476 9.21 28.81 -12.46
CA TYR B 476 10.19 27.85 -12.94
C TYR B 476 11.39 28.61 -13.52
N GLY B 477 12.18 29.21 -12.63
CA GLY B 477 13.31 30.04 -13.04
C GLY B 477 12.94 31.33 -13.74
N GLY B 478 13.91 32.22 -13.91
CA GLY B 478 13.69 33.49 -14.55
C GLY B 478 12.96 34.47 -13.65
N THR B 479 12.84 35.70 -14.06
CA THR B 479 12.04 36.67 -13.34
C THR B 479 10.81 37.01 -14.17
N PRO B 480 9.79 37.64 -13.56
CA PRO B 480 8.59 37.96 -14.34
C PRO B 480 8.85 38.84 -15.55
N SER B 481 9.84 39.73 -15.49
CA SER B 481 10.03 40.66 -16.59
C SER B 481 10.45 39.94 -17.87
N ASP B 482 11.08 38.75 -17.73
CA ASP B 482 11.39 37.91 -18.88
C ASP B 482 10.18 37.69 -19.77
N LEU B 483 8.99 37.60 -19.14
CA LEU B 483 7.77 37.28 -19.86
C LEU B 483 7.49 38.31 -20.95
N GLY B 484 7.44 39.59 -20.59
CA GLY B 484 7.13 40.62 -21.58
C GLY B 484 8.16 40.68 -22.69
N LYS B 485 9.44 40.52 -22.34
CA LYS B 485 10.50 40.49 -23.35
C LYS B 485 10.23 39.38 -24.38
N TRP B 486 9.95 38.18 -23.89
CA TRP B 486 9.66 37.08 -24.80
C TRP B 486 8.38 37.35 -25.61
N LEU B 487 7.33 37.84 -24.94
CA LEU B 487 6.10 38.13 -25.65
C LEU B 487 6.34 39.14 -26.76
N ASP B 488 6.90 40.29 -26.40
CA ASP B 488 7.15 41.36 -27.36
C ASP B 488 7.96 40.87 -28.54
N ASP B 489 9.01 40.08 -28.28
CA ASP B 489 9.85 39.58 -29.36
C ASP B 489 9.07 38.66 -30.28
N THR B 490 8.38 37.67 -29.70
CA THR B 490 7.54 36.79 -30.51
C THR B 490 6.56 37.61 -31.33
N HIS B 491 5.87 38.55 -30.67
CA HIS B 491 4.96 39.45 -31.37
C HIS B 491 5.65 40.15 -32.53
N LYS B 492 6.89 40.59 -32.34
CA LYS B 492 7.56 41.37 -33.37
C LYS B 492 7.99 40.50 -34.54
N LYS B 493 8.51 39.30 -34.25
CA LYS B 493 8.97 38.40 -35.30
C LYS B 493 7.81 37.90 -36.16
N TYR B 494 6.66 37.60 -35.54
CA TYR B 494 5.51 36.99 -36.21
C TYR B 494 4.30 37.90 -36.06
N PRO B 495 4.28 39.03 -36.78
CA PRO B 495 3.28 40.06 -36.50
C PRO B 495 1.86 39.69 -36.89
N GLU B 496 1.62 38.52 -37.47
CA GLU B 496 0.27 38.13 -37.86
C GLU B 496 -0.32 37.06 -36.95
N LEU B 497 0.44 36.60 -35.98
CA LEU B 497 -0.03 35.63 -35.02
C LEU B 497 -0.94 36.29 -33.99
N ARG B 498 -1.98 35.55 -33.56
CA ARG B 498 -2.89 36.01 -32.50
C ARG B 498 -2.47 35.38 -31.19
N ILE B 499 -1.72 36.14 -30.38
CA ILE B 499 -1.00 35.61 -29.21
C ILE B 499 -1.82 35.84 -27.94
N ALA B 500 -2.03 34.76 -27.18
CA ALA B 500 -2.52 34.84 -25.80
C ALA B 500 -1.55 34.15 -24.86
N VAL B 501 -1.67 34.44 -23.57
CA VAL B 501 -0.93 33.75 -22.52
C VAL B 501 -1.89 32.73 -21.90
N SER B 502 -1.65 31.44 -22.15
CA SER B 502 -2.64 30.41 -21.77
C SER B 502 -2.46 29.89 -20.35
N GLU B 503 -1.26 30.03 -19.78
CA GLU B 503 -1.00 29.69 -18.40
C GLU B 503 0.04 30.66 -17.86
N TYR B 504 -0.13 31.05 -16.59
CA TYR B 504 0.90 31.75 -15.84
C TYR B 504 0.48 31.72 -14.38
N GLY B 505 1.41 31.37 -13.50
CA GLY B 505 1.07 31.11 -12.13
C GLY B 505 2.32 30.77 -11.34
N ALA B 506 2.09 30.50 -10.05
CA ALA B 506 3.11 30.24 -9.03
C ALA B 506 2.39 29.62 -7.86
N GLY B 507 2.93 28.55 -7.30
CA GLY B 507 2.27 27.88 -6.20
C GLY B 507 2.31 28.65 -4.88
N ALA B 508 1.39 28.30 -3.99
CA ALA B 508 1.40 28.89 -2.65
C ALA B 508 0.63 27.99 -1.70
N SER B 509 1.24 27.69 -0.56
CA SER B 509 0.50 27.16 0.56
C SER B 509 0.02 28.31 1.42
N ILE B 510 -1.24 28.25 1.87
CA ILE B 510 -1.71 29.23 2.84
C ILE B 510 -1.08 29.01 4.22
N TYR B 511 -0.44 27.85 4.45
CA TYR B 511 0.22 27.60 5.72
C TYR B 511 1.71 27.92 5.72
N HIS B 512 2.26 28.43 4.61
CA HIS B 512 3.68 28.76 4.51
C HIS B 512 3.85 30.27 4.44
N GLN B 513 4.53 30.83 5.43
CA GLN B 513 4.68 32.28 5.57
C GLN B 513 6.08 32.62 6.10
N GLN B 514 6.55 33.81 5.72
CA GLN B 514 7.86 34.31 6.16
C GLN B 514 7.85 35.83 5.98
N ASP B 515 8.94 36.48 6.37
CA ASP B 515 8.99 37.93 6.31
C ASP B 515 9.47 38.46 4.97
N SER B 516 10.48 37.85 4.36
CA SER B 516 11.06 38.45 3.17
C SER B 516 10.57 37.73 1.92
N LEU B 517 10.45 38.50 0.83
CA LEU B 517 10.25 37.91 -0.49
C LEU B 517 11.52 37.22 -0.94
N LYS B 518 11.43 35.93 -1.21
CA LYS B 518 12.59 35.10 -1.54
C LYS B 518 12.10 34.00 -2.46
N LYS B 519 12.68 33.89 -3.65
CA LYS B 519 12.16 32.89 -4.58
C LYS B 519 12.31 31.50 -3.98
N PRO B 520 11.22 30.78 -3.75
CA PRO B 520 11.32 29.40 -3.26
C PRO B 520 11.77 28.47 -4.38
N GLU B 521 12.14 27.25 -4.00
CA GLU B 521 12.41 26.21 -4.97
C GLU B 521 11.11 25.51 -5.33
N PRO B 522 10.68 25.56 -6.60
CA PRO B 522 9.33 25.05 -6.95
C PRO B 522 9.07 23.62 -6.55
N ALA B 523 10.04 22.73 -6.73
CA ALA B 523 9.82 21.33 -6.39
C ALA B 523 9.96 21.03 -4.90
N GLY B 524 10.30 22.05 -4.07
CA GLY B 524 10.51 21.83 -2.66
C GLY B 524 9.24 21.94 -1.82
N TRP B 525 9.38 21.55 -0.56
CA TRP B 525 8.25 21.54 0.37
C TRP B 525 7.98 22.89 0.99
N TRP B 526 8.05 23.97 0.20
CA TRP B 526 8.02 25.32 0.77
C TRP B 526 7.58 26.28 -0.34
N HIS B 527 6.31 26.66 -0.29
CA HIS B 527 5.74 27.64 -1.21
C HIS B 527 5.13 28.74 -0.36
N PRO B 528 5.93 29.70 0.08
CA PRO B 528 5.39 30.82 0.87
C PRO B 528 4.36 31.59 0.06
N GLU B 529 3.24 31.93 0.72
CA GLU B 529 2.15 32.63 0.04
C GLU B 529 2.60 33.99 -0.52
N ASN B 530 3.57 34.66 0.11
CA ASN B 530 3.91 36.00 -0.36
C ASN B 530 4.55 36.00 -1.76
N TRP B 531 5.16 34.89 -2.20
CA TRP B 531 5.74 34.89 -3.54
C TRP B 531 4.64 34.88 -4.60
N GLN B 532 3.67 33.95 -4.48
CA GLN B 532 2.52 33.97 -5.39
C GLN B 532 1.91 35.36 -5.47
N THR B 533 1.79 36.04 -4.34
CA THR B 533 1.23 37.38 -4.40
C THR B 533 2.12 38.28 -5.25
N TYR B 534 3.42 38.33 -4.93
CA TYR B 534 4.37 39.10 -5.72
C TYR B 534 4.30 38.70 -7.19
N TYR B 535 4.30 37.39 -7.45
CA TYR B 535 4.36 36.88 -8.81
C TYR B 535 3.21 37.40 -9.66
N HIS B 536 1.98 37.27 -9.15
CA HIS B 536 0.81 37.68 -9.92
C HIS B 536 0.70 39.18 -10.03
N ALA B 537 1.24 39.94 -9.09
CA ALA B 537 1.16 41.38 -9.25
C ALA B 537 2.11 41.84 -10.34
N GLU B 538 3.25 41.16 -10.51
CA GLU B 538 4.19 41.54 -11.55
C GLU B 538 3.73 41.06 -12.93
N ASN B 539 3.21 39.83 -13.02
CA ASN B 539 2.78 39.30 -14.31
C ASN B 539 1.50 39.96 -14.79
N TRP B 540 0.61 40.38 -13.88
CA TRP B 540 -0.56 41.10 -14.37
C TRP B 540 -0.15 42.46 -14.95
N LYS B 541 0.77 43.13 -14.30
CA LYS B 541 1.36 44.35 -14.83
C LYS B 541 1.90 44.14 -16.25
N THR B 542 2.67 43.06 -16.46
CA THR B 542 3.21 42.75 -17.78
C THR B 542 2.10 42.49 -18.79
N ILE B 543 1.15 41.62 -18.42
CA ILE B 543 0.04 41.29 -19.29
C ILE B 543 -0.85 42.50 -19.57
N ALA B 544 -1.13 43.30 -18.53
CA ALA B 544 -2.07 44.41 -18.66
C ALA B 544 -1.61 45.47 -19.64
N SER B 545 -0.31 45.55 -19.88
CA SER B 545 0.21 46.61 -20.71
C SER B 545 0.25 46.27 -22.20
N ARG B 546 -0.04 45.02 -22.58
CA ARG B 546 0.15 44.56 -23.96
C ARG B 546 -1.17 44.25 -24.66
N PRO B 547 -1.78 45.24 -25.31
CA PRO B 547 -3.10 45.01 -25.93
C PRO B 547 -3.09 44.00 -27.06
N TYR B 548 -1.92 43.55 -27.51
CA TYR B 548 -1.89 42.51 -28.52
C TYR B 548 -2.18 41.13 -27.92
N LEU B 549 -2.21 41.01 -26.61
CA LEU B 549 -2.60 39.74 -26.00
C LEU B 549 -4.12 39.65 -25.98
N TRP B 550 -4.68 38.78 -26.81
CA TRP B 550 -6.14 38.73 -26.82
C TRP B 550 -6.70 38.14 -25.52
N GLY B 551 -5.87 37.50 -24.70
CA GLY B 551 -6.32 37.01 -23.40
C GLY B 551 -5.15 36.53 -22.57
N SER B 552 -5.44 36.31 -21.29
CA SER B 552 -4.49 35.67 -20.39
C SER B 552 -5.26 34.82 -19.40
N PHE B 553 -4.69 33.68 -19.04
CA PHE B 553 -5.39 32.71 -18.21
C PHE B 553 -4.52 32.26 -17.02
N VAL B 554 -4.97 32.59 -15.82
CA VAL B 554 -4.23 32.20 -14.62
C VAL B 554 -4.26 30.69 -14.47
N TRP B 555 -3.08 30.11 -14.30
CA TRP B 555 -2.98 28.75 -13.81
C TRP B 555 -2.73 28.85 -12.31
N ASN B 556 -3.73 28.54 -11.48
CA ASN B 556 -5.06 28.05 -11.85
C ASN B 556 -6.05 28.74 -10.88
N MET B 557 -7.34 28.72 -11.18
CA MET B 557 -8.27 29.36 -10.26
C MET B 557 -8.24 28.69 -8.91
N PHE B 558 -8.17 27.36 -8.90
CA PHE B 558 -8.22 26.55 -7.69
C PHE B 558 -7.03 25.59 -7.64
N ASP B 559 -6.58 25.26 -6.43
CA ASP B 559 -5.65 24.12 -6.30
C ASP B 559 -6.36 22.86 -6.79
N PHE B 560 -5.62 21.97 -7.44
CA PHE B 560 -6.24 20.77 -7.99
C PHE B 560 -5.39 19.52 -7.75
N GLY B 561 -6.05 18.37 -7.88
CA GLY B 561 -5.38 17.10 -7.65
C GLY B 561 -4.37 16.76 -8.74
N ALA B 562 -3.16 16.39 -8.31
CA ALA B 562 -2.19 15.79 -9.21
C ALA B 562 -1.37 14.86 -8.34
N ALA B 563 -1.70 13.56 -8.39
CA ALA B 563 -1.19 12.60 -7.42
C ALA B 563 0.33 12.59 -7.37
N HIS B 564 0.97 12.66 -8.53
CA HIS B 564 2.43 12.56 -8.58
C HIS B 564 3.15 13.71 -7.90
N ARG B 565 2.48 14.79 -7.53
CA ARG B 565 3.18 15.99 -7.08
C ARG B 565 3.73 15.84 -5.65
N THR B 566 4.94 16.41 -5.41
CA THR B 566 5.59 16.36 -4.07
C THR B 566 6.14 17.76 -3.71
N GLU B 567 5.24 18.73 -3.56
CA GLU B 567 5.64 20.09 -3.22
C GLU B 567 4.50 20.80 -2.49
N GLY B 568 4.72 22.06 -2.13
CA GLY B 568 3.73 22.76 -1.35
C GLY B 568 3.70 22.22 0.07
N ASP B 569 2.51 22.18 0.67
CA ASP B 569 2.36 21.73 2.05
C ASP B 569 1.86 20.30 2.16
N ARG B 570 1.58 19.65 1.02
CA ARG B 570 1.20 18.23 1.08
C ARG B 570 1.39 17.64 -0.29
N PRO B 571 1.64 16.34 -0.39
CA PRO B 571 1.82 15.72 -1.71
C PRO B 571 0.48 15.67 -2.45
N GLY B 572 0.55 15.38 -3.75
CA GLY B 572 -0.66 15.12 -4.52
C GLY B 572 -1.45 16.35 -4.91
N ILE B 573 -0.84 17.53 -4.85
CA ILE B 573 -1.56 18.78 -4.98
C ILE B 573 -0.74 19.70 -5.87
N ASN B 574 -1.39 20.26 -6.87
CA ASN B 574 -0.87 21.42 -7.56
C ASN B 574 -1.42 22.67 -6.87
N ASP B 575 -0.55 23.54 -6.34
CA ASP B 575 -1.02 24.56 -5.42
C ASP B 575 -0.95 25.97 -6.00
N LYS B 576 -0.99 26.08 -7.33
CA LYS B 576 -1.01 27.36 -8.02
C LYS B 576 -2.39 27.99 -8.06
N GLY B 577 -3.34 27.39 -7.36
CA GLY B 577 -4.66 27.98 -7.28
C GLY B 577 -4.63 29.31 -6.56
N LEU B 578 -5.53 30.20 -6.98
CA LEU B 578 -5.82 31.42 -6.27
C LEU B 578 -6.76 31.17 -5.11
N VAL B 579 -7.41 30.01 -5.13
CA VAL B 579 -8.33 29.58 -4.09
C VAL B 579 -8.00 28.12 -3.79
N THR B 580 -8.10 27.75 -2.51
CA THR B 580 -7.66 26.44 -2.05
C THR B 580 -8.57 25.32 -2.57
N PHE B 581 -8.08 24.10 -2.41
CA PHE B 581 -8.69 22.93 -3.04
C PHE B 581 -10.11 22.68 -2.57
N ASP B 582 -10.46 23.06 -1.35
CA ASP B 582 -11.82 22.89 -0.82
C ASP B 582 -12.71 24.11 -1.08
N ARG B 583 -12.16 25.15 -1.71
CA ARG B 583 -12.90 26.37 -2.05
C ARG B 583 -13.26 27.17 -0.82
N LYS B 584 -12.57 26.91 0.29
CA LYS B 584 -12.85 27.60 1.53
C LYS B 584 -12.06 28.89 1.68
N VAL B 585 -10.85 28.94 1.16
CA VAL B 585 -9.94 30.04 1.48
C VAL B 585 -9.44 30.62 0.19
N ARG B 586 -9.74 31.89 -0.02
CA ARG B 586 -9.21 32.66 -1.12
C ARG B 586 -7.83 33.17 -0.73
N LYS B 587 -6.81 32.84 -1.51
CA LYS B 587 -5.47 33.34 -1.23
C LYS B 587 -5.39 34.86 -1.47
N ASP B 588 -4.25 35.45 -1.10
CA ASP B 588 -4.10 36.90 -1.25
C ASP B 588 -4.25 37.33 -2.71
N ALA B 589 -3.65 36.57 -3.64
CA ALA B 589 -3.64 36.96 -5.05
C ALA B 589 -5.06 37.10 -5.62
N PHE B 590 -5.98 36.24 -5.18
CA PHE B 590 -7.41 36.39 -5.50
C PHE B 590 -7.87 37.83 -5.32
N TYR B 591 -7.64 38.38 -4.14
CA TYR B 591 -8.04 39.75 -3.85
C TYR B 591 -7.27 40.76 -4.67
N PHE B 592 -6.05 40.42 -5.10
CA PHE B 592 -5.35 41.31 -6.02
C PHE B 592 -6.12 41.40 -7.34
N TYR B 593 -6.55 40.26 -7.85
CA TYR B 593 -7.32 40.26 -9.08
C TYR B 593 -8.69 40.87 -8.83
N LYS B 594 -9.26 40.61 -7.66
CA LYS B 594 -10.61 41.09 -7.39
C LYS B 594 -10.63 42.62 -7.30
N ALA B 595 -9.60 43.21 -6.70
CA ALA B 595 -9.53 44.66 -6.66
C ALA B 595 -9.33 45.25 -8.04
N ASN B 596 -8.59 44.57 -8.90
CA ASN B 596 -8.40 45.08 -10.26
C ASN B 596 -9.64 44.84 -11.12
N TRP B 597 -10.27 43.68 -11.01
CA TRP B 597 -11.21 43.20 -12.00
C TRP B 597 -12.65 43.43 -11.61
N ASN B 598 -12.99 43.28 -10.34
CA ASN B 598 -14.34 43.51 -9.90
C ASN B 598 -14.41 44.97 -9.47
N LYS B 599 -15.17 45.78 -10.22
CA LYS B 599 -15.37 47.18 -9.87
C LYS B 599 -16.76 47.45 -9.31
N GLU B 600 -17.59 46.42 -9.17
CA GLU B 600 -18.92 46.58 -8.59
C GLU B 600 -18.99 46.27 -7.10
N GLU B 601 -18.19 45.33 -6.61
CA GLU B 601 -18.23 45.18 -5.16
C GLU B 601 -17.02 45.85 -4.52
N PRO B 602 -17.20 46.50 -3.37
CA PRO B 602 -16.06 47.16 -2.72
C PRO B 602 -15.02 46.16 -2.24
N VAL B 603 -13.75 46.54 -2.35
CA VAL B 603 -12.65 45.66 -1.95
C VAL B 603 -11.67 46.45 -1.10
N LEU B 604 -11.32 45.92 0.07
CA LEU B 604 -10.34 46.62 0.91
C LEU B 604 -9.66 45.47 1.66
N TYR B 605 -8.52 44.97 1.16
CA TYR B 605 -7.97 43.71 1.67
C TYR B 605 -6.49 43.80 1.99
N LEU B 606 -6.16 43.73 3.28
CA LEU B 606 -4.78 43.67 3.73
C LEU B 606 -4.10 42.37 3.30
N ALA B 607 -2.93 42.49 2.69
CA ALA B 607 -2.16 41.31 2.34
C ALA B 607 -1.31 40.89 3.53
N GLY B 608 -1.04 39.59 3.62
CA GLY B 608 -0.20 39.06 4.66
C GLY B 608 -0.90 38.61 5.93
N ARG B 609 -2.25 38.55 5.95
CA ARG B 609 -2.95 38.34 7.21
C ARG B 609 -2.60 37.00 7.86
N ARG B 610 -2.16 36.03 7.06
CA ARG B 610 -1.79 34.73 7.59
C ARG B 610 -0.34 34.65 8.07
N HIS B 611 0.43 35.74 7.97
CA HIS B 611 1.79 35.79 8.49
C HIS B 611 1.69 36.39 9.89
N THR B 612 1.29 35.55 10.83
CA THR B 612 0.99 36.00 12.18
C THR B 612 2.22 36.05 13.09
N VAL B 613 3.28 35.31 12.80
CA VAL B 613 4.48 35.35 13.63
C VAL B 613 5.61 35.89 12.79
N ARG B 614 6.05 37.11 13.11
CA ARG B 614 7.08 37.80 12.36
C ARG B 614 8.33 37.99 13.20
N ARG B 615 9.46 38.11 12.52
CA ARG B 615 10.79 38.07 13.13
C ARG B 615 11.47 39.43 13.12
N GLN B 616 10.85 40.43 12.51
CA GLN B 616 11.46 41.71 12.16
C GLN B 616 10.44 42.79 12.44
N ARG B 617 10.83 43.83 13.19
CA ARG B 617 9.90 44.90 13.54
C ARG B 617 9.59 45.83 12.39
N MET B 618 10.45 45.91 11.37
CA MET B 618 10.24 46.77 10.21
C MET B 618 9.54 45.98 9.11
N GLN B 619 8.45 46.55 8.60
CA GLN B 619 7.60 45.87 7.64
C GLN B 619 7.21 46.83 6.52
N THR B 620 6.83 46.26 5.38
CA THR B 620 6.13 46.98 4.31
C THR B 620 4.69 46.48 4.31
N ILE B 621 3.75 47.33 4.62
CA ILE B 621 2.35 46.90 4.66
C ILE B 621 1.70 47.14 3.30
N VAL B 622 1.06 46.10 2.76
CA VAL B 622 0.47 46.14 1.42
C VAL B 622 -1.00 45.75 1.49
N ALA B 623 -1.83 46.43 0.71
CA ALA B 623 -3.26 46.16 0.69
C ALA B 623 -3.79 46.35 -0.73
N PHE B 624 -4.89 45.67 -1.02
CA PHE B 624 -5.53 45.76 -2.32
C PHE B 624 -6.88 46.45 -2.14
N THR B 625 -7.18 47.40 -3.03
CA THR B 625 -8.48 48.05 -2.96
C THR B 625 -8.89 48.52 -4.35
N ASN B 626 -10.20 48.65 -4.52
CA ASN B 626 -10.74 49.37 -5.66
C ASN B 626 -11.35 50.70 -5.26
N GLN B 627 -11.05 51.19 -4.04
CA GLN B 627 -11.52 52.47 -3.53
C GLN B 627 -10.51 53.55 -3.86
N PRO B 628 -10.92 54.82 -3.87
CA PRO B 628 -9.96 55.88 -4.23
C PRO B 628 -8.76 56.00 -3.29
N GLU B 629 -8.94 55.78 -1.98
CA GLU B 629 -7.84 56.00 -1.05
C GLU B 629 -8.14 55.33 0.29
N ALA B 630 -7.09 55.12 1.09
CA ALA B 630 -7.24 54.35 2.32
C ALA B 630 -6.10 54.65 3.29
N GLU B 631 -6.44 54.59 4.57
CA GLU B 631 -5.55 55.01 5.66
C GLU B 631 -5.14 53.79 6.47
N LEU B 632 -3.82 53.66 6.73
CA LEU B 632 -3.29 52.56 7.53
C LEU B 632 -3.12 52.98 8.99
N PHE B 633 -3.55 52.10 9.90
CA PHE B 633 -3.38 52.28 11.34
C PHE B 633 -2.60 51.11 11.92
N VAL B 634 -1.54 51.42 12.64
CA VAL B 634 -0.68 50.42 13.29
C VAL B 634 -0.76 50.67 14.80
N ASN B 635 -1.49 49.79 15.51
CA ASN B 635 -1.74 49.98 16.93
C ASN B 635 -2.37 51.34 17.20
N GLY B 636 -3.41 51.66 16.42
CA GLY B 636 -4.10 52.92 16.48
C GLY B 636 -3.33 54.11 15.96
N ARG B 637 -2.06 53.94 15.57
CA ARG B 637 -1.22 55.03 15.10
C ARG B 637 -1.37 55.14 13.58
N SER B 638 -1.82 56.29 13.11
CA SER B 638 -2.12 56.44 11.69
C SER B 638 -0.86 56.70 10.89
N TYR B 639 -0.67 55.90 9.83
CA TYR B 639 0.42 56.06 8.88
C TYR B 639 -0.04 56.79 7.61
N GLY B 640 -1.08 57.61 7.72
CA GLY B 640 -1.46 58.49 6.64
C GLY B 640 -2.22 57.77 5.55
N LYS B 641 -2.94 58.56 4.77
CA LYS B 641 -3.71 58.02 3.66
C LYS B 641 -2.81 57.73 2.48
N ALA B 642 -3.24 56.78 1.64
CA ALA B 642 -2.49 56.42 0.44
C ALA B 642 -3.47 56.13 -0.70
N ASN B 643 -2.92 56.11 -1.95
CA ASN B 643 -3.75 55.80 -3.12
C ASN B 643 -3.28 54.53 -3.83
N PRO B 644 -4.22 53.72 -4.30
CA PRO B 644 -3.84 52.51 -5.04
C PRO B 644 -2.99 52.87 -6.24
N ASP B 645 -2.20 51.91 -6.70
CA ASP B 645 -1.49 52.16 -7.93
C ASP B 645 -2.38 51.71 -9.10
N GLU B 646 -1.86 51.87 -10.31
CA GLU B 646 -2.60 51.45 -11.50
C GLU B 646 -3.10 50.01 -11.38
N TYR B 647 -2.47 49.18 -10.55
CA TYR B 647 -2.86 47.79 -10.40
C TYR B 647 -3.45 47.50 -9.01
N ALA B 648 -3.99 48.54 -8.38
CA ALA B 648 -4.84 48.48 -7.20
C ALA B 648 -4.07 48.17 -5.91
N VAL B 649 -2.77 48.40 -5.92
CA VAL B 649 -1.89 48.09 -4.79
C VAL B 649 -1.71 49.33 -3.93
N LEU B 650 -2.10 49.23 -2.67
CA LEU B 650 -1.71 50.17 -1.64
C LEU B 650 -0.48 49.64 -0.93
N LYS B 651 0.45 50.55 -0.62
CA LYS B 651 1.74 50.20 -0.02
C LYS B 651 2.15 51.30 0.96
N TRP B 652 2.58 50.90 2.16
CA TRP B 652 3.13 51.81 3.15
C TRP B 652 4.52 51.32 3.53
N GLN B 653 5.53 52.11 3.21
CA GLN B 653 6.90 51.74 3.48
C GLN B 653 7.28 52.10 4.92
N ASN B 654 8.28 51.40 5.43
CA ASN B 654 8.89 51.69 6.74
C ASN B 654 7.82 51.75 7.82
N VAL B 655 7.05 50.68 7.95
CA VAL B 655 6.06 50.55 9.01
C VAL B 655 6.74 49.88 10.20
N THR B 656 6.61 50.48 11.37
CA THR B 656 7.36 50.04 12.55
C THR B 656 6.42 49.34 13.52
N LEU B 657 6.63 48.05 13.75
CA LEU B 657 5.75 47.27 14.62
C LEU B 657 6.36 47.18 16.01
N GLN B 658 5.54 46.76 16.97
CA GLN B 658 5.98 46.53 18.35
C GLN B 658 6.46 45.09 18.53
N GLU B 659 7.39 44.89 19.46
CA GLU B 659 7.64 43.54 19.95
C GLU B 659 6.35 43.01 20.55
N GLY B 660 6.08 41.72 20.33
CA GLY B 660 4.84 41.17 20.83
C GLY B 660 3.68 41.43 19.88
N GLU B 661 2.48 41.52 20.46
CA GLU B 661 1.27 41.59 19.65
C GLU B 661 1.13 42.97 19.02
N ASN B 662 0.85 42.99 17.71
CA ASN B 662 0.37 44.17 17.01
C ASN B 662 -1.03 43.91 16.50
N GLU B 663 -1.70 44.99 16.06
CA GLU B 663 -2.88 44.91 15.22
C GLU B 663 -2.75 45.86 14.05
N ILE B 664 -3.10 45.40 12.86
CA ILE B 664 -2.95 46.17 11.64
C ILE B 664 -4.31 46.33 10.98
N GLN B 665 -4.68 47.57 10.69
CA GLN B 665 -6.00 47.88 10.15
C GLN B 665 -5.91 48.93 9.05
N VAL B 666 -6.73 48.75 8.04
CA VAL B 666 -6.85 49.70 6.94
C VAL B 666 -8.32 50.12 6.88
N VAL B 667 -8.55 51.40 6.55
CA VAL B 667 -9.88 51.99 6.52
C VAL B 667 -10.01 52.84 5.26
N SER B 668 -11.17 52.80 4.63
CA SER B 668 -11.47 53.66 3.49
C SER B 668 -12.88 54.20 3.68
N LYS B 669 -13.07 55.49 3.45
CA LYS B 669 -14.38 56.12 3.45
C LYS B 669 -14.60 56.80 2.12
N ASN B 670 -15.76 56.54 1.53
CA ASN B 670 -16.23 57.19 0.30
C ASN B 670 -17.74 57.32 0.50
N LYS B 671 -18.12 58.20 1.42
CA LYS B 671 -19.50 58.39 1.84
C LYS B 671 -20.42 58.42 0.63
N GLU B 672 -21.49 57.62 0.71
CA GLU B 672 -21.80 56.84 1.93
C GLU B 672 -21.24 55.37 1.89
N LEU B 673 -19.98 55.18 2.31
CA LEU B 673 -19.32 53.86 2.37
C LEU B 673 -18.03 53.96 3.18
N THR B 674 -18.04 53.37 4.37
CA THR B 674 -16.84 53.21 5.19
C THR B 674 -16.49 51.73 5.30
N LEU B 675 -15.34 51.37 4.78
CA LEU B 675 -14.83 50.01 4.72
C LEU B 675 -13.64 49.84 5.64
N SER B 676 -13.47 48.61 6.12
CA SER B 676 -12.42 48.34 7.08
C SER B 676 -11.94 46.90 6.91
N ASP B 677 -10.66 46.69 7.17
CA ASP B 677 -10.06 45.37 7.21
C ASP B 677 -8.94 45.44 8.23
N SER B 678 -8.72 44.35 8.96
CA SER B 678 -7.68 44.36 9.99
C SER B 678 -7.23 42.93 10.29
N PHE B 679 -6.06 42.80 10.91
CA PHE B 679 -5.60 41.48 11.33
C PHE B 679 -4.53 41.62 12.41
N ARG B 680 -4.30 40.52 13.13
CA ARG B 680 -3.40 40.49 14.26
C ARG B 680 -2.20 39.61 13.96
N CYS B 681 -1.01 40.13 14.24
CA CYS B 681 0.22 39.36 14.17
C CYS B 681 1.04 39.59 15.44
N ARG B 682 2.14 38.85 15.55
CA ARG B 682 3.02 38.91 16.72
C ARG B 682 4.45 39.08 16.24
N VAL B 683 5.17 40.01 16.86
CA VAL B 683 6.57 40.23 16.51
C VAL B 683 7.43 39.64 17.62
N GLU B 684 8.45 38.90 17.22
CA GLU B 684 9.15 38.01 18.11
C GLU B 684 10.54 37.79 17.53
N SER B 685 11.45 38.71 17.85
CA SER B 685 12.83 38.65 17.39
C SER B 685 13.68 37.68 18.23
N GLN C 26 6.04 -38.81 35.43
CA GLN C 26 6.72 -38.33 34.23
C GLN C 26 6.18 -36.95 33.76
N ARG C 27 7.09 -35.97 33.80
CA ARG C 27 6.84 -34.63 33.28
C ARG C 27 6.32 -34.68 31.84
N GLN C 28 5.21 -33.97 31.57
CA GLN C 28 4.57 -33.91 30.25
C GLN C 28 4.95 -32.62 29.53
N ASP C 29 5.19 -32.72 28.22
CA ASP C 29 5.57 -31.59 27.38
C ASP C 29 4.68 -31.63 26.13
N ILE C 30 3.69 -30.74 26.07
CA ILE C 30 2.67 -30.75 25.02
C ILE C 30 2.87 -29.55 24.11
N LEU C 31 3.12 -29.81 22.82
CA LEU C 31 3.21 -28.74 21.85
C LEU C 31 1.84 -28.07 21.68
N LEU C 32 1.82 -26.74 21.70
CA LEU C 32 0.60 -25.95 21.56
C LEU C 32 0.58 -25.12 20.28
N ASN C 33 1.17 -25.61 19.20
CA ASN C 33 1.29 -24.78 18.00
C ASN C 33 0.04 -24.80 17.14
N ASP C 34 -0.82 -25.78 17.29
CA ASP C 34 -1.83 -26.01 16.27
C ASP C 34 -3.06 -25.15 16.48
N HIS C 35 -3.60 -24.62 15.37
CA HIS C 35 -4.84 -23.83 15.34
C HIS C 35 -5.02 -22.74 16.41
N TRP C 36 -4.58 -21.54 16.10
CA TRP C 36 -4.90 -20.35 16.88
C TRP C 36 -5.71 -19.37 16.03
N ASN C 37 -6.42 -18.46 16.71
CA ASN C 37 -7.16 -17.35 16.11
C ASN C 37 -6.30 -16.09 16.10
N PHE C 38 -6.23 -15.41 14.95
CA PHE C 38 -5.37 -14.23 14.81
C PHE C 38 -6.10 -13.05 14.19
N ARG C 39 -5.77 -11.86 14.68
CA ARG C 39 -6.20 -10.63 14.02
C ARG C 39 -5.27 -9.50 14.46
N PHE C 40 -5.03 -8.57 13.55
CA PHE C 40 -4.30 -7.36 13.93
C PHE C 40 -5.16 -6.49 14.82
N SER C 41 -4.53 -5.71 15.71
CA SER C 41 -5.36 -4.77 16.45
C SER C 41 -5.87 -3.64 15.56
N HIS C 42 -5.20 -3.38 14.43
CA HIS C 42 -5.79 -2.41 13.52
C HIS C 42 -7.03 -2.94 12.84
N GLN C 43 -7.34 -4.22 12.98
CA GLN C 43 -8.64 -4.76 12.61
C GLN C 43 -9.55 -4.64 13.83
N VAL C 44 -10.18 -3.47 13.95
CA VAL C 44 -11.01 -3.15 15.10
C VAL C 44 -12.33 -3.93 15.09
N GLN C 45 -12.85 -4.29 13.92
CA GLN C 45 -14.17 -4.91 13.84
C GLN C 45 -14.15 -6.32 14.42
N LYS C 46 -15.31 -6.76 14.90
CA LYS C 46 -15.45 -8.15 15.33
C LYS C 46 -15.52 -9.09 14.12
N ASN C 47 -15.27 -10.37 14.40
CA ASN C 47 -15.34 -11.48 13.43
C ASN C 47 -14.25 -11.38 12.37
N THR C 48 -13.10 -10.80 12.72
CA THR C 48 -12.00 -10.64 11.80
C THR C 48 -10.84 -11.57 12.12
N GLU C 49 -11.06 -12.57 12.96
CA GLU C 49 -10.00 -13.52 13.27
C GLU C 49 -9.84 -14.52 12.12
N VAL C 50 -8.59 -14.95 11.89
CA VAL C 50 -8.31 -16.05 10.97
C VAL C 50 -7.45 -17.08 11.68
N ARG C 51 -7.43 -18.28 11.10
CA ARG C 51 -6.62 -19.36 11.64
C ARG C 51 -5.15 -19.16 11.28
N VAL C 52 -4.29 -19.35 12.26
CA VAL C 52 -2.85 -19.49 12.05
C VAL C 52 -2.41 -20.77 12.71
N ASP C 53 -1.22 -21.20 12.33
CA ASP C 53 -0.63 -22.41 12.89
C ASP C 53 0.80 -22.07 13.26
N LEU C 54 1.12 -22.13 14.53
CA LEU C 54 2.45 -21.79 14.99
C LEU C 54 3.43 -22.83 14.47
N PRO C 55 4.68 -22.43 14.16
CA PRO C 55 5.26 -21.09 14.28
C PRO C 55 4.73 -20.11 13.23
N HIS C 56 4.69 -18.82 13.58
CA HIS C 56 3.98 -17.85 12.78
C HIS C 56 4.63 -16.49 12.88
N THR C 57 4.85 -15.86 11.74
CA THR C 57 5.06 -14.42 11.65
C THR C 57 4.05 -13.79 10.70
N TRP C 58 3.77 -12.52 10.90
CA TRP C 58 2.88 -11.84 9.98
C TRP C 58 3.64 -10.95 9.02
N ASN C 59 4.98 -11.02 9.03
CA ASN C 59 5.81 -10.25 8.12
C ASN C 59 6.50 -11.13 7.07
N ALA C 60 5.96 -12.31 6.78
CA ALA C 60 6.58 -13.15 5.76
C ALA C 60 6.21 -12.71 4.34
N GLN C 61 5.10 -11.97 4.15
CA GLN C 61 4.75 -11.43 2.83
C GLN C 61 5.18 -9.97 2.62
N ASP C 62 4.89 -9.06 3.55
CA ASP C 62 5.15 -7.65 3.25
C ASP C 62 6.64 -7.32 3.36
N ALA C 63 7.31 -7.80 4.41
CA ALA C 63 8.74 -7.51 4.58
C ALA C 63 9.57 -8.15 3.48
N LEU C 64 9.35 -9.45 3.23
CA LEU C 64 10.16 -10.11 2.22
C LEU C 64 9.81 -9.66 0.81
N SER C 65 8.71 -8.93 0.62
CA SER C 65 8.45 -8.36 -0.69
C SER C 65 9.22 -7.06 -0.90
N GLY C 66 9.96 -6.60 0.09
CA GLY C 66 10.75 -5.40 -0.09
C GLY C 66 10.09 -4.14 0.38
N LYS C 67 9.05 -4.26 1.19
CA LYS C 67 8.31 -3.13 1.74
C LYS C 67 9.06 -2.57 2.95
N PRO C 68 9.56 -1.33 2.86
CA PRO C 68 10.38 -0.81 3.97
C PRO C 68 9.58 -0.55 5.23
N ASP C 69 8.34 -0.12 5.09
CA ASP C 69 7.43 0.09 6.21
C ASP C 69 6.46 -1.06 6.33
N TYR C 70 7.03 -2.26 6.51
CA TYR C 70 6.20 -3.42 6.78
C TYR C 70 5.56 -3.27 8.16
N LYS C 71 4.60 -4.14 8.44
CA LYS C 71 3.66 -3.90 9.52
C LYS C 71 4.39 -4.18 10.82
N ARG C 72 4.65 -3.13 11.59
CA ARG C 72 5.26 -3.25 12.92
C ARG C 72 4.24 -2.74 13.92
N GLY C 73 3.54 -3.67 14.58
CA GLY C 73 2.37 -3.36 15.36
C GLY C 73 1.94 -4.57 16.19
N ILE C 74 0.68 -4.58 16.63
CA ILE C 74 0.17 -5.59 17.58
C ILE C 74 -0.67 -6.63 16.84
N GLY C 75 -0.38 -7.91 17.06
CA GLY C 75 -1.23 -8.99 16.59
C GLY C 75 -1.68 -9.88 17.74
N ASN C 76 -2.93 -10.33 17.69
CA ASN C 76 -3.54 -11.02 18.82
C ASN C 76 -3.78 -12.48 18.47
N TYR C 77 -3.15 -13.36 19.23
CA TYR C 77 -3.30 -14.80 19.09
C TYR C 77 -4.17 -15.32 20.21
N GLU C 78 -5.19 -16.10 19.89
CA GLU C 78 -5.97 -16.79 20.89
C GLU C 78 -6.05 -18.29 20.58
N LYS C 79 -5.92 -19.10 21.64
CA LYS C 79 -6.14 -20.55 21.62
C LYS C 79 -7.08 -20.95 22.74
N LYS C 80 -8.01 -21.84 22.42
CA LYS C 80 -8.78 -22.55 23.44
C LYS C 80 -8.03 -23.82 23.81
N LEU C 81 -7.81 -24.02 25.10
CA LEU C 81 -7.11 -25.19 25.58
C LEU C 81 -7.89 -25.78 26.74
N PHE C 82 -8.10 -27.09 26.71
CA PHE C 82 -8.91 -27.74 27.73
C PHE C 82 -8.03 -28.16 28.90
N ILE C 83 -8.37 -27.68 30.09
CA ILE C 83 -7.60 -28.00 31.28
C ILE C 83 -8.22 -29.24 31.93
N ARG C 84 -7.50 -30.36 31.86
CA ARG C 84 -8.03 -31.63 32.33
C ARG C 84 -8.16 -31.63 33.84
N SER C 85 -9.15 -32.37 34.34
CA SER C 85 -9.30 -32.47 35.80
C SER C 85 -8.16 -33.23 36.43
N GLU C 86 -7.55 -34.18 35.72
CA GLU C 86 -6.42 -34.91 36.29
C GLU C 86 -5.14 -34.07 36.34
N TRP C 87 -5.18 -32.81 35.89
CA TRP C 87 -4.04 -31.93 36.10
C TRP C 87 -4.17 -31.10 37.36
N GLN C 88 -5.34 -31.10 37.98
CA GLN C 88 -5.49 -30.37 39.23
C GLN C 88 -4.64 -31.04 40.29
N GLY C 89 -3.75 -30.26 40.91
CA GLY C 89 -2.77 -30.79 41.83
C GLY C 89 -1.38 -30.83 41.26
N LYS C 90 -1.24 -30.66 39.95
CA LYS C 90 0.05 -30.56 39.30
C LYS C 90 0.38 -29.08 39.11
N ARG C 91 1.50 -28.80 38.47
CA ARG C 91 1.81 -27.45 38.06
C ARG C 91 1.79 -27.38 36.54
N LEU C 92 1.47 -26.20 36.01
CA LEU C 92 1.20 -25.99 34.59
C LEU C 92 1.98 -24.77 34.12
N PHE C 93 2.82 -24.94 33.10
CA PHE C 93 3.68 -23.87 32.63
C PHE C 93 3.44 -23.63 31.14
N LEU C 94 3.27 -22.37 30.76
CA LEU C 94 3.36 -21.97 29.35
C LEU C 94 4.77 -21.44 29.09
N ARG C 95 5.51 -22.10 28.20
CA ARG C 95 6.84 -21.67 27.83
C ARG C 95 6.88 -21.30 26.35
N PHE C 96 7.36 -20.08 26.03
CA PHE C 96 7.42 -19.57 24.67
C PHE C 96 8.88 -19.47 24.24
N GLU C 97 9.24 -20.19 23.17
CA GLU C 97 10.64 -20.22 22.79
C GLU C 97 11.11 -18.92 22.13
N GLY C 98 10.19 -18.08 21.69
CA GLY C 98 10.51 -16.85 21.00
C GLY C 98 9.27 -16.15 20.49
N VAL C 99 9.09 -14.90 20.91
CA VAL C 99 7.98 -14.03 20.50
C VAL C 99 8.53 -12.63 20.35
N ASN C 100 8.47 -12.10 19.12
CA ASN C 100 9.06 -10.82 18.78
C ASN C 100 7.97 -9.76 18.68
N SER C 101 8.12 -8.67 19.44
CA SER C 101 9.21 -8.52 20.39
C SER C 101 8.70 -8.39 21.84
N VAL C 102 7.58 -7.71 22.04
CA VAL C 102 6.95 -7.56 23.36
C VAL C 102 5.67 -8.38 23.38
N ALA C 103 5.55 -9.30 24.33
CA ALA C 103 4.34 -10.10 24.49
C ALA C 103 3.67 -9.82 25.83
N ASP C 104 2.34 -9.72 25.84
CA ASP C 104 1.53 -9.79 27.05
C ASP C 104 0.59 -10.99 26.94
N VAL C 105 0.61 -11.84 27.97
CA VAL C 105 -0.08 -13.13 27.98
C VAL C 105 -1.28 -13.01 28.91
N PHE C 106 -2.42 -13.50 28.44
CA PHE C 106 -3.68 -13.42 29.18
C PHE C 106 -4.23 -14.82 29.31
N ILE C 107 -4.72 -15.14 30.50
CA ILE C 107 -5.42 -16.39 30.74
C ILE C 107 -6.86 -16.01 31.06
N ASN C 108 -7.77 -16.45 30.18
CA ASN C 108 -9.17 -16.06 30.23
C ASN C 108 -9.29 -14.54 30.31
N ASN C 109 -8.52 -13.86 29.47
CA ASN C 109 -8.54 -12.42 29.31
C ASN C 109 -8.06 -11.65 30.54
N LEU C 110 -7.44 -12.31 31.52
CA LEU C 110 -6.83 -11.64 32.66
C LEU C 110 -5.33 -11.67 32.48
N HIS C 111 -4.70 -10.50 32.50
CA HIS C 111 -3.27 -10.38 32.26
C HIS C 111 -2.44 -11.16 33.29
N ILE C 112 -1.40 -11.85 32.82
CA ILE C 112 -0.50 -12.56 33.72
C ILE C 112 0.96 -12.17 33.54
N GLY C 113 1.28 -11.32 32.58
CA GLY C 113 2.63 -10.82 32.51
C GLY C 113 2.99 -10.37 31.11
N GLU C 114 4.01 -9.52 31.04
CA GLU C 114 4.58 -9.12 29.76
C GLU C 114 6.05 -9.48 29.73
N HIS C 115 6.51 -9.83 28.54
CA HIS C 115 7.91 -10.09 28.27
C HIS C 115 8.34 -9.13 27.18
N ARG C 116 9.44 -8.41 27.40
CA ARG C 116 10.02 -7.50 26.41
C ARG C 116 11.31 -8.12 25.87
N GLY C 117 11.30 -8.52 24.60
CA GLY C 117 12.48 -9.03 23.92
C GLY C 117 12.15 -10.17 22.98
N GLY C 118 12.55 -10.06 21.72
CA GLY C 118 12.02 -10.98 20.74
C GLY C 118 12.76 -12.28 20.50
N TYR C 119 13.77 -12.62 21.31
CA TYR C 119 14.64 -13.74 20.96
C TYR C 119 15.02 -14.64 22.13
N GLY C 120 14.84 -14.21 23.39
CA GLY C 120 14.96 -15.12 24.50
C GLY C 120 13.66 -15.89 24.73
N ALA C 121 13.80 -17.08 25.29
CA ALA C 121 12.61 -17.80 25.71
C ALA C 121 12.07 -17.21 27.02
N PHE C 122 10.76 -17.36 27.26
CA PHE C 122 10.17 -16.91 28.52
C PHE C 122 9.00 -17.81 28.91
N ILE C 123 8.70 -17.79 30.23
CA ILE C 123 7.73 -18.73 30.79
C ILE C 123 6.84 -18.03 31.81
N PHE C 124 5.61 -18.53 31.95
CA PHE C 124 4.66 -18.07 32.96
C PHE C 124 3.95 -19.30 33.51
N GLU C 125 3.85 -19.39 34.85
CA GLU C 125 3.09 -20.45 35.48
C GLU C 125 1.61 -20.09 35.50
N ILE C 126 0.77 -21.07 35.17
CA ILE C 126 -0.68 -20.88 35.12
C ILE C 126 -1.44 -21.75 36.09
N THR C 127 -0.74 -22.57 36.88
CA THR C 127 -1.35 -23.40 37.91
C THR C 127 -2.56 -22.75 38.59
N GLY C 128 -2.42 -21.48 38.99
CA GLY C 128 -3.43 -20.86 39.81
C GLY C 128 -4.35 -19.99 38.99
N LYS C 129 -4.25 -20.10 37.67
CA LYS C 129 -4.85 -19.13 36.77
C LYS C 129 -5.93 -19.72 35.87
N VAL C 130 -6.23 -21.00 35.99
CA VAL C 130 -7.14 -21.69 35.09
C VAL C 130 -8.24 -22.33 35.91
N GLU C 131 -9.29 -22.73 35.20
CA GLU C 131 -10.37 -23.52 35.75
C GLU C 131 -10.16 -24.97 35.28
N TYR C 132 -9.87 -25.86 36.22
CA TYR C 132 -9.61 -27.25 35.89
C TYR C 132 -10.89 -27.96 35.46
N GLY C 133 -10.76 -28.84 34.46
CA GLY C 133 -11.87 -29.62 33.98
C GLY C 133 -12.72 -28.96 32.90
N LYS C 134 -12.38 -27.74 32.48
CA LYS C 134 -13.18 -26.99 31.51
C LYS C 134 -12.24 -26.33 30.50
N GLU C 135 -12.86 -25.71 29.49
CA GLU C 135 -12.10 -24.99 28.49
C GLU C 135 -11.57 -23.69 29.07
N ASN C 136 -10.39 -23.28 28.62
CA ASN C 136 -9.82 -21.98 28.96
C ASN C 136 -9.31 -21.33 27.68
N SER C 137 -8.87 -20.08 27.78
CA SER C 137 -8.39 -19.40 26.58
C SER C 137 -7.08 -18.71 26.91
N ILE C 138 -6.09 -18.91 26.05
CA ILE C 138 -4.84 -18.16 26.08
C ILE C 138 -4.98 -17.04 25.05
N LEU C 139 -4.66 -15.82 25.47
CA LEU C 139 -4.56 -14.67 24.58
C LEU C 139 -3.14 -14.13 24.69
N VAL C 140 -2.44 -14.07 23.56
CA VAL C 140 -1.08 -13.53 23.51
C VAL C 140 -1.11 -12.31 22.63
N ARG C 141 -0.96 -11.14 23.24
CA ARG C 141 -0.93 -9.91 22.48
C ARG C 141 0.53 -9.58 22.18
N VAL C 142 0.91 -9.69 20.91
CA VAL C 142 2.30 -9.60 20.49
C VAL C 142 2.49 -8.30 19.72
N ASN C 143 3.49 -7.53 20.12
CA ASN C 143 3.77 -6.22 19.55
C ASN C 143 5.20 -6.18 18.99
N ASN C 144 5.33 -6.09 17.67
CA ASN C 144 6.63 -5.81 17.07
C ASN C 144 6.78 -4.35 16.65
N GLY C 145 5.95 -3.45 17.19
CA GLY C 145 6.11 -2.04 16.89
C GLY C 145 7.46 -1.53 17.34
N GLU C 146 7.87 -0.39 16.80
CA GLU C 146 9.16 0.18 17.16
C GLU C 146 9.17 0.58 18.63
N GLN C 147 10.31 0.39 19.28
CA GLN C 147 10.56 0.86 20.64
C GLN C 147 11.97 1.43 20.70
N LEU C 148 12.15 2.45 21.54
CA LEU C 148 13.48 2.96 21.83
C LEU C 148 14.10 2.33 23.08
N ASP C 149 13.39 1.39 23.73
CA ASP C 149 13.87 0.75 24.95
C ASP C 149 13.99 -0.77 24.86
N VAL C 150 13.89 -1.37 23.67
CA VAL C 150 14.13 -2.82 23.56
C VAL C 150 15.00 -3.12 22.37
N MET C 151 16.27 -3.44 22.64
CA MET C 151 17.19 -3.83 21.58
C MET C 151 16.65 -5.08 20.88
N PRO C 152 16.85 -5.21 19.56
CA PRO C 152 17.60 -4.23 18.76
C PRO C 152 16.73 -3.08 18.34
N LEU C 153 17.29 -1.86 18.31
CA LEU C 153 16.59 -0.68 17.81
C LEU C 153 16.77 -0.51 16.32
N VAL C 154 17.92 -0.91 15.81
CA VAL C 154 18.27 -0.79 14.41
C VAL C 154 18.91 -2.10 14.00
N GLY C 155 19.16 -2.24 12.71
CA GLY C 155 19.76 -3.45 12.21
C GLY C 155 19.49 -3.67 10.76
N ASP C 156 20.49 -4.15 10.02
CA ASP C 156 20.32 -4.58 8.64
C ASP C 156 19.64 -5.96 8.59
N PHE C 157 18.43 -6.04 9.14
CA PHE C 157 17.60 -7.23 8.96
C PHE C 157 16.14 -6.88 9.29
N ASN C 158 15.28 -7.92 9.29
CA ASN C 158 13.86 -7.74 9.47
C ASN C 158 13.44 -8.09 10.89
N PHE C 159 12.52 -7.31 11.43
CA PHE C 159 12.00 -7.57 12.79
C PHE C 159 10.65 -8.29 12.71
N TYR C 160 10.70 -9.51 12.19
CA TYR C 160 9.46 -10.24 11.91
C TYR C 160 8.68 -10.41 13.19
N GLY C 161 7.48 -9.84 13.24
CA GLY C 161 6.66 -9.97 14.44
C GLY C 161 5.90 -11.28 14.49
N GLY C 162 5.60 -11.73 15.70
CA GLY C 162 4.76 -12.89 15.90
C GLY C 162 5.35 -13.87 16.90
N ILE C 163 4.57 -14.90 17.18
CA ILE C 163 5.06 -16.06 17.91
C ILE C 163 5.70 -17.01 16.89
N TYR C 164 6.98 -16.78 16.59
CA TYR C 164 7.65 -17.47 15.48
C TYR C 164 8.44 -18.71 15.89
N ARG C 165 8.44 -19.07 17.18
CA ARG C 165 9.01 -20.32 17.69
C ARG C 165 7.94 -21.09 18.47
N ASP C 166 8.33 -22.25 18.99
CA ASP C 166 7.33 -23.19 19.50
C ASP C 166 6.70 -22.67 20.79
N VAL C 167 5.58 -23.28 21.14
CA VAL C 167 4.87 -22.91 22.35
C VAL C 167 4.44 -24.22 22.99
N HIS C 168 4.83 -24.42 24.24
CA HIS C 168 4.65 -25.69 24.92
C HIS C 168 3.80 -25.51 26.17
N LEU C 169 3.09 -26.57 26.54
CA LEU C 169 2.50 -26.69 27.87
C LEU C 169 3.34 -27.66 28.68
N LEU C 170 3.89 -27.17 29.81
CA LEU C 170 4.68 -28.00 30.72
C LEU C 170 3.83 -28.43 31.90
N ILE C 171 3.70 -29.74 32.08
CA ILE C 171 3.05 -30.30 33.26
C ILE C 171 4.08 -31.03 34.09
N THR C 172 4.17 -30.67 35.36
CA THR C 172 5.18 -31.17 36.28
C THR C 172 4.53 -31.57 37.60
N ASP C 173 5.29 -32.30 38.41
CA ASP C 173 4.92 -32.50 39.80
C ASP C 173 4.86 -31.16 40.53
N GLU C 174 4.06 -31.13 41.60
CA GLU C 174 4.02 -29.97 42.48
C GLU C 174 5.39 -29.64 43.06
N VAL C 175 6.28 -30.62 43.13
CA VAL C 175 7.69 -30.39 43.42
C VAL C 175 8.45 -30.78 42.16
N CYS C 176 9.15 -29.82 41.57
CA CYS C 176 9.73 -30.00 40.26
C CYS C 176 11.09 -29.31 40.20
N ILE C 177 11.84 -29.70 39.18
CA ILE C 177 13.06 -28.97 38.80
C ILE C 177 12.61 -27.70 38.09
N SER C 178 12.82 -26.55 38.73
CA SER C 178 12.04 -25.37 38.36
C SER C 178 12.35 -24.92 36.93
N PRO C 179 11.32 -24.63 36.12
CA PRO C 179 11.55 -24.03 34.79
C PRO C 179 11.40 -22.52 34.74
N LEU C 180 11.40 -21.85 35.88
CA LEU C 180 10.93 -20.46 35.94
C LEU C 180 12.05 -19.44 35.87
N ASP C 181 13.29 -19.81 36.19
CA ASP C 181 14.36 -18.82 36.29
C ASP C 181 14.84 -18.45 34.89
N HIS C 182 14.56 -17.22 34.48
CA HIS C 182 14.82 -16.79 33.11
C HIS C 182 14.52 -17.88 32.07
N ALA C 183 13.44 -18.65 32.28
CA ALA C 183 13.08 -19.75 31.37
C ALA C 183 14.24 -20.71 31.10
N SER C 184 15.12 -20.90 32.08
CA SER C 184 16.24 -21.81 31.95
C SER C 184 15.77 -23.25 32.18
N PRO C 185 16.61 -24.24 31.85
CA PRO C 185 16.22 -25.64 32.11
C PRO C 185 16.14 -25.98 33.59
N GLY C 186 16.65 -25.12 34.47
CA GLY C 186 16.69 -25.40 35.89
C GLY C 186 17.93 -26.15 36.30
N VAL C 187 18.77 -26.52 35.33
CA VAL C 187 20.00 -27.27 35.55
C VAL C 187 21.12 -26.52 34.86
N ARG C 188 22.17 -26.21 35.61
CA ARG C 188 23.33 -25.53 35.08
C ARG C 188 24.55 -26.42 35.25
N LEU C 189 25.25 -26.68 34.16
CA LEU C 189 26.43 -27.56 34.15
C LEU C 189 27.64 -26.68 33.88
N THR C 190 28.30 -26.28 34.96
CA THR C 190 29.47 -25.40 34.93
C THR C 190 30.74 -26.24 34.92
N GLN C 191 31.59 -26.04 33.92
CA GLN C 191 32.83 -26.80 33.80
C GLN C 191 33.93 -25.98 34.46
N ASP C 192 34.18 -26.28 35.74
CA ASP C 192 35.09 -25.49 36.54
C ASP C 192 36.56 -25.86 36.33
N SER C 193 36.85 -27.08 35.91
CA SER C 193 38.22 -27.49 35.59
C SER C 193 38.13 -28.63 34.60
N VAL C 194 38.76 -28.50 33.44
CA VAL C 194 38.80 -29.56 32.45
C VAL C 194 40.22 -29.75 31.94
N SER C 195 40.62 -31.02 31.84
CA SER C 195 41.94 -31.42 31.36
C SER C 195 41.78 -32.79 30.70
N HIS C 196 42.82 -33.21 30.00
CA HIS C 196 42.75 -34.50 29.34
C HIS C 196 42.68 -35.66 30.32
N LYS C 197 43.00 -35.42 31.60
CA LYS C 197 42.85 -36.44 32.63
C LYS C 197 41.63 -36.23 33.52
N TYR C 198 41.25 -35.00 33.83
CA TYR C 198 40.23 -34.79 34.84
C TYR C 198 39.34 -33.61 34.47
N ALA C 199 38.03 -33.78 34.63
CA ALA C 199 37.04 -32.72 34.48
C ALA C 199 36.15 -32.68 35.71
N ARG C 200 35.93 -31.48 36.25
CA ARG C 200 35.06 -31.27 37.39
C ARG C 200 33.95 -30.31 37.02
N ILE C 201 32.71 -30.75 37.23
CA ILE C 201 31.52 -30.07 36.74
C ILE C 201 30.61 -29.78 37.93
N GLU C 202 30.38 -28.50 38.21
CA GLU C 202 29.50 -28.05 39.28
C GLU C 202 28.07 -27.94 38.76
N VAL C 203 27.16 -28.72 39.33
CA VAL C 203 25.77 -28.77 38.83
C VAL C 203 24.87 -27.97 39.75
N LEU C 204 24.16 -27.00 39.18
CA LEU C 204 23.20 -26.16 39.91
C LEU C 204 21.80 -26.54 39.48
N VAL C 205 20.99 -26.97 40.44
CA VAL C 205 19.59 -27.37 40.20
C VAL C 205 18.70 -26.47 41.05
N GLU C 206 17.70 -25.86 40.40
CA GLU C 206 16.66 -25.12 41.10
C GLU C 206 15.48 -26.05 41.39
N VAL C 207 15.07 -26.11 42.65
CA VAL C 207 13.97 -26.97 43.05
C VAL C 207 12.85 -26.09 43.59
N SER C 208 11.63 -26.35 43.15
CA SER C 208 10.48 -25.60 43.59
C SER C 208 9.52 -26.53 44.31
N ASN C 209 9.04 -26.09 45.45
CA ASN C 209 8.01 -26.80 46.19
C ASN C 209 6.73 -26.00 45.98
N GLY C 210 5.87 -26.48 45.10
CA GLY C 210 4.56 -25.90 45.02
C GLY C 210 3.54 -26.46 45.98
N SER C 211 3.92 -27.38 46.86
CA SER C 211 3.02 -27.88 47.91
C SER C 211 2.87 -26.88 49.04
N ASP C 212 1.78 -27.03 49.80
CA ASP C 212 1.59 -26.27 51.03
C ASP C 212 2.23 -26.93 52.23
N LYS C 213 2.76 -28.14 52.07
CA LYS C 213 3.39 -28.87 53.15
C LYS C 213 4.86 -29.09 52.81
N ALA C 214 5.66 -29.31 53.86
CA ALA C 214 7.06 -29.65 53.67
C ALA C 214 7.20 -31.00 52.99
N GLN C 215 8.30 -31.15 52.25
CA GLN C 215 8.52 -32.31 51.41
C GLN C 215 9.98 -32.72 51.56
N GLU C 216 10.25 -34.01 51.74
CA GLU C 216 11.61 -34.52 51.75
C GLU C 216 11.85 -35.29 50.46
N ILE C 217 12.83 -34.84 49.67
CA ILE C 217 13.03 -35.34 48.33
C ILE C 217 14.48 -35.71 48.11
N GLU C 218 14.68 -36.64 47.19
CA GLU C 218 16.00 -37.08 46.80
C GLU C 218 16.38 -36.40 45.47
N LEU C 219 17.49 -35.69 45.46
CA LEU C 219 18.02 -35.09 44.25
C LEU C 219 19.14 -35.97 43.71
N GLY C 220 19.04 -36.37 42.46
CA GLY C 220 20.07 -37.18 41.88
C GLY C 220 20.47 -36.75 40.50
N ILE C 221 21.73 -36.89 40.14
CA ILE C 221 22.19 -36.64 38.79
C ILE C 221 22.99 -37.85 38.32
N CYS C 222 22.78 -38.23 37.07
CA CYS C 222 23.40 -39.42 36.48
C CYS C 222 24.01 -38.99 35.16
N VAL C 223 25.33 -39.03 35.05
CA VAL C 223 25.99 -38.70 33.80
C VAL C 223 26.22 -39.99 33.03
N ARG C 224 25.68 -40.05 31.81
CA ARG C 224 25.55 -41.28 31.05
C ARG C 224 26.31 -41.17 29.74
N ASP C 225 26.94 -42.27 29.33
CA ASP C 225 27.59 -42.40 28.02
C ASP C 225 26.83 -43.50 27.30
N GLY C 226 25.99 -43.12 26.35
CA GLY C 226 24.98 -44.04 25.90
C GLY C 226 24.13 -44.48 27.08
N LYS C 227 24.31 -45.73 27.51
CA LYS C 227 23.59 -46.28 28.66
C LYS C 227 24.46 -46.48 29.89
N ARG C 228 25.78 -46.25 29.80
CA ARG C 228 26.67 -46.52 30.93
C ARG C 228 26.74 -45.31 31.85
N THR C 229 26.40 -45.50 33.12
CA THR C 229 26.54 -44.43 34.11
C THR C 229 28.02 -44.09 34.28
N VAL C 230 28.40 -42.86 33.92
CA VAL C 230 29.79 -42.46 34.00
C VAL C 230 30.14 -42.05 35.42
N THR C 231 29.37 -41.13 35.98
CA THR C 231 29.41 -40.80 37.40
C THR C 231 28.00 -40.54 37.87
N GLU C 232 27.85 -40.41 39.18
CA GLU C 232 26.53 -40.36 39.82
C GLU C 232 26.71 -39.74 41.19
N ARG C 233 25.81 -38.83 41.54
CA ARG C 233 25.83 -38.18 42.85
C ARG C 233 24.41 -37.90 43.30
N ASN C 234 24.09 -38.24 44.54
CA ASN C 234 22.75 -38.02 45.09
C ASN C 234 22.80 -37.42 46.48
N GLU C 235 21.71 -36.74 46.84
CA GLU C 235 21.58 -36.12 48.14
C GLU C 235 20.11 -36.02 48.51
N LYS C 236 19.85 -35.99 49.83
CA LYS C 236 18.52 -35.91 50.40
C LYS C 236 18.39 -34.66 51.24
N PHE C 237 17.27 -33.96 51.10
CA PHE C 237 17.00 -32.78 51.90
C PHE C 237 15.50 -32.63 52.07
N SER C 238 15.11 -31.75 52.99
CA SER C 238 13.73 -31.35 53.12
C SER C 238 13.57 -29.93 52.61
N LEU C 239 12.52 -29.72 51.83
CA LEU C 239 12.20 -28.42 51.26
C LEU C 239 10.86 -28.02 51.87
N SER C 240 10.84 -26.86 52.52
CA SER C 240 9.59 -26.49 53.17
C SER C 240 8.57 -26.04 52.12
N GLY C 241 7.30 -26.10 52.51
CA GLY C 241 6.22 -25.79 51.57
C GLY C 241 6.35 -24.39 51.00
N ASN C 242 5.93 -24.25 49.74
CA ASN C 242 5.92 -22.97 49.04
C ASN C 242 7.30 -22.32 49.08
N SER C 243 8.33 -23.13 48.89
CA SER C 243 9.68 -22.62 48.97
C SER C 243 10.46 -23.10 47.75
N ASP C 244 11.41 -22.27 47.34
CA ASP C 244 12.35 -22.56 46.27
C ASP C 244 13.75 -22.65 46.86
N MET C 245 14.58 -23.49 46.24
CA MET C 245 15.93 -23.70 46.75
C MET C 245 16.83 -24.06 45.57
N GLN C 246 18.12 -23.79 45.75
CA GLN C 246 19.15 -24.02 44.73
C GLN C 246 20.22 -24.94 45.29
N ARG C 247 20.28 -26.17 44.78
CA ARG C 247 21.31 -27.13 45.18
C ARG C 247 22.48 -27.09 44.23
N ARG C 248 23.64 -27.52 44.74
CA ARG C 248 24.87 -27.51 43.95
C ARG C 248 25.59 -28.83 44.24
N LEU C 249 25.47 -29.79 43.33
CA LEU C 249 26.25 -31.03 43.39
C LEU C 249 27.47 -30.95 42.49
N VAL C 250 28.60 -31.44 43.01
CA VAL C 250 29.88 -31.47 42.30
C VAL C 250 30.13 -32.87 41.78
N CYS C 251 30.20 -33.00 40.45
CA CYS C 251 30.50 -34.25 39.76
C CYS C 251 31.95 -34.23 39.29
N GLU C 252 32.52 -35.41 39.17
CA GLU C 252 33.87 -35.55 38.64
C GLU C 252 33.91 -36.72 37.66
N ILE C 253 34.66 -36.53 36.58
CA ILE C 253 34.83 -37.54 35.55
C ILE C 253 36.32 -37.66 35.32
N LYS C 254 36.90 -38.80 35.72
CA LYS C 254 38.30 -39.06 35.47
C LYS C 254 38.44 -39.63 34.08
N ASP C 255 39.56 -39.29 33.43
CA ASP C 255 39.82 -39.60 32.03
C ASP C 255 38.63 -39.28 31.12
N PRO C 256 38.28 -37.99 31.04
CA PRO C 256 37.05 -37.64 30.36
C PRO C 256 37.17 -37.71 28.84
N HIS C 257 36.07 -38.05 28.20
CA HIS C 257 35.94 -38.03 26.76
C HIS C 257 35.63 -36.60 26.37
N LEU C 258 36.63 -35.87 25.87
CA LEU C 258 36.47 -34.46 25.58
C LEU C 258 35.74 -34.25 24.24
N TRP C 259 34.77 -33.34 24.25
CA TRP C 259 34.20 -32.80 23.02
C TRP C 259 35.28 -31.99 22.31
N ASN C 260 35.72 -32.45 21.12
CA ASN C 260 36.85 -31.86 20.41
C ASN C 260 36.46 -31.46 18.99
N GLY C 261 35.42 -30.60 18.88
CA GLY C 261 35.02 -30.01 17.62
C GLY C 261 34.53 -31.05 16.63
N ARG C 262 34.74 -30.78 15.35
CA ARG C 262 34.26 -31.71 14.33
C ARG C 262 35.08 -33.00 14.31
N GLN C 263 36.34 -32.96 14.77
CA GLN C 263 37.14 -34.18 14.91
C GLN C 263 36.46 -35.25 15.75
N ASP C 264 35.69 -34.84 16.78
CA ASP C 264 35.02 -35.77 17.68
C ASP C 264 34.08 -35.00 18.59
N PRO C 265 32.83 -34.74 18.18
CA PRO C 265 31.86 -33.98 19.01
C PRO C 265 31.17 -34.84 20.07
N PHE C 266 31.95 -35.38 21.00
CA PHE C 266 31.38 -36.28 21.98
C PHE C 266 30.48 -35.55 22.97
N LEU C 267 29.38 -36.18 23.34
CA LEU C 267 28.41 -35.62 24.26
C LEU C 267 28.03 -36.67 25.28
N TYR C 268 28.23 -36.35 26.56
CA TYR C 268 27.56 -37.07 27.61
C TYR C 268 26.15 -36.50 27.76
N ARG C 269 25.27 -37.30 28.34
CA ARG C 269 23.96 -36.83 28.76
C ARG C 269 23.93 -36.79 30.28
N ALA C 270 23.49 -35.66 30.84
CA ALA C 270 23.35 -35.47 32.28
C ALA C 270 21.88 -35.46 32.63
N GLU C 271 21.41 -36.50 33.31
CA GLU C 271 20.00 -36.63 33.66
C GLU C 271 19.84 -36.33 35.15
N VAL C 272 19.25 -35.17 35.48
CA VAL C 272 18.90 -34.82 36.85
C VAL C 272 17.46 -35.27 37.11
N THR C 273 17.24 -35.92 38.25
CA THR C 273 15.90 -36.41 38.60
C THR C 273 15.56 -36.08 40.04
N LEU C 274 14.26 -35.86 40.28
CA LEU C 274 13.71 -35.75 41.62
C LEU C 274 13.01 -37.07 41.98
N THR C 275 13.37 -37.63 43.12
CA THR C 275 12.76 -38.85 43.64
C THR C 275 11.97 -38.51 44.90
N ARG C 276 11.04 -39.40 45.24
CA ARG C 276 10.21 -39.20 46.41
C ARG C 276 9.65 -40.54 46.86
N ASP C 277 10.06 -40.97 48.05
CA ASP C 277 9.68 -42.27 48.60
C ASP C 277 9.96 -43.37 47.59
N GLY C 278 11.09 -43.24 46.89
CA GLY C 278 11.58 -44.25 45.98
C GLY C 278 11.08 -44.15 44.56
N HIS C 279 10.28 -43.15 44.23
CA HIS C 279 9.69 -43.02 42.90
C HIS C 279 10.11 -41.71 42.25
N VAL C 280 10.52 -41.78 40.98
CA VAL C 280 10.92 -40.58 40.27
C VAL C 280 9.69 -39.78 39.86
N ILE C 281 9.73 -38.48 40.18
CA ILE C 281 8.60 -37.59 40.00
C ILE C 281 8.89 -36.47 39.02
N ASP C 282 10.14 -36.12 38.79
CA ASP C 282 10.49 -35.11 37.79
C ASP C 282 11.88 -35.43 37.26
N GLN C 283 12.11 -35.08 36.01
CA GLN C 283 13.32 -35.44 35.29
C GLN C 283 13.67 -34.30 34.35
N VAL C 284 14.97 -33.99 34.26
CA VAL C 284 15.47 -33.07 33.25
C VAL C 284 16.83 -33.58 32.78
N THR C 285 16.99 -33.76 31.46
CA THR C 285 18.26 -34.17 30.87
C THR C 285 18.89 -33.01 30.12
N GLN C 286 20.22 -32.90 30.17
CA GLN C 286 20.92 -31.80 29.54
C GLN C 286 22.22 -32.29 28.94
N PRO C 287 22.67 -31.70 27.83
CA PRO C 287 23.94 -32.11 27.24
C PRO C 287 25.11 -31.80 28.17
N LEU C 288 26.18 -32.58 28.02
CA LEU C 288 27.46 -32.30 28.69
C LEU C 288 28.56 -32.63 27.69
N GLY C 289 29.15 -31.58 27.12
CA GLY C 289 30.27 -31.72 26.24
C GLY C 289 31.43 -31.04 26.91
N LEU C 290 32.42 -31.83 27.28
CA LEU C 290 33.51 -31.36 28.12
C LEU C 290 34.66 -30.90 27.24
N ARG C 291 35.18 -29.70 27.53
CA ARG C 291 36.31 -29.19 26.77
C ARG C 291 36.88 -27.97 27.48
N PHE C 292 38.13 -27.69 27.18
CA PHE C 292 38.81 -26.48 27.62
C PHE C 292 39.45 -25.82 26.42
N TYR C 293 39.58 -24.50 26.49
CA TYR C 293 40.15 -23.78 25.35
C TYR C 293 40.62 -22.43 25.82
N ARG C 294 41.33 -21.74 24.95
CA ARG C 294 41.78 -20.40 25.28
C ARG C 294 42.01 -19.67 23.97
N ILE C 295 42.00 -18.35 24.04
CA ILE C 295 42.16 -17.50 22.86
C ILE C 295 43.46 -16.73 23.05
N ASP C 296 44.49 -17.19 22.36
CA ASP C 296 45.85 -16.65 22.42
C ASP C 296 45.96 -15.41 21.55
N PRO C 297 46.46 -14.28 22.10
CA PRO C 297 46.64 -13.07 21.28
C PRO C 297 47.38 -13.27 19.97
N ASN C 298 48.37 -14.17 19.94
CA ASN C 298 49.22 -14.34 18.77
C ASN C 298 48.97 -15.61 17.99
N LEU C 299 48.42 -16.66 18.61
CA LEU C 299 48.30 -17.97 18.00
C LEU C 299 46.87 -18.34 17.64
N GLY C 300 45.89 -17.52 17.98
CA GLY C 300 44.51 -17.86 17.72
C GLY C 300 43.82 -18.73 18.75
N PHE C 301 42.88 -19.55 18.29
CA PHE C 301 41.99 -20.31 19.15
C PHE C 301 42.57 -21.71 19.35
N ILE C 302 42.83 -22.07 20.59
CA ILE C 302 43.42 -23.37 20.92
C ILE C 302 42.38 -24.17 21.69
N LEU C 303 41.90 -25.26 21.09
CA LEU C 303 40.84 -26.09 21.64
C LEU C 303 41.45 -27.36 22.20
N ASN C 304 41.27 -27.59 23.50
CA ASN C 304 41.79 -28.76 24.21
C ASN C 304 43.29 -28.93 24.04
N GLY C 305 44.02 -27.82 23.92
CA GLY C 305 45.46 -27.86 23.79
C GLY C 305 45.98 -27.77 22.37
N LYS C 306 45.12 -27.94 21.38
CA LYS C 306 45.56 -27.95 19.99
C LYS C 306 44.94 -26.78 19.24
N HIS C 307 45.76 -26.10 18.44
CA HIS C 307 45.30 -25.01 17.56
C HIS C 307 44.15 -25.43 16.64
N LEU C 308 43.10 -24.60 16.59
CA LEU C 308 42.05 -24.66 15.57
C LEU C 308 41.95 -23.33 14.85
N PRO C 309 42.28 -23.28 13.56
CA PRO C 309 41.65 -22.25 12.71
C PRO C 309 40.15 -22.37 12.89
N LEU C 310 39.51 -21.23 13.14
CA LEU C 310 38.05 -21.15 13.18
C LEU C 310 37.62 -20.68 11.78
N ARG C 311 37.14 -21.61 10.99
CA ARG C 311 36.71 -21.26 9.64
C ARG C 311 35.18 -21.10 9.69
N GLY C 312 34.74 -19.83 9.73
CA GLY C 312 33.39 -19.52 10.17
C GLY C 312 32.49 -18.79 9.20
N VAL C 313 31.18 -18.92 9.40
CA VAL C 313 30.20 -18.13 8.68
C VAL C 313 29.18 -17.55 9.65
N CYS C 314 28.57 -16.43 9.27
CA CYS C 314 27.44 -15.95 10.02
C CYS C 314 26.15 -16.54 9.48
N ARG C 315 25.09 -16.46 10.28
CA ARG C 315 23.81 -17.05 9.92
C ARG C 315 22.67 -16.31 10.61
N HIS C 316 21.62 -16.03 9.86
CA HIS C 316 20.37 -15.42 10.34
C HIS C 316 19.28 -16.49 10.42
N GLN C 317 18.27 -16.25 11.25
CA GLN C 317 17.25 -17.27 11.45
C GLN C 317 16.03 -17.09 10.54
N ASP C 318 16.20 -16.78 9.25
CA ASP C 318 15.05 -16.72 8.33
C ASP C 318 15.35 -17.53 7.07
N ARG C 319 14.43 -17.46 6.11
CA ARG C 319 14.36 -18.27 4.90
C ARG C 319 13.22 -17.73 4.06
N SER C 320 13.35 -17.88 2.73
CA SER C 320 12.35 -17.43 1.76
C SER C 320 10.98 -17.97 2.08
N GLU C 321 9.96 -17.12 1.88
CA GLU C 321 8.56 -17.47 1.92
C GLU C 321 8.04 -17.60 3.34
N ILE C 322 8.90 -17.94 4.30
CA ILE C 322 8.44 -18.16 5.66
C ILE C 322 9.06 -17.22 6.67
N GLY C 323 9.96 -16.33 6.28
CA GLY C 323 10.41 -15.39 7.28
C GLY C 323 11.22 -16.13 8.32
N ASN C 324 11.03 -15.79 9.60
CA ASN C 324 11.67 -16.51 10.69
C ASN C 324 10.77 -17.56 11.29
N ALA C 325 9.64 -17.86 10.66
CA ALA C 325 8.73 -18.89 11.18
C ALA C 325 9.26 -20.28 10.82
N LEU C 326 10.49 -20.56 11.29
CA LEU C 326 11.21 -21.75 10.87
C LEU C 326 10.71 -23.00 11.59
N HIS C 327 10.85 -24.14 10.90
CA HIS C 327 10.65 -25.49 11.43
C HIS C 327 11.99 -26.19 11.63
N LEU C 328 11.93 -27.36 12.28
CA LEU C 328 13.15 -28.12 12.56
C LEU C 328 13.93 -28.45 11.28
N GLN C 329 13.24 -28.96 10.24
CA GLN C 329 13.95 -29.36 9.03
C GLN C 329 14.77 -28.21 8.43
N HIS C 330 14.31 -26.97 8.64
CA HIS C 330 15.05 -25.81 8.14
C HIS C 330 16.35 -25.64 8.90
N HIS C 331 16.28 -25.63 10.23
CA HIS C 331 17.48 -25.65 11.07
C HIS C 331 18.46 -26.73 10.62
N GLU C 332 17.98 -27.97 10.56
CA GLU C 332 18.81 -29.09 10.12
C GLU C 332 19.41 -28.86 8.73
N GLU C 333 18.64 -28.34 7.76
CA GLU C 333 19.21 -28.14 6.43
C GLU C 333 20.29 -27.07 6.42
N ASP C 334 20.10 -25.98 7.16
CA ASP C 334 21.15 -24.99 7.35
C ASP C 334 22.41 -25.64 7.90
N ALA C 335 22.27 -26.42 8.98
CA ALA C 335 23.44 -27.02 9.61
C ALA C 335 24.15 -27.94 8.63
N ALA C 336 23.40 -28.80 7.95
CA ALA C 336 24.01 -29.73 6.99
C ALA C 336 24.77 -28.98 5.90
N LEU C 337 24.14 -27.95 5.32
CA LEU C 337 24.82 -27.14 4.30
C LEU C 337 26.12 -26.56 4.84
N MET C 338 26.15 -26.19 6.12
CA MET C 338 27.37 -25.66 6.72
C MET C 338 28.42 -26.74 6.89
N ALA C 339 28.01 -27.91 7.40
CA ALA C 339 28.93 -29.01 7.54
C ALA C 339 29.46 -29.46 6.18
N GLU C 340 28.59 -29.52 5.16
CA GLU C 340 29.05 -29.86 3.82
C GLU C 340 30.18 -28.95 3.36
N MET C 341 30.10 -27.65 3.66
CA MET C 341 31.14 -26.72 3.19
C MET C 341 32.42 -26.77 4.05
N GLY C 342 32.43 -27.57 5.12
CA GLY C 342 33.57 -27.64 6.02
C GLY C 342 33.59 -26.60 7.11
N VAL C 343 32.47 -25.91 7.34
CA VAL C 343 32.36 -24.96 8.45
C VAL C 343 32.68 -25.70 9.73
N ASN C 344 33.41 -25.02 10.64
CA ASN C 344 33.64 -25.56 11.96
C ASN C 344 33.43 -24.50 13.04
N ALA C 345 32.98 -23.31 12.65
CA ALA C 345 32.57 -22.29 13.60
C ALA C 345 31.49 -21.46 12.92
N VAL C 346 30.49 -21.06 13.69
CA VAL C 346 29.40 -20.25 13.13
C VAL C 346 29.09 -19.12 14.10
N ARG C 347 28.91 -17.92 13.56
CA ARG C 347 28.51 -16.77 14.36
C ARG C 347 27.03 -16.52 14.12
N LEU C 348 26.23 -16.63 15.19
CA LEU C 348 24.78 -16.53 15.07
C LEU C 348 24.40 -15.07 15.23
N ALA C 349 24.22 -14.38 14.09
CA ALA C 349 23.80 -12.98 14.06
C ALA C 349 22.29 -12.90 14.16
N HIS C 350 21.81 -11.82 14.76
CA HIS C 350 22.58 -11.01 15.71
C HIS C 350 21.90 -11.11 17.06
N TYR C 351 21.53 -12.30 17.49
CA TYR C 351 20.60 -12.47 18.58
C TYR C 351 20.62 -13.92 19.01
N PRO C 352 20.17 -14.21 20.24
CA PRO C 352 19.96 -15.60 20.63
C PRO C 352 19.08 -16.32 19.61
N GLN C 353 19.47 -17.52 19.24
CA GLN C 353 18.68 -18.24 18.27
C GLN C 353 18.08 -19.49 18.95
N ALA C 354 17.67 -20.46 18.13
CA ALA C 354 16.84 -21.58 18.60
C ALA C 354 17.69 -22.64 19.29
N THR C 355 17.23 -23.12 20.46
CA THR C 355 17.83 -24.21 21.22
C THR C 355 18.10 -25.38 20.29
N CYS C 356 17.20 -25.53 19.35
CA CYS C 356 17.30 -26.61 18.40
C CYS C 356 18.50 -26.43 17.46
N PHE C 357 18.85 -25.20 17.15
CA PHE C 357 20.03 -24.98 16.34
C PHE C 357 21.30 -25.11 17.16
N TYR C 358 21.25 -24.77 18.45
CA TYR C 358 22.38 -25.04 19.31
C TYR C 358 22.62 -26.55 19.43
N ASP C 359 21.56 -27.34 19.64
CA ASP C 359 21.72 -28.80 19.68
C ASP C 359 22.50 -29.30 18.46
N LEU C 360 22.18 -28.80 17.27
CA LEU C 360 22.85 -29.22 16.06
C LEU C 360 24.35 -28.96 16.13
N MET C 361 24.73 -27.74 16.53
CA MET C 361 26.14 -27.41 16.58
C MET C 361 26.84 -28.23 17.64
N ASP C 362 26.15 -28.50 18.76
CA ASP C 362 26.65 -29.46 19.74
C ASP C 362 26.99 -30.80 19.10
N ARG C 363 26.12 -31.29 18.21
CA ARG C 363 26.23 -32.63 17.67
C ARG C 363 27.18 -32.71 16.49
N TYR C 364 27.25 -31.65 15.66
CA TYR C 364 28.23 -31.57 14.59
C TYR C 364 29.65 -31.28 15.11
N GLY C 365 29.78 -30.53 16.19
CA GLY C 365 31.08 -30.05 16.64
C GLY C 365 31.47 -28.66 16.18
N ILE C 366 30.51 -27.79 15.86
CA ILE C 366 30.78 -26.47 15.34
C ILE C 366 30.82 -25.47 16.48
N ILE C 367 31.89 -24.68 16.54
CA ILE C 367 32.01 -23.68 17.60
C ILE C 367 31.06 -22.53 17.30
N VAL C 368 30.40 -22.03 18.34
CA VAL C 368 29.30 -21.08 18.18
C VAL C 368 29.68 -19.74 18.81
N TRP C 369 29.46 -18.66 18.08
CA TRP C 369 29.48 -17.32 18.65
C TRP C 369 28.03 -16.82 18.67
N THR C 370 27.49 -16.57 19.87
CA THR C 370 26.11 -16.10 19.94
C THR C 370 26.05 -14.83 20.81
N GLU C 371 25.19 -13.88 20.43
CA GLU C 371 25.29 -12.54 20.99
C GLU C 371 23.91 -11.97 21.32
N ILE C 372 23.89 -11.01 22.25
CA ILE C 372 22.66 -10.26 22.49
C ILE C 372 22.35 -9.33 21.31
N PRO C 373 21.08 -8.94 21.06
CA PRO C 373 20.77 -8.07 19.91
C PRO C 373 21.12 -6.60 20.10
N PHE C 374 22.34 -6.30 20.53
CA PHE C 374 22.75 -4.93 20.80
C PHE C 374 23.41 -4.36 19.55
N VAL C 375 22.57 -4.11 18.57
CA VAL C 375 23.01 -3.90 17.18
C VAL C 375 22.96 -2.41 16.88
N GLY C 376 24.01 -1.89 16.26
CA GLY C 376 24.07 -0.48 15.92
C GLY C 376 23.77 -0.25 14.45
N PRO C 377 23.88 1.02 14.01
CA PRO C 377 23.28 1.39 12.72
C PRO C 377 24.14 1.03 11.50
N GLY C 378 25.45 0.91 11.72
CA GLY C 378 26.37 0.64 10.62
C GLY C 378 26.32 1.78 9.61
N GLY C 379 26.12 1.41 8.33
CA GLY C 379 25.97 2.40 7.25
C GLY C 379 24.69 3.22 7.31
N TYR C 380 23.74 2.83 8.16
CA TYR C 380 22.40 3.38 8.19
C TYR C 380 22.28 4.45 9.26
N MET C 381 21.06 4.96 9.43
CA MET C 381 20.72 6.06 10.32
C MET C 381 20.44 5.53 11.73
N ASP C 382 20.16 6.47 12.65
CA ASP C 382 19.75 6.21 14.02
C ASP C 382 20.82 5.54 14.87
N LYS C 383 20.44 4.78 15.89
CA LYS C 383 21.37 4.35 16.92
C LYS C 383 21.06 2.94 17.40
N GLY C 384 22.12 2.25 17.78
CA GLY C 384 21.97 1.00 18.52
C GLY C 384 21.73 1.21 19.99
N PHE C 385 22.13 2.36 20.53
CA PHE C 385 21.98 2.69 21.94
C PHE C 385 21.19 3.99 22.09
N VAL C 386 20.27 3.99 23.05
CA VAL C 386 19.56 5.16 23.53
C VAL C 386 19.68 5.17 25.05
N ASN C 387 20.21 6.25 25.62
CA ASN C 387 20.54 6.24 27.04
C ASN C 387 19.27 6.51 27.85
N LEU C 388 18.48 5.46 28.04
CA LEU C 388 17.39 5.57 28.98
C LEU C 388 17.27 4.29 29.78
N PRO C 389 16.84 4.37 31.05
CA PRO C 389 17.06 3.26 31.99
C PRO C 389 16.27 2.01 31.67
N ALA C 390 15.12 2.14 30.99
CA ALA C 390 14.36 0.97 30.58
C ALA C 390 15.10 0.20 29.51
N PHE C 391 15.91 0.89 28.71
CA PHE C 391 16.74 0.23 27.70
C PHE C 391 17.87 -0.52 28.36
N ARG C 392 18.62 0.17 29.23
CA ARG C 392 19.69 -0.46 29.99
C ARG C 392 19.18 -1.68 30.76
N SER C 393 18.09 -1.51 31.52
CA SER C 393 17.51 -2.61 32.28
C SER C 393 17.27 -3.82 31.38
N ASN C 394 16.48 -3.62 30.34
CA ASN C 394 16.08 -4.72 29.47
C ASN C 394 17.30 -5.42 28.86
N GLY C 395 18.29 -4.63 28.44
CA GLY C 395 19.49 -5.23 27.87
C GLY C 395 20.15 -6.22 28.80
N LYS C 396 20.30 -5.87 30.08
CA LYS C 396 20.88 -6.81 31.04
C LYS C 396 20.03 -8.06 31.19
N GLU C 397 18.70 -7.91 31.05
CA GLU C 397 17.79 -9.07 31.13
C GLU C 397 17.97 -9.99 29.93
N GLN C 398 18.16 -9.42 28.73
CA GLN C 398 18.40 -10.29 27.58
C GLN C 398 19.73 -11.02 27.70
N LEU C 399 20.77 -10.30 28.14
CA LEU C 399 22.06 -10.95 28.38
C LEU C 399 21.95 -12.06 29.41
N ARG C 400 21.16 -11.85 30.46
CA ARG C 400 21.00 -12.90 31.46
C ARG C 400 20.17 -14.04 30.91
N GLU C 401 19.14 -13.71 30.14
CA GLU C 401 18.36 -14.71 29.41
C GLU C 401 19.26 -15.59 28.54
N LEU C 402 20.14 -14.96 27.74
CA LEU C 402 20.95 -15.72 26.80
C LEU C 402 21.85 -16.72 27.51
N ILE C 403 22.58 -16.27 28.54
CA ILE C 403 23.52 -17.16 29.19
C ILE C 403 22.78 -18.23 29.99
N ARG C 404 21.77 -17.84 30.76
CA ARG C 404 21.10 -18.82 31.61
C ARG C 404 20.35 -19.85 30.79
N GLN C 405 19.90 -19.50 29.60
CA GLN C 405 19.08 -20.43 28.81
C GLN C 405 19.92 -21.38 27.97
N HIS C 406 21.06 -20.90 27.46
CA HIS C 406 21.84 -21.71 26.54
C HIS C 406 23.23 -22.08 27.07
N CYS C 407 23.50 -21.89 28.38
CA CYS C 407 24.87 -22.12 28.85
C CYS C 407 25.28 -23.59 28.81
N ASN C 408 24.32 -24.52 28.77
CA ASN C 408 24.68 -25.94 28.78
C ASN C 408 25.12 -26.49 27.41
N HIS C 409 25.17 -25.67 26.33
CA HIS C 409 25.67 -26.16 25.03
C HIS C 409 27.19 -26.11 24.96
N PRO C 410 27.87 -27.24 24.76
CA PRO C 410 29.33 -27.19 24.58
C PRO C 410 29.77 -26.40 23.33
N SER C 411 28.88 -26.14 22.36
CA SER C 411 29.31 -25.43 21.16
C SER C 411 29.55 -23.96 21.45
N ILE C 412 28.74 -23.38 22.34
CA ILE C 412 28.85 -21.95 22.62
C ILE C 412 30.17 -21.70 23.33
N CYS C 413 31.06 -20.97 22.68
CA CYS C 413 32.35 -20.73 23.28
C CYS C 413 32.59 -19.26 23.55
N VAL C 414 31.85 -18.36 22.91
CA VAL C 414 31.95 -16.95 23.24
C VAL C 414 30.57 -16.35 23.35
N TRP C 415 30.46 -15.32 24.17
CA TRP C 415 29.27 -14.50 24.32
C TRP C 415 29.61 -13.13 23.76
N GLY C 416 28.83 -12.67 22.78
CA GLY C 416 29.05 -11.38 22.19
C GLY C 416 28.10 -10.32 22.73
N LEU C 417 28.63 -9.10 22.90
CA LEU C 417 27.88 -8.05 23.57
C LEU C 417 27.25 -7.03 22.64
N PHE C 418 27.88 -6.71 21.52
CA PHE C 418 27.33 -5.73 20.59
C PHE C 418 27.82 -6.04 19.18
N ASN C 419 27.19 -5.35 18.20
CA ASN C 419 27.58 -5.36 16.79
C ASN C 419 27.34 -3.95 16.25
N GLU C 420 28.42 -3.19 16.04
CA GLU C 420 28.42 -1.94 15.27
C GLU C 420 27.76 -0.79 16.03
N LEU C 421 28.11 -0.66 17.31
CA LEU C 421 27.72 0.49 18.08
C LEU C 421 28.69 1.64 17.83
N THR C 422 28.18 2.85 17.97
CA THR C 422 28.98 4.04 17.76
C THR C 422 29.06 4.87 19.04
N GLN C 423 30.19 5.56 19.18
CA GLN C 423 30.45 6.37 20.36
C GLN C 423 29.86 7.77 20.23
N ALA C 424 29.38 8.12 19.05
CA ALA C 424 28.75 9.42 18.87
C ALA C 424 27.32 9.39 19.40
N GLY C 425 26.81 10.57 19.76
CA GLY C 425 25.52 10.56 20.40
C GLY C 425 25.62 9.90 21.78
N ASP C 426 24.55 9.18 22.14
CA ASP C 426 24.59 8.45 23.41
C ASP C 426 25.75 7.45 23.35
N ASP C 427 26.80 7.74 24.08
CA ASP C 427 27.95 6.84 24.18
C ASP C 427 27.58 5.61 25.00
N PRO C 428 27.61 4.41 24.43
CA PRO C 428 27.27 3.19 25.18
C PRO C 428 28.43 2.54 25.93
N THR C 429 29.60 3.20 26.03
CA THR C 429 30.81 2.53 26.50
C THR C 429 30.70 2.09 27.96
N GLU C 430 30.25 2.99 28.84
CA GLU C 430 30.00 2.57 30.22
C GLU C 430 29.01 1.40 30.25
N TYR C 431 27.95 1.50 29.44
CA TYR C 431 26.91 0.48 29.48
C TYR C 431 27.43 -0.88 29.01
N ILE C 432 28.38 -0.89 28.05
CA ILE C 432 29.02 -2.13 27.62
C ILE C 432 29.93 -2.69 28.72
N GLU C 433 30.63 -1.81 29.45
CA GLU C 433 31.33 -2.24 30.66
C GLU C 433 30.37 -2.86 31.67
N GLU C 434 29.19 -2.25 31.85
CA GLU C 434 28.18 -2.83 32.73
C GLU C 434 27.71 -4.20 32.22
N LEU C 435 27.56 -4.33 30.89
CA LEU C 435 27.11 -5.60 30.32
C LEU C 435 28.20 -6.67 30.41
N ASN C 436 29.47 -6.30 30.20
CA ASN C 436 30.57 -7.25 30.42
C ASN C 436 30.51 -7.84 31.83
N ARG C 437 30.35 -6.99 32.84
CA ARG C 437 30.33 -7.52 34.21
C ARG C 437 29.12 -8.43 34.44
N VAL C 438 28.03 -8.22 33.71
CA VAL C 438 26.86 -9.07 33.89
C VAL C 438 27.14 -10.49 33.39
N ALA C 439 27.87 -10.61 32.28
CA ALA C 439 28.18 -11.93 31.72
C ALA C 439 29.18 -12.66 32.60
N LYS C 440 30.18 -11.96 33.10
CA LYS C 440 31.11 -12.58 34.03
C LYS C 440 30.39 -13.07 35.28
N GLN C 441 29.45 -12.26 35.80
CA GLN C 441 28.57 -12.73 36.86
C GLN C 441 27.89 -14.05 36.50
N GLU C 442 27.41 -14.17 35.24
CA GLU C 442 26.61 -15.32 34.81
C GLU C 442 27.46 -16.52 34.38
N ASP C 443 28.66 -16.28 33.87
CA ASP C 443 29.46 -17.35 33.28
C ASP C 443 30.91 -16.89 33.23
N MET C 444 31.72 -17.44 34.12
CA MET C 444 33.16 -17.23 34.15
C MET C 444 33.92 -18.19 33.24
N THR C 445 33.28 -19.26 32.75
CA THR C 445 33.95 -20.28 31.95
C THR C 445 34.11 -19.90 30.49
N ARG C 446 33.40 -18.89 29.98
CA ARG C 446 33.61 -18.52 28.58
C ARG C 446 34.02 -17.05 28.46
N PRO C 447 34.83 -16.70 27.45
CA PRO C 447 35.22 -15.30 27.27
C PRO C 447 34.12 -14.51 26.56
N THR C 448 34.17 -13.21 26.74
CA THR C 448 33.26 -12.32 26.02
C THR C 448 33.93 -11.83 24.74
N THR C 449 33.09 -11.48 23.76
CA THR C 449 33.58 -10.92 22.51
C THR C 449 32.66 -9.82 22.06
N ALA C 450 33.05 -9.14 20.99
CA ALA C 450 32.20 -8.16 20.33
C ALA C 450 32.58 -8.07 18.86
N ALA C 451 31.65 -7.51 18.07
CA ALA C 451 31.81 -7.29 16.63
C ALA C 451 31.84 -5.79 16.37
N SER C 452 33.03 -5.23 16.18
CA SER C 452 33.17 -3.78 16.12
C SER C 452 33.29 -3.30 14.67
N ASN C 453 32.96 -2.01 14.48
CA ASN C 453 33.31 -1.29 13.25
C ASN C 453 33.87 0.10 13.57
N ARG C 454 34.31 0.33 14.82
CA ARG C 454 34.96 1.55 15.26
C ARG C 454 36.44 1.54 14.88
N PRO C 455 37.06 2.71 14.78
CA PRO C 455 38.53 2.75 14.75
C PRO C 455 39.08 2.11 16.02
N ALA C 456 40.21 1.43 15.88
CA ALA C 456 40.76 0.68 17.00
C ALA C 456 40.97 1.56 18.25
N THR C 457 40.98 2.89 18.10
CA THR C 457 41.20 3.80 19.22
C THR C 457 40.07 3.76 20.24
N GLU C 458 38.86 3.42 19.80
CA GLU C 458 37.66 3.59 20.64
C GLU C 458 37.71 2.69 21.86
N PRO C 459 37.44 3.23 23.06
CA PRO C 459 37.49 2.40 24.29
C PRO C 459 36.60 1.18 24.25
N MET C 460 35.49 1.21 23.52
CA MET C 460 34.58 0.08 23.57
C MET C 460 35.20 -1.18 22.98
N ASN C 461 36.29 -1.05 22.23
CA ASN C 461 36.99 -2.20 21.67
C ASN C 461 37.74 -3.02 22.72
N PHE C 462 37.96 -2.47 23.91
CA PHE C 462 38.87 -3.07 24.90
C PHE C 462 38.17 -3.59 26.14
N ILE C 463 36.84 -3.66 26.14
CA ILE C 463 36.09 -4.09 27.30
C ILE C 463 36.00 -5.62 27.34
N THR C 464 35.73 -6.25 26.21
CA THR C 464 35.51 -7.69 26.08
C THR C 464 36.83 -8.45 26.00
N ASP C 465 36.77 -9.74 26.34
CA ASP C 465 37.98 -10.54 26.37
C ASP C 465 38.59 -10.63 24.98
N ALA C 466 37.75 -10.98 24.01
CA ALA C 466 38.11 -10.96 22.61
C ALA C 466 37.37 -9.84 21.91
N ILE C 467 37.87 -9.51 20.72
CA ILE C 467 37.32 -8.43 19.92
C ILE C 467 37.47 -8.82 18.45
N ALA C 468 36.62 -8.26 17.62
CA ALA C 468 36.71 -8.56 16.21
C ALA C 468 36.12 -7.38 15.45
N TRP C 469 36.33 -7.37 14.15
CA TRP C 469 35.82 -6.29 13.32
C TRP C 469 35.07 -6.86 12.13
N ASN C 470 34.02 -6.14 11.74
CA ASN C 470 33.36 -6.32 10.46
C ASN C 470 34.13 -5.51 9.42
N ARG C 471 34.55 -6.14 8.33
CA ARG C 471 35.29 -5.40 7.30
C ARG C 471 34.92 -5.90 5.92
N TYR C 472 34.85 -4.96 4.97
CA TYR C 472 34.41 -5.25 3.61
C TYR C 472 35.35 -4.62 2.60
N ASP C 473 36.65 -4.72 2.88
CA ASP C 473 37.67 -4.26 1.94
C ASP C 473 37.53 -4.96 0.60
N GLY C 474 37.27 -4.18 -0.44
CA GLY C 474 37.02 -4.76 -1.74
C GLY C 474 35.56 -4.98 -2.05
N TRP C 475 34.65 -4.61 -1.16
CA TRP C 475 33.24 -4.49 -1.50
C TRP C 475 32.73 -3.08 -1.22
N TYR C 476 32.77 -2.63 0.02
CA TYR C 476 32.41 -1.24 0.34
C TYR C 476 33.69 -0.40 0.28
N GLY C 477 34.15 -0.15 -0.94
CA GLY C 477 35.40 0.57 -1.14
C GLY C 477 36.62 -0.32 -1.03
N GLY C 478 37.74 0.15 -1.60
CA GLY C 478 39.03 -0.49 -1.41
C GLY C 478 39.26 -1.76 -2.24
N THR C 479 40.29 -2.50 -1.82
CA THR C 479 40.73 -3.76 -2.39
C THR C 479 41.04 -4.74 -1.25
N PRO C 480 40.91 -6.05 -1.50
CA PRO C 480 41.09 -7.03 -0.41
C PRO C 480 42.41 -6.90 0.33
N SER C 481 43.47 -6.47 -0.36
CA SER C 481 44.77 -6.31 0.28
C SER C 481 44.71 -5.35 1.47
N ASP C 482 43.71 -4.47 1.52
CA ASP C 482 43.59 -3.49 2.60
C ASP C 482 43.23 -4.13 3.93
N LEU C 483 42.65 -5.33 3.92
CA LEU C 483 42.34 -5.97 5.19
C LEU C 483 43.61 -6.34 5.94
N GLY C 484 44.50 -7.09 5.29
CA GLY C 484 45.73 -7.51 5.94
C GLY C 484 46.52 -6.34 6.49
N LYS C 485 46.62 -5.26 5.73
CA LYS C 485 47.38 -4.11 6.21
C LYS C 485 46.75 -3.53 7.47
N TRP C 486 45.43 -3.33 7.46
CA TRP C 486 44.77 -2.81 8.66
C TRP C 486 44.89 -3.79 9.82
N LEU C 487 44.67 -5.07 9.57
CA LEU C 487 44.81 -6.07 10.63
C LEU C 487 46.23 -6.06 11.19
N ASP C 488 47.22 -6.18 10.29
CA ASP C 488 48.62 -6.17 10.69
C ASP C 488 48.94 -4.95 11.54
N ASP C 489 48.50 -3.77 11.08
CA ASP C 489 48.82 -2.54 11.80
C ASP C 489 48.20 -2.58 13.18
N THR C 490 47.00 -3.16 13.30
CA THR C 490 46.31 -3.17 14.58
C THR C 490 46.96 -4.16 15.55
N HIS C 491 47.32 -5.36 15.06
CA HIS C 491 48.00 -6.35 15.90
C HIS C 491 49.31 -5.80 16.45
N LYS C 492 50.07 -5.07 15.63
CA LYS C 492 51.32 -4.47 16.09
C LYS C 492 51.05 -3.36 17.10
N LYS C 493 50.02 -2.53 16.86
CA LYS C 493 49.74 -1.43 17.76
C LYS C 493 49.18 -1.93 19.10
N TYR C 494 48.39 -2.99 19.08
CA TYR C 494 47.70 -3.50 20.26
C TYR C 494 47.98 -4.99 20.38
N PRO C 495 49.20 -5.36 20.82
CA PRO C 495 49.58 -6.78 20.79
C PRO C 495 48.81 -7.64 21.78
N GLU C 496 48.09 -7.05 22.74
CA GLU C 496 47.33 -7.84 23.68
C GLU C 496 45.91 -8.15 23.18
N LEU C 497 45.46 -7.45 22.15
CA LEU C 497 44.17 -7.73 21.56
C LEU C 497 44.13 -9.11 20.93
N ARG C 498 43.05 -9.82 21.20
CA ARG C 498 42.74 -11.10 20.57
C ARG C 498 41.73 -10.83 19.46
N ILE C 499 42.24 -10.79 18.22
CA ILE C 499 41.59 -10.17 17.08
C ILE C 499 41.04 -11.25 16.17
N ALA C 500 39.87 -10.98 15.60
CA ALA C 500 39.22 -11.87 14.67
C ALA C 500 38.45 -11.01 13.69
N VAL C 501 38.02 -11.63 12.60
CA VAL C 501 37.20 -10.95 11.60
C VAL C 501 35.76 -11.41 11.80
N SER C 502 34.92 -10.49 12.29
CA SER C 502 33.53 -10.79 12.62
C SER C 502 32.68 -10.91 11.38
N GLU C 503 33.11 -10.26 10.31
CA GLU C 503 32.34 -10.18 9.08
C GLU C 503 33.28 -9.80 7.98
N TYR C 504 33.13 -10.49 6.86
CA TYR C 504 33.69 -10.10 5.58
C TYR C 504 32.85 -10.79 4.52
N GLY C 505 32.57 -10.11 3.41
CA GLY C 505 31.66 -10.68 2.43
C GLY C 505 31.39 -9.74 1.28
N ALA C 506 30.76 -10.30 0.25
CA ALA C 506 30.46 -9.56 -0.96
C ALA C 506 29.13 -10.05 -1.49
N GLY C 507 28.36 -9.14 -2.08
CA GLY C 507 27.07 -9.50 -2.66
C GLY C 507 27.21 -10.23 -3.98
N ALA C 508 26.25 -11.12 -4.24
CA ALA C 508 26.15 -11.83 -5.51
C ALA C 508 24.71 -12.21 -5.77
N SER C 509 24.31 -12.14 -7.03
CA SER C 509 23.09 -12.76 -7.50
C SER C 509 23.49 -13.90 -8.45
N ILE C 510 22.82 -15.05 -8.36
CA ILE C 510 23.15 -16.09 -9.29
C ILE C 510 22.80 -15.70 -10.74
N TYR C 511 21.96 -14.68 -10.94
CA TYR C 511 21.51 -14.28 -12.27
C TYR C 511 22.25 -13.07 -12.83
N HIS C 512 23.25 -12.54 -12.14
CA HIS C 512 24.08 -11.48 -12.72
C HIS C 512 25.44 -12.07 -13.09
N GLN C 513 25.70 -12.18 -14.40
CA GLN C 513 26.96 -12.74 -14.90
C GLN C 513 27.55 -11.86 -15.99
N GLN C 514 28.89 -11.78 -16.02
CA GLN C 514 29.59 -11.07 -17.08
C GLN C 514 30.92 -11.74 -17.37
N ASP C 515 31.55 -11.28 -18.47
CA ASP C 515 32.83 -11.83 -18.90
C ASP C 515 33.93 -11.54 -17.89
N SER C 516 34.20 -10.26 -17.65
CA SER C 516 35.39 -9.88 -16.92
C SER C 516 35.06 -9.48 -15.48
N LEU C 517 36.09 -9.53 -14.63
CA LEU C 517 36.01 -9.08 -13.25
C LEU C 517 36.03 -7.56 -13.21
N LYS C 518 34.94 -6.96 -12.74
CA LYS C 518 34.93 -5.53 -12.43
C LYS C 518 34.10 -5.30 -11.17
N LYS C 519 34.51 -4.32 -10.40
CA LYS C 519 33.89 -4.06 -9.11
C LYS C 519 32.53 -3.39 -9.32
N PRO C 520 31.45 -3.97 -8.81
CA PRO C 520 30.12 -3.35 -8.93
C PRO C 520 29.97 -2.18 -7.96
N GLU C 521 28.96 -1.36 -8.21
CA GLU C 521 28.49 -0.42 -7.20
C GLU C 521 27.63 -1.18 -6.20
N PRO C 522 28.01 -1.25 -4.93
CA PRO C 522 27.26 -2.13 -4.00
C PRO C 522 25.79 -1.75 -3.86
N ALA C 523 25.48 -0.46 -3.85
CA ALA C 523 24.08 -0.08 -3.70
C ALA C 523 23.25 -0.23 -4.99
N GLY C 524 23.80 -0.77 -6.08
CA GLY C 524 23.13 -0.84 -7.35
C GLY C 524 22.44 -2.18 -7.61
N TRP C 525 21.74 -2.24 -8.76
CA TRP C 525 20.97 -3.40 -9.18
C TRP C 525 21.79 -4.36 -10.03
N TRP C 526 23.08 -4.47 -9.76
CA TRP C 526 23.91 -5.36 -10.56
C TRP C 526 25.04 -5.85 -9.66
N HIS C 527 24.99 -7.13 -9.33
CA HIS C 527 25.90 -7.77 -8.38
C HIS C 527 26.44 -9.04 -9.03
N PRO C 528 27.34 -8.92 -9.99
CA PRO C 528 27.78 -10.09 -10.74
C PRO C 528 28.44 -11.10 -9.83
N GLU C 529 28.15 -12.39 -10.09
CA GLU C 529 28.64 -13.48 -9.25
C GLU C 529 30.16 -13.56 -9.23
N ASN C 530 30.80 -13.37 -10.39
CA ASN C 530 32.25 -13.49 -10.45
C ASN C 530 32.96 -12.56 -9.46
N TRP C 531 32.36 -11.41 -9.12
CA TRP C 531 33.02 -10.55 -8.14
C TRP C 531 32.98 -11.17 -6.76
N GLN C 532 31.84 -11.75 -6.38
CA GLN C 532 31.80 -12.38 -5.06
C GLN C 532 32.83 -13.49 -4.95
N THR C 533 33.08 -14.21 -6.04
CA THR C 533 34.01 -15.34 -5.99
C THR C 533 35.44 -14.85 -5.89
N TYR C 534 35.79 -13.90 -6.75
CA TYR C 534 37.07 -13.22 -6.62
C TYR C 534 37.27 -12.66 -5.22
N TYR C 535 36.27 -11.94 -4.69
CA TYR C 535 36.39 -11.32 -3.37
C TYR C 535 36.72 -12.34 -2.29
N HIS C 536 36.00 -13.46 -2.27
CA HIS C 536 36.23 -14.40 -1.20
C HIS C 536 37.57 -15.13 -1.35
N ALA C 537 37.99 -15.43 -2.57
CA ALA C 537 39.27 -16.11 -2.75
C ALA C 537 40.42 -15.23 -2.30
N GLU C 538 40.36 -13.92 -2.58
CA GLU C 538 41.39 -13.02 -2.08
C GLU C 538 41.29 -12.81 -0.56
N ASN C 539 40.07 -12.69 -0.01
CA ASN C 539 39.99 -12.45 1.43
C ASN C 539 40.39 -13.65 2.25
N TRP C 540 40.09 -14.87 1.79
CA TRP C 540 40.56 -16.05 2.52
C TRP C 540 42.08 -16.13 2.49
N LYS C 541 42.70 -15.80 1.36
CA LYS C 541 44.15 -15.72 1.29
C LYS C 541 44.70 -14.77 2.36
N THR C 542 44.09 -13.60 2.53
CA THR C 542 44.52 -12.67 3.56
C THR C 542 44.34 -13.26 4.96
N ILE C 543 43.22 -13.92 5.20
CA ILE C 543 42.96 -14.48 6.52
C ILE C 543 43.86 -15.69 6.77
N ALA C 544 44.07 -16.51 5.74
CA ALA C 544 44.78 -17.78 5.95
C ALA C 544 46.22 -17.55 6.35
N SER C 545 46.79 -16.41 5.95
CA SER C 545 48.15 -15.99 6.27
C SER C 545 48.30 -15.53 7.70
N ARG C 546 47.20 -15.26 8.40
CA ARG C 546 47.30 -14.54 9.66
C ARG C 546 46.80 -15.42 10.78
N PRO C 547 47.70 -16.16 11.43
CA PRO C 547 47.26 -17.08 12.49
C PRO C 547 46.83 -16.38 13.74
N TYR C 548 47.28 -15.13 13.96
CA TYR C 548 46.89 -14.39 15.15
C TYR C 548 45.41 -14.05 15.18
N LEU C 549 44.71 -14.18 14.04
CA LEU C 549 43.27 -14.15 14.04
C LEU C 549 42.74 -15.43 14.67
N TRP C 550 41.97 -15.30 15.75
CA TRP C 550 41.38 -16.50 16.33
C TRP C 550 40.17 -16.97 15.55
N GLY C 551 39.65 -16.16 14.63
CA GLY C 551 38.58 -16.65 13.78
C GLY C 551 38.32 -15.73 12.61
N SER C 552 37.56 -16.25 11.65
CA SER C 552 37.01 -15.41 10.61
C SER C 552 35.60 -15.89 10.32
N PHE C 553 34.67 -14.96 10.16
CA PHE C 553 33.28 -15.32 9.92
C PHE C 553 32.78 -14.65 8.64
N VAL C 554 32.27 -15.46 7.73
CA VAL C 554 31.80 -14.95 6.46
C VAL C 554 30.40 -14.37 6.64
N TRP C 555 30.22 -13.12 6.16
CA TRP C 555 28.89 -12.55 5.94
C TRP C 555 28.53 -12.78 4.48
N ASN C 556 27.56 -13.66 4.21
CA ASN C 556 26.82 -14.43 5.23
C ASN C 556 26.72 -15.85 4.65
N MET C 557 26.47 -16.87 5.46
CA MET C 557 26.31 -18.19 4.87
C MET C 557 25.17 -18.19 3.87
N PHE C 558 24.08 -17.50 4.22
CA PHE C 558 22.81 -17.55 3.51
C PHE C 558 22.35 -16.12 3.20
N ASP C 559 21.89 -15.89 1.96
CA ASP C 559 21.12 -14.69 1.68
C ASP C 559 19.99 -14.57 2.70
N PHE C 560 19.72 -13.33 3.17
CA PHE C 560 18.73 -13.15 4.24
C PHE C 560 17.89 -11.89 4.00
N GLY C 561 16.85 -11.75 4.83
CA GLY C 561 15.87 -10.69 4.65
C GLY C 561 16.27 -9.37 5.27
N ALA C 562 16.17 -8.30 4.49
CA ALA C 562 16.43 -6.92 4.95
C ALA C 562 15.55 -6.00 4.11
N ALA C 563 14.34 -5.71 4.63
CA ALA C 563 13.29 -5.12 3.79
C ALA C 563 13.74 -3.85 3.10
N HIS C 564 14.62 -3.08 3.74
CA HIS C 564 15.06 -1.80 3.21
C HIS C 564 16.04 -1.92 2.05
N ARG C 565 16.66 -3.08 1.85
CA ARG C 565 17.65 -3.22 0.79
C ARG C 565 17.01 -2.98 -0.59
N THR C 566 17.76 -2.27 -1.47
CA THR C 566 17.37 -2.07 -2.86
C THR C 566 18.60 -2.32 -3.73
N GLU C 567 19.04 -3.56 -3.79
CA GLU C 567 20.22 -3.87 -4.58
C GLU C 567 20.19 -5.34 -4.99
N GLY C 568 21.18 -5.75 -5.78
CA GLY C 568 21.20 -7.13 -6.22
C GLY C 568 20.16 -7.31 -7.30
N ASP C 569 19.55 -8.49 -7.33
CA ASP C 569 18.54 -8.80 -8.34
C ASP C 569 17.12 -8.53 -7.86
N ARG C 570 16.89 -8.18 -6.59
CA ARG C 570 15.55 -7.91 -6.10
C ARG C 570 15.61 -7.20 -4.74
N PRO C 571 14.66 -6.31 -4.47
CA PRO C 571 14.70 -5.57 -3.20
C PRO C 571 14.43 -6.50 -2.01
N GLY C 572 14.79 -5.99 -0.83
CA GLY C 572 14.50 -6.67 0.42
C GLY C 572 15.43 -7.82 0.80
N ILE C 573 16.60 -7.94 0.15
CA ILE C 573 17.49 -9.09 0.31
C ILE C 573 18.90 -8.57 0.51
N ASN C 574 19.58 -9.08 1.52
CA ASN C 574 21.03 -8.96 1.62
C ASN C 574 21.61 -10.15 0.89
N ASP C 575 22.39 -9.91 -0.15
CA ASP C 575 22.73 -11.02 -1.04
C ASP C 575 24.19 -11.44 -0.91
N LYS C 576 24.83 -11.16 0.25
CA LYS C 576 26.22 -11.55 0.45
C LYS C 576 26.35 -13.00 0.87
N GLY C 577 25.31 -13.78 0.66
CA GLY C 577 25.34 -15.19 1.02
C GLY C 577 26.20 -16.03 0.10
N LEU C 578 26.65 -17.15 0.64
CA LEU C 578 27.25 -18.22 -0.13
C LEU C 578 26.21 -19.19 -0.68
N VAL C 579 25.00 -19.17 -0.11
CA VAL C 579 23.89 -20.00 -0.54
C VAL C 579 22.65 -19.10 -0.62
N THR C 580 21.72 -19.44 -1.52
CA THR C 580 20.61 -18.51 -1.76
C THR C 580 19.57 -18.55 -0.62
N PHE C 581 18.68 -17.56 -0.65
CA PHE C 581 17.69 -17.38 0.41
C PHE C 581 16.77 -18.59 0.57
N ASP C 582 16.56 -19.35 -0.50
CA ASP C 582 15.73 -20.54 -0.38
C ASP C 582 16.57 -21.78 -0.10
N ARG C 583 17.87 -21.62 0.11
CA ARG C 583 18.79 -22.72 0.39
C ARG C 583 18.83 -23.70 -0.77
N LYS C 584 18.56 -23.23 -1.97
CA LYS C 584 18.54 -24.15 -3.10
C LYS C 584 19.88 -24.20 -3.83
N VAL C 585 20.54 -23.05 -3.99
CA VAL C 585 21.64 -22.93 -4.93
C VAL C 585 22.85 -22.44 -4.16
N ARG C 586 23.93 -23.20 -4.24
CA ARG C 586 25.22 -22.79 -3.73
C ARG C 586 25.89 -21.90 -4.75
N LYS C 587 26.32 -20.73 -4.33
CA LYS C 587 27.05 -19.89 -5.27
C LYS C 587 28.47 -20.45 -5.45
N ASP C 588 29.23 -19.80 -6.36
CA ASP C 588 30.55 -20.32 -6.69
C ASP C 588 31.44 -20.31 -5.44
N ALA C 589 31.29 -19.26 -4.61
CA ALA C 589 32.14 -19.11 -3.43
C ALA C 589 31.97 -20.26 -2.44
N PHE C 590 30.74 -20.77 -2.31
CA PHE C 590 30.50 -21.96 -1.49
C PHE C 590 31.52 -23.04 -1.81
N TYR C 591 31.65 -23.38 -3.11
CA TYR C 591 32.52 -24.45 -3.56
C TYR C 591 33.99 -24.09 -3.43
N PHE C 592 34.33 -22.80 -3.42
CA PHE C 592 35.69 -22.43 -3.08
C PHE C 592 36.00 -22.84 -1.64
N TYR C 593 35.16 -22.37 -0.70
CA TYR C 593 35.37 -22.73 0.70
C TYR C 593 35.29 -24.24 0.88
N LYS C 594 34.37 -24.91 0.19
CA LYS C 594 34.23 -26.35 0.40
C LYS C 594 35.52 -27.09 0.03
N ALA C 595 36.16 -26.69 -1.08
CA ALA C 595 37.39 -27.37 -1.50
C ALA C 595 38.55 -27.04 -0.57
N ASN C 596 38.52 -25.88 0.06
CA ASN C 596 39.54 -25.51 1.03
C ASN C 596 39.28 -26.11 2.40
N TRP C 597 38.02 -26.16 2.82
CA TRP C 597 37.68 -26.55 4.18
C TRP C 597 37.21 -28.00 4.31
N ASN C 598 36.75 -28.63 3.25
CA ASN C 598 36.25 -29.99 3.32
C ASN C 598 37.19 -30.86 2.51
N LYS C 599 38.06 -31.58 3.21
CA LYS C 599 39.00 -32.46 2.53
C LYS C 599 38.59 -33.92 2.68
N GLU C 600 37.39 -34.17 3.19
CA GLU C 600 36.83 -35.52 3.30
C GLU C 600 35.93 -35.87 2.11
N GLU C 601 35.21 -34.92 1.60
CA GLU C 601 34.34 -35.11 0.45
C GLU C 601 35.10 -34.72 -0.81
N PRO C 602 35.10 -35.55 -1.85
CA PRO C 602 35.71 -35.14 -3.12
C PRO C 602 35.03 -33.90 -3.67
N VAL C 603 35.83 -32.92 -4.11
CA VAL C 603 35.32 -31.67 -4.67
C VAL C 603 36.08 -31.36 -5.96
N LEU C 604 35.33 -31.15 -7.04
CA LEU C 604 35.88 -30.62 -8.28
C LEU C 604 34.74 -29.90 -9.01
N TYR C 605 34.87 -28.58 -9.13
CA TYR C 605 33.74 -27.71 -9.46
C TYR C 605 34.21 -26.51 -10.26
N LEU C 606 33.75 -26.43 -11.52
CA LEU C 606 34.02 -25.28 -12.38
C LEU C 606 33.26 -24.04 -11.91
N ALA C 607 33.99 -22.93 -11.78
CA ALA C 607 33.35 -21.65 -11.56
C ALA C 607 32.64 -21.18 -12.82
N GLY C 608 31.64 -20.33 -12.63
CA GLY C 608 31.05 -19.61 -13.74
C GLY C 608 30.14 -20.40 -14.66
N ARG C 609 29.57 -21.50 -14.18
CA ARG C 609 28.63 -22.25 -15.01
C ARG C 609 27.38 -21.43 -15.31
N ARG C 610 27.05 -20.44 -14.47
CA ARG C 610 25.85 -19.67 -14.75
C ARG C 610 26.05 -18.57 -15.79
N HIS C 611 27.30 -18.28 -16.18
CA HIS C 611 27.57 -17.29 -17.21
C HIS C 611 27.53 -18.04 -18.53
N THR C 612 26.33 -18.12 -19.10
CA THR C 612 26.09 -19.02 -20.22
C THR C 612 26.12 -18.31 -21.57
N VAL C 613 26.04 -16.98 -21.57
CA VAL C 613 26.16 -16.18 -22.78
C VAL C 613 27.36 -15.26 -22.61
N ARG C 614 28.44 -15.56 -23.32
CA ARG C 614 29.67 -14.80 -23.22
C ARG C 614 29.88 -13.98 -24.49
N ARG C 615 30.62 -12.88 -24.34
CA ARG C 615 30.86 -11.97 -25.44
C ARG C 615 32.27 -12.05 -25.99
N GLN C 616 33.20 -12.71 -25.30
CA GLN C 616 34.57 -12.86 -25.72
C GLN C 616 34.88 -14.32 -26.00
N ARG C 617 35.65 -14.56 -27.06
CA ARG C 617 36.08 -15.92 -27.38
C ARG C 617 37.16 -16.38 -26.41
N MET C 618 38.04 -15.47 -26.00
CA MET C 618 39.13 -15.79 -25.08
C MET C 618 38.61 -15.75 -23.64
N GLN C 619 39.07 -16.71 -22.82
CA GLN C 619 38.54 -16.89 -21.48
C GLN C 619 39.64 -17.32 -20.50
N THR C 620 39.44 -16.99 -19.24
CA THR C 620 40.17 -17.61 -18.14
C THR C 620 39.21 -18.57 -17.46
N ILE C 621 39.56 -19.87 -17.47
CA ILE C 621 38.69 -20.91 -16.91
C ILE C 621 39.20 -21.30 -15.52
N VAL C 622 38.34 -21.16 -14.50
CA VAL C 622 38.70 -21.43 -13.12
C VAL C 622 37.87 -22.60 -12.59
N ALA C 623 38.50 -23.46 -11.79
CA ALA C 623 37.80 -24.51 -11.06
C ALA C 623 38.40 -24.63 -9.66
N PHE C 624 37.64 -25.24 -8.76
CA PHE C 624 38.06 -25.48 -7.39
C PHE C 624 38.11 -26.97 -7.13
N THR C 625 39.10 -27.41 -6.37
CA THR C 625 39.20 -28.84 -6.10
C THR C 625 40.07 -29.08 -4.88
N ASN C 626 39.86 -30.24 -4.24
CA ASN C 626 40.78 -30.76 -3.24
C ASN C 626 41.46 -32.05 -3.70
N GLN C 627 41.34 -32.39 -5.00
CA GLN C 627 42.16 -33.39 -5.67
C GLN C 627 43.52 -32.79 -5.99
N PRO C 628 44.54 -33.62 -6.22
CA PRO C 628 45.88 -33.06 -6.44
C PRO C 628 46.08 -32.48 -7.83
N GLU C 629 45.23 -32.82 -8.79
CA GLU C 629 45.32 -32.21 -10.11
C GLU C 629 44.05 -32.51 -10.90
N ALA C 630 43.80 -31.67 -11.90
CA ALA C 630 42.70 -31.85 -12.82
C ALA C 630 43.13 -31.41 -14.21
N GLU C 631 42.41 -31.90 -15.22
CA GLU C 631 42.70 -31.60 -16.61
C GLU C 631 41.48 -31.00 -17.28
N LEU C 632 41.64 -29.86 -17.95
CA LEU C 632 40.53 -29.15 -18.58
C LEU C 632 40.37 -29.57 -20.05
N PHE C 633 39.11 -29.72 -20.46
CA PHE C 633 38.75 -30.00 -21.85
C PHE C 633 37.75 -28.97 -22.34
N VAL C 634 37.93 -28.54 -23.59
CA VAL C 634 37.08 -27.52 -24.21
C VAL C 634 36.67 -28.03 -25.59
N ASN C 635 35.41 -28.44 -25.74
CA ASN C 635 34.97 -29.08 -26.98
C ASN C 635 35.88 -30.28 -27.28
N GLY C 636 36.17 -31.04 -26.23
CA GLY C 636 36.99 -32.23 -26.32
C GLY C 636 38.48 -32.00 -26.33
N ARG C 637 38.92 -30.77 -26.58
CA ARG C 637 40.34 -30.47 -26.72
C ARG C 637 40.98 -30.26 -25.36
N SER C 638 42.08 -30.95 -25.11
CA SER C 638 42.75 -30.84 -23.83
C SER C 638 43.53 -29.54 -23.73
N TYR C 639 43.29 -28.78 -22.67
CA TYR C 639 44.11 -27.61 -22.35
C TYR C 639 45.14 -27.90 -21.27
N GLY C 640 45.23 -29.13 -20.79
CA GLY C 640 46.33 -29.38 -19.87
C GLY C 640 45.94 -29.84 -18.46
N LYS C 641 46.74 -30.74 -17.92
CA LYS C 641 46.63 -31.11 -16.52
C LYS C 641 47.20 -29.99 -15.64
N ALA C 642 46.45 -29.57 -14.62
CA ALA C 642 46.93 -28.50 -13.77
C ALA C 642 46.79 -28.87 -12.29
N ASN C 643 47.66 -28.28 -11.47
CA ASN C 643 47.62 -28.45 -10.01
C ASN C 643 46.99 -27.23 -9.35
N PRO C 644 46.19 -27.44 -8.31
CA PRO C 644 45.60 -26.30 -7.61
C PRO C 644 46.67 -25.49 -6.91
N ASP C 645 46.31 -24.25 -6.59
CA ASP C 645 47.22 -23.36 -5.88
C ASP C 645 47.03 -23.56 -4.36
N GLU C 646 47.68 -22.74 -3.55
CA GLU C 646 47.57 -23.02 -2.12
C GLU C 646 46.12 -22.92 -1.63
N TYR C 647 45.19 -22.44 -2.46
CA TYR C 647 43.84 -22.11 -2.00
C TYR C 647 42.77 -22.84 -2.80
N ALA C 648 43.15 -23.98 -3.40
CA ALA C 648 42.29 -24.95 -4.05
C ALA C 648 41.80 -24.50 -5.42
N VAL C 649 42.50 -23.54 -6.03
CA VAL C 649 42.07 -22.88 -7.27
C VAL C 649 42.87 -23.43 -8.43
N LEU C 650 42.16 -24.02 -9.40
CA LEU C 650 42.73 -24.36 -10.71
C LEU C 650 42.38 -23.24 -11.68
N LYS C 651 43.38 -22.77 -12.44
CA LYS C 651 43.17 -21.69 -13.40
C LYS C 651 43.90 -21.99 -14.70
N TRP C 652 43.18 -21.93 -15.83
CA TRP C 652 43.80 -22.04 -17.15
C TRP C 652 43.59 -20.74 -17.91
N GLN C 653 44.69 -20.12 -18.32
CA GLN C 653 44.63 -18.86 -19.05
C GLN C 653 44.47 -19.09 -20.55
N ASN C 654 44.07 -18.03 -21.25
CA ASN C 654 44.06 -17.98 -22.70
C ASN C 654 43.35 -19.18 -23.30
N VAL C 655 42.24 -19.56 -22.69
CA VAL C 655 41.38 -20.61 -23.23
C VAL C 655 40.55 -20.00 -24.35
N THR C 656 40.52 -20.67 -25.51
CA THR C 656 39.94 -20.12 -26.74
C THR C 656 38.64 -20.87 -27.07
N LEU C 657 37.51 -20.16 -26.99
CA LEU C 657 36.21 -20.77 -27.21
C LEU C 657 35.79 -20.62 -28.67
N GLN C 658 34.99 -21.58 -29.14
CA GLN C 658 34.32 -21.44 -30.44
C GLN C 658 33.18 -20.44 -30.33
N GLU C 659 32.96 -19.69 -31.41
CA GLU C 659 31.67 -19.03 -31.58
C GLU C 659 30.56 -20.07 -31.49
N GLY C 660 29.40 -19.68 -30.98
CA GLY C 660 28.32 -20.64 -30.79
C GLY C 660 28.52 -21.49 -29.54
N GLU C 661 28.03 -22.73 -29.61
CA GLU C 661 27.99 -23.60 -28.43
C GLU C 661 29.38 -24.04 -28.06
N ASN C 662 29.55 -24.33 -26.76
CA ASN C 662 30.84 -24.75 -26.19
C ASN C 662 30.58 -25.66 -24.99
N GLU C 663 31.38 -26.72 -24.88
CA GLU C 663 31.33 -27.60 -23.71
C GLU C 663 32.67 -27.50 -22.99
N ILE C 664 32.61 -27.14 -21.70
CA ILE C 664 33.78 -27.02 -20.85
C ILE C 664 33.68 -28.12 -19.80
N GLN C 665 34.70 -28.97 -19.73
CA GLN C 665 34.69 -30.11 -18.82
C GLN C 665 35.99 -30.13 -18.04
N VAL C 666 35.93 -30.69 -16.84
CA VAL C 666 37.13 -30.87 -16.05
C VAL C 666 37.07 -32.25 -15.39
N VAL C 667 38.21 -32.91 -15.33
CA VAL C 667 38.34 -34.31 -14.91
C VAL C 667 39.50 -34.44 -13.93
N SER C 668 39.38 -35.38 -13.00
CA SER C 668 40.49 -35.72 -12.11
C SER C 668 40.48 -37.23 -11.88
N LYS C 669 41.66 -37.78 -11.55
CA LYS C 669 41.74 -39.19 -11.23
C LYS C 669 42.64 -39.37 -10.00
N ASN C 670 42.34 -40.39 -9.21
CA ASN C 670 43.02 -40.59 -7.92
C ASN C 670 42.73 -41.96 -7.32
N THR C 674 37.83 -40.93 -9.60
CA THR C 674 37.69 -40.28 -10.92
C THR C 674 36.47 -39.34 -11.02
N LEU C 675 36.70 -38.05 -10.82
CA LEU C 675 35.66 -37.03 -10.82
C LEU C 675 35.59 -36.30 -12.15
N SER C 676 34.41 -35.76 -12.45
CA SER C 676 34.18 -34.94 -13.62
C SER C 676 33.24 -33.78 -13.27
N ASP C 677 33.40 -32.65 -13.95
CA ASP C 677 32.42 -31.57 -13.87
C ASP C 677 32.38 -30.81 -15.20
N SER C 678 31.19 -30.37 -15.61
CA SER C 678 31.07 -29.74 -16.92
C SER C 678 29.86 -28.83 -17.01
N PHE C 679 29.96 -27.82 -17.86
CA PHE C 679 28.79 -27.02 -18.27
C PHE C 679 28.95 -26.55 -19.71
N ARG C 680 27.82 -26.17 -20.31
CA ARG C 680 27.77 -25.66 -21.67
C ARG C 680 27.49 -24.16 -21.66
N CYS C 681 27.99 -23.48 -22.69
CA CYS C 681 27.74 -22.05 -22.85
C CYS C 681 27.91 -21.70 -24.32
N ARG C 682 27.47 -20.50 -24.68
CA ARG C 682 27.60 -20.06 -26.06
C ARG C 682 28.27 -18.68 -26.11
N VAL C 683 28.96 -18.44 -27.22
CA VAL C 683 29.75 -17.23 -27.42
C VAL C 683 29.12 -16.39 -28.53
N GLU C 684 28.88 -15.11 -28.23
CA GLU C 684 28.31 -14.15 -29.18
C GLU C 684 29.15 -12.88 -29.18
N SER C 685 30.09 -12.77 -30.13
CA SER C 685 30.88 -11.53 -30.29
C SER C 685 30.08 -10.42 -31.01
N GLN D 26 25.73 -18.13 -40.75
CA GLN D 26 25.62 -16.96 -41.61
C GLN D 26 24.62 -15.93 -41.02
N ARG D 27 23.39 -16.33 -40.74
CA ARG D 27 22.49 -15.42 -40.05
C ARG D 27 22.91 -15.34 -38.59
N GLN D 28 22.96 -14.11 -38.07
CA GLN D 28 23.42 -13.85 -36.72
C GLN D 28 22.24 -13.63 -35.77
N ASP D 29 22.31 -14.23 -34.61
CA ASP D 29 21.30 -14.07 -33.56
C ASP D 29 22.02 -13.59 -32.31
N ILE D 30 21.79 -12.34 -31.93
CA ILE D 30 22.44 -11.72 -30.78
C ILE D 30 21.41 -11.51 -29.67
N LEU D 31 21.73 -11.96 -28.47
CA LEU D 31 20.84 -11.77 -27.33
C LEU D 31 20.91 -10.34 -26.83
N LEU D 32 19.76 -9.74 -26.55
CA LEU D 32 19.68 -8.32 -26.19
C LEU D 32 19.25 -8.11 -24.73
N ASN D 33 19.38 -9.14 -23.88
CA ASN D 33 18.75 -9.05 -22.56
C ASN D 33 19.49 -8.12 -21.61
N ASP D 34 20.79 -7.90 -21.81
CA ASP D 34 21.58 -7.27 -20.77
C ASP D 34 21.32 -5.78 -20.68
N HIS D 35 21.13 -5.28 -19.45
CA HIS D 35 21.31 -3.87 -19.10
C HIS D 35 20.37 -2.95 -19.89
N TRP D 36 19.09 -3.08 -19.59
CA TRP D 36 18.09 -2.12 -20.03
C TRP D 36 17.85 -1.06 -18.94
N ASN D 37 17.18 0.02 -19.32
CA ASN D 37 16.73 1.05 -18.39
C ASN D 37 15.20 1.01 -18.32
N PHE D 38 14.68 1.08 -17.10
CA PHE D 38 13.25 0.89 -16.87
C PHE D 38 12.71 1.89 -15.88
N ARG D 39 11.51 2.39 -16.17
CA ARG D 39 10.71 3.13 -15.20
C ARG D 39 9.25 2.91 -15.55
N PHE D 40 8.39 3.04 -14.54
CA PHE D 40 6.95 3.06 -14.76
C PHE D 40 6.53 4.40 -15.35
N SER D 41 5.52 4.40 -16.22
CA SER D 41 4.96 5.68 -16.61
C SER D 41 4.36 6.43 -15.42
N HIS D 42 3.88 5.73 -14.41
CA HIS D 42 3.47 6.48 -13.22
C HIS D 42 4.63 7.11 -12.49
N GLN D 43 5.89 6.81 -12.84
CA GLN D 43 7.00 7.58 -12.32
C GLN D 43 7.23 8.73 -13.27
N VAL D 44 6.60 9.88 -12.98
CA VAL D 44 6.60 10.94 -13.99
C VAL D 44 7.90 11.71 -14.08
N GLN D 45 8.71 11.73 -13.02
CA GLN D 45 9.89 12.57 -13.01
C GLN D 45 10.98 11.99 -13.92
N LYS D 46 11.87 12.87 -14.39
CA LYS D 46 13.10 12.41 -15.00
C LYS D 46 14.02 11.76 -13.95
N ASN D 47 14.95 10.94 -14.43
CA ASN D 47 16.00 10.29 -13.62
C ASN D 47 15.47 9.22 -12.70
N THR D 48 14.32 8.65 -13.03
CA THR D 48 13.74 7.55 -12.27
C THR D 48 14.03 6.17 -12.87
N GLU D 49 14.76 6.13 -13.98
CA GLU D 49 15.12 4.86 -14.60
C GLU D 49 16.01 4.06 -13.69
N VAL D 50 15.80 2.76 -13.68
CA VAL D 50 16.69 1.85 -12.96
C VAL D 50 17.13 0.77 -13.95
N ARG D 51 18.32 0.24 -13.73
CA ARG D 51 18.81 -0.85 -14.55
C ARG D 51 17.98 -2.11 -14.29
N VAL D 52 17.55 -2.74 -15.37
CA VAL D 52 16.98 -4.07 -15.28
C VAL D 52 17.77 -4.97 -16.22
N ASP D 53 17.59 -6.27 -16.06
CA ASP D 53 18.19 -7.25 -16.96
C ASP D 53 17.17 -8.32 -17.31
N LEU D 54 16.96 -8.52 -18.61
CA LEU D 54 15.96 -9.45 -19.08
C LEU D 54 16.42 -10.89 -18.83
N PRO D 55 15.49 -11.82 -18.63
CA PRO D 55 14.03 -11.73 -18.59
C PRO D 55 13.60 -10.95 -17.36
N HIS D 56 12.49 -10.24 -17.47
CA HIS D 56 12.12 -9.30 -16.41
C HIS D 56 10.60 -9.18 -16.32
N THR D 57 10.08 -9.30 -15.10
CA THR D 57 8.75 -8.83 -14.74
C THR D 57 8.82 -7.88 -13.57
N TRP D 58 7.85 -6.96 -13.51
CA TRP D 58 7.78 -6.01 -12.42
C TRP D 58 6.78 -6.43 -11.35
N ASN D 59 6.14 -7.59 -11.52
CA ASN D 59 5.19 -8.10 -10.54
C ASN D 59 5.76 -9.25 -9.73
N ALA D 60 7.09 -9.40 -9.70
CA ALA D 60 7.66 -10.53 -8.99
C ALA D 60 7.45 -10.39 -7.49
N GLN D 61 7.42 -9.14 -6.99
CA GLN D 61 7.25 -8.86 -5.56
C GLN D 61 5.81 -8.58 -5.17
N ASP D 62 5.11 -7.64 -5.83
CA ASP D 62 3.77 -7.33 -5.31
C ASP D 62 2.79 -8.47 -5.54
N ALA D 63 2.83 -9.11 -6.70
CA ALA D 63 1.85 -10.16 -6.99
C ALA D 63 2.15 -11.43 -6.22
N LEU D 64 3.43 -11.82 -6.11
CA LEU D 64 3.75 -13.00 -5.31
C LEU D 64 3.57 -12.76 -3.82
N SER D 65 3.56 -11.49 -3.38
CA SER D 65 3.21 -11.25 -1.99
C SER D 65 1.75 -11.50 -1.71
N GLY D 66 0.92 -11.69 -2.73
CA GLY D 66 -0.51 -11.89 -2.53
C GLY D 66 -1.33 -10.62 -2.53
N LYS D 67 -0.79 -9.52 -3.06
CA LYS D 67 -1.46 -8.25 -3.26
C LYS D 67 -2.38 -8.39 -4.46
N PRO D 68 -3.70 -8.40 -4.26
CA PRO D 68 -4.62 -8.68 -5.39
C PRO D 68 -4.71 -7.53 -6.40
N ASP D 69 -4.41 -6.30 -5.98
CA ASP D 69 -4.31 -5.18 -6.92
C ASP D 69 -2.86 -4.83 -7.21
N TYR D 70 -2.10 -5.83 -7.67
CA TYR D 70 -0.72 -5.56 -8.04
C TYR D 70 -0.66 -4.59 -9.22
N LYS D 71 0.54 -4.13 -9.52
CA LYS D 71 0.70 -3.11 -10.54
C LYS D 71 0.32 -3.62 -11.94
N ARG D 72 -0.69 -2.99 -12.56
CA ARG D 72 -1.16 -3.34 -13.90
C ARG D 72 -1.30 -2.08 -14.73
N GLY D 73 -0.35 -1.89 -15.65
CA GLY D 73 -0.25 -0.64 -16.37
C GLY D 73 1.03 -0.64 -17.18
N ILE D 74 1.52 0.55 -17.49
CA ILE D 74 2.63 0.70 -18.44
C ILE D 74 3.95 0.77 -17.69
N GLY D 75 4.94 0.02 -18.17
CA GLY D 75 6.33 0.24 -17.79
C GLY D 75 7.17 0.37 -19.05
N ASN D 76 8.31 1.06 -18.92
CA ASN D 76 9.06 1.53 -20.08
C ASN D 76 10.46 0.94 -20.07
N TYR D 77 10.80 0.24 -21.13
CA TYR D 77 12.15 -0.28 -21.32
C TYR D 77 12.87 0.53 -22.39
N GLU D 78 14.10 0.91 -22.14
CA GLU D 78 14.93 1.51 -23.17
C GLU D 78 16.31 0.86 -23.14
N LYS D 79 16.87 0.63 -24.32
CA LYS D 79 18.21 0.07 -24.44
C LYS D 79 18.96 0.81 -25.53
N LYS D 80 20.21 1.14 -25.23
CA LYS D 80 21.13 1.63 -26.24
C LYS D 80 21.73 0.44 -26.95
N LEU D 81 21.74 0.50 -28.28
CA LEU D 81 22.26 -0.57 -29.13
C LEU D 81 23.07 0.06 -30.25
N PHE D 82 24.36 -0.27 -30.32
CA PHE D 82 25.19 0.24 -31.43
C PHE D 82 24.95 -0.59 -32.68
N ILE D 83 24.63 0.10 -33.77
CA ILE D 83 24.36 -0.51 -35.06
C ILE D 83 25.64 -0.42 -35.87
N ARG D 84 26.30 -1.56 -36.10
CA ARG D 84 27.60 -1.55 -36.79
C ARG D 84 27.47 -1.02 -38.20
N SER D 85 28.45 -0.21 -38.61
CA SER D 85 28.41 0.30 -39.98
C SER D 85 28.41 -0.84 -41.00
N GLU D 86 29.10 -1.96 -40.68
CA GLU D 86 29.14 -3.11 -41.56
C GLU D 86 27.85 -3.93 -41.57
N TRP D 87 26.81 -3.49 -40.84
CA TRP D 87 25.50 -4.12 -40.93
C TRP D 87 24.63 -3.54 -42.03
N GLN D 88 24.95 -2.35 -42.53
CA GLN D 88 24.18 -1.82 -43.66
C GLN D 88 24.37 -2.72 -44.86
N GLY D 89 23.28 -2.93 -45.61
CA GLY D 89 23.24 -3.93 -46.63
C GLY D 89 22.74 -5.29 -46.17
N LYS D 90 22.72 -5.55 -44.87
CA LYS D 90 22.06 -6.75 -44.33
C LYS D 90 20.66 -6.36 -43.82
N ARG D 91 19.91 -7.33 -43.32
CA ARG D 91 18.60 -7.05 -42.74
C ARG D 91 18.62 -7.27 -41.23
N LEU D 92 17.84 -6.47 -40.51
CA LEU D 92 17.90 -6.39 -39.05
C LEU D 92 16.50 -6.54 -38.48
N PHE D 93 16.28 -7.52 -37.62
CA PHE D 93 14.98 -7.72 -37.00
C PHE D 93 15.10 -7.76 -35.48
N LEU D 94 14.06 -7.27 -34.80
CA LEU D 94 13.93 -7.34 -33.34
C LEU D 94 12.86 -8.39 -33.04
N ARG D 95 13.24 -9.50 -32.42
CA ARG D 95 12.31 -10.59 -32.14
C ARG D 95 12.12 -10.72 -30.63
N PHE D 96 10.86 -10.63 -30.21
CA PHE D 96 10.45 -10.69 -28.80
C PHE D 96 9.74 -12.00 -28.54
N GLU D 97 10.26 -12.80 -27.61
CA GLU D 97 9.60 -14.09 -27.38
C GLU D 97 8.38 -14.02 -26.46
N GLY D 98 8.17 -12.89 -25.79
CA GLY D 98 7.02 -12.75 -24.93
C GLY D 98 7.09 -11.43 -24.21
N VAL D 99 6.04 -10.64 -24.32
CA VAL D 99 5.93 -9.38 -23.59
C VAL D 99 4.47 -9.23 -23.18
N ASN D 100 4.20 -9.26 -21.87
CA ASN D 100 2.84 -9.26 -21.36
C ASN D 100 2.53 -7.87 -20.82
N SER D 101 1.46 -7.24 -21.34
CA SER D 101 0.54 -7.84 -22.27
C SER D 101 0.43 -7.14 -23.64
N VAL D 102 0.47 -5.81 -23.67
CA VAL D 102 0.47 -5.02 -24.90
C VAL D 102 1.77 -4.24 -24.94
N ALA D 103 2.39 -4.19 -26.12
CA ALA D 103 3.72 -3.62 -26.30
C ALA D 103 3.70 -2.66 -27.48
N ASP D 104 4.36 -1.52 -27.32
CA ASP D 104 4.66 -0.63 -28.44
C ASP D 104 6.18 -0.43 -28.50
N VAL D 105 6.74 -0.64 -29.68
CA VAL D 105 8.19 -0.60 -29.87
C VAL D 105 8.53 0.65 -30.68
N PHE D 106 9.59 1.31 -30.26
CA PHE D 106 10.03 2.55 -30.88
C PHE D 106 11.51 2.38 -31.15
N ILE D 107 11.97 3.06 -32.18
CA ILE D 107 13.37 3.11 -32.55
C ILE D 107 13.73 4.58 -32.63
N ASN D 108 14.66 5.02 -31.80
CA ASN D 108 15.01 6.43 -31.72
C ASN D 108 13.77 7.27 -31.45
N ASN D 109 12.90 6.76 -30.56
CA ASN D 109 11.68 7.41 -30.08
C ASN D 109 10.62 7.63 -31.18
N LEU D 110 10.71 6.89 -32.29
CA LEU D 110 9.68 6.89 -33.32
C LEU D 110 8.97 5.56 -33.31
N HIS D 111 7.64 5.59 -33.28
CA HIS D 111 6.84 4.36 -33.23
C HIS D 111 7.11 3.48 -34.45
N ILE D 112 7.27 2.17 -34.20
CA ILE D 112 7.39 1.23 -35.31
C ILE D 112 6.33 0.15 -35.30
N GLY D 113 5.68 -0.12 -34.18
CA GLY D 113 4.70 -1.18 -34.19
C GLY D 113 4.09 -1.47 -32.84
N GLU D 114 3.00 -2.24 -32.84
CA GLU D 114 2.28 -2.60 -31.65
C GLU D 114 2.06 -4.10 -31.68
N HIS D 115 2.06 -4.73 -30.51
CA HIS D 115 1.66 -6.13 -30.43
C HIS D 115 0.71 -6.27 -29.25
N ARG D 116 -0.50 -6.76 -29.51
CA ARG D 116 -1.45 -7.04 -28.43
C ARG D 116 -1.49 -8.56 -28.23
N GLY D 117 -1.05 -9.00 -27.05
CA GLY D 117 -0.94 -10.40 -26.69
C GLY D 117 0.33 -10.70 -25.92
N GLY D 118 0.19 -11.36 -24.77
CA GLY D 118 1.29 -11.51 -23.85
C GLY D 118 2.11 -12.76 -23.94
N TYR D 119 1.77 -13.70 -24.83
CA TYR D 119 2.34 -15.04 -24.80
C TYR D 119 2.91 -15.54 -26.12
N GLY D 120 2.58 -14.93 -27.24
CA GLY D 120 3.21 -15.28 -28.48
C GLY D 120 4.41 -14.39 -28.74
N ALA D 121 5.40 -14.95 -29.42
CA ALA D 121 6.47 -14.15 -29.99
C ALA D 121 5.93 -13.15 -31.02
N PHE D 122 6.65 -12.04 -31.16
CA PHE D 122 6.34 -11.09 -32.21
C PHE D 122 7.65 -10.48 -32.71
N ILE D 123 7.62 -10.02 -33.97
CA ILE D 123 8.83 -9.53 -34.60
C ILE D 123 8.59 -8.19 -35.29
N PHE D 124 9.63 -7.37 -35.32
CA PHE D 124 9.68 -6.12 -36.07
C PHE D 124 11.02 -6.01 -36.81
N GLU D 125 10.96 -5.61 -38.08
CA GLU D 125 12.16 -5.35 -38.86
C GLU D 125 12.59 -3.92 -38.63
N ILE D 126 13.90 -3.70 -38.49
CA ILE D 126 14.38 -2.36 -38.13
C ILE D 126 15.36 -1.84 -39.16
N THR D 127 15.43 -2.53 -40.32
CA THR D 127 16.43 -2.23 -41.34
C THR D 127 16.34 -0.79 -41.84
N GLY D 128 15.13 -0.29 -42.10
CA GLY D 128 15.05 1.08 -42.55
C GLY D 128 14.96 2.12 -41.46
N LYS D 129 14.96 1.70 -40.20
CA LYS D 129 14.59 2.58 -39.10
C LYS D 129 15.79 3.10 -38.34
N VAL D 130 16.97 2.55 -38.57
CA VAL D 130 18.13 2.81 -37.72
C VAL D 130 19.15 3.64 -38.50
N GLU D 131 19.93 4.43 -37.76
CA GLU D 131 21.08 5.12 -38.33
C GLU D 131 22.33 4.25 -38.18
N TYR D 132 23.02 3.98 -39.27
CA TYR D 132 24.12 3.01 -39.23
C TYR D 132 25.43 3.64 -38.74
N GLY D 133 26.27 2.81 -38.14
CA GLY D 133 27.53 3.29 -37.59
C GLY D 133 27.41 4.16 -36.36
N LYS D 134 26.32 4.05 -35.60
CA LYS D 134 26.18 4.87 -34.41
C LYS D 134 25.13 4.27 -33.50
N GLU D 135 25.10 4.79 -32.28
CA GLU D 135 24.20 4.31 -31.24
C GLU D 135 22.77 4.71 -31.54
N ASN D 136 21.87 3.72 -31.53
CA ASN D 136 20.44 3.96 -31.70
C ASN D 136 19.73 3.58 -30.41
N SER D 137 18.42 3.80 -30.36
CA SER D 137 17.67 3.65 -29.12
C SER D 137 16.46 2.74 -29.36
N ILE D 138 16.37 1.68 -28.58
CA ILE D 138 15.18 0.85 -28.56
C ILE D 138 14.41 1.21 -27.28
N LEU D 139 13.20 1.70 -27.43
CA LEU D 139 12.28 1.94 -26.34
C LEU D 139 11.11 0.96 -26.47
N VAL D 140 10.84 0.21 -25.42
CA VAL D 140 9.73 -0.73 -25.42
C VAL D 140 8.75 -0.31 -24.34
N ARG D 141 7.53 0.00 -24.74
CA ARG D 141 6.52 0.42 -23.79
C ARG D 141 5.57 -0.76 -23.58
N VAL D 142 5.58 -1.32 -22.37
CA VAL D 142 4.78 -2.52 -22.08
C VAL D 142 3.59 -2.14 -21.22
N ASN D 143 2.47 -2.82 -21.46
CA ASN D 143 1.25 -2.64 -20.68
C ASN D 143 0.78 -4.01 -20.22
N ASN D 144 0.53 -4.17 -18.93
CA ASN D 144 -0.26 -5.31 -18.49
C ASN D 144 -1.53 -4.85 -17.82
N GLY D 145 -1.89 -3.57 -18.02
CA GLY D 145 -3.14 -3.08 -17.50
C GLY D 145 -4.32 -3.81 -18.10
N GLU D 146 -5.41 -3.82 -17.35
CA GLU D 146 -6.58 -4.58 -17.77
C GLU D 146 -7.10 -4.10 -19.11
N GLN D 147 -7.66 -5.04 -19.88
CA GLN D 147 -8.32 -4.77 -21.15
C GLN D 147 -9.49 -5.73 -21.29
N LEU D 148 -10.53 -5.29 -21.99
CA LEU D 148 -11.62 -6.20 -22.36
C LEU D 148 -11.49 -6.72 -23.79
N ASP D 149 -10.36 -6.47 -24.47
CA ASP D 149 -10.24 -6.84 -25.86
C ASP D 149 -9.00 -7.69 -26.15
N VAL D 150 -8.24 -8.07 -25.13
CA VAL D 150 -7.05 -8.91 -25.31
C VAL D 150 -7.17 -10.05 -24.31
N MET D 151 -7.58 -11.24 -24.77
CA MET D 151 -7.54 -12.42 -23.93
C MET D 151 -6.13 -12.58 -23.38
N PRO D 152 -5.96 -13.10 -22.14
CA PRO D 152 -7.06 -13.49 -21.23
C PRO D 152 -7.61 -12.34 -20.42
N LEU D 153 -8.92 -12.33 -20.17
CA LEU D 153 -9.55 -11.29 -19.34
C LEU D 153 -9.59 -11.67 -17.87
N VAL D 154 -9.65 -12.97 -17.58
CA VAL D 154 -9.78 -13.47 -16.22
C VAL D 154 -8.91 -14.71 -16.14
N GLY D 155 -8.68 -15.17 -14.90
CA GLY D 155 -7.88 -16.36 -14.72
C GLY D 155 -7.32 -16.57 -13.32
N ASP D 156 -7.28 -17.83 -12.88
CA ASP D 156 -6.75 -18.17 -11.57
C ASP D 156 -5.21 -18.16 -11.60
N PHE D 157 -4.63 -17.01 -11.92
CA PHE D 157 -3.17 -16.89 -12.04
C PHE D 157 -2.82 -15.43 -12.30
N ASN D 158 -1.51 -15.14 -12.33
CA ASN D 158 -1.00 -13.77 -12.43
C ASN D 158 -0.73 -13.32 -13.85
N PHE D 159 -1.02 -12.05 -14.13
CA PHE D 159 -0.69 -11.46 -15.41
C PHE D 159 0.60 -10.65 -15.27
N TYR D 160 1.68 -11.39 -15.05
CA TYR D 160 2.99 -10.77 -14.78
C TYR D 160 3.40 -9.86 -15.92
N GLY D 161 3.48 -8.56 -15.63
CA GLY D 161 3.80 -7.60 -16.65
C GLY D 161 5.29 -7.48 -16.88
N GLY D 162 5.67 -7.38 -18.16
CA GLY D 162 7.01 -7.01 -18.59
C GLY D 162 7.54 -7.86 -19.73
N ILE D 163 8.80 -7.63 -20.07
CA ILE D 163 9.47 -8.41 -21.13
C ILE D 163 10.04 -9.64 -20.44
N TYR D 164 9.18 -10.63 -20.23
CA TYR D 164 9.51 -11.75 -19.37
C TYR D 164 10.18 -12.88 -20.13
N ARG D 165 10.42 -12.72 -21.42
CA ARG D 165 11.17 -13.68 -22.23
C ARG D 165 12.27 -12.97 -23.02
N ASP D 166 13.12 -13.78 -23.67
CA ASP D 166 14.31 -13.29 -24.35
C ASP D 166 13.97 -12.33 -25.49
N VAL D 167 14.84 -11.36 -25.71
CA VAL D 167 14.76 -10.45 -26.86
C VAL D 167 16.00 -10.67 -27.73
N HIS D 168 15.79 -10.78 -29.05
CA HIS D 168 16.88 -11.05 -29.96
C HIS D 168 16.95 -10.01 -31.07
N LEU D 169 18.18 -9.74 -31.50
CA LEU D 169 18.42 -9.07 -32.77
C LEU D 169 18.85 -10.12 -33.79
N LEU D 170 18.10 -10.22 -34.88
CA LEU D 170 18.39 -11.16 -35.97
C LEU D 170 18.98 -10.41 -37.14
N ILE D 171 20.05 -10.94 -37.71
CA ILE D 171 20.71 -10.32 -38.86
C ILE D 171 20.83 -11.35 -39.98
N THR D 172 20.20 -11.06 -41.11
CA THR D 172 20.17 -11.95 -42.26
C THR D 172 20.67 -11.22 -43.49
N ASP D 173 20.99 -11.99 -44.52
CA ASP D 173 21.17 -11.43 -45.86
C ASP D 173 19.91 -10.67 -46.26
N GLU D 174 20.05 -9.80 -47.28
CA GLU D 174 18.88 -9.13 -47.83
C GLU D 174 17.87 -10.10 -48.42
N VAL D 175 18.30 -11.29 -48.79
CA VAL D 175 17.43 -12.33 -49.31
C VAL D 175 17.43 -13.44 -48.27
N CYS D 176 16.27 -13.72 -47.68
CA CYS D 176 16.27 -14.49 -46.45
C CYS D 176 15.04 -15.37 -46.32
N ILE D 177 15.19 -16.43 -45.52
CA ILE D 177 14.04 -17.20 -45.04
C ILE D 177 13.35 -16.32 -44.00
N SER D 178 12.22 -15.72 -44.38
CA SER D 178 11.71 -14.59 -43.63
C SER D 178 11.32 -15.02 -42.22
N PRO D 179 11.67 -14.23 -41.20
CA PRO D 179 11.09 -14.43 -39.87
C PRO D 179 9.81 -13.63 -39.61
N LEU D 180 9.26 -12.98 -40.62
CA LEU D 180 8.27 -11.93 -40.43
C LEU D 180 6.85 -12.45 -40.28
N ASP D 181 6.56 -13.70 -40.66
CA ASP D 181 5.19 -14.19 -40.68
C ASP D 181 4.80 -14.66 -39.29
N HIS D 182 4.13 -13.78 -38.53
CA HIS D 182 3.67 -14.11 -37.19
C HIS D 182 4.82 -14.51 -36.27
N ALA D 183 6.01 -13.93 -36.48
CA ALA D 183 7.25 -14.30 -35.78
C ALA D 183 7.46 -15.82 -35.80
N SER D 184 7.03 -16.47 -36.87
CA SER D 184 7.25 -17.90 -37.06
C SER D 184 8.70 -18.13 -37.47
N PRO D 185 9.16 -19.39 -37.47
CA PRO D 185 10.57 -19.63 -37.83
C PRO D 185 10.86 -19.48 -39.30
N GLY D 186 9.84 -19.38 -40.16
CA GLY D 186 10.06 -19.24 -41.57
C GLY D 186 10.02 -20.56 -42.30
N VAL D 187 9.79 -21.66 -41.60
CA VAL D 187 9.75 -23.01 -42.15
C VAL D 187 8.69 -23.75 -41.36
N ARG D 188 7.71 -24.29 -42.06
CA ARG D 188 6.64 -25.06 -41.43
C ARG D 188 6.63 -26.46 -42.05
N LEU D 189 6.83 -27.47 -41.20
CA LEU D 189 6.98 -28.86 -41.63
C LEU D 189 5.72 -29.62 -41.29
N THR D 190 4.93 -29.92 -42.31
CA THR D 190 3.73 -30.72 -42.14
C THR D 190 4.00 -32.12 -42.65
N GLN D 191 3.64 -33.12 -41.85
CA GLN D 191 3.79 -34.52 -42.20
C GLN D 191 2.42 -35.13 -42.43
N ASP D 192 2.25 -35.79 -43.58
CA ASP D 192 1.05 -36.59 -43.84
C ASP D 192 1.44 -38.03 -44.21
N SER D 193 0.40 -38.87 -44.30
CA SER D 193 0.54 -40.27 -44.69
C SER D 193 1.67 -40.96 -43.96
N VAL D 194 1.73 -40.74 -42.64
CA VAL D 194 2.81 -41.27 -41.84
C VAL D 194 2.38 -42.64 -41.30
N SER D 195 3.34 -43.56 -41.27
CA SER D 195 3.12 -44.94 -40.90
C SER D 195 4.47 -45.54 -40.57
N HIS D 196 4.46 -46.82 -40.20
CA HIS D 196 5.74 -47.47 -39.93
C HIS D 196 6.54 -47.69 -41.20
N LYS D 197 5.89 -47.66 -42.36
CA LYS D 197 6.57 -47.92 -43.62
C LYS D 197 6.95 -46.64 -44.36
N TYR D 198 6.34 -45.51 -44.01
CA TYR D 198 6.42 -44.36 -44.91
C TYR D 198 6.03 -43.07 -44.19
N ALA D 199 6.71 -41.98 -44.55
CA ALA D 199 6.35 -40.64 -44.09
C ALA D 199 6.46 -39.67 -45.24
N ARG D 200 5.44 -38.82 -45.43
CA ARG D 200 5.58 -37.76 -46.42
C ARG D 200 5.54 -36.41 -45.73
N ILE D 201 6.47 -35.55 -46.10
CA ILE D 201 6.70 -34.30 -45.41
C ILE D 201 6.67 -33.16 -46.41
N GLU D 202 5.86 -32.15 -46.13
CA GLU D 202 5.78 -30.95 -46.93
C GLU D 202 6.43 -29.82 -46.15
N VAL D 203 7.26 -29.04 -46.83
CA VAL D 203 8.03 -27.97 -46.23
C VAL D 203 7.54 -26.66 -46.84
N LEU D 204 6.96 -25.80 -46.02
CA LEU D 204 6.55 -24.47 -46.46
C LEU D 204 7.55 -23.44 -45.96
N VAL D 205 8.09 -22.64 -46.89
CA VAL D 205 9.18 -21.71 -46.63
C VAL D 205 8.76 -20.33 -47.10
N GLU D 206 9.01 -19.32 -46.28
CA GLU D 206 8.78 -17.92 -46.63
C GLU D 206 10.09 -17.33 -47.13
N VAL D 207 10.14 -16.95 -48.41
CA VAL D 207 11.34 -16.33 -48.96
C VAL D 207 11.04 -14.86 -49.25
N SER D 208 11.90 -13.97 -48.75
CA SER D 208 11.78 -12.53 -48.96
C SER D 208 13.05 -11.98 -49.59
N ASN D 209 12.87 -11.06 -50.53
CA ASN D 209 13.98 -10.45 -51.25
C ASN D 209 13.95 -8.97 -50.89
N GLY D 210 14.78 -8.60 -49.91
CA GLY D 210 14.93 -7.23 -49.47
C GLY D 210 15.84 -6.38 -50.30
N SER D 211 16.42 -6.92 -51.37
CA SER D 211 17.23 -6.12 -52.29
C SER D 211 16.34 -5.56 -53.38
N ASP D 212 16.82 -4.48 -54.02
CA ASP D 212 16.08 -3.87 -55.11
C ASP D 212 16.23 -4.65 -56.41
N LYS D 213 17.16 -5.60 -56.47
CA LYS D 213 17.43 -6.40 -57.65
C LYS D 213 16.65 -7.71 -57.60
N ALA D 214 16.31 -8.20 -58.79
CA ALA D 214 15.80 -9.57 -58.89
C ALA D 214 16.97 -10.52 -58.78
N GLN D 215 16.76 -11.64 -58.09
CA GLN D 215 17.83 -12.59 -57.83
C GLN D 215 17.34 -14.00 -58.09
N GLU D 216 18.25 -14.85 -58.57
CA GLU D 216 18.02 -16.29 -58.70
C GLU D 216 18.61 -16.96 -57.48
N ILE D 217 17.83 -17.81 -56.81
CA ILE D 217 18.28 -18.48 -55.60
C ILE D 217 17.99 -19.97 -55.71
N GLU D 218 18.66 -20.72 -54.85
CA GLU D 218 18.46 -22.16 -54.73
C GLU D 218 17.88 -22.43 -53.36
N LEU D 219 16.67 -22.98 -53.32
CA LEU D 219 16.02 -23.38 -52.07
C LEU D 219 16.27 -24.84 -51.79
N GLY D 220 16.84 -25.13 -50.62
CA GLY D 220 17.19 -26.48 -50.24
C GLY D 220 16.60 -26.87 -48.90
N ILE D 221 16.00 -28.05 -48.86
CA ILE D 221 15.61 -28.71 -47.62
C ILE D 221 16.52 -29.92 -47.45
N CYS D 222 17.03 -30.11 -46.24
CA CYS D 222 17.91 -31.22 -45.94
C CYS D 222 17.49 -31.86 -44.63
N VAL D 223 16.95 -33.07 -44.71
CA VAL D 223 16.47 -33.81 -43.54
C VAL D 223 17.58 -34.73 -43.04
N ARG D 224 18.07 -34.48 -41.81
CA ARG D 224 19.28 -35.12 -41.32
C ARG D 224 19.04 -35.89 -40.04
N ASP D 225 19.56 -37.09 -40.01
CA ASP D 225 19.66 -37.91 -38.82
C ASP D 225 21.11 -37.82 -38.35
N GLY D 226 21.38 -36.96 -37.37
CA GLY D 226 22.76 -36.69 -37.00
C GLY D 226 23.48 -36.01 -38.16
N LYS D 227 24.65 -36.55 -38.53
CA LYS D 227 25.34 -36.09 -39.72
C LYS D 227 24.84 -36.76 -40.99
N ARG D 228 24.07 -37.84 -40.87
CA ARG D 228 23.59 -38.58 -42.02
C ARG D 228 22.40 -37.87 -42.65
N THR D 229 22.47 -37.64 -43.97
CA THR D 229 21.38 -37.00 -44.70
C THR D 229 20.40 -38.07 -45.16
N VAL D 230 19.15 -37.97 -44.73
CA VAL D 230 18.15 -39.00 -45.01
C VAL D 230 17.43 -38.71 -46.32
N THR D 231 16.83 -37.54 -46.45
CA THR D 231 16.32 -37.10 -47.74
C THR D 231 16.70 -35.64 -47.93
N GLU D 232 16.50 -35.19 -49.16
CA GLU D 232 16.84 -33.82 -49.54
C GLU D 232 16.08 -33.50 -50.82
N ARG D 233 15.88 -32.20 -51.05
CA ARG D 233 15.16 -31.73 -52.22
C ARG D 233 15.68 -30.33 -52.53
N ASN D 234 16.01 -30.10 -53.79
CA ASN D 234 16.58 -28.84 -54.22
C ASN D 234 15.77 -28.29 -55.38
N GLU D 235 15.64 -26.95 -55.42
CA GLU D 235 14.93 -26.26 -56.50
C GLU D 235 15.56 -24.90 -56.74
N LYS D 236 15.51 -24.45 -57.99
CA LYS D 236 15.94 -23.12 -58.40
C LYS D 236 14.73 -22.30 -58.84
N PHE D 237 14.78 -20.98 -58.58
CA PHE D 237 13.74 -20.05 -59.00
C PHE D 237 14.26 -18.62 -58.80
N SER D 238 13.43 -17.64 -59.19
CA SER D 238 13.84 -16.25 -59.22
C SER D 238 12.77 -15.38 -58.54
N LEU D 239 13.21 -14.40 -57.76
CA LEU D 239 12.33 -13.45 -57.07
C LEU D 239 12.68 -12.06 -57.57
N SER D 240 11.68 -11.35 -58.06
CA SER D 240 11.89 -9.95 -58.41
C SER D 240 12.10 -9.15 -57.14
N GLY D 241 12.82 -8.03 -57.27
CA GLY D 241 13.24 -7.28 -56.11
C GLY D 241 12.07 -6.84 -55.24
N ASN D 242 12.37 -6.65 -53.95
CA ASN D 242 11.41 -6.11 -52.97
C ASN D 242 10.09 -6.88 -53.01
N SER D 243 10.18 -8.21 -52.89
CA SER D 243 8.98 -9.02 -53.01
C SER D 243 9.20 -10.35 -52.28
N ASP D 244 8.09 -10.94 -51.84
CA ASP D 244 8.08 -12.17 -51.08
C ASP D 244 7.39 -13.26 -51.86
N MET D 245 7.55 -14.50 -51.42
CA MET D 245 6.97 -15.63 -52.12
C MET D 245 7.04 -16.85 -51.21
N GLN D 246 5.95 -17.62 -51.19
CA GLN D 246 5.93 -18.91 -50.51
C GLN D 246 6.47 -19.99 -51.42
N ARG D 247 7.27 -20.90 -50.88
CA ARG D 247 7.62 -22.16 -51.54
C ARG D 247 7.13 -23.33 -50.71
N ARG D 248 6.69 -24.39 -51.38
CA ARG D 248 6.27 -25.63 -50.73
C ARG D 248 7.06 -26.78 -51.35
N LEU D 249 8.07 -27.28 -50.65
CA LEU D 249 8.85 -28.42 -51.10
C LEU D 249 8.30 -29.69 -50.47
N VAL D 250 8.44 -30.80 -51.19
CA VAL D 250 7.89 -32.08 -50.73
C VAL D 250 9.03 -33.05 -50.53
N CYS D 251 8.94 -33.83 -49.45
CA CYS D 251 9.96 -34.75 -48.99
C CYS D 251 9.35 -36.09 -48.64
N GLU D 252 10.11 -37.15 -48.88
CA GLU D 252 9.69 -38.51 -48.52
C GLU D 252 10.79 -39.21 -47.76
N ILE D 253 10.40 -39.96 -46.73
CA ILE D 253 11.28 -40.85 -45.98
C ILE D 253 10.68 -42.25 -45.97
N LYS D 254 11.47 -43.24 -46.38
CA LYS D 254 11.10 -44.65 -46.33
C LYS D 254 11.65 -45.28 -45.04
N ASP D 255 10.86 -46.19 -44.48
CA ASP D 255 11.17 -46.81 -43.20
C ASP D 255 11.51 -45.75 -42.16
N PRO D 256 10.59 -44.84 -41.86
CA PRO D 256 10.97 -43.69 -41.04
C PRO D 256 11.08 -44.07 -39.56
N HIS D 257 12.06 -43.47 -38.89
CA HIS D 257 12.27 -43.66 -37.46
C HIS D 257 11.27 -42.79 -36.69
N LEU D 258 10.24 -43.41 -36.12
CA LEU D 258 9.15 -42.65 -35.55
C LEU D 258 9.48 -42.09 -34.19
N TRP D 259 9.03 -40.86 -33.95
CA TRP D 259 8.96 -40.27 -32.61
C TRP D 259 7.92 -41.05 -31.80
N ASN D 260 8.38 -41.84 -30.83
CA ASN D 260 7.43 -42.72 -30.12
C ASN D 260 7.35 -42.37 -28.63
N GLY D 261 7.09 -41.10 -28.34
CA GLY D 261 6.89 -40.76 -26.96
C GLY D 261 8.17 -40.96 -26.17
N ARG D 262 7.99 -41.38 -24.92
CA ARG D 262 9.14 -41.55 -24.05
C ARG D 262 9.94 -42.80 -24.37
N GLN D 263 9.31 -43.78 -25.03
CA GLN D 263 10.03 -45.00 -25.40
C GLN D 263 11.16 -44.71 -26.41
N ASP D 264 10.99 -43.71 -27.26
CA ASP D 264 11.98 -43.42 -28.29
C ASP D 264 11.64 -42.08 -28.92
N PRO D 265 12.03 -40.99 -28.27
CA PRO D 265 11.67 -39.65 -28.77
C PRO D 265 12.59 -39.19 -29.91
N PHE D 266 12.65 -39.97 -30.98
CA PHE D 266 13.63 -39.70 -32.02
C PHE D 266 13.29 -38.43 -32.79
N LEU D 267 14.34 -37.65 -33.10
CA LEU D 267 14.20 -36.39 -33.82
C LEU D 267 15.21 -36.33 -34.96
N TYR D 268 14.72 -36.04 -36.16
CA TYR D 268 15.58 -35.58 -37.23
C TYR D 268 15.80 -34.07 -37.09
N ARG D 269 16.79 -33.56 -37.82
CA ARG D 269 17.01 -32.12 -37.95
C ARG D 269 16.79 -31.75 -39.42
N ALA D 270 15.78 -30.91 -39.67
CA ALA D 270 15.48 -30.42 -41.02
C ALA D 270 16.15 -29.06 -41.21
N GLU D 271 16.98 -28.96 -42.21
CA GLU D 271 17.74 -27.74 -42.47
C GLU D 271 17.27 -27.18 -43.81
N VAL D 272 16.74 -25.99 -43.77
CA VAL D 272 16.38 -25.27 -44.98
C VAL D 272 17.46 -24.25 -45.24
N THR D 273 17.94 -24.21 -46.48
CA THR D 273 19.05 -23.35 -46.89
C THR D 273 18.71 -22.58 -48.14
N LEU D 274 19.16 -21.33 -48.18
CA LEU D 274 19.14 -20.46 -49.34
C LEU D 274 20.55 -20.34 -49.88
N THR D 275 20.72 -20.70 -51.15
CA THR D 275 22.02 -20.66 -51.81
C THR D 275 21.96 -19.72 -53.01
N ARG D 276 23.03 -18.96 -53.19
CA ARG D 276 23.18 -18.04 -54.30
C ARG D 276 24.64 -18.05 -54.74
N ASP D 277 24.86 -18.31 -56.05
CA ASP D 277 26.21 -18.39 -56.63
C ASP D 277 27.08 -19.38 -55.86
N GLY D 278 26.51 -20.56 -55.57
CA GLY D 278 27.23 -21.65 -54.96
C GLY D 278 27.50 -21.49 -53.48
N HIS D 279 27.13 -20.36 -52.89
CA HIS D 279 27.39 -20.10 -51.48
C HIS D 279 26.08 -19.96 -50.72
N VAL D 280 26.04 -20.53 -49.52
CA VAL D 280 24.84 -20.52 -48.71
C VAL D 280 24.70 -19.15 -48.05
N ILE D 281 23.57 -18.48 -48.29
CA ILE D 281 23.39 -17.11 -47.82
C ILE D 281 22.51 -17.07 -46.58
N ASP D 282 21.69 -18.10 -46.36
CA ASP D 282 20.82 -18.13 -45.19
C ASP D 282 20.43 -19.56 -44.86
N GLN D 283 20.01 -19.78 -43.61
CA GLN D 283 19.72 -21.11 -43.13
C GLN D 283 18.83 -21.06 -41.91
N VAL D 284 17.90 -22.01 -41.82
CA VAL D 284 17.08 -22.21 -40.64
C VAL D 284 16.98 -23.72 -40.40
N THR D 285 17.16 -24.14 -39.15
CA THR D 285 17.09 -25.54 -38.83
C THR D 285 15.95 -25.75 -37.85
N GLN D 286 15.25 -26.86 -37.98
CA GLN D 286 14.03 -27.08 -37.23
C GLN D 286 13.93 -28.55 -36.90
N PRO D 287 13.20 -28.90 -35.84
CA PRO D 287 13.03 -30.31 -35.53
C PRO D 287 12.05 -30.99 -36.47
N LEU D 288 12.19 -32.30 -36.58
CA LEU D 288 11.24 -33.11 -37.34
C LEU D 288 11.04 -34.39 -36.54
N GLY D 289 9.87 -34.48 -35.91
CA GLY D 289 9.45 -35.68 -35.24
C GLY D 289 8.30 -36.28 -35.99
N LEU D 290 8.46 -37.52 -36.42
CA LEU D 290 7.46 -38.19 -37.22
C LEU D 290 6.68 -39.16 -36.35
N ARG D 291 5.37 -39.01 -36.34
CA ARG D 291 4.49 -39.94 -35.66
C ARG D 291 3.07 -39.75 -36.17
N PHE D 292 2.26 -40.77 -35.95
CA PHE D 292 0.85 -40.71 -36.31
C PHE D 292 0.04 -41.20 -35.12
N TYR D 293 -1.05 -40.50 -34.84
CA TYR D 293 -1.89 -40.85 -33.71
C TYR D 293 -3.34 -40.55 -34.07
N ARG D 294 -4.25 -41.30 -33.45
CA ARG D 294 -5.66 -40.98 -33.44
C ARG D 294 -6.17 -41.00 -32.01
N ILE D 295 -7.30 -40.36 -31.78
CA ILE D 295 -7.95 -40.34 -30.48
C ILE D 295 -9.27 -41.07 -30.64
N ASP D 296 -9.34 -42.30 -30.08
CA ASP D 296 -10.47 -43.20 -30.12
C ASP D 296 -11.41 -42.94 -28.95
N PRO D 297 -12.71 -42.73 -29.23
CA PRO D 297 -13.65 -42.43 -28.13
C PRO D 297 -13.75 -43.52 -27.09
N ASN D 298 -13.45 -44.77 -27.45
CA ASN D 298 -13.63 -45.88 -26.55
C ASN D 298 -12.33 -46.48 -26.09
N LEU D 299 -11.23 -46.19 -26.80
CA LEU D 299 -9.94 -46.81 -26.54
C LEU D 299 -8.89 -45.85 -26.01
N GLY D 300 -9.05 -44.54 -26.23
CA GLY D 300 -8.09 -43.58 -25.73
C GLY D 300 -7.13 -43.04 -26.78
N PHE D 301 -5.96 -42.63 -26.33
CA PHE D 301 -4.94 -42.13 -27.22
C PHE D 301 -4.13 -43.30 -27.76
N ILE D 302 -4.03 -43.39 -29.09
CA ILE D 302 -3.25 -44.46 -29.72
C ILE D 302 -2.14 -43.79 -30.53
N LEU D 303 -0.90 -44.10 -30.18
CA LEU D 303 0.28 -43.47 -30.77
C LEU D 303 1.06 -44.50 -31.57
N ASN D 304 1.17 -44.27 -32.88
CA ASN D 304 1.90 -45.16 -33.80
C ASN D 304 1.34 -46.59 -33.74
N GLY D 305 0.02 -46.70 -33.50
CA GLY D 305 -0.66 -47.98 -33.47
C GLY D 305 -0.74 -48.66 -32.12
N LYS D 306 -0.05 -48.15 -31.11
CA LYS D 306 0.00 -48.75 -29.79
C LYS D 306 -0.80 -47.89 -28.82
N HIS D 307 -1.65 -48.52 -28.01
CA HIS D 307 -2.37 -47.75 -27.02
C HIS D 307 -1.37 -47.03 -26.12
N LEU D 308 -1.67 -45.78 -25.82
CA LEU D 308 -0.79 -45.06 -24.91
C LEU D 308 -1.63 -44.29 -23.91
N PRO D 309 -1.59 -44.64 -22.62
CA PRO D 309 -2.26 -43.81 -21.60
C PRO D 309 -1.44 -42.58 -21.29
N LEU D 310 -2.10 -41.42 -21.35
CA LEU D 310 -1.46 -40.13 -21.10
C LEU D 310 -1.48 -39.85 -19.61
N ARG D 311 -0.35 -40.12 -18.96
CA ARG D 311 -0.14 -39.76 -17.56
C ARG D 311 0.25 -38.29 -17.49
N GLY D 312 -0.74 -37.41 -17.40
CA GLY D 312 -0.54 -35.99 -17.63
C GLY D 312 -0.60 -35.12 -16.39
N VAL D 313 0.17 -34.04 -16.41
CA VAL D 313 0.08 -32.97 -15.41
C VAL D 313 -0.02 -31.65 -16.16
N CYS D 314 -0.53 -30.62 -15.48
CA CYS D 314 -0.50 -29.27 -16.03
C CYS D 314 0.67 -28.48 -15.43
N ARG D 315 1.03 -27.37 -16.09
CA ARG D 315 2.20 -26.61 -15.69
C ARG D 315 2.01 -25.14 -16.10
N HIS D 316 2.10 -24.24 -15.13
CA HIS D 316 2.22 -22.81 -15.37
C HIS D 316 3.68 -22.41 -15.53
N GLN D 317 3.91 -21.26 -16.15
CA GLN D 317 5.30 -20.84 -16.42
C GLN D 317 5.87 -19.89 -15.37
N ASP D 318 5.60 -20.10 -14.08
CA ASP D 318 6.23 -19.24 -13.07
C ASP D 318 6.99 -20.08 -12.04
N ARG D 319 7.42 -19.40 -10.98
CA ARG D 319 8.35 -19.90 -9.98
C ARG D 319 8.40 -18.86 -8.87
N SER D 320 8.75 -19.30 -7.65
CA SER D 320 8.77 -18.38 -6.52
C SER D 320 9.95 -17.41 -6.67
N GLU D 321 9.74 -16.20 -6.16
N GLU D 321 9.77 -16.21 -6.11
CA GLU D 321 10.72 -15.12 -6.05
CA GLU D 321 10.80 -15.17 -6.05
C GLU D 321 10.98 -14.42 -7.38
C GLU D 321 10.95 -14.43 -7.38
N ILE D 322 10.92 -15.15 -8.49
CA ILE D 322 11.19 -14.54 -9.80
C ILE D 322 9.96 -14.42 -10.69
N GLY D 323 8.80 -14.94 -10.29
CA GLY D 323 7.60 -14.76 -11.11
C GLY D 323 7.66 -15.56 -12.40
N ASN D 324 7.29 -14.96 -13.53
CA ASN D 324 7.40 -15.67 -14.81
C ASN D 324 8.68 -15.34 -15.58
N ALA D 325 9.54 -14.50 -15.04
CA ALA D 325 10.80 -14.17 -15.73
C ALA D 325 11.79 -15.33 -15.60
N LEU D 326 11.48 -16.42 -16.31
CA LEU D 326 12.22 -17.67 -16.20
C LEU D 326 13.49 -17.67 -17.05
N HIS D 327 14.47 -18.47 -16.62
CA HIS D 327 15.68 -18.81 -17.37
C HIS D 327 15.60 -20.25 -17.87
N LEU D 328 16.57 -20.62 -18.70
CA LEU D 328 16.57 -21.95 -19.30
C LEU D 328 16.66 -23.04 -18.24
N GLN D 329 17.44 -22.81 -17.18
CA GLN D 329 17.58 -23.82 -16.15
C GLN D 329 16.27 -24.08 -15.40
N HIS D 330 15.37 -23.09 -15.32
CA HIS D 330 14.07 -23.32 -14.70
C HIS D 330 13.19 -24.23 -15.54
N HIS D 331 13.17 -24.00 -16.85
CA HIS D 331 12.45 -24.91 -17.74
C HIS D 331 13.00 -26.33 -17.63
N GLU D 332 14.33 -26.48 -17.71
CA GLU D 332 14.94 -27.80 -17.60
C GLU D 332 14.61 -28.48 -16.29
N GLU D 333 14.72 -27.74 -15.17
CA GLU D 333 14.36 -28.30 -13.88
C GLU D 333 12.91 -28.77 -13.87
N ASP D 334 11.99 -27.90 -14.31
CA ASP D 334 10.59 -28.29 -14.38
C ASP D 334 10.45 -29.60 -15.14
N ALA D 335 10.95 -29.63 -16.39
CA ALA D 335 10.86 -30.81 -17.24
C ALA D 335 11.52 -32.03 -16.58
N ALA D 336 12.72 -31.86 -16.00
CA ALA D 336 13.33 -32.96 -15.28
C ALA D 336 12.40 -33.52 -14.20
N LEU D 337 11.72 -32.65 -13.45
CA LEU D 337 10.90 -33.19 -12.36
C LEU D 337 9.74 -33.99 -12.92
N MET D 338 9.11 -33.48 -13.98
CA MET D 338 8.01 -34.21 -14.59
C MET D 338 8.50 -35.55 -15.10
N ALA D 339 9.65 -35.56 -15.77
CA ALA D 339 10.17 -36.83 -16.25
C ALA D 339 10.46 -37.78 -15.10
N GLU D 340 11.13 -37.27 -14.06
CA GLU D 340 11.35 -38.08 -12.87
C GLU D 340 10.06 -38.75 -12.42
N MET D 341 8.97 -37.98 -12.31
CA MET D 341 7.69 -38.50 -11.81
C MET D 341 7.02 -39.47 -12.75
N GLY D 342 7.60 -39.69 -13.92
CA GLY D 342 7.00 -40.58 -14.89
C GLY D 342 5.97 -39.93 -15.77
N VAL D 343 5.95 -38.59 -15.86
CA VAL D 343 5.00 -37.91 -16.73
C VAL D 343 5.34 -38.20 -18.19
N ASN D 344 4.31 -38.49 -19.00
CA ASN D 344 4.50 -38.54 -20.45
C ASN D 344 3.58 -37.59 -21.19
N ALA D 345 2.69 -36.87 -20.51
CA ALA D 345 1.83 -35.90 -21.16
C ALA D 345 1.73 -34.65 -20.30
N VAL D 346 1.70 -33.48 -20.95
CA VAL D 346 1.57 -32.22 -20.25
C VAL D 346 0.55 -31.33 -20.96
N ARG D 347 -0.27 -30.65 -20.17
CA ARG D 347 -1.18 -29.62 -20.65
C ARG D 347 -0.63 -28.30 -20.14
N LEU D 348 -0.10 -27.49 -21.04
CA LEU D 348 0.53 -26.22 -20.70
C LEU D 348 -0.57 -25.19 -20.50
N ALA D 349 -0.82 -24.80 -19.26
CA ALA D 349 -1.92 -23.88 -18.99
C ALA D 349 -1.38 -22.49 -18.73
N HIS D 350 -2.11 -21.48 -19.17
CA HIS D 350 -3.24 -21.57 -20.10
C HIS D 350 -2.94 -20.75 -21.37
N TYR D 351 -1.81 -20.96 -22.02
CA TYR D 351 -1.26 -19.95 -22.88
C TYR D 351 -0.02 -20.52 -23.58
N PRO D 352 0.33 -19.99 -24.74
CA PRO D 352 1.57 -20.42 -25.39
C PRO D 352 2.77 -20.25 -24.48
N GLN D 353 3.63 -21.25 -24.45
CA GLN D 353 4.77 -21.14 -23.58
C GLN D 353 6.04 -20.99 -24.42
N ALA D 354 7.20 -21.18 -23.79
CA ALA D 354 8.48 -20.92 -24.45
C ALA D 354 8.88 -22.05 -25.38
N THR D 355 9.45 -21.65 -26.52
CA THR D 355 9.99 -22.60 -27.50
C THR D 355 10.93 -23.61 -26.84
N CYS D 356 11.82 -23.15 -25.95
CA CYS D 356 12.79 -24.08 -25.37
C CYS D 356 12.08 -25.13 -24.51
N PHE D 357 10.95 -24.78 -23.90
CA PHE D 357 10.20 -25.79 -23.14
C PHE D 357 9.50 -26.77 -24.06
N TYR D 358 8.95 -26.28 -25.18
CA TYR D 358 8.47 -27.19 -26.21
C TYR D 358 9.59 -28.12 -26.67
N ASP D 359 10.77 -27.55 -26.94
CA ASP D 359 11.93 -28.37 -27.28
C ASP D 359 12.15 -29.45 -26.24
N LEU D 360 12.12 -29.09 -24.95
CA LEU D 360 12.38 -30.06 -23.91
C LEU D 360 11.36 -31.19 -23.95
N MET D 361 10.11 -30.87 -24.24
CA MET D 361 9.15 -31.95 -24.35
C MET D 361 9.42 -32.83 -25.55
N ASP D 362 9.79 -32.23 -26.68
CA ASP D 362 10.20 -33.00 -27.85
C ASP D 362 11.26 -34.03 -27.48
N ARG D 363 12.30 -33.58 -26.76
CA ARG D 363 13.45 -34.41 -26.45
C ARG D 363 13.19 -35.45 -25.36
N TYR D 364 12.24 -35.22 -24.44
CA TYR D 364 11.90 -36.26 -23.48
C TYR D 364 10.89 -37.24 -24.05
N GLY D 365 10.06 -36.80 -24.99
CA GLY D 365 9.01 -37.64 -25.52
C GLY D 365 7.65 -37.44 -24.88
N ILE D 366 7.42 -36.30 -24.25
CA ILE D 366 6.18 -35.98 -23.55
C ILE D 366 5.21 -35.32 -24.53
N ILE D 367 4.00 -35.86 -24.61
CA ILE D 367 2.97 -35.30 -25.48
C ILE D 367 2.46 -34.00 -24.88
N VAL D 368 2.15 -33.03 -25.74
CA VAL D 368 1.90 -31.66 -25.30
C VAL D 368 0.53 -31.21 -25.76
N TRP D 369 -0.29 -30.76 -24.81
CA TRP D 369 -1.51 -29.98 -25.05
C TRP D 369 -1.16 -28.54 -24.73
N THR D 370 -1.21 -27.68 -25.73
CA THR D 370 -0.95 -26.25 -25.54
C THR D 370 -2.16 -25.49 -26.06
N GLU D 371 -2.39 -24.27 -25.54
CA GLU D 371 -3.66 -23.59 -25.80
C GLU D 371 -3.50 -22.07 -25.86
N ILE D 372 -4.50 -21.41 -26.45
CA ILE D 372 -4.61 -19.96 -26.41
C ILE D 372 -5.22 -19.51 -25.09
N PRO D 373 -4.95 -18.26 -24.63
CA PRO D 373 -5.43 -17.79 -23.30
C PRO D 373 -6.88 -17.35 -23.34
N PHE D 374 -7.77 -18.27 -23.71
CA PHE D 374 -9.19 -17.99 -23.77
C PHE D 374 -9.83 -18.57 -22.51
N VAL D 375 -9.52 -17.89 -21.39
CA VAL D 375 -9.71 -18.40 -20.04
C VAL D 375 -10.98 -17.82 -19.45
N GLY D 376 -11.84 -18.70 -18.92
CA GLY D 376 -13.07 -18.27 -18.28
C GLY D 376 -12.93 -17.95 -16.82
N PRO D 377 -14.04 -17.53 -16.20
CA PRO D 377 -14.00 -17.16 -14.77
C PRO D 377 -13.91 -18.32 -13.81
N GLY D 378 -14.27 -19.53 -14.21
CA GLY D 378 -14.33 -20.61 -13.22
C GLY D 378 -15.29 -20.24 -12.09
N GLY D 379 -14.79 -20.34 -10.85
CA GLY D 379 -15.52 -20.00 -9.65
C GLY D 379 -15.51 -18.54 -9.26
N TYR D 380 -14.92 -17.66 -10.08
CA TYR D 380 -14.80 -16.24 -9.79
C TYR D 380 -15.83 -15.41 -10.59
N MET D 381 -15.66 -14.09 -10.55
CA MET D 381 -16.57 -13.14 -11.16
C MET D 381 -16.09 -12.80 -12.58
N ASP D 382 -16.99 -12.20 -13.38
CA ASP D 382 -16.72 -11.60 -14.70
C ASP D 382 -16.68 -12.65 -15.80
N LYS D 383 -16.03 -12.36 -16.93
CA LYS D 383 -16.15 -13.23 -18.10
C LYS D 383 -14.81 -13.41 -18.80
N GLY D 384 -14.67 -14.55 -19.45
CA GLY D 384 -13.52 -14.73 -20.32
C GLY D 384 -13.77 -14.21 -21.73
N PHE D 385 -15.03 -14.06 -22.11
CA PHE D 385 -15.42 -13.58 -23.43
C PHE D 385 -16.21 -12.28 -23.27
N VAL D 386 -15.78 -11.23 -23.97
CA VAL D 386 -16.58 -10.02 -24.14
C VAL D 386 -16.72 -9.77 -25.65
N ASN D 387 -17.95 -9.68 -26.13
CA ASN D 387 -18.25 -9.66 -27.56
C ASN D 387 -18.01 -8.27 -28.16
N LEU D 388 -16.72 -7.89 -28.20
CA LEU D 388 -16.11 -6.73 -28.83
C LEU D 388 -15.50 -7.14 -30.18
N PRO D 389 -15.49 -6.27 -31.20
CA PRO D 389 -14.83 -6.66 -32.45
C PRO D 389 -13.34 -6.89 -32.26
N ALA D 390 -12.68 -6.02 -31.49
CA ALA D 390 -11.25 -6.14 -31.30
C ALA D 390 -10.90 -7.43 -30.55
N PHE D 391 -11.70 -7.80 -29.55
CA PHE D 391 -11.43 -9.04 -28.80
C PHE D 391 -11.37 -10.23 -29.73
N ARG D 392 -12.35 -10.33 -30.65
CA ARG D 392 -12.46 -11.48 -31.52
C ARG D 392 -11.35 -11.49 -32.57
N SER D 393 -11.11 -10.34 -33.22
CA SER D 393 -10.03 -10.27 -34.18
C SER D 393 -8.70 -10.58 -33.52
N ASN D 394 -8.53 -10.17 -32.26
CA ASN D 394 -7.29 -10.43 -31.55
C ASN D 394 -7.13 -11.91 -31.26
N GLY D 395 -8.22 -12.56 -30.85
CA GLY D 395 -8.14 -13.95 -30.49
C GLY D 395 -7.69 -14.81 -31.63
N LYS D 396 -8.18 -14.53 -32.83
CA LYS D 396 -7.74 -15.23 -34.03
C LYS D 396 -6.25 -15.03 -34.27
N GLU D 397 -5.77 -13.79 -34.19
CA GLU D 397 -4.33 -13.53 -34.29
C GLU D 397 -3.54 -14.35 -33.28
N GLN D 398 -4.04 -14.46 -32.04
CA GLN D 398 -3.28 -15.18 -31.03
C GLN D 398 -3.24 -16.66 -31.33
N LEU D 399 -4.27 -17.18 -32.02
CA LEU D 399 -4.26 -18.59 -32.38
C LEU D 399 -3.39 -18.85 -33.62
N ARG D 400 -3.37 -17.92 -34.57
CA ARG D 400 -2.48 -18.11 -35.71
C ARG D 400 -1.04 -17.98 -35.26
N GLU D 401 -0.80 -17.08 -34.31
CA GLU D 401 0.51 -16.98 -33.69
C GLU D 401 0.89 -18.31 -33.07
N LEU D 402 -0.01 -18.90 -32.28
CA LEU D 402 0.27 -20.16 -31.62
C LEU D 402 0.69 -21.23 -32.63
N ILE D 403 -0.13 -21.46 -33.66
CA ILE D 403 0.14 -22.59 -34.56
C ILE D 403 1.34 -22.30 -35.45
N ARG D 404 1.41 -21.11 -36.03
CA ARG D 404 2.51 -20.87 -36.97
C ARG D 404 3.84 -20.81 -36.25
N GLN D 405 3.81 -20.52 -34.93
CA GLN D 405 5.06 -20.41 -34.18
C GLN D 405 5.59 -21.73 -33.64
N HIS D 406 4.72 -22.70 -33.32
CA HIS D 406 5.17 -23.92 -32.65
C HIS D 406 4.71 -25.20 -33.35
N CYS D 407 4.12 -25.12 -34.56
CA CYS D 407 3.63 -26.34 -35.21
C CYS D 407 4.75 -27.33 -35.49
N ASN D 408 6.01 -26.89 -35.55
CA ASN D 408 7.09 -27.81 -35.88
C ASN D 408 7.35 -28.81 -34.78
N HIS D 409 7.07 -28.45 -33.52
CA HIS D 409 7.35 -29.33 -32.39
C HIS D 409 6.50 -30.59 -32.48
N PRO D 410 7.10 -31.79 -32.55
CA PRO D 410 6.29 -33.02 -32.61
C PRO D 410 5.55 -33.31 -31.32
N SER D 411 6.07 -32.86 -30.18
CA SER D 411 5.41 -33.11 -28.90
C SER D 411 4.00 -32.53 -28.85
N ILE D 412 3.82 -31.31 -29.37
CA ILE D 412 2.47 -30.81 -29.48
C ILE D 412 1.64 -31.82 -30.25
N CYS D 413 0.51 -32.22 -29.66
CA CYS D 413 -0.39 -33.19 -30.27
C CYS D 413 -1.86 -32.80 -30.27
N VAL D 414 -2.32 -31.96 -29.34
CA VAL D 414 -3.62 -31.32 -29.47
C VAL D 414 -3.46 -29.82 -29.29
N TRP D 415 -4.37 -29.06 -29.93
CA TRP D 415 -4.45 -27.61 -29.90
C TRP D 415 -5.65 -27.20 -29.06
N GLY D 416 -5.40 -26.53 -27.93
CA GLY D 416 -6.47 -26.12 -27.03
C GLY D 416 -7.09 -24.77 -27.37
N LEU D 417 -8.44 -24.72 -27.37
CA LEU D 417 -9.18 -23.53 -27.75
C LEU D 417 -9.75 -22.69 -26.60
N PHE D 418 -10.04 -23.26 -25.43
CA PHE D 418 -10.49 -22.43 -24.31
C PHE D 418 -10.39 -23.20 -23.00
N ASN D 419 -10.70 -22.50 -21.92
CA ASN D 419 -10.72 -23.07 -20.57
C ASN D 419 -11.85 -22.44 -19.77
N GLU D 420 -12.91 -23.21 -19.50
CA GLU D 420 -13.91 -22.85 -18.50
C GLU D 420 -14.70 -21.61 -18.91
N LEU D 421 -15.05 -21.52 -20.19
CA LEU D 421 -15.93 -20.45 -20.62
C LEU D 421 -17.36 -20.75 -20.17
N THR D 422 -18.19 -19.72 -20.17
CA THR D 422 -19.60 -19.89 -19.87
C THR D 422 -20.46 -19.32 -20.98
N GLN D 423 -21.65 -19.90 -21.15
CA GLN D 423 -22.60 -19.46 -22.16
C GLN D 423 -23.48 -18.32 -21.66
N ALA D 424 -23.59 -18.16 -20.34
CA ALA D 424 -24.34 -17.05 -19.76
C ALA D 424 -23.73 -15.72 -20.19
N GLY D 425 -24.58 -14.70 -20.32
CA GLY D 425 -24.09 -13.45 -20.89
C GLY D 425 -23.72 -13.65 -22.34
N ASP D 426 -22.83 -12.77 -22.84
CA ASP D 426 -22.18 -12.93 -24.12
C ASP D 426 -21.84 -14.40 -24.41
N ASP D 427 -22.65 -15.08 -25.21
CA ASP D 427 -22.38 -16.47 -25.55
C ASP D 427 -21.22 -16.57 -26.53
N PRO D 428 -20.12 -17.25 -26.17
CA PRO D 428 -18.99 -17.38 -27.08
C PRO D 428 -19.07 -18.56 -28.04
N THR D 429 -20.19 -19.29 -28.06
CA THR D 429 -20.21 -20.58 -28.74
C THR D 429 -19.98 -20.43 -30.24
N GLU D 430 -20.59 -19.43 -30.87
CA GLU D 430 -20.24 -19.12 -32.24
C GLU D 430 -18.75 -18.86 -32.38
N TYR D 431 -18.23 -17.93 -31.59
CA TYR D 431 -16.83 -17.52 -31.71
C TYR D 431 -15.89 -18.69 -31.46
N ILE D 432 -16.29 -19.65 -30.63
CA ILE D 432 -15.51 -20.87 -30.52
C ILE D 432 -15.45 -21.60 -31.86
N GLU D 433 -16.57 -21.61 -32.59
CA GLU D 433 -16.63 -22.31 -33.87
C GLU D 433 -15.70 -21.66 -34.89
N GLU D 434 -15.65 -20.32 -34.90
CA GLU D 434 -14.70 -19.65 -35.78
C GLU D 434 -13.27 -20.07 -35.49
N LEU D 435 -12.85 -20.01 -34.21
CA LEU D 435 -11.49 -20.37 -33.84
C LEU D 435 -11.17 -21.80 -34.28
N ASN D 436 -12.10 -22.72 -34.04
CA ASN D 436 -11.88 -24.10 -34.46
C ASN D 436 -11.68 -24.16 -35.97
N ARG D 437 -12.46 -23.39 -36.73
CA ARG D 437 -12.24 -23.30 -38.18
C ARG D 437 -10.90 -22.68 -38.50
N VAL D 438 -10.45 -21.71 -37.69
CA VAL D 438 -9.12 -21.11 -37.92
C VAL D 438 -8.05 -22.14 -37.67
N ALA D 439 -8.18 -22.89 -36.58
CA ALA D 439 -7.28 -24.00 -36.35
C ALA D 439 -7.21 -24.91 -37.58
N LYS D 440 -8.37 -25.18 -38.20
CA LYS D 440 -8.42 -26.12 -39.33
C LYS D 440 -7.77 -25.54 -40.57
N GLN D 441 -7.94 -24.24 -40.82
CA GLN D 441 -7.12 -23.61 -41.86
C GLN D 441 -5.64 -23.70 -41.52
N GLU D 442 -5.28 -23.49 -40.26
CA GLU D 442 -3.89 -23.39 -39.89
C GLU D 442 -3.19 -24.75 -39.85
N ASP D 443 -3.90 -25.81 -39.46
CA ASP D 443 -3.26 -27.10 -39.27
C ASP D 443 -4.29 -28.21 -39.23
N MET D 444 -4.11 -29.18 -40.13
CA MET D 444 -5.02 -30.30 -40.32
C MET D 444 -4.53 -31.57 -39.65
N THR D 445 -3.29 -31.58 -39.18
CA THR D 445 -2.66 -32.80 -38.69
C THR D 445 -2.91 -33.08 -37.22
N ARG D 446 -3.44 -32.11 -36.45
CA ARG D 446 -3.67 -32.28 -35.01
C ARG D 446 -5.13 -32.01 -34.64
N PRO D 447 -5.72 -32.83 -33.79
CA PRO D 447 -7.07 -32.52 -33.32
C PRO D 447 -7.07 -31.31 -32.41
N THR D 448 -8.20 -30.58 -32.45
CA THR D 448 -8.42 -29.50 -31.51
C THR D 448 -9.14 -30.05 -30.30
N THR D 449 -8.91 -29.43 -29.15
CA THR D 449 -9.57 -29.83 -27.91
C THR D 449 -9.85 -28.58 -27.07
N ALA D 450 -10.46 -28.81 -25.89
CA ALA D 450 -10.76 -27.73 -24.96
C ALA D 450 -10.97 -28.29 -23.55
N ALA D 451 -10.90 -27.39 -22.55
CA ALA D 451 -11.06 -27.72 -21.15
C ALA D 451 -12.31 -27.02 -20.60
N SER D 452 -13.36 -27.80 -20.38
CA SER D 452 -14.68 -27.27 -20.10
C SER D 452 -15.06 -27.42 -18.63
N ASN D 453 -15.97 -26.54 -18.19
CA ASN D 453 -16.66 -26.71 -16.91
C ASN D 453 -18.17 -26.53 -17.10
N ARG D 454 -18.66 -26.68 -18.31
CA ARG D 454 -20.07 -26.60 -18.63
C ARG D 454 -20.73 -27.95 -18.44
N PRO D 455 -22.00 -27.95 -18.04
CA PRO D 455 -22.83 -29.15 -18.19
C PRO D 455 -22.63 -29.76 -19.56
N ALA D 456 -22.66 -31.09 -19.60
CA ALA D 456 -22.33 -31.78 -20.83
C ALA D 456 -23.26 -31.42 -21.99
N THR D 457 -24.45 -30.87 -21.70
CA THR D 457 -25.44 -30.55 -22.72
C THR D 457 -25.01 -29.36 -23.59
N GLU D 458 -24.12 -28.52 -23.10
CA GLU D 458 -23.85 -27.25 -23.76
C GLU D 458 -23.18 -27.47 -25.11
N PRO D 459 -23.59 -26.73 -26.14
CA PRO D 459 -23.01 -26.96 -27.48
C PRO D 459 -21.51 -26.80 -27.53
N MET D 460 -20.96 -25.88 -26.74
CA MET D 460 -19.56 -25.52 -26.84
C MET D 460 -18.66 -26.67 -26.45
N ASN D 461 -19.24 -27.82 -26.07
CA ASN D 461 -18.46 -29.00 -25.77
C ASN D 461 -18.30 -29.93 -26.98
N PHE D 462 -18.96 -29.63 -28.09
CA PHE D 462 -18.95 -30.53 -29.24
C PHE D 462 -18.24 -29.95 -30.44
N ILE D 463 -17.71 -28.74 -30.32
CA ILE D 463 -17.09 -28.06 -31.46
C ILE D 463 -15.76 -28.72 -31.80
N THR D 464 -14.85 -28.74 -30.83
CA THR D 464 -13.54 -29.33 -31.03
C THR D 464 -13.62 -30.85 -31.21
N ASP D 465 -12.55 -31.39 -31.81
CA ASP D 465 -12.55 -32.83 -32.09
C ASP D 465 -12.54 -33.65 -30.81
N ALA D 466 -11.74 -33.27 -29.81
CA ALA D 466 -11.81 -33.88 -28.49
C ALA D 466 -12.18 -32.85 -27.44
N ILE D 467 -12.58 -33.35 -26.27
CA ILE D 467 -13.07 -32.49 -25.20
C ILE D 467 -12.62 -33.05 -23.85
N ALA D 468 -12.37 -32.15 -22.90
CA ALA D 468 -12.06 -32.55 -21.53
C ALA D 468 -12.82 -31.66 -20.57
N TRP D 469 -12.91 -32.12 -19.31
CA TRP D 469 -13.55 -31.37 -18.25
C TRP D 469 -12.63 -31.30 -17.03
N ASN D 470 -12.73 -30.18 -16.33
CA ASN D 470 -12.05 -29.96 -15.06
C ASN D 470 -12.96 -30.48 -13.94
N ARG D 471 -12.54 -31.52 -13.24
CA ARG D 471 -13.33 -32.06 -12.15
C ARG D 471 -12.51 -32.02 -10.87
N TYR D 472 -13.18 -31.66 -9.78
CA TYR D 472 -12.52 -31.55 -8.48
C TYR D 472 -13.30 -32.28 -7.41
N ASP D 473 -14.01 -33.32 -7.81
CA ASP D 473 -14.82 -34.11 -6.89
C ASP D 473 -13.94 -34.66 -5.77
N GLY D 474 -14.32 -34.36 -4.51
CA GLY D 474 -13.53 -34.68 -3.36
C GLY D 474 -12.69 -33.55 -2.81
N TRP D 475 -12.56 -32.45 -3.56
CA TRP D 475 -11.92 -31.23 -3.06
C TRP D 475 -12.93 -30.09 -3.01
N TYR D 476 -13.44 -29.68 -4.16
CA TYR D 476 -14.54 -28.73 -4.23
C TYR D 476 -15.80 -29.58 -4.24
N GLY D 477 -16.39 -29.79 -3.07
CA GLY D 477 -17.61 -30.59 -2.99
C GLY D 477 -17.42 -32.06 -3.32
N GLY D 478 -18.36 -32.89 -2.83
CA GLY D 478 -18.51 -34.27 -3.28
C GLY D 478 -17.43 -35.22 -2.81
N THR D 479 -17.49 -36.45 -3.33
CA THR D 479 -16.51 -37.49 -3.04
C THR D 479 -15.73 -37.83 -4.30
N PRO D 480 -14.57 -38.47 -4.16
CA PRO D 480 -13.80 -38.85 -5.37
C PRO D 480 -14.54 -39.79 -6.29
N SER D 481 -15.51 -40.55 -5.77
CA SER D 481 -16.25 -41.51 -6.57
C SER D 481 -17.31 -40.86 -7.47
N ASP D 482 -17.71 -39.62 -7.16
CA ASP D 482 -18.62 -38.89 -8.04
C ASP D 482 -18.01 -38.67 -9.41
N LEU D 483 -16.69 -38.60 -9.47
CA LEU D 483 -16.02 -38.37 -10.74
C LEU D 483 -16.24 -39.53 -11.70
N GLY D 484 -16.10 -40.77 -11.20
CA GLY D 484 -16.33 -41.92 -12.05
C GLY D 484 -17.73 -41.95 -12.63
N LYS D 485 -18.74 -41.76 -11.77
CA LYS D 485 -20.12 -41.85 -12.21
C LYS D 485 -20.43 -40.79 -13.26
N TRP D 486 -19.87 -39.60 -13.12
CA TRP D 486 -20.18 -38.55 -14.07
C TRP D 486 -19.59 -38.89 -15.44
N LEU D 487 -18.31 -39.24 -15.49
CA LEU D 487 -17.64 -39.59 -16.75
C LEU D 487 -18.39 -40.69 -17.49
N ASP D 488 -18.58 -41.84 -16.83
CA ASP D 488 -19.32 -42.94 -17.44
C ASP D 488 -20.68 -42.47 -17.90
N ASP D 489 -21.41 -41.75 -17.05
CA ASP D 489 -22.69 -41.17 -17.46
C ASP D 489 -22.51 -40.38 -18.75
N THR D 490 -21.51 -39.52 -18.79
CA THR D 490 -21.27 -38.68 -19.96
C THR D 490 -20.86 -39.53 -21.16
N HIS D 491 -19.91 -40.45 -20.95
CA HIS D 491 -19.51 -41.36 -22.02
C HIS D 491 -20.69 -42.14 -22.57
N LYS D 492 -21.57 -42.62 -21.69
CA LYS D 492 -22.74 -43.35 -22.15
C LYS D 492 -23.69 -42.45 -22.92
N LYS D 493 -23.82 -41.19 -22.49
CA LYS D 493 -24.79 -40.31 -23.14
C LYS D 493 -24.31 -39.91 -24.55
N TYR D 494 -23.01 -39.68 -24.72
CA TYR D 494 -22.45 -39.26 -25.99
C TYR D 494 -21.27 -40.17 -26.34
N PRO D 495 -21.54 -41.40 -26.74
CA PRO D 495 -20.45 -42.37 -26.98
C PRO D 495 -19.42 -41.92 -28.03
N GLU D 496 -19.67 -40.81 -28.71
CA GLU D 496 -18.79 -40.29 -29.76
C GLU D 496 -17.76 -39.30 -29.24
N LEU D 497 -18.07 -38.60 -28.15
CA LEU D 497 -17.11 -37.67 -27.60
C LEU D 497 -15.81 -38.37 -27.27
N ARG D 498 -14.70 -37.66 -27.42
CA ARG D 498 -13.38 -38.17 -27.06
C ARG D 498 -12.97 -37.53 -25.74
N ILE D 499 -13.35 -38.16 -24.63
CA ILE D 499 -13.37 -37.51 -23.31
C ILE D 499 -12.03 -37.66 -22.61
N ALA D 500 -11.49 -36.55 -22.12
CA ALA D 500 -10.34 -36.54 -21.23
C ALA D 500 -10.68 -35.73 -19.98
N VAL D 501 -9.84 -35.88 -18.96
CA VAL D 501 -9.90 -35.07 -17.76
C VAL D 501 -8.78 -34.03 -17.90
N SER D 502 -9.14 -32.79 -18.23
CA SER D 502 -8.15 -31.73 -18.35
C SER D 502 -7.64 -31.22 -17.01
N GLU D 503 -8.40 -31.38 -15.94
CA GLU D 503 -7.95 -30.92 -14.63
C GLU D 503 -8.53 -31.79 -13.55
N TYR D 504 -7.67 -32.14 -12.59
CA TYR D 504 -8.10 -32.67 -11.30
C TYR D 504 -6.95 -32.51 -10.32
N GLY D 505 -7.27 -32.11 -9.09
CA GLY D 505 -6.24 -31.80 -8.11
C GLY D 505 -6.84 -31.47 -6.76
N ALA D 506 -5.99 -31.02 -5.84
CA ALA D 506 -6.34 -30.77 -4.44
C ALA D 506 -5.20 -30.04 -3.76
N GLY D 507 -5.54 -29.08 -2.89
CA GLY D 507 -4.53 -28.25 -2.30
C GLY D 507 -3.76 -28.95 -1.18
N ALA D 508 -2.55 -28.45 -0.94
CA ALA D 508 -1.74 -28.98 0.13
C ALA D 508 -0.61 -28.02 0.46
N SER D 509 -0.49 -27.73 1.76
CA SER D 509 0.69 -27.13 2.33
C SER D 509 1.53 -28.24 2.94
N ILE D 510 2.84 -28.19 2.72
CA ILE D 510 3.68 -29.17 3.39
C ILE D 510 3.80 -28.89 4.88
N TYR D 511 3.28 -27.76 5.37
CA TYR D 511 3.30 -27.41 6.78
C TYR D 511 1.96 -27.64 7.48
N HIS D 512 0.98 -28.20 6.80
CA HIS D 512 -0.32 -28.51 7.40
C HIS D 512 -0.43 -30.02 7.53
N GLN D 513 -0.28 -30.52 8.75
CA GLN D 513 -0.27 -31.94 9.04
C GLN D 513 -1.29 -32.27 10.11
N GLN D 514 -1.71 -33.54 10.15
CA GLN D 514 -2.63 -33.97 11.21
C GLN D 514 -2.74 -35.49 11.21
N ASP D 515 -3.41 -35.98 12.25
CA ASP D 515 -3.50 -37.42 12.55
C ASP D 515 -4.46 -38.14 11.61
N SER D 516 -5.62 -37.55 11.36
CA SER D 516 -6.71 -38.24 10.70
C SER D 516 -7.06 -37.56 9.39
N LEU D 517 -7.90 -38.24 8.63
CA LEU D 517 -8.15 -37.87 7.25
C LEU D 517 -9.55 -37.25 7.20
N LYS D 518 -9.59 -35.93 7.17
CA LYS D 518 -10.82 -35.17 7.24
C LYS D 518 -10.88 -34.25 6.04
N LYS D 519 -12.06 -34.10 5.44
CA LYS D 519 -12.17 -33.20 4.31
C LYS D 519 -12.00 -31.76 4.77
N PRO D 520 -10.93 -31.08 4.36
CA PRO D 520 -10.75 -29.68 4.75
C PRO D 520 -11.67 -28.77 3.93
N GLU D 521 -11.69 -27.50 4.31
CA GLU D 521 -12.46 -26.51 3.60
C GLU D 521 -11.54 -25.83 2.62
N PRO D 522 -11.87 -25.78 1.32
CA PRO D 522 -10.85 -25.37 0.34
C PRO D 522 -10.44 -23.91 0.50
N ALA D 523 -11.40 -23.01 0.72
CA ALA D 523 -11.07 -21.60 0.78
C ALA D 523 -10.50 -21.17 2.12
N GLY D 524 -10.29 -22.11 3.04
CA GLY D 524 -9.77 -21.78 4.35
C GLY D 524 -8.25 -21.81 4.42
N TRP D 525 -7.73 -21.45 5.58
CA TRP D 525 -6.28 -21.43 5.81
C TRP D 525 -5.77 -22.76 6.30
N TRP D 526 -6.30 -23.89 5.82
CA TRP D 526 -5.85 -25.16 6.36
C TRP D 526 -5.99 -26.23 5.26
N HIS D 527 -4.88 -26.54 4.60
CA HIS D 527 -4.78 -27.59 3.59
C HIS D 527 -3.81 -28.65 4.08
N PRO D 528 -4.27 -29.60 4.88
CA PRO D 528 -3.38 -30.68 5.33
C PRO D 528 -2.89 -31.52 4.15
N GLU D 529 -1.67 -32.04 4.27
CA GLU D 529 -1.09 -32.80 3.18
C GLU D 529 -1.72 -34.18 3.02
N ASN D 530 -2.07 -34.85 4.13
CA ASN D 530 -2.64 -36.19 3.98
C ASN D 530 -3.88 -36.21 3.07
N TRP D 531 -4.63 -35.10 2.99
CA TRP D 531 -5.81 -35.13 2.14
C TRP D 531 -5.47 -35.12 0.66
N GLN D 532 -4.50 -34.28 0.24
CA GLN D 532 -4.14 -34.25 -1.18
C GLN D 532 -3.66 -35.61 -1.63
N THR D 533 -2.87 -36.26 -0.76
CA THR D 533 -2.40 -37.62 -1.00
C THR D 533 -3.56 -38.56 -1.19
N TYR D 534 -4.52 -38.52 -0.25
CA TYR D 534 -5.69 -39.37 -0.39
C TYR D 534 -6.44 -39.06 -1.68
N TYR D 535 -6.65 -37.76 -1.97
CA TYR D 535 -7.39 -37.35 -3.17
C TYR D 535 -6.80 -38.00 -4.42
N HIS D 536 -5.49 -37.88 -4.60
CA HIS D 536 -4.87 -38.35 -5.83
C HIS D 536 -4.88 -39.88 -5.94
N ALA D 537 -4.64 -40.59 -4.84
CA ALA D 537 -4.74 -42.04 -4.88
C ALA D 537 -6.13 -42.49 -5.33
N GLU D 538 -7.17 -41.86 -4.81
CA GLU D 538 -8.52 -42.28 -5.19
C GLU D 538 -8.88 -41.82 -6.61
N ASN D 539 -8.49 -40.61 -6.98
CA ASN D 539 -8.85 -40.13 -8.30
C ASN D 539 -8.07 -40.85 -9.37
N TRP D 540 -6.82 -41.23 -9.10
CA TRP D 540 -6.07 -41.98 -10.10
C TRP D 540 -6.66 -43.38 -10.29
N LYS D 541 -7.15 -43.98 -9.21
CA LYS D 541 -7.84 -45.26 -9.33
C LYS D 541 -9.06 -45.12 -10.25
N THR D 542 -9.81 -44.03 -10.11
CA THR D 542 -10.97 -43.76 -10.96
C THR D 542 -10.55 -43.57 -12.41
N ILE D 543 -9.40 -42.93 -12.63
CA ILE D 543 -8.97 -42.65 -13.99
C ILE D 543 -8.42 -43.90 -14.65
N ALA D 544 -7.67 -44.71 -13.91
CA ALA D 544 -6.95 -45.84 -14.45
C ALA D 544 -7.83 -47.02 -14.79
N SER D 545 -9.08 -47.02 -14.30
CA SER D 545 -10.03 -48.06 -14.67
C SER D 545 -10.86 -47.68 -15.89
N ARG D 546 -10.57 -46.54 -16.52
CA ARG D 546 -11.43 -46.02 -17.58
C ARG D 546 -10.65 -45.81 -18.87
N PRO D 547 -10.52 -46.84 -19.70
CA PRO D 547 -9.72 -46.72 -20.94
C PRO D 547 -10.31 -45.77 -21.96
N TYR D 548 -11.60 -45.46 -21.89
CA TYR D 548 -12.16 -44.47 -22.80
C TYR D 548 -11.70 -43.05 -22.49
N LEU D 549 -10.88 -42.83 -21.47
CA LEU D 549 -10.32 -41.50 -21.27
C LEU D 549 -9.02 -41.42 -22.04
N TRP D 550 -8.96 -40.50 -22.99
CA TRP D 550 -7.72 -40.42 -23.75
C TRP D 550 -6.59 -39.75 -22.99
N GLY D 551 -6.87 -39.16 -21.82
CA GLY D 551 -5.80 -38.65 -20.96
C GLY D 551 -6.38 -38.06 -19.68
N SER D 552 -5.49 -37.79 -18.73
CA SER D 552 -5.86 -37.09 -17.49
C SER D 552 -4.74 -36.14 -17.09
N PHE D 553 -5.09 -35.02 -16.46
CA PHE D 553 -4.10 -33.98 -16.19
C PHE D 553 -4.22 -33.44 -14.76
N VAL D 554 -3.21 -33.74 -13.95
CA VAL D 554 -3.18 -33.29 -12.56
C VAL D 554 -3.03 -31.78 -12.54
N TRP D 555 -3.97 -31.09 -11.91
CA TRP D 555 -3.79 -29.69 -11.54
C TRP D 555 -3.27 -29.70 -10.12
N ASN D 556 -2.00 -29.32 -9.94
CA ASN D 556 -1.05 -28.89 -10.97
C ASN D 556 0.28 -29.58 -10.63
N MET D 557 1.26 -29.55 -11.54
CA MET D 557 2.54 -30.17 -11.22
C MET D 557 3.26 -29.40 -10.11
N PHE D 558 3.07 -28.08 -10.07
CA PHE D 558 3.73 -27.20 -9.12
C PHE D 558 2.72 -26.19 -8.61
N ASP D 559 2.81 -25.87 -7.32
CA ASP D 559 2.16 -24.66 -6.83
C ASP D 559 2.57 -23.49 -7.70
N PHE D 560 1.60 -22.62 -8.06
CA PHE D 560 1.85 -21.49 -8.92
C PHE D 560 1.27 -20.21 -8.32
N GLY D 561 1.73 -19.07 -8.84
CA GLY D 561 1.28 -17.78 -8.33
C GLY D 561 -0.14 -17.48 -8.75
N ALA D 562 -0.92 -16.92 -7.80
CA ALA D 562 -2.26 -16.41 -8.09
C ALA D 562 -2.62 -15.44 -6.96
N ALA D 563 -2.38 -14.14 -7.21
CA ALA D 563 -2.38 -13.14 -6.16
C ALA D 563 -3.66 -13.12 -5.36
N HIS D 564 -4.79 -13.45 -5.98
CA HIS D 564 -6.11 -13.30 -5.34
C HIS D 564 -6.37 -14.35 -4.27
N ARG D 565 -5.83 -15.55 -4.44
CA ARG D 565 -6.05 -16.66 -3.50
C ARG D 565 -5.71 -16.27 -2.05
N THR D 566 -6.50 -16.79 -1.11
CA THR D 566 -6.26 -16.59 0.33
C THR D 566 -6.48 -17.91 1.07
N GLU D 567 -5.83 -18.99 0.61
CA GLU D 567 -6.03 -20.32 1.19
C GLU D 567 -4.69 -21.01 1.38
N GLY D 568 -4.74 -22.20 1.96
CA GLY D 568 -3.48 -22.86 2.29
C GLY D 568 -2.75 -22.07 3.35
N ASP D 569 -1.41 -22.14 3.27
CA ASP D 569 -0.52 -21.65 4.30
C ASP D 569 0.01 -20.24 4.05
N ARG D 570 -0.40 -19.58 2.98
CA ARG D 570 -0.01 -18.19 2.75
C ARG D 570 -0.90 -17.63 1.65
N PRO D 571 -1.06 -16.32 1.60
CA PRO D 571 -1.88 -15.73 0.55
C PRO D 571 -1.20 -15.79 -0.81
N GLY D 572 -1.99 -15.70 -1.88
CA GLY D 572 -1.44 -15.48 -3.19
C GLY D 572 -0.81 -16.67 -3.91
N ILE D 573 -1.29 -17.88 -3.64
CA ILE D 573 -0.65 -19.12 -4.11
C ILE D 573 -1.75 -20.14 -4.37
N ASN D 574 -1.75 -20.73 -5.56
CA ASN D 574 -2.56 -21.91 -5.81
C ASN D 574 -1.71 -23.12 -5.43
N ASP D 575 -2.11 -23.83 -4.39
CA ASP D 575 -1.23 -24.78 -3.73
C ASP D 575 -1.62 -26.22 -4.06
N LYS D 576 -2.07 -26.44 -5.31
CA LYS D 576 -2.42 -27.77 -5.72
C LYS D 576 -1.27 -28.48 -6.40
N GLY D 577 -0.09 -27.87 -6.42
CA GLY D 577 1.05 -28.52 -7.01
C GLY D 577 1.33 -29.86 -6.36
N LEU D 578 2.02 -30.72 -7.11
CA LEU D 578 2.67 -31.90 -6.55
C LEU D 578 4.05 -31.58 -6.01
N VAL D 579 4.56 -30.41 -6.35
CA VAL D 579 5.87 -29.93 -5.93
C VAL D 579 5.66 -28.47 -5.55
N THR D 580 6.43 -27.99 -4.58
CA THR D 580 6.23 -26.63 -4.10
C THR D 580 6.57 -25.61 -5.19
N PHE D 581 6.27 -24.34 -4.90
CA PHE D 581 6.44 -23.24 -5.84
C PHE D 581 7.90 -22.93 -6.11
N ASP D 582 8.83 -23.41 -5.26
CA ASP D 582 10.26 -23.21 -5.44
C ASP D 582 10.96 -24.45 -6.03
N ARG D 583 10.19 -25.42 -6.52
CA ARG D 583 10.71 -26.64 -7.13
C ARG D 583 11.65 -27.41 -6.20
N LYS D 584 11.58 -27.15 -4.89
CA LYS D 584 12.54 -27.71 -3.93
C LYS D 584 12.04 -28.95 -3.21
N VAL D 585 10.74 -29.07 -2.97
CA VAL D 585 10.20 -30.11 -2.09
C VAL D 585 9.08 -30.83 -2.82
N ARG D 586 9.19 -32.15 -2.87
CA ARG D 586 8.22 -33.03 -3.50
C ARG D 586 7.20 -33.45 -2.46
N LYS D 587 5.93 -33.09 -2.66
CA LYS D 587 4.92 -33.51 -1.69
C LYS D 587 4.65 -35.01 -1.82
N ASP D 588 3.86 -35.53 -0.89
CA ASP D 588 3.60 -36.97 -0.83
C ASP D 588 3.14 -37.50 -2.18
N ALA D 589 2.19 -36.81 -2.81
CA ALA D 589 1.47 -37.38 -3.93
C ALA D 589 2.40 -37.54 -5.15
N PHE D 590 3.36 -36.63 -5.31
CA PHE D 590 4.41 -36.82 -6.30
C PHE D 590 4.94 -38.24 -6.27
N TYR D 591 5.24 -38.75 -5.06
CA TYR D 591 5.82 -40.07 -4.92
C TYR D 591 4.82 -41.17 -5.12
N PHE D 592 3.53 -40.87 -5.01
CA PHE D 592 2.53 -41.86 -5.39
C PHE D 592 2.53 -42.05 -6.91
N TYR D 593 2.70 -40.97 -7.65
CA TYR D 593 2.76 -41.12 -9.09
C TYR D 593 4.08 -41.74 -9.52
N LYS D 594 5.21 -41.26 -8.97
CA LYS D 594 6.50 -41.78 -9.41
C LYS D 594 6.57 -43.29 -9.23
N ALA D 595 6.03 -43.80 -8.10
CA ALA D 595 5.93 -45.23 -7.91
C ALA D 595 5.04 -45.86 -8.97
N ASN D 596 3.93 -45.20 -9.29
CA ASN D 596 3.02 -45.78 -10.27
C ASN D 596 3.59 -45.68 -11.68
N TRP D 597 4.18 -44.54 -12.03
CA TRP D 597 4.50 -44.18 -13.41
C TRP D 597 5.93 -44.45 -13.81
N ASN D 598 6.87 -44.35 -12.90
CA ASN D 598 8.27 -44.47 -13.24
C ASN D 598 8.73 -45.83 -12.76
N LYS D 599 8.73 -46.79 -13.68
CA LYS D 599 9.13 -48.15 -13.37
C LYS D 599 10.60 -48.41 -13.64
N GLU D 600 11.40 -47.35 -13.80
CA GLU D 600 12.82 -47.47 -14.08
C GLU D 600 13.70 -46.84 -13.01
N GLU D 601 13.19 -45.90 -12.24
CA GLU D 601 13.91 -45.35 -11.12
C GLU D 601 13.29 -45.94 -9.86
N PRO D 602 14.05 -46.69 -9.07
CA PRO D 602 13.46 -47.39 -7.93
C PRO D 602 12.91 -46.42 -6.88
N VAL D 603 11.80 -46.80 -6.27
CA VAL D 603 11.12 -45.90 -5.36
C VAL D 603 10.72 -46.68 -4.12
N LEU D 604 10.99 -46.10 -2.96
CA LEU D 604 10.45 -46.63 -1.71
C LEU D 604 10.38 -45.45 -0.75
N TYR D 605 9.16 -44.97 -0.51
CA TYR D 605 8.92 -43.68 0.11
C TYR D 605 7.76 -43.81 1.07
N LEU D 606 8.02 -43.55 2.35
CA LEU D 606 6.98 -43.48 3.36
C LEU D 606 6.21 -42.17 3.23
N ALA D 607 4.90 -42.27 3.39
CA ALA D 607 4.05 -41.08 3.38
C ALA D 607 3.94 -40.47 4.78
N GLY D 608 3.65 -39.17 4.81
CA GLY D 608 3.47 -38.48 6.08
C GLY D 608 4.73 -38.27 6.90
N ARG D 609 5.89 -38.19 6.25
CA ARG D 609 7.12 -37.90 6.96
C ARG D 609 7.12 -36.54 7.63
N ARG D 610 6.28 -35.60 7.20
CA ARG D 610 6.32 -34.24 7.71
C ARG D 610 5.43 -34.04 8.93
N HIS D 611 4.54 -35.01 9.21
CA HIS D 611 3.66 -35.01 10.37
C HIS D 611 4.45 -35.58 11.54
N THR D 612 5.27 -34.72 12.15
CA THR D 612 6.21 -35.18 13.14
C THR D 612 5.68 -35.08 14.56
N VAL D 613 4.45 -34.64 14.77
CA VAL D 613 3.84 -34.59 16.10
C VAL D 613 2.45 -35.21 16.02
N ARG D 614 2.34 -36.49 16.39
CA ARG D 614 1.03 -37.11 16.42
C ARG D 614 0.37 -36.98 17.80
N ARG D 615 -0.92 -37.26 17.83
CA ARG D 615 -1.69 -37.23 19.06
C ARG D 615 -2.32 -38.56 19.37
N GLN D 616 -2.10 -39.58 18.54
CA GLN D 616 -2.71 -40.87 18.72
C GLN D 616 -1.59 -41.91 18.60
N ARG D 617 -1.76 -43.03 19.32
CA ARG D 617 -0.69 -44.02 19.38
C ARG D 617 -0.79 -45.05 18.26
N MET D 618 -2.01 -45.42 17.84
CA MET D 618 -2.20 -46.31 16.71
C MET D 618 -2.18 -45.50 15.43
N GLN D 619 -1.41 -45.98 14.45
CA GLN D 619 -1.28 -45.36 13.14
C GLN D 619 -1.47 -46.39 12.04
N THR D 620 -2.00 -45.92 10.92
CA THR D 620 -1.81 -46.58 9.63
C THR D 620 -0.54 -46.01 9.00
N ILE D 621 0.38 -46.87 8.57
CA ILE D 621 1.64 -46.47 7.98
C ILE D 621 1.62 -46.88 6.50
N VAL D 622 1.65 -45.88 5.61
CA VAL D 622 1.55 -46.08 4.17
C VAL D 622 2.87 -45.71 3.50
N ALA D 623 3.31 -46.53 2.56
CA ALA D 623 4.45 -46.18 1.70
C ALA D 623 4.08 -46.44 0.25
N PHE D 624 4.85 -45.85 -0.66
CA PHE D 624 4.70 -46.07 -2.09
C PHE D 624 5.99 -46.68 -2.62
N THR D 625 5.86 -47.76 -3.41
CA THR D 625 7.02 -48.38 -4.02
C THR D 625 6.71 -48.93 -5.41
N ASN D 626 7.77 -49.04 -6.21
CA ASN D 626 7.78 -49.89 -7.39
C ASN D 626 8.66 -51.13 -7.20
N GLN D 627 9.12 -51.39 -5.97
CA GLN D 627 9.76 -52.67 -5.67
C GLN D 627 8.67 -53.72 -5.45
N PRO D 628 9.04 -55.01 -5.42
CA PRO D 628 8.01 -56.03 -5.20
C PRO D 628 7.62 -56.24 -3.75
N GLU D 629 8.42 -55.80 -2.79
CA GLU D 629 8.15 -56.06 -1.39
C GLU D 629 8.89 -55.05 -0.54
N ALA D 630 8.41 -54.89 0.70
CA ALA D 630 9.13 -54.11 1.69
C ALA D 630 8.72 -54.55 3.09
N GLU D 631 9.59 -54.31 4.05
CA GLU D 631 9.36 -54.63 5.44
C GLU D 631 9.42 -53.35 6.26
N LEU D 632 8.51 -53.24 7.23
CA LEU D 632 8.37 -52.05 8.06
C LEU D 632 8.98 -52.29 9.44
N PHE D 633 9.85 -51.38 9.87
CA PHE D 633 10.48 -51.45 11.18
C PHE D 633 10.07 -50.21 11.98
N VAL D 634 9.37 -50.43 13.09
CA VAL D 634 8.92 -49.37 14.00
C VAL D 634 9.72 -49.51 15.30
N ASN D 635 10.61 -48.54 15.56
CA ASN D 635 11.56 -48.60 16.67
C ASN D 635 12.39 -49.88 16.62
N GLY D 636 12.80 -50.29 15.41
CA GLY D 636 13.62 -51.46 15.21
C GLY D 636 12.88 -52.78 15.21
N ARG D 637 11.57 -52.76 15.45
CA ARG D 637 10.73 -53.96 15.46
C ARG D 637 10.00 -54.11 14.12
N SER D 638 10.05 -55.32 13.56
CA SER D 638 9.36 -55.61 12.31
C SER D 638 7.85 -55.62 12.50
N TYR D 639 7.14 -54.96 11.60
CA TYR D 639 5.71 -55.13 11.43
C TYR D 639 5.37 -56.00 10.24
N GLY D 640 6.35 -56.74 9.73
CA GLY D 640 6.11 -57.71 8.68
C GLY D 640 6.52 -57.19 7.31
N LYS D 641 6.66 -58.11 6.37
CA LYS D 641 6.79 -57.71 4.98
C LYS D 641 5.41 -57.45 4.39
N ALA D 642 5.38 -56.65 3.33
CA ALA D 642 4.14 -56.40 2.61
C ALA D 642 4.43 -56.25 1.12
N ASN D 643 3.35 -56.44 0.29
CA ASN D 643 3.35 -56.24 -1.16
C ASN D 643 2.57 -54.99 -1.51
N PRO D 644 3.02 -54.23 -2.51
CA PRO D 644 2.22 -53.09 -2.96
C PRO D 644 0.95 -53.58 -3.63
N ASP D 645 -0.13 -52.82 -3.46
CA ASP D 645 -1.38 -53.07 -4.19
C ASP D 645 -1.15 -52.65 -5.63
N GLU D 646 -2.23 -52.71 -6.44
CA GLU D 646 -2.14 -52.42 -7.87
C GLU D 646 -1.60 -51.02 -8.14
N TYR D 647 -1.85 -50.07 -7.23
CA TYR D 647 -1.44 -48.68 -7.38
C TYR D 647 -0.27 -48.31 -6.47
N ALA D 648 0.66 -49.24 -6.26
CA ALA D 648 1.96 -48.96 -5.63
C ALA D 648 1.85 -48.56 -4.16
N VAL D 649 0.81 -49.01 -3.45
CA VAL D 649 0.51 -48.55 -2.09
C VAL D 649 0.78 -49.67 -1.09
N LEU D 650 1.78 -49.48 -0.23
CA LEU D 650 2.02 -50.36 0.90
C LEU D 650 1.31 -49.77 2.11
N LYS D 651 0.59 -50.62 2.84
CA LYS D 651 -0.13 -50.21 4.04
C LYS D 651 0.03 -51.27 5.12
N TRP D 652 0.43 -50.82 6.31
CA TRP D 652 0.47 -51.64 7.52
C TRP D 652 -0.51 -51.03 8.51
N GLN D 653 -1.64 -51.71 8.73
CA GLN D 653 -2.65 -51.24 9.68
C GLN D 653 -2.23 -51.57 11.12
N ASN D 654 -2.85 -50.85 12.06
CA ASN D 654 -2.70 -51.10 13.50
C ASN D 654 -1.23 -51.07 13.93
N VAL D 655 -0.56 -49.97 13.63
CA VAL D 655 0.81 -49.77 14.06
C VAL D 655 0.77 -49.07 15.41
N THR D 656 1.43 -49.66 16.41
CA THR D 656 1.47 -49.11 17.76
C THR D 656 2.76 -48.31 17.93
N LEU D 657 2.63 -47.02 18.20
CA LEU D 657 3.77 -46.17 18.50
C LEU D 657 3.88 -45.95 20.00
N GLN D 658 5.11 -45.80 20.49
CA GLN D 658 5.30 -45.43 21.88
C GLN D 658 5.07 -43.94 22.05
N GLU D 659 4.72 -43.56 23.28
CA GLU D 659 4.71 -42.15 23.64
C GLU D 659 6.14 -41.61 23.51
N GLY D 660 6.25 -40.36 23.12
CA GLY D 660 7.57 -39.79 22.87
C GLY D 660 8.11 -40.16 21.50
N GLU D 661 9.42 -40.25 21.42
CA GLU D 661 10.07 -40.41 20.12
C GLU D 661 9.76 -41.76 19.51
N ASN D 662 9.79 -41.78 18.17
CA ASN D 662 9.58 -42.97 17.36
C ASN D 662 10.46 -42.85 16.11
N GLU D 663 10.84 -44.01 15.57
CA GLU D 663 11.61 -44.10 14.35
C GLU D 663 10.88 -45.07 13.45
N ILE D 664 10.62 -44.66 12.20
CA ILE D 664 9.80 -45.44 11.29
C ILE D 664 10.60 -45.65 10.01
N GLN D 665 10.98 -46.89 9.74
CA GLN D 665 11.91 -47.24 8.68
C GLN D 665 11.31 -48.34 7.83
N VAL D 666 11.42 -48.23 6.52
CA VAL D 666 10.90 -49.27 5.65
C VAL D 666 12.01 -49.63 4.66
N VAL D 667 12.12 -50.92 4.36
CA VAL D 667 13.33 -51.45 3.76
C VAL D 667 12.97 -52.52 2.74
N SER D 668 13.67 -52.50 1.61
CA SER D 668 13.39 -53.31 0.43
C SER D 668 14.66 -53.98 -0.04
N LYS D 669 14.53 -55.21 -0.53
CA LYS D 669 15.67 -55.95 -1.09
C LYS D 669 15.21 -56.63 -2.37
N ASN D 670 15.78 -56.21 -3.50
CA ASN D 670 15.48 -56.74 -4.82
C ASN D 670 16.81 -57.09 -5.49
N LYS D 671 17.17 -58.38 -5.45
CA LYS D 671 18.46 -58.84 -5.93
C LYS D 671 19.58 -57.92 -5.45
N GLU D 672 20.15 -57.14 -6.37
CA GLU D 672 21.30 -56.31 -6.02
C GLU D 672 20.88 -55.09 -5.20
N LEU D 673 19.74 -54.48 -5.54
CA LEU D 673 19.36 -53.20 -4.94
C LEU D 673 18.67 -53.37 -3.59
N THR D 674 19.14 -52.59 -2.62
CA THR D 674 18.58 -52.54 -1.28
C THR D 674 18.18 -51.10 -0.98
N LEU D 675 16.91 -50.91 -0.63
CA LEU D 675 16.37 -49.57 -0.40
C LEU D 675 15.89 -49.43 1.04
N SER D 676 16.18 -48.29 1.66
CA SER D 676 15.58 -48.01 2.94
C SER D 676 15.09 -46.57 2.97
N ASP D 677 14.00 -46.35 3.70
CA ASP D 677 13.50 -45.02 3.99
C ASP D 677 13.11 -44.96 5.45
N SER D 678 13.32 -43.80 6.07
CA SER D 678 12.99 -43.65 7.48
C SER D 678 12.62 -42.21 7.79
N PHE D 679 11.89 -42.01 8.88
CA PHE D 679 11.70 -40.67 9.41
C PHE D 679 11.41 -40.75 10.90
N ARG D 680 11.80 -39.71 11.62
CA ARG D 680 11.52 -39.61 13.06
C ARG D 680 10.12 -39.04 13.30
N CYS D 681 9.62 -39.25 14.50
CA CYS D 681 8.21 -38.99 14.75
C CYS D 681 7.93 -38.93 16.26
N ARG D 682 7.00 -38.05 16.66
CA ARG D 682 6.74 -37.77 18.09
C ARG D 682 5.27 -37.97 18.42
N VAL D 683 4.99 -38.75 19.47
CA VAL D 683 3.62 -38.96 19.93
C VAL D 683 3.44 -38.24 21.25
N GLU D 684 2.45 -37.35 21.31
CA GLU D 684 2.05 -36.68 22.54
C GLU D 684 0.54 -36.87 22.67
N SER D 685 0.12 -37.66 23.67
CA SER D 685 -1.26 -38.12 23.87
C SER D 685 -1.64 -39.17 22.83
C1 EDO E . -0.49 22.27 7.91
O1 EDO E . 0.15 21.04 7.57
C2 EDO E . -0.60 22.32 9.42
O2 EDO E . 0.75 22.45 9.94
C1 GOL F . -17.86 7.26 19.83
O1 GOL F . -16.62 7.01 19.21
C2 GOL F . -18.21 6.03 20.76
O2 GOL F . -17.69 4.78 20.27
C3 GOL F . -17.73 6.44 22.20
O3 GOL F . -16.74 7.45 22.11
C1 EDO G . -40.23 17.79 16.49
O1 EDO G . -41.10 17.48 15.38
C2 EDO G . -40.46 16.92 17.73
O2 EDO G . -40.45 15.52 17.44
C1 EDO H . -18.07 2.43 -1.29
O1 EDO H . -19.38 2.96 -1.55
C2 EDO H . -17.14 3.51 -0.73
O2 EDO H . -16.76 4.43 -1.74
CL CL I . -11.80 -1.71 28.87
C1 GOL J . 0.78 22.19 -15.31
O1 GOL J . -0.53 21.75 -15.04
C2 GOL J . 0.88 22.59 -16.82
O2 GOL J . 2.15 22.33 -17.43
C3 GOL J . -0.33 21.91 -17.52
O3 GOL J . -0.26 22.29 -18.87
C1 EDO K . 2.24 46.68 -8.14
O1 EDO K . 1.34 46.49 -9.25
C2 EDO K . 3.41 45.71 -8.30
O2 EDO K . 4.15 46.00 -9.49
CL CL L . 3.73 15.02 -27.41
C1 GOL M . 27.27 -5.07 8.41
O1 GOL M . 26.59 -3.80 8.55
C2 GOL M . 26.17 -6.22 8.36
O2 GOL M . 25.24 -6.10 7.30
C3 GOL M . 25.44 -6.10 9.69
O3 GOL M . 26.44 -6.19 10.65
CL CL N . 24.98 3.06 18.49
C1 GOL O . -7.01 -23.05 -12.03
O1 GOL O . -7.12 -22.93 -10.64
C2 GOL O . -8.41 -23.04 -12.70
O2 GOL O . -9.36 -23.86 -12.09
C3 GOL O . -8.07 -23.45 -14.16
O3 GOL O . -9.27 -23.46 -14.90
C1 EDO P . 13.44 -7.75 -9.16
O1 EDO P . 13.67 -6.35 -9.34
C2 EDO P . 12.20 -8.21 -9.93
O2 EDO P . 12.23 -7.87 -11.33
C1 EDO Q . 23.90 -12.48 -42.48
O1 EDO Q . 24.32 -11.71 -41.36
C2 EDO Q . 25.09 -12.58 -43.44
O2 EDO Q . 25.65 -11.26 -43.50
CL CL R . -16.77 -16.69 -20.29
#